data_6T75
#
_entry.id   6T75
#
_cell.length_a   70.155
_cell.length_b   104.873
_cell.length_c   171.627
_cell.angle_alpha   91.977
_cell.angle_beta   97.733
_cell.angle_gamma   107.161
#
_symmetry.space_group_name_H-M   'P 1'
#
loop_
_entity.id
_entity.type
_entity.pdbx_description
1 polymer 'Glyco_hydro_42M domain-containing protein'
2 non-polymer 2-deoxy-2-fluoro-alpha-D-mannopyranose
3 non-polymer 'CHLORIDE ION'
4 water water
#
_entity_poly.entity_id   1
_entity_poly.type   'polypeptide(L)'
_entity_poly.pdbx_seq_one_letter_code
;MGSSHHHHHHSSGLEVLFQGPAERISKQSTPFVGAQIFIEPGQTQEQIEQWFKLLAESNMTTCRIRMFGKYMKTPSGTYD
FTLFDRAFKLADKYHIKVYATLFPDTEFTDVGGFKFPHSREHQKEVEDYIKNVVSHFSQYKNLAAWVLINEPGTPNLPFN
EPFTKERFSDWKKEHNFSEYNEKGYPVLNFEKENFIIDYHNWYLNWLANQVRLYDKQHDLHVNPHNVFKLSGLYDFPTWR
TFLNSLGGSAHASWHFGYFPRKAYTVAMSANAELIRSGAGELPWLMTELQGGNNLYSGANPLCPTAEEIIQWLWINFATE
AKGGIFWSFNARSTAAEAGEWAMINFKNKSSDRLIAAATIGKFITENVKMMSNIKTLNSGISILYNHESMWVEAAQTRGK
LNGNGRSIGAVMCSPLSYFEALSETGLQANFKEIKEFDFSLNDYTDQVIILSHQIALDNKVIKQLESFVEKGGTLIADGL
TGYYDYQAHSTVVSGFALENLFGSYPIEYKIKENLFSLDFEKDNYKLPAHLWKGTIETSKATPIMDKEGECIACINQYGK
GKVFWIPSPIALGARESKDFSELSKLTVSLLPNKILNDNPHFDKHYKDVMMKSFKSNGTMYSLIINKSASVQTVDIVGGK
GKAFILFANKNAHSTANKLTISPEETVIIKWKNN
;
_entity_poly.pdbx_strand_id   AAA,DDD,CCC,BBB,FFF,EEE
#
loop_
_chem_comp.id
_chem_comp.type
_chem_comp.name
_chem_comp.formula
CL non-polymer 'CHLORIDE ION' 'Cl -1'
MAF D-saccharide, alpha linking 2-deoxy-2-fluoro-alpha-D-mannopyranose 'C6 H11 F O5'
#
# COMPACT_ATOMS: atom_id res chain seq x y z
N GLU A 15 -0.58 79.94 -26.59
CA GLU A 15 -1.60 79.16 -25.79
C GLU A 15 -2.31 80.12 -24.82
N VAL A 16 -1.88 81.38 -24.78
CA VAL A 16 -2.09 82.36 -23.67
C VAL A 16 -2.95 83.52 -24.19
N LEU A 17 -2.72 83.92 -25.46
CA LEU A 17 -3.59 84.81 -26.29
C LEU A 17 -4.87 84.06 -26.71
N PHE A 18 -4.71 82.75 -27.00
CA PHE A 18 -5.79 81.78 -27.33
C PHE A 18 -6.65 81.44 -26.10
N GLN A 19 -6.04 81.48 -24.90
CA GLN A 19 -6.68 81.18 -23.60
C GLN A 19 -7.47 82.42 -23.18
N GLY A 20 -6.84 83.60 -23.31
CA GLY A 20 -7.45 84.88 -22.93
C GLY A 20 -7.87 84.87 -21.46
N PRO A 21 -9.14 85.17 -21.13
CA PRO A 21 -9.61 85.21 -19.73
C PRO A 21 -10.01 83.84 -19.14
N ALA A 22 -10.20 82.83 -20.00
CA ALA A 22 -10.60 81.46 -19.58
C ALA A 22 -9.49 80.81 -18.75
N GLU A 23 -9.85 80.07 -17.70
CA GLU A 23 -8.94 79.20 -16.92
C GLU A 23 -8.37 78.11 -17.86
N ARG A 24 -7.05 77.99 -17.95
CA ARG A 24 -6.39 76.70 -18.31
C ARG A 24 -6.17 76.01 -16.98
N ILE A 25 -6.72 74.81 -16.79
CA ILE A 25 -6.43 74.00 -15.57
C ILE A 25 -4.98 73.51 -15.74
N SER A 26 -4.27 73.33 -14.64
CA SER A 26 -2.84 72.91 -14.63
C SER A 26 -2.57 72.06 -13.38
N LYS A 27 -1.44 71.37 -13.35
CA LYS A 27 -1.02 70.55 -12.18
C LYS A 27 -0.80 71.45 -10.94
N GLN A 28 -0.84 72.78 -11.07
CA GLN A 28 -0.69 73.75 -9.94
C GLN A 28 -2.04 74.41 -9.57
N SER A 29 -3.13 74.14 -10.31
CA SER A 29 -4.46 74.73 -10.03
C SER A 29 -4.88 74.36 -8.60
N THR A 30 -5.63 75.23 -7.94
CA THR A 30 -6.22 74.93 -6.61
C THR A 30 -7.34 73.91 -6.83
N PRO A 31 -7.33 72.79 -6.08
CA PRO A 31 -8.40 71.80 -6.20
C PRO A 31 -9.74 72.35 -5.70
N PHE A 32 -10.83 71.84 -6.28
CA PHE A 32 -12.23 72.20 -5.94
C PHE A 32 -13.04 70.95 -5.60
N VAL A 33 -14.06 71.13 -4.77
CA VAL A 33 -15.21 70.22 -4.57
C VAL A 33 -16.39 70.86 -5.32
N GLY A 34 -17.19 70.07 -6.00
CA GLY A 34 -18.35 70.56 -6.76
C GLY A 34 -19.37 69.47 -6.93
N ALA A 35 -20.43 69.75 -7.67
CA ALA A 35 -21.57 68.82 -7.83
C ALA A 35 -22.31 69.13 -9.12
N GLN A 36 -22.99 68.13 -9.66
CA GLN A 36 -23.90 68.28 -10.81
C GLN A 36 -25.07 69.16 -10.35
N ILE A 37 -25.42 70.18 -11.11
CA ILE A 37 -26.70 70.92 -10.97
C ILE A 37 -27.58 70.41 -12.09
N PHE A 38 -28.68 69.73 -11.74
CA PHE A 38 -29.59 69.10 -12.72
C PHE A 38 -30.69 70.08 -13.09
N ILE A 39 -30.64 70.55 -14.34
CA ILE A 39 -31.59 71.51 -14.97
C ILE A 39 -32.45 70.74 -15.96
N GLU A 40 -33.78 70.81 -15.77
CA GLU A 40 -34.84 70.34 -16.71
C GLU A 40 -36.00 71.34 -16.65
N PRO A 41 -36.89 71.36 -17.66
CA PRO A 41 -38.07 72.23 -17.62
C PRO A 41 -38.96 71.87 -16.42
N GLY A 42 -39.71 72.84 -15.92
CA GLY A 42 -40.64 72.69 -14.78
C GLY A 42 -40.11 73.33 -13.51
N GLN A 43 -38.79 73.35 -13.33
CA GLN A 43 -38.11 73.95 -12.16
C GLN A 43 -38.38 75.46 -12.13
N THR A 44 -38.51 76.04 -10.94
CA THR A 44 -38.76 77.50 -10.75
C THR A 44 -37.42 78.22 -10.52
N GLN A 45 -37.36 79.52 -10.82
CA GLN A 45 -36.25 80.43 -10.46
C GLN A 45 -35.86 80.26 -8.99
N GLU A 46 -36.84 80.11 -8.10
CA GLU A 46 -36.64 80.07 -6.62
C GLU A 46 -35.91 78.79 -6.23
N GLN A 47 -36.25 77.65 -6.84
CA GLN A 47 -35.61 76.34 -6.54
C GLN A 47 -34.17 76.40 -7.05
N ILE A 48 -33.96 76.85 -8.29
CA ILE A 48 -32.61 76.87 -8.90
C ILE A 48 -31.69 77.74 -8.04
N GLU A 49 -32.18 78.90 -7.58
CA GLU A 49 -31.37 79.82 -6.75
C GLU A 49 -31.05 79.15 -5.42
N GLN A 50 -32.02 78.49 -4.78
CA GLN A 50 -31.82 77.78 -3.49
C GLN A 50 -30.62 76.83 -3.63
N TRP A 51 -30.52 76.13 -4.75
CA TRP A 51 -29.44 75.16 -5.04
C TRP A 51 -28.08 75.88 -5.07
N PHE A 52 -27.95 76.91 -5.93
CA PHE A 52 -26.65 77.62 -6.13
C PHE A 52 -26.22 78.29 -4.83
N LYS A 53 -27.15 78.87 -4.09
CA LYS A 53 -26.87 79.53 -2.78
C LYS A 53 -26.23 78.52 -1.82
N LEU A 54 -26.86 77.35 -1.67
CA LEU A 54 -26.39 76.31 -0.71
C LEU A 54 -25.09 75.68 -1.23
N LEU A 55 -24.94 75.59 -2.55
CA LEU A 55 -23.70 75.05 -3.16
C LEU A 55 -22.55 75.96 -2.76
N ALA A 56 -22.68 77.28 -2.91
CA ALA A 56 -21.65 78.29 -2.51
C ALA A 56 -21.38 78.22 -1.00
N GLU A 57 -22.42 78.11 -0.17
CA GLU A 57 -22.29 78.03 1.30
C GLU A 57 -21.66 76.70 1.73
N SER A 58 -21.62 75.67 0.87
CA SER A 58 -21.00 74.37 1.16
C SER A 58 -19.55 74.32 0.65
N ASN A 59 -18.93 75.48 0.40
CA ASN A 59 -17.50 75.63 0.01
C ASN A 59 -17.21 74.89 -1.30
N MET A 60 -18.21 74.84 -2.17
CA MET A 60 -18.10 74.26 -3.53
C MET A 60 -18.02 75.42 -4.51
N THR A 61 -17.08 75.33 -5.46
CA THR A 61 -16.74 76.45 -6.37
C THR A 61 -17.22 76.15 -7.78
N THR A 62 -17.78 74.97 -8.01
CA THR A 62 -17.94 74.40 -9.38
C THR A 62 -19.17 73.50 -9.43
N CYS A 63 -19.85 73.54 -10.58
CA CYS A 63 -20.96 72.63 -10.89
C CYS A 63 -20.69 72.05 -12.29
N ARG A 64 -21.44 71.01 -12.64
CA ARG A 64 -21.51 70.48 -14.01
C ARG A 64 -22.98 70.50 -14.42
N ILE A 65 -23.25 70.82 -15.68
CA ILE A 65 -24.63 71.00 -16.22
C ILE A 65 -24.72 70.23 -17.54
N ARG A 66 -25.60 69.23 -17.61
CA ARG A 66 -25.95 68.53 -18.87
C ARG A 66 -26.74 69.48 -19.76
N MET A 67 -26.14 69.92 -20.88
CA MET A 67 -26.71 70.91 -21.83
C MET A 67 -27.68 70.20 -22.78
N PHE A 68 -28.78 69.65 -22.25
CA PHE A 68 -29.76 68.82 -22.98
C PHE A 68 -30.20 69.57 -24.25
N GLY A 69 -29.83 69.07 -25.42
CA GLY A 69 -30.41 69.53 -26.70
C GLY A 69 -31.92 69.50 -26.69
N LYS A 70 -32.52 68.46 -26.09
CA LYS A 70 -33.99 68.24 -26.03
C LYS A 70 -34.68 69.47 -25.41
N TYR A 71 -34.03 70.14 -24.45
CA TYR A 71 -34.66 71.22 -23.67
C TYR A 71 -34.29 72.58 -24.26
N MET A 72 -33.63 72.58 -25.43
CA MET A 72 -33.23 73.81 -26.15
C MET A 72 -33.82 73.84 -27.56
N LYS A 73 -34.10 72.70 -28.16
CA LYS A 73 -34.61 72.64 -29.55
C LYS A 73 -36.09 72.99 -29.54
N THR A 74 -36.52 73.87 -30.46
CA THR A 74 -37.92 74.31 -30.65
C THR A 74 -38.51 73.49 -31.81
N PRO A 75 -39.85 73.36 -31.88
CA PRO A 75 -40.50 72.74 -33.04
C PRO A 75 -39.89 73.10 -34.40
N SER A 76 -39.70 74.40 -34.67
CA SER A 76 -39.17 74.95 -35.95
C SER A 76 -37.73 74.47 -36.22
N GLY A 77 -36.95 74.12 -35.18
CA GLY A 77 -35.55 73.68 -35.31
C GLY A 77 -34.55 74.67 -34.71
N THR A 78 -34.90 75.96 -34.61
CA THR A 78 -34.05 77.00 -33.95
C THR A 78 -33.84 76.63 -32.48
N TYR A 79 -32.76 77.15 -31.87
CA TYR A 79 -32.40 76.90 -30.45
C TYR A 79 -32.94 78.04 -29.58
N ASP A 80 -33.52 77.68 -28.45
CA ASP A 80 -33.94 78.59 -27.34
C ASP A 80 -33.06 78.24 -26.13
N PHE A 81 -32.20 79.18 -25.71
CA PHE A 81 -31.19 78.95 -24.64
C PHE A 81 -31.72 79.37 -23.28
N THR A 82 -32.97 79.79 -23.16
CA THR A 82 -33.56 80.44 -21.95
C THR A 82 -33.29 79.60 -20.70
N LEU A 83 -33.60 78.30 -20.75
CA LEU A 83 -33.63 77.45 -19.53
C LEU A 83 -32.22 77.38 -18.91
N PHE A 84 -31.19 77.36 -19.77
CA PHE A 84 -29.77 77.23 -19.38
C PHE A 84 -29.14 78.61 -19.11
N ASP A 85 -29.57 79.65 -19.82
CA ASP A 85 -29.18 81.07 -19.52
C ASP A 85 -29.49 81.34 -18.05
N ARG A 86 -30.68 80.97 -17.60
CA ARG A 86 -31.17 81.21 -16.23
C ARG A 86 -30.21 80.56 -15.22
N ALA A 87 -29.74 79.35 -15.51
CA ALA A 87 -28.86 78.55 -14.61
C ALA A 87 -27.44 79.12 -14.62
N PHE A 88 -26.90 79.40 -15.79
CA PHE A 88 -25.55 79.97 -15.97
C PHE A 88 -25.47 81.32 -15.25
N LYS A 89 -26.52 82.14 -15.38
CA LYS A 89 -26.59 83.49 -14.75
C LYS A 89 -26.60 83.35 -13.23
N LEU A 90 -27.34 82.38 -12.69
CA LEU A 90 -27.44 82.16 -11.22
C LEU A 90 -26.11 81.57 -10.70
N ALA A 91 -25.46 80.69 -11.46
CA ALA A 91 -24.09 80.21 -11.15
C ALA A 91 -23.17 81.43 -11.01
N ASP A 92 -23.21 82.33 -11.98
CA ASP A 92 -22.32 83.53 -12.04
C ASP A 92 -22.59 84.42 -10.83
N LYS A 93 -23.85 84.61 -10.45
CA LYS A 93 -24.25 85.41 -9.26
C LYS A 93 -23.54 84.91 -8.01
N TYR A 94 -23.39 83.59 -7.83
CA TYR A 94 -22.80 82.98 -6.61
C TYR A 94 -21.35 82.53 -6.88
N HIS A 95 -20.73 82.99 -7.99
CA HIS A 95 -19.28 82.87 -8.31
C HIS A 95 -18.92 81.41 -8.50
N ILE A 96 -19.83 80.64 -9.12
CA ILE A 96 -19.71 79.18 -9.38
C ILE A 96 -19.37 78.99 -10.85
N LYS A 97 -18.28 78.30 -11.15
CA LYS A 97 -17.88 78.06 -12.56
C LYS A 97 -18.51 76.74 -13.00
N VAL A 98 -18.72 76.61 -14.32
CA VAL A 98 -19.57 75.54 -14.93
C VAL A 98 -18.69 74.66 -15.82
N TYR A 99 -18.72 73.35 -15.58
CA TYR A 99 -18.39 72.29 -16.56
C TYR A 99 -19.64 71.99 -17.38
N ALA A 100 -19.63 72.28 -18.68
CA ALA A 100 -20.82 72.17 -19.54
C ALA A 100 -20.69 70.93 -20.42
N THR A 101 -21.54 69.93 -20.20
CA THR A 101 -21.53 68.66 -20.94
C THR A 101 -22.32 68.83 -22.24
N LEU A 102 -21.67 68.68 -23.38
CA LEU A 102 -22.38 68.59 -24.69
C LEU A 102 -23.23 67.30 -24.67
N PHE A 103 -24.53 67.41 -24.88
CA PHE A 103 -25.51 66.32 -24.73
C PHE A 103 -26.63 66.56 -25.74
N PRO A 104 -26.45 66.17 -27.02
CA PRO A 104 -27.47 66.36 -28.05
C PRO A 104 -28.82 65.70 -27.73
N ASP A 105 -29.85 66.08 -28.49
CA ASP A 105 -31.22 65.53 -28.42
C ASP A 105 -31.12 64.01 -28.47
N THR A 106 -31.87 63.36 -27.57
CA THR A 106 -31.97 61.88 -27.43
C THR A 106 -33.28 61.58 -26.70
N GLU A 107 -33.66 60.31 -26.65
CA GLU A 107 -34.91 59.87 -25.96
C GLU A 107 -34.77 60.26 -24.49
N PHE A 108 -35.87 60.68 -23.87
CA PHE A 108 -36.01 61.05 -22.44
C PHE A 108 -35.52 59.90 -21.53
N THR A 109 -35.72 58.65 -21.95
CA THR A 109 -35.41 57.41 -21.20
C THR A 109 -33.91 57.07 -21.28
N ASP A 110 -33.14 57.77 -22.14
CA ASP A 110 -31.68 57.53 -22.32
C ASP A 110 -30.91 58.26 -21.21
N VAL A 111 -30.62 57.56 -20.12
CA VAL A 111 -30.04 58.13 -18.87
C VAL A 111 -28.63 58.69 -19.18
N GLY A 112 -27.78 57.92 -19.86
CA GLY A 112 -26.33 58.22 -19.99
C GLY A 112 -25.96 58.88 -21.30
N GLY A 113 -26.85 58.82 -22.29
CA GLY A 113 -26.66 59.43 -23.63
C GLY A 113 -26.04 58.45 -24.63
N PHE A 114 -26.34 58.62 -25.92
CA PHE A 114 -25.71 57.85 -27.02
C PHE A 114 -24.20 58.14 -27.12
N LYS A 115 -23.44 57.15 -27.58
CA LYS A 115 -21.95 57.10 -27.52
C LYS A 115 -21.34 57.36 -28.89
N PHE A 116 -22.14 57.27 -29.96
CA PHE A 116 -21.69 57.49 -31.36
C PHE A 116 -22.86 57.94 -32.20
N PRO A 117 -22.65 58.66 -33.33
CA PRO A 117 -23.75 59.03 -34.23
C PRO A 117 -24.46 57.79 -34.79
N HIS A 118 -25.80 57.83 -34.90
CA HIS A 118 -26.66 56.74 -35.44
C HIS A 118 -26.46 56.61 -36.95
N SER A 119 -26.19 57.73 -37.65
CA SER A 119 -26.28 57.89 -39.13
C SER A 119 -25.56 59.17 -39.56
N ARG A 120 -25.34 59.33 -40.87
CA ARG A 120 -24.69 60.54 -41.43
C ARG A 120 -25.61 61.73 -41.17
N GLU A 121 -26.92 61.50 -41.24
CA GLU A 121 -27.97 62.51 -40.99
C GLU A 121 -27.84 62.95 -39.52
N HIS A 122 -27.75 61.99 -38.60
CA HIS A 122 -27.60 62.26 -37.14
C HIS A 122 -26.30 63.00 -36.86
N GLN A 123 -25.19 62.65 -37.52
CA GLN A 123 -23.91 63.37 -37.32
C GLN A 123 -24.11 64.86 -37.58
N LYS A 124 -24.96 65.23 -38.55
CA LYS A 124 -25.21 66.65 -38.93
C LYS A 124 -26.08 67.34 -37.87
N GLU A 125 -27.06 66.65 -37.27
CA GLU A 125 -27.82 67.19 -36.09
C GLU A 125 -26.80 67.53 -34.99
N VAL A 126 -25.80 66.67 -34.76
CA VAL A 126 -24.79 66.88 -33.67
C VAL A 126 -23.90 68.09 -34.01
N GLU A 127 -23.46 68.22 -35.27
CA GLU A 127 -22.69 69.39 -35.78
C GLU A 127 -23.46 70.68 -35.46
N ASP A 128 -24.73 70.69 -35.84
CA ASP A 128 -25.62 71.87 -35.68
C ASP A 128 -25.79 72.15 -34.19
N TYR A 129 -25.95 71.12 -33.36
CA TYR A 129 -26.13 71.23 -31.89
C TYR A 129 -24.90 71.93 -31.30
N ILE A 130 -23.72 71.49 -31.69
CA ILE A 130 -22.44 72.01 -31.12
C ILE A 130 -22.28 73.47 -31.55
N LYS A 131 -22.47 73.78 -32.84
CA LYS A 131 -22.39 75.15 -33.39
C LYS A 131 -23.25 76.09 -32.53
N ASN A 132 -24.51 75.72 -32.29
CA ASN A 132 -25.48 76.60 -31.57
C ASN A 132 -25.04 76.75 -30.10
N VAL A 133 -24.80 75.63 -29.39
CA VAL A 133 -24.57 75.62 -27.92
C VAL A 133 -23.23 76.31 -27.60
N VAL A 134 -22.17 75.95 -28.31
CA VAL A 134 -20.80 76.42 -27.98
C VAL A 134 -20.69 77.92 -28.34
N SER A 135 -21.21 78.32 -29.50
CA SER A 135 -21.23 79.74 -29.93
C SER A 135 -21.86 80.62 -28.84
N HIS A 136 -23.00 80.18 -28.30
CA HIS A 136 -23.77 80.93 -27.28
C HIS A 136 -23.04 80.89 -25.93
N PHE A 137 -22.76 79.70 -25.38
CA PHE A 137 -22.42 79.56 -23.94
C PHE A 137 -20.94 79.84 -23.67
N SER A 138 -20.11 79.85 -24.71
CA SER A 138 -18.69 80.27 -24.64
C SER A 138 -18.59 81.73 -24.14
N GLN A 139 -19.66 82.52 -24.31
CA GLN A 139 -19.68 83.96 -24.00
C GLN A 139 -19.80 84.17 -22.48
N TYR A 140 -20.27 83.22 -21.69
CA TYR A 140 -20.32 83.35 -20.21
C TYR A 140 -18.90 83.29 -19.64
N LYS A 141 -18.57 84.21 -18.76
CA LYS A 141 -17.22 84.31 -18.16
C LYS A 141 -17.02 83.18 -17.12
N ASN A 142 -18.10 82.59 -16.58
CA ASN A 142 -18.02 81.52 -15.54
C ASN A 142 -17.97 80.13 -16.18
N LEU A 143 -17.94 80.00 -17.51
CA LEU A 143 -17.69 78.68 -18.17
C LEU A 143 -16.24 78.26 -17.93
N ALA A 144 -16.01 77.09 -17.32
CA ALA A 144 -14.65 76.55 -16.99
C ALA A 144 -14.19 75.50 -18.01
N ALA A 145 -15.13 74.73 -18.60
CA ALA A 145 -14.78 73.53 -19.40
C ALA A 145 -15.99 72.99 -20.17
N TRP A 146 -15.73 72.48 -21.36
CA TRP A 146 -16.63 71.65 -22.20
C TRP A 146 -16.30 70.17 -21.94
N VAL A 147 -17.28 69.40 -21.48
CA VAL A 147 -17.21 67.92 -21.44
C VAL A 147 -17.72 67.43 -22.79
N LEU A 148 -16.81 66.91 -23.65
CA LEU A 148 -17.06 66.64 -25.08
C LEU A 148 -18.23 65.66 -25.25
N ILE A 149 -18.31 64.72 -24.31
CA ILE A 149 -19.33 63.64 -24.24
C ILE A 149 -19.32 63.07 -22.83
N ASN A 150 -20.50 62.74 -22.30
CA ASN A 150 -20.67 62.12 -20.98
C ASN A 150 -20.40 60.63 -21.14
N GLU A 151 -19.51 60.10 -20.31
CA GLU A 151 -19.25 58.65 -20.18
C GLU A 151 -19.05 58.04 -21.57
N PRO A 152 -17.97 58.42 -22.30
CA PRO A 152 -17.60 57.75 -23.55
C PRO A 152 -17.42 56.23 -23.33
N GLY A 153 -17.82 55.44 -24.33
CA GLY A 153 -17.65 53.98 -24.31
C GLY A 153 -18.87 53.23 -23.79
N THR A 154 -19.17 52.10 -24.40
CA THR A 154 -20.30 51.21 -24.03
C THR A 154 -19.82 49.76 -24.10
N PRO A 155 -20.21 48.88 -23.15
CA PRO A 155 -19.91 47.45 -23.27
C PRO A 155 -20.31 46.95 -24.68
N ASN A 156 -21.55 47.26 -25.12
CA ASN A 156 -22.17 46.77 -26.38
C ASN A 156 -22.27 47.92 -27.39
N LEU A 157 -21.42 47.91 -28.41
CA LEU A 157 -21.40 48.96 -29.45
C LEU A 157 -22.46 48.63 -30.49
N PRO A 158 -23.06 49.66 -31.11
CA PRO A 158 -24.08 49.43 -32.13
C PRO A 158 -23.54 49.10 -33.54
N PHE A 159 -23.02 47.89 -33.75
CA PHE A 159 -22.59 47.37 -35.08
C PHE A 159 -23.78 47.20 -36.03
N ASN A 160 -24.99 47.10 -35.46
CA ASN A 160 -26.29 47.06 -36.17
C ASN A 160 -26.48 48.37 -36.96
N GLU A 161 -26.26 49.52 -36.30
CA GLU A 161 -26.58 50.89 -36.83
C GLU A 161 -25.72 51.22 -38.05
N PRO A 162 -26.28 51.90 -39.08
CA PRO A 162 -25.59 52.09 -40.37
C PRO A 162 -24.28 52.90 -40.33
N PHE A 163 -24.17 53.88 -39.43
CA PHE A 163 -22.98 54.74 -39.30
C PHE A 163 -21.79 53.90 -38.78
N THR A 164 -21.98 53.12 -37.70
CA THR A 164 -20.92 52.26 -37.11
C THR A 164 -20.53 51.13 -38.08
N LYS A 165 -21.51 50.50 -38.73
CA LYS A 165 -21.31 49.43 -39.75
C LYS A 165 -20.40 49.94 -40.88
N GLU A 166 -20.65 51.15 -41.39
CA GLU A 166 -19.88 51.77 -42.51
C GLU A 166 -18.47 52.12 -42.03
N ARG A 167 -18.34 52.61 -40.80
CA ARG A 167 -17.04 53.07 -40.24
C ARG A 167 -16.15 51.82 -39.99
N PHE A 168 -16.74 50.67 -39.66
CA PHE A 168 -16.02 49.39 -39.45
C PHE A 168 -15.58 48.79 -40.78
N SER A 169 -16.49 48.76 -41.77
CA SER A 169 -16.21 48.38 -43.19
C SER A 169 -15.04 49.19 -43.75
N ASP A 170 -15.13 50.52 -43.71
CA ASP A 170 -14.03 51.45 -44.09
C ASP A 170 -12.75 51.06 -43.36
N TRP A 171 -12.82 50.86 -42.05
CA TRP A 171 -11.62 50.59 -41.21
C TRP A 171 -10.93 49.33 -41.70
N LYS A 172 -11.71 48.29 -42.04
CA LYS A 172 -11.15 46.97 -42.44
C LYS A 172 -10.45 47.07 -43.80
N LYS A 173 -10.96 47.89 -44.73
CA LYS A 173 -10.36 48.09 -46.08
C LYS A 173 -9.01 48.83 -45.96
N GLU A 174 -8.80 49.64 -44.91
CA GLU A 174 -7.52 50.39 -44.71
C GLU A 174 -6.52 49.57 -43.87
N HIS A 175 -6.86 48.35 -43.47
CA HIS A 175 -6.00 47.50 -42.59
C HIS A 175 -5.86 46.09 -43.19
N ASN A 176 -4.66 45.68 -43.58
CA ASN A 176 -4.38 44.35 -44.17
C ASN A 176 -3.96 43.39 -43.07
N PHE A 177 -4.63 42.24 -42.97
CA PHE A 177 -4.32 41.19 -41.98
C PHE A 177 -4.16 39.84 -42.70
N SER A 178 -3.11 39.12 -42.32
CA SER A 178 -2.88 37.70 -42.70
C SER A 178 -3.58 36.82 -41.65
N GLU A 179 -4.07 35.67 -42.11
CA GLU A 179 -4.66 34.60 -41.25
C GLU A 179 -3.52 33.80 -40.57
N TYR A 180 -2.25 34.02 -40.95
CA TYR A 180 -1.04 33.36 -40.37
C TYR A 180 0.01 34.40 -39.94
N ASN A 181 0.88 34.02 -38.98
CA ASN A 181 2.00 34.85 -38.47
C ASN A 181 3.24 34.58 -39.35
N GLU A 182 4.36 35.22 -39.02
CA GLU A 182 5.66 35.14 -39.75
C GLU A 182 6.08 33.67 -39.84
N LYS A 183 5.98 32.92 -38.74
CA LYS A 183 6.47 31.52 -38.61
C LYS A 183 5.53 30.52 -39.31
N GLY A 184 4.31 30.94 -39.71
CA GLY A 184 3.36 30.12 -40.50
C GLY A 184 2.12 29.68 -39.74
N TYR A 185 2.03 29.97 -38.43
CA TYR A 185 0.97 29.49 -37.48
C TYR A 185 -0.29 30.32 -37.65
N PRO A 186 -1.49 29.72 -37.43
CA PRO A 186 -2.75 30.48 -37.42
C PRO A 186 -2.76 31.53 -36.31
N VAL A 187 -3.55 32.57 -36.50
CA VAL A 187 -3.62 33.77 -35.60
C VAL A 187 -5.06 34.26 -35.52
N LEU A 188 -5.44 34.90 -34.42
CA LEU A 188 -6.58 35.86 -34.37
C LEU A 188 -5.98 37.26 -34.53
N ASN A 189 -6.72 38.20 -35.11
CA ASN A 189 -6.23 39.59 -35.35
C ASN A 189 -6.99 40.64 -34.53
N PHE A 190 -8.15 40.31 -33.95
CA PHE A 190 -8.97 41.21 -33.09
C PHE A 190 -9.30 42.47 -33.87
N GLU A 191 -9.79 42.32 -35.10
CA GLU A 191 -10.25 43.44 -35.96
C GLU A 191 -11.26 44.30 -35.18
N LYS A 192 -12.31 43.69 -34.64
CA LYS A 192 -13.38 44.38 -33.87
C LYS A 192 -12.74 45.22 -32.75
N GLU A 193 -11.85 44.66 -31.93
CA GLU A 193 -11.31 45.33 -30.72
C GLU A 193 -10.44 46.51 -31.11
N ASN A 194 -9.62 46.37 -32.16
CA ASN A 194 -8.66 47.42 -32.60
C ASN A 194 -9.43 48.53 -33.30
N PHE A 195 -10.43 48.18 -34.10
CA PHE A 195 -11.41 49.15 -34.67
C PHE A 195 -12.02 50.01 -33.55
N ILE A 196 -12.50 49.37 -32.47
CA ILE A 196 -13.25 50.08 -31.39
C ILE A 196 -12.33 51.10 -30.72
N ILE A 197 -11.07 50.76 -30.49
CA ILE A 197 -10.09 51.74 -29.94
C ILE A 197 -10.07 52.96 -30.87
N ASP A 198 -9.87 52.73 -32.16
CA ASP A 198 -9.57 53.78 -33.18
C ASP A 198 -10.82 54.61 -33.43
N TYR A 199 -12.00 54.04 -33.20
CA TYR A 199 -13.33 54.67 -33.40
C TYR A 199 -13.61 55.62 -32.24
N HIS A 200 -13.29 55.22 -31.01
CA HIS A 200 -13.36 56.11 -29.82
C HIS A 200 -12.39 57.26 -30.05
N ASN A 201 -11.12 56.98 -30.35
CA ASN A 201 -10.12 58.03 -30.67
C ASN A 201 -10.76 58.99 -31.68
N TRP A 202 -11.30 58.48 -32.78
CA TRP A 202 -11.82 59.30 -33.90
C TRP A 202 -12.97 60.23 -33.42
N TYR A 203 -14.04 59.69 -32.82
CA TYR A 203 -15.25 60.49 -32.48
C TYR A 203 -14.92 61.53 -31.40
N LEU A 204 -14.14 61.20 -30.37
CA LEU A 204 -13.78 62.21 -29.33
C LEU A 204 -12.95 63.32 -29.96
N ASN A 205 -11.98 63.00 -30.82
CA ASN A 205 -11.14 63.98 -31.55
C ASN A 205 -12.05 64.86 -32.43
N TRP A 206 -13.04 64.27 -33.09
CA TRP A 206 -13.98 64.99 -33.99
C TRP A 206 -14.85 65.96 -33.18
N LEU A 207 -15.38 65.53 -32.02
CA LEU A 207 -16.10 66.42 -31.09
C LEU A 207 -15.18 67.58 -30.65
N ALA A 208 -13.94 67.30 -30.24
CA ALA A 208 -12.98 68.35 -29.83
C ALA A 208 -12.83 69.36 -30.98
N ASN A 209 -12.71 68.91 -32.22
CA ASN A 209 -12.48 69.79 -33.41
C ASN A 209 -13.73 70.64 -33.67
N GLN A 210 -14.92 70.09 -33.50
CA GLN A 210 -16.20 70.84 -33.68
C GLN A 210 -16.26 71.99 -32.67
N VAL A 211 -15.94 71.74 -31.41
CA VAL A 211 -15.95 72.77 -30.33
C VAL A 211 -14.93 73.87 -30.73
N ARG A 212 -13.73 73.46 -31.17
CA ARG A 212 -12.60 74.36 -31.53
C ARG A 212 -12.97 75.25 -32.73
N LEU A 213 -13.92 74.88 -33.61
CA LEU A 213 -14.40 75.80 -34.70
C LEU A 213 -14.94 77.08 -34.06
N TYR A 214 -15.53 77.01 -32.87
CA TYR A 214 -16.30 78.14 -32.27
C TYR A 214 -15.68 78.62 -30.95
N ASP A 215 -14.90 77.80 -30.24
CA ASP A 215 -14.31 78.22 -28.94
C ASP A 215 -12.92 77.60 -28.82
N LYS A 216 -11.88 78.45 -28.87
CA LYS A 216 -10.46 78.04 -28.68
C LYS A 216 -9.97 78.42 -27.28
N GLN A 217 -10.83 79.00 -26.44
CA GLN A 217 -10.41 79.61 -25.15
C GLN A 217 -10.59 78.63 -23.98
N HIS A 218 -11.46 77.62 -24.05
CA HIS A 218 -11.86 76.84 -22.85
C HIS A 218 -11.32 75.41 -22.89
N ASP A 219 -11.06 74.87 -21.70
CA ASP A 219 -10.56 73.48 -21.46
C ASP A 219 -11.54 72.45 -22.07
N LEU A 220 -11.02 71.44 -22.76
CA LEU A 220 -11.79 70.25 -23.19
C LEU A 220 -11.53 69.12 -22.17
N HIS A 221 -12.60 68.50 -21.72
CA HIS A 221 -12.68 67.44 -20.68
C HIS A 221 -13.54 66.27 -21.20
N VAL A 222 -13.38 65.07 -20.63
CA VAL A 222 -14.22 63.87 -20.94
C VAL A 222 -14.15 62.92 -19.73
N ASN A 223 -15.23 62.19 -19.40
CA ASN A 223 -15.27 61.33 -18.18
C ASN A 223 -15.43 59.87 -18.56
N PRO A 224 -14.34 59.11 -18.84
CA PRO A 224 -14.42 57.66 -18.98
C PRO A 224 -14.92 56.99 -17.68
N HIS A 225 -15.55 55.82 -17.81
CA HIS A 225 -16.33 55.19 -16.71
C HIS A 225 -16.18 53.67 -16.68
N ASN A 226 -16.60 53.05 -15.56
CA ASN A 226 -16.62 51.58 -15.41
C ASN A 226 -15.26 51.06 -15.87
N VAL A 227 -14.18 51.69 -15.41
CA VAL A 227 -12.84 51.56 -16.06
C VAL A 227 -12.26 50.17 -15.84
N PHE A 228 -12.65 49.46 -14.77
CA PHE A 228 -12.14 48.08 -14.54
C PHE A 228 -12.74 47.11 -15.58
N LYS A 229 -13.79 47.50 -16.30
CA LYS A 229 -14.40 46.67 -17.37
C LYS A 229 -14.14 47.29 -18.74
N LEU A 230 -14.19 48.62 -18.88
CA LEU A 230 -14.19 49.32 -20.19
C LEU A 230 -12.77 49.83 -20.58
N SER A 231 -11.73 49.54 -19.80
CA SER A 231 -10.36 50.05 -20.06
C SER A 231 -9.87 49.61 -21.46
N GLY A 232 -10.40 48.53 -21.99
CA GLY A 232 -10.05 47.98 -23.33
C GLY A 232 -10.66 48.75 -24.49
N LEU A 233 -11.47 49.80 -24.22
CA LEU A 233 -12.04 50.78 -25.20
C LEU A 233 -11.19 52.04 -25.22
N TYR A 234 -10.33 52.24 -24.24
CA TYR A 234 -9.73 53.56 -23.93
C TYR A 234 -8.22 53.58 -24.29
N ASP A 235 -7.85 54.37 -25.30
CA ASP A 235 -6.45 54.72 -25.66
C ASP A 235 -6.13 56.12 -25.09
N PHE A 236 -5.88 56.23 -23.78
CA PHE A 236 -5.72 57.53 -23.08
C PHE A 236 -4.55 58.31 -23.67
N PRO A 237 -3.38 57.70 -24.02
CA PRO A 237 -2.31 58.47 -24.67
C PRO A 237 -2.80 59.21 -25.93
N THR A 238 -3.61 58.62 -26.78
CA THR A 238 -4.10 59.35 -27.99
C THR A 238 -5.00 60.49 -27.54
N TRP A 239 -5.80 60.32 -26.48
CA TRP A 239 -6.78 61.36 -26.02
C TRP A 239 -6.04 62.63 -25.57
N ARG A 240 -4.84 62.50 -24.98
CA ARG A 240 -4.01 63.64 -24.49
C ARG A 240 -3.76 64.67 -25.60
N THR A 241 -3.75 64.23 -26.87
CA THR A 241 -3.47 65.07 -28.06
C THR A 241 -4.52 66.18 -28.19
N PHE A 242 -5.77 65.98 -27.76
CA PHE A 242 -6.86 66.97 -27.94
C PHE A 242 -7.54 67.39 -26.63
N LEU A 243 -7.33 66.74 -25.50
CA LEU A 243 -7.92 67.16 -24.19
C LEU A 243 -6.98 68.14 -23.51
N ASN A 244 -7.51 68.91 -22.55
CA ASN A 244 -6.76 69.78 -21.61
C ASN A 244 -6.72 69.11 -20.24
N SER A 245 -7.71 68.30 -19.91
CA SER A 245 -7.77 67.51 -18.65
C SER A 245 -8.52 66.19 -18.89
N LEU A 246 -8.20 65.17 -18.09
CA LEU A 246 -8.90 63.87 -18.15
C LEU A 246 -9.77 63.75 -16.90
N GLY A 247 -11.02 63.37 -17.11
CA GLY A 247 -12.02 63.13 -16.06
C GLY A 247 -12.18 61.65 -15.80
N GLY A 248 -13.21 61.30 -15.02
CA GLY A 248 -13.66 59.93 -14.78
C GLY A 248 -14.97 59.95 -14.03
N SER A 249 -15.84 58.96 -14.28
CA SER A 249 -16.92 58.54 -13.34
C SER A 249 -16.38 57.39 -12.50
N ALA A 250 -16.52 57.47 -11.18
CA ALA A 250 -16.21 56.38 -10.24
C ALA A 250 -17.34 56.26 -9.21
N HIS A 251 -18.45 55.64 -9.62
CA HIS A 251 -19.68 55.46 -8.80
C HIS A 251 -19.60 54.14 -8.03
N ALA A 252 -19.65 54.21 -6.70
CA ALA A 252 -19.70 53.03 -5.80
C ALA A 252 -20.81 52.06 -6.22
N SER A 253 -21.92 52.54 -6.75
CA SER A 253 -23.12 51.74 -7.05
C SER A 253 -23.03 51.08 -8.44
N TRP A 254 -22.15 51.54 -9.33
CA TRP A 254 -22.08 51.03 -10.75
C TRP A 254 -20.75 50.35 -11.08
N HIS A 255 -19.62 50.77 -10.51
CA HIS A 255 -18.25 50.54 -11.09
C HIS A 255 -17.33 49.67 -10.20
N PHE A 256 -17.75 49.32 -8.99
CA PHE A 256 -16.91 48.71 -7.94
C PHE A 256 -17.42 47.31 -7.63
N GLY A 257 -18.11 46.67 -8.58
CA GLY A 257 -18.60 45.29 -8.46
C GLY A 257 -17.50 44.31 -8.11
N TYR A 258 -16.25 44.53 -8.53
CA TYR A 258 -15.13 43.63 -8.20
C TYR A 258 -14.73 43.75 -6.73
N PHE A 259 -15.37 44.61 -5.92
CA PHE A 259 -15.02 44.79 -4.49
C PHE A 259 -16.22 44.81 -3.57
N PRO A 260 -16.04 44.34 -2.31
CA PRO A 260 -17.01 44.60 -1.25
C PRO A 260 -16.95 46.07 -0.85
N ARG A 261 -17.99 46.55 -0.19
CA ARG A 261 -18.12 47.97 0.23
C ARG A 261 -16.95 48.39 1.14
N LYS A 262 -16.44 47.48 1.99
CA LYS A 262 -15.41 47.86 3.00
C LYS A 262 -14.07 48.09 2.27
N ALA A 263 -13.97 47.76 0.98
CA ALA A 263 -12.76 48.01 0.15
C ALA A 263 -13.03 49.02 -0.98
N TYR A 264 -14.07 49.84 -0.88
CA TYR A 264 -14.32 50.87 -1.90
C TYR A 264 -13.20 51.92 -1.81
N THR A 265 -12.51 52.01 -0.66
CA THR A 265 -11.27 52.81 -0.50
C THR A 265 -10.23 52.38 -1.55
N VAL A 266 -9.97 51.07 -1.61
CA VAL A 266 -8.98 50.45 -2.53
C VAL A 266 -9.45 50.66 -3.96
N ALA A 267 -10.75 50.49 -4.19
CA ALA A 267 -11.39 50.67 -5.51
C ALA A 267 -11.16 52.08 -5.99
N MET A 268 -11.47 53.05 -5.13
CA MET A 268 -11.36 54.50 -5.49
C MET A 268 -9.88 54.82 -5.73
N SER A 269 -9.00 54.26 -4.91
CA SER A 269 -7.53 54.47 -5.04
C SER A 269 -7.07 53.95 -6.41
N ALA A 270 -7.46 52.74 -6.78
CA ALA A 270 -7.04 52.12 -8.05
C ALA A 270 -7.66 52.88 -9.22
N ASN A 271 -8.94 53.27 -9.12
CA ASN A 271 -9.66 54.01 -10.20
C ASN A 271 -8.90 55.34 -10.43
N ALA A 272 -8.48 55.99 -9.35
CA ALA A 272 -7.73 57.27 -9.41
C ALA A 272 -6.36 57.04 -10.05
N GLU A 273 -5.64 56.00 -9.62
CA GLU A 273 -4.28 55.70 -10.17
C GLU A 273 -4.40 55.46 -11.67
N LEU A 274 -5.48 54.80 -12.08
CA LEU A 274 -5.73 54.39 -13.48
C LEU A 274 -5.94 55.65 -14.34
N ILE A 275 -6.72 56.61 -13.85
CA ILE A 275 -6.99 57.87 -14.60
C ILE A 275 -5.72 58.73 -14.62
N ARG A 276 -5.04 58.84 -13.48
CA ARG A 276 -3.82 59.65 -13.34
C ARG A 276 -2.81 59.19 -14.41
N SER A 277 -2.61 57.88 -14.52
CA SER A 277 -1.72 57.25 -15.52
C SER A 277 -2.20 57.61 -16.92
N GLY A 278 -3.49 57.49 -17.20
CA GLY A 278 -4.07 57.84 -18.52
C GLY A 278 -3.79 59.30 -18.86
N ALA A 279 -3.84 60.15 -17.85
CA ALA A 279 -3.73 61.62 -18.01
C ALA A 279 -2.31 61.99 -18.44
N GLY A 280 -1.28 61.28 -17.95
CA GLY A 280 0.14 61.61 -18.22
C GLY A 280 0.48 63.03 -17.84
N GLU A 281 0.93 63.84 -18.80
CA GLU A 281 1.33 65.25 -18.59
C GLU A 281 0.10 66.15 -18.32
N LEU A 282 -1.11 65.69 -18.63
CA LEU A 282 -2.36 66.43 -18.36
C LEU A 282 -2.77 66.29 -16.90
N PRO A 283 -3.36 67.35 -16.31
CA PRO A 283 -4.03 67.21 -15.02
C PRO A 283 -5.33 66.41 -15.19
N TRP A 284 -5.80 65.82 -14.09
CA TRP A 284 -7.03 65.01 -14.08
C TRP A 284 -7.90 65.43 -12.89
N LEU A 285 -9.19 65.08 -12.95
CA LEU A 285 -10.14 65.27 -11.84
C LEU A 285 -11.23 64.21 -11.99
N MET A 286 -11.95 63.93 -10.91
CA MET A 286 -13.05 62.95 -10.92
C MET A 286 -14.34 63.74 -11.16
N THR A 287 -14.89 63.65 -12.36
CA THR A 287 -16.04 64.41 -12.86
C THR A 287 -17.35 63.87 -12.26
N GLU A 288 -17.37 62.64 -11.76
CA GLU A 288 -18.61 61.96 -11.31
C GLU A 288 -18.35 61.01 -10.13
N LEU A 289 -18.74 61.41 -8.92
CA LEU A 289 -18.73 60.57 -7.69
C LEU A 289 -20.17 60.48 -7.19
N GLN A 290 -20.49 59.45 -6.42
CA GLN A 290 -21.88 59.22 -5.93
C GLN A 290 -22.16 60.18 -4.77
N GLY A 291 -23.14 61.05 -4.92
CA GLY A 291 -23.51 62.06 -3.91
C GLY A 291 -24.70 61.67 -3.05
N GLY A 292 -25.39 60.57 -3.38
CA GLY A 292 -26.69 60.28 -2.73
C GLY A 292 -27.21 58.88 -2.95
N ASN A 293 -28.49 58.70 -2.65
CA ASN A 293 -29.11 57.39 -2.38
C ASN A 293 -29.57 56.78 -3.70
N ASN A 294 -29.34 55.48 -3.86
CA ASN A 294 -30.02 54.64 -4.87
C ASN A 294 -31.37 54.15 -4.28
N LEU A 295 -32.45 54.39 -5.02
CA LEU A 295 -33.80 53.84 -4.73
C LEU A 295 -34.01 52.60 -5.59
N TYR A 296 -34.21 52.78 -6.90
CA TYR A 296 -34.39 51.70 -7.90
C TYR A 296 -33.14 51.55 -8.80
N SER A 297 -32.22 52.50 -8.81
CA SER A 297 -31.07 52.55 -9.75
C SER A 297 -29.82 51.91 -9.09
N GLY A 298 -28.77 51.71 -9.89
CA GLY A 298 -27.50 51.12 -9.46
C GLY A 298 -27.51 49.60 -9.52
N ALA A 299 -26.33 49.00 -9.71
CA ALA A 299 -26.09 47.53 -9.69
C ALA A 299 -25.84 47.06 -8.25
N ASN A 300 -25.11 47.83 -7.46
CA ASN A 300 -24.80 47.54 -6.02
C ASN A 300 -25.28 48.74 -5.21
N PRO A 301 -26.59 48.88 -4.97
CA PRO A 301 -27.15 50.14 -4.46
C PRO A 301 -26.67 50.50 -3.05
N LEU A 302 -26.51 51.79 -2.75
CA LEU A 302 -26.18 52.27 -1.39
C LEU A 302 -26.53 53.74 -1.26
N CYS A 303 -26.45 54.24 -0.04
CA CYS A 303 -26.37 55.68 0.29
C CYS A 303 -25.03 55.94 0.97
N PRO A 304 -24.11 56.66 0.28
CA PRO A 304 -22.79 56.91 0.85
C PRO A 304 -22.96 57.48 2.26
N THR A 305 -22.17 56.97 3.21
CA THR A 305 -22.02 57.56 4.58
C THR A 305 -21.23 58.87 4.43
N ALA A 306 -21.36 59.78 5.40
CA ALA A 306 -20.50 60.99 5.50
C ALA A 306 -19.04 60.55 5.50
N GLU A 307 -18.73 59.48 6.24
CA GLU A 307 -17.34 58.96 6.36
C GLU A 307 -16.82 58.60 4.98
N GLU A 308 -17.66 58.01 4.13
CA GLU A 308 -17.30 57.57 2.74
C GLU A 308 -17.06 58.79 1.84
N ILE A 309 -17.83 59.86 2.00
CA ILE A 309 -17.64 61.10 1.17
C ILE A 309 -16.22 61.65 1.39
N ILE A 310 -15.76 61.65 2.64
CA ILE A 310 -14.45 62.24 3.06
C ILE A 310 -13.32 61.34 2.55
N GLN A 311 -13.44 60.03 2.74
CA GLN A 311 -12.52 58.99 2.23
C GLN A 311 -12.31 59.20 0.72
N TRP A 312 -13.39 59.32 -0.05
CA TRP A 312 -13.31 59.39 -1.54
C TRP A 312 -12.58 60.68 -1.94
N LEU A 313 -12.89 61.80 -1.30
CA LEU A 313 -12.29 63.10 -1.67
C LEU A 313 -10.78 63.09 -1.38
N TRP A 314 -10.39 62.64 -0.19
CA TRP A 314 -8.95 62.60 0.21
C TRP A 314 -8.20 61.61 -0.67
N ILE A 315 -8.76 60.43 -0.96
CA ILE A 315 -8.05 59.45 -1.83
C ILE A 315 -7.81 60.11 -3.19
N ASN A 316 -8.79 60.84 -3.74
CA ASN A 316 -8.62 61.45 -5.09
C ASN A 316 -7.54 62.53 -5.03
N PHE A 317 -7.60 63.43 -4.05
CA PHE A 317 -6.67 64.60 -3.99
C PHE A 317 -5.24 64.10 -3.74
N ALA A 318 -5.09 63.08 -2.90
CA ALA A 318 -3.79 62.47 -2.55
C ALA A 318 -3.23 61.76 -3.78
N THR A 319 -4.05 61.56 -4.81
CA THR A 319 -3.68 60.89 -6.07
C THR A 319 -3.70 61.93 -7.19
N GLU A 320 -3.47 63.21 -6.83
CA GLU A 320 -3.23 64.36 -7.76
C GLU A 320 -4.53 64.87 -8.40
N ALA A 321 -5.71 64.43 -7.99
CA ALA A 321 -6.97 64.93 -8.58
C ALA A 321 -7.04 66.43 -8.35
N LYS A 322 -7.51 67.20 -9.34
CA LYS A 322 -7.67 68.68 -9.26
C LYS A 322 -9.13 69.04 -8.93
N GLY A 323 -9.99 68.06 -8.67
CA GLY A 323 -11.37 68.29 -8.27
C GLY A 323 -12.11 66.99 -8.04
N GLY A 324 -13.19 67.07 -7.26
CA GLY A 324 -14.21 66.01 -7.07
C GLY A 324 -15.59 66.61 -7.28
N ILE A 325 -16.25 66.24 -8.38
CA ILE A 325 -17.65 66.65 -8.70
C ILE A 325 -18.57 65.47 -8.38
N PHE A 326 -19.51 65.68 -7.45
CA PHE A 326 -20.54 64.68 -7.05
C PHE A 326 -21.73 64.74 -8.00
N TRP A 327 -22.23 63.59 -8.47
CA TRP A 327 -23.59 63.42 -9.04
C TRP A 327 -24.51 62.92 -7.93
N SER A 328 -25.44 63.75 -7.47
CA SER A 328 -25.72 65.08 -7.97
C SER A 328 -26.07 66.02 -6.80
N PHE A 329 -26.08 67.32 -7.01
CA PHE A 329 -26.46 68.29 -5.96
C PHE A 329 -27.95 68.12 -5.66
N ASN A 330 -28.78 68.36 -6.68
CA ASN A 330 -30.25 68.17 -6.65
C ASN A 330 -30.60 66.95 -7.52
N ALA A 331 -31.79 66.38 -7.37
CA ALA A 331 -32.20 65.16 -8.11
C ALA A 331 -33.03 65.47 -9.36
N ARG A 332 -33.08 64.52 -10.28
CA ARG A 332 -34.10 64.42 -11.37
C ARG A 332 -35.44 64.24 -10.69
N SER A 333 -36.54 64.52 -11.38
CA SER A 333 -37.91 64.57 -10.78
C SER A 333 -38.82 63.51 -11.39
N THR A 334 -38.53 63.00 -12.60
CA THR A 334 -39.41 62.06 -13.36
C THR A 334 -38.65 60.82 -13.81
N ALA A 335 -39.22 59.63 -13.56
CA ALA A 335 -38.79 58.33 -14.13
C ALA A 335 -37.38 58.00 -13.61
N ALA A 336 -36.49 57.50 -14.48
CA ALA A 336 -35.14 57.00 -14.06
C ALA A 336 -34.51 58.02 -13.10
N GLU A 337 -34.22 57.54 -11.89
CA GLU A 337 -33.33 58.20 -10.90
C GLU A 337 -34.05 59.39 -10.26
N ALA A 338 -35.38 59.44 -10.32
CA ALA A 338 -36.19 60.52 -9.71
C ALA A 338 -35.99 60.52 -8.18
N GLY A 339 -35.47 61.63 -7.65
CA GLY A 339 -35.26 61.80 -6.20
C GLY A 339 -34.17 60.88 -5.67
N GLU A 340 -33.32 60.36 -6.56
CA GLU A 340 -32.10 59.58 -6.23
C GLU A 340 -30.82 60.43 -6.49
N TRP A 341 -29.71 60.07 -5.81
CA TRP A 341 -28.31 60.52 -6.06
C TRP A 341 -27.99 61.89 -5.40
N ALA A 342 -28.98 62.63 -4.87
CA ALA A 342 -28.83 64.04 -4.45
C ALA A 342 -28.13 64.15 -3.09
N MET A 343 -27.32 65.22 -2.93
CA MET A 343 -26.59 65.56 -1.69
C MET A 343 -27.51 66.37 -0.78
N ILE A 344 -28.40 67.18 -1.34
CA ILE A 344 -29.47 67.89 -0.56
C ILE A 344 -30.63 66.91 -0.29
N ASN A 345 -31.35 67.12 0.81
CA ASN A 345 -32.59 66.38 1.13
C ASN A 345 -33.75 66.99 0.32
N PHE A 346 -34.97 66.55 0.54
CA PHE A 346 -36.17 66.88 -0.29
C PHE A 346 -36.74 68.26 0.14
N LYS A 347 -36.20 68.87 1.20
CA LYS A 347 -36.48 70.28 1.61
C LYS A 347 -35.35 71.20 1.12
N ASN A 348 -34.42 70.68 0.32
CA ASN A 348 -33.31 71.46 -0.29
C ASN A 348 -32.29 71.90 0.76
N LYS A 349 -32.18 71.21 1.90
CA LYS A 349 -31.13 71.44 2.92
C LYS A 349 -30.07 70.34 2.86
N SER A 350 -28.99 70.52 3.63
CA SER A 350 -27.80 69.63 3.63
C SER A 350 -28.11 68.27 4.28
N SER A 351 -27.90 67.18 3.56
CA SER A 351 -27.68 65.82 4.12
C SER A 351 -26.33 65.84 4.84
N ASP A 352 -26.02 64.80 5.63
CA ASP A 352 -24.70 64.66 6.30
C ASP A 352 -23.61 64.53 5.22
N ARG A 353 -23.99 64.18 3.98
CA ARG A 353 -23.06 63.97 2.85
C ARG A 353 -22.54 65.33 2.36
N LEU A 354 -23.39 66.35 2.30
CA LEU A 354 -22.99 67.71 1.87
C LEU A 354 -22.22 68.40 2.99
N ILE A 355 -22.66 68.22 4.25
CA ILE A 355 -21.96 68.79 5.44
C ILE A 355 -20.51 68.25 5.43
N ALA A 356 -20.31 66.96 5.15
CA ALA A 356 -18.98 66.31 5.06
C ALA A 356 -18.17 66.88 3.89
N ALA A 357 -18.75 66.94 2.68
CA ALA A 357 -18.07 67.49 1.47
C ALA A 357 -17.62 68.92 1.77
N ALA A 358 -18.44 69.69 2.49
CA ALA A 358 -18.13 71.11 2.80
C ALA A 358 -16.87 71.20 3.68
N THR A 359 -16.62 70.23 4.59
CA THR A 359 -15.43 70.30 5.50
C THR A 359 -14.17 70.22 4.64
N ILE A 360 -14.26 69.57 3.48
CA ILE A 360 -13.08 69.39 2.56
C ILE A 360 -12.91 70.65 1.72
N GLY A 361 -13.98 71.22 1.17
CA GLY A 361 -13.94 72.53 0.51
C GLY A 361 -13.27 73.57 1.41
N LYS A 362 -13.59 73.55 2.70
CA LYS A 362 -13.09 74.50 3.73
C LYS A 362 -11.61 74.23 3.98
N PHE A 363 -11.23 72.99 4.23
CA PHE A 363 -9.80 72.61 4.43
C PHE A 363 -8.97 73.15 3.26
N ILE A 364 -9.45 73.03 2.02
CA ILE A 364 -8.70 73.53 0.82
C ILE A 364 -8.48 75.05 0.95
N THR A 365 -9.52 75.84 1.21
CA THR A 365 -9.43 77.32 1.18
C THR A 365 -8.53 77.79 2.33
N GLU A 366 -8.33 76.96 3.36
CA GLU A 366 -7.47 77.22 4.56
C GLU A 366 -6.06 76.63 4.42
N ASN A 367 -5.75 75.90 3.35
CA ASN A 367 -4.42 75.27 3.12
C ASN A 367 -4.08 75.28 1.61
N VAL A 368 -4.31 76.41 0.93
CA VAL A 368 -4.25 76.55 -0.56
C VAL A 368 -2.89 76.12 -1.11
N LYS A 369 -1.77 76.53 -0.51
CA LYS A 369 -0.41 76.24 -1.06
C LYS A 369 -0.19 74.72 -1.05
N MET A 370 -0.50 74.06 0.07
CA MET A 370 -0.36 72.60 0.22
C MET A 370 -1.24 71.88 -0.83
N MET A 371 -2.53 72.19 -0.88
CA MET A 371 -3.50 71.39 -1.70
C MET A 371 -3.30 71.66 -3.18
N SER A 372 -2.68 72.77 -3.55
CA SER A 372 -2.51 73.20 -4.96
C SER A 372 -1.32 72.48 -5.60
N ASN A 373 -0.43 71.87 -4.82
CA ASN A 373 0.87 71.39 -5.34
C ASN A 373 1.11 69.91 -5.03
N ILE A 374 0.04 69.14 -4.83
CA ILE A 374 0.18 67.73 -4.40
C ILE A 374 0.82 66.96 -5.56
N LYS A 375 1.84 66.17 -5.24
CA LYS A 375 2.43 65.18 -6.17
C LYS A 375 2.44 63.84 -5.44
N THR A 376 1.98 62.76 -6.08
CA THR A 376 1.94 61.45 -5.41
C THR A 376 3.39 61.06 -5.11
N LEU A 377 3.67 60.45 -3.98
CA LEU A 377 5.01 59.87 -3.69
C LEU A 377 5.10 58.48 -4.35
N ASN A 378 5.67 58.41 -5.55
CA ASN A 378 5.90 57.14 -6.28
C ASN A 378 6.84 56.23 -5.45
N SER A 379 6.32 55.10 -4.96
CA SER A 379 7.14 54.00 -4.38
C SER A 379 8.14 53.51 -5.43
N GLY A 380 7.81 53.66 -6.71
CA GLY A 380 8.51 53.02 -7.84
C GLY A 380 7.84 51.71 -8.24
N ILE A 381 6.79 51.27 -7.54
CA ILE A 381 6.03 50.04 -7.90
C ILE A 381 4.96 50.47 -8.92
N SER A 382 4.92 49.80 -10.08
CA SER A 382 3.94 50.02 -11.16
C SER A 382 3.25 48.69 -11.46
N ILE A 383 1.94 48.60 -11.25
CA ILE A 383 1.11 47.43 -11.65
C ILE A 383 0.57 47.71 -13.07
N LEU A 384 0.94 46.87 -14.04
CA LEU A 384 0.65 47.12 -15.47
C LEU A 384 -0.44 46.16 -15.92
N TYR A 385 -1.43 46.67 -16.65
CA TYR A 385 -2.44 45.89 -17.39
C TYR A 385 -2.30 46.22 -18.88
N ASN A 386 -2.80 45.38 -19.78
CA ASN A 386 -2.83 45.75 -21.22
C ASN A 386 -4.15 45.34 -21.87
N HIS A 387 -4.56 46.12 -22.87
CA HIS A 387 -5.79 45.89 -23.65
C HIS A 387 -5.80 44.44 -24.12
N GLU A 388 -4.67 43.95 -24.63
CA GLU A 388 -4.64 42.69 -25.41
C GLU A 388 -4.92 41.52 -24.48
N SER A 389 -4.47 41.53 -23.22
CA SER A 389 -4.80 40.49 -22.22
C SER A 389 -6.32 40.42 -22.04
N MET A 390 -7.01 41.56 -22.04
CA MET A 390 -8.48 41.57 -21.89
C MET A 390 -9.17 40.99 -23.13
N TRP A 391 -8.70 41.35 -24.32
CA TRP A 391 -9.23 40.88 -25.64
C TRP A 391 -9.06 39.38 -25.82
N VAL A 392 -7.86 38.88 -25.56
CA VAL A 392 -7.56 37.42 -25.61
C VAL A 392 -8.42 36.70 -24.57
N GLU A 393 -8.54 37.22 -23.34
CA GLU A 393 -9.39 36.57 -22.30
C GLU A 393 -10.84 36.46 -22.81
N ALA A 394 -11.40 37.53 -23.39
CA ALA A 394 -12.79 37.52 -23.94
C ALA A 394 -12.96 36.40 -24.99
N ALA A 395 -11.95 36.16 -25.82
CA ALA A 395 -11.98 35.09 -26.86
C ALA A 395 -11.90 33.70 -26.20
N GLN A 396 -11.10 33.52 -25.15
CA GLN A 396 -10.81 32.18 -24.58
C GLN A 396 -11.94 31.73 -23.66
N THR A 397 -12.54 32.64 -22.90
CA THR A 397 -13.55 32.27 -21.90
C THR A 397 -14.92 32.26 -22.57
N ARG A 398 -15.02 32.79 -23.80
CA ARG A 398 -16.22 32.80 -24.69
C ARG A 398 -17.39 33.55 -24.01
N GLY A 399 -17.10 34.35 -22.98
CA GLY A 399 -18.03 35.31 -22.33
C GLY A 399 -18.67 34.81 -21.04
N LYS A 400 -18.02 33.93 -20.25
CA LYS A 400 -18.56 33.47 -18.94
C LYS A 400 -18.39 34.62 -17.91
N LEU A 401 -19.29 34.70 -16.93
CA LEU A 401 -19.51 35.88 -16.04
C LEU A 401 -19.65 35.42 -14.58
N ASN A 402 -18.50 35.22 -13.90
CA ASN A 402 -18.33 34.82 -12.45
C ASN A 402 -16.94 35.24 -11.94
N ASN A 404 -13.29 35.11 -11.40
CA ASN A 404 -12.86 33.70 -11.55
C ASN A 404 -11.98 33.58 -12.81
N GLY A 405 -10.90 32.79 -12.73
CA GLY A 405 -9.89 32.68 -13.80
C GLY A 405 -10.53 32.40 -15.17
N ARG A 406 -11.59 31.58 -15.19
CA ARG A 406 -12.25 31.12 -16.43
C ARG A 406 -13.41 32.03 -16.79
N SER A 407 -13.34 33.32 -16.46
CA SER A 407 -14.42 34.29 -16.75
C SER A 407 -13.81 35.68 -17.04
N ILE A 408 -14.59 36.55 -17.64
CA ILE A 408 -14.15 37.92 -17.99
C ILE A 408 -13.84 38.66 -16.69
N GLY A 409 -12.68 39.30 -16.60
CA GLY A 409 -12.30 40.20 -15.48
C GLY A 409 -11.19 39.67 -14.60
N ALA A 410 -10.74 38.44 -14.79
CA ALA A 410 -9.57 37.89 -14.05
C ALA A 410 -8.33 38.76 -14.33
N VAL A 411 -8.17 39.20 -15.59
CA VAL A 411 -7.01 40.02 -16.07
C VAL A 411 -6.97 41.36 -15.32
N MET A 412 -8.11 41.85 -14.80
CA MET A 412 -8.16 43.08 -13.98
C MET A 412 -8.21 42.75 -12.50
N CYS A 413 -8.98 41.78 -12.08
CA CYS A 413 -9.08 41.40 -10.63
C CYS A 413 -7.69 41.01 -10.08
N SER A 414 -6.84 40.38 -10.90
CA SER A 414 -5.49 39.89 -10.48
C SER A 414 -4.61 41.08 -10.10
N PRO A 415 -4.41 42.06 -11.02
CA PRO A 415 -3.65 43.27 -10.67
C PRO A 415 -4.29 44.02 -9.50
N LEU A 416 -5.62 44.04 -9.44
CA LEU A 416 -6.34 44.76 -8.35
C LEU A 416 -6.02 44.08 -7.02
N SER A 417 -5.73 42.79 -7.01
CA SER A 417 -5.40 42.07 -5.76
C SER A 417 -4.00 42.49 -5.26
N TYR A 418 -3.02 42.56 -6.16
CA TYR A 418 -1.67 43.08 -5.81
C TYR A 418 -1.86 44.46 -5.23
N PHE A 419 -2.66 45.26 -5.91
CA PHE A 419 -2.89 46.68 -5.55
C PHE A 419 -3.46 46.76 -4.14
N GLU A 420 -4.41 45.90 -3.85
CA GLU A 420 -5.05 45.85 -2.51
C GLU A 420 -4.01 45.42 -1.48
N ALA A 421 -3.20 44.43 -1.80
CA ALA A 421 -2.20 43.83 -0.88
C ALA A 421 -1.19 44.92 -0.54
N LEU A 422 -0.85 45.77 -1.50
CA LEU A 422 0.13 46.88 -1.31
C LEU A 422 -0.52 47.98 -0.48
N SER A 423 -1.80 48.29 -0.71
CA SER A 423 -2.59 49.26 0.10
C SER A 423 -2.59 48.85 1.58
N GLU A 424 -2.74 47.57 1.87
CA GLU A 424 -2.83 47.05 3.27
C GLU A 424 -1.44 46.97 3.89
N THR A 425 -0.41 47.31 3.11
CA THR A 425 0.98 47.46 3.63
C THR A 425 1.33 48.94 3.74
N GLY A 426 0.49 49.84 3.22
CA GLY A 426 0.66 51.29 3.28
C GLY A 426 1.61 51.82 2.21
N LEU A 427 1.77 51.09 1.10
CA LEU A 427 2.63 51.51 -0.03
C LEU A 427 1.78 52.02 -1.21
N GLN A 428 2.16 53.17 -1.77
CA GLN A 428 1.62 53.59 -3.08
C GLN A 428 2.02 52.55 -4.12
N ALA A 429 1.18 52.37 -5.14
CA ALA A 429 1.55 51.69 -6.40
C ALA A 429 0.81 52.40 -7.54
N ASN A 430 1.46 52.54 -8.70
CA ASN A 430 0.77 53.01 -9.93
C ASN A 430 -0.05 51.84 -10.48
N PHE A 431 -1.08 52.17 -11.25
CA PHE A 431 -1.93 51.22 -12.01
C PHE A 431 -2.01 51.79 -13.42
N LYS A 432 -1.33 51.19 -14.39
CA LYS A 432 -1.11 51.78 -15.74
C LYS A 432 -1.35 50.74 -16.82
N GLU A 433 -1.89 51.18 -17.96
CA GLU A 433 -1.85 50.43 -19.24
C GLU A 433 -0.37 50.40 -19.64
N ILE A 434 0.08 49.28 -20.20
CA ILE A 434 1.53 49.06 -20.46
C ILE A 434 2.07 50.19 -21.37
N LYS A 435 1.29 50.74 -22.33
CA LYS A 435 1.76 51.83 -23.22
C LYS A 435 1.96 53.17 -22.47
N GLU A 436 1.52 53.28 -21.21
CA GLU A 436 1.62 54.55 -20.42
C GLU A 436 2.90 54.50 -19.57
N PHE A 437 3.54 53.31 -19.44
CA PHE A 437 4.86 53.13 -18.77
C PHE A 437 5.99 53.53 -19.73
N ASP A 438 6.99 54.26 -19.23
CA ASP A 438 8.14 54.80 -20.00
C ASP A 438 9.28 53.77 -19.95
N PHE A 439 9.53 53.09 -21.09
CA PHE A 439 10.52 52.01 -21.24
C PHE A 439 11.82 52.57 -21.84
N SER A 440 11.98 53.89 -21.96
CA SER A 440 13.08 54.53 -22.74
C SER A 440 14.24 55.02 -21.83
N LEU A 441 14.13 54.93 -20.50
CA LEU A 441 15.17 55.39 -19.54
C LEU A 441 16.41 54.48 -19.59
N ASN A 442 17.55 54.94 -19.05
CA ASN A 442 18.84 54.18 -19.04
C ASN A 442 19.04 53.48 -17.69
N ASP A 443 18.23 53.83 -16.69
CA ASP A 443 18.35 53.25 -15.31
C ASP A 443 16.94 53.00 -14.75
N TYR A 444 16.72 51.79 -14.22
CA TYR A 444 15.48 51.37 -13.53
C TYR A 444 15.83 50.68 -12.20
N THR A 445 16.97 51.02 -11.59
CA THR A 445 17.37 50.57 -10.23
C THR A 445 16.23 50.94 -9.28
N ASP A 446 15.82 50.00 -8.43
CA ASP A 446 14.82 50.27 -7.37
C ASP A 446 13.44 50.65 -7.96
N GLN A 447 13.18 50.29 -9.23
CA GLN A 447 11.85 50.31 -9.89
C GLN A 447 11.30 48.87 -9.95
N VAL A 448 10.00 48.71 -9.76
CA VAL A 448 9.32 47.39 -9.73
C VAL A 448 8.15 47.40 -10.71
N ILE A 449 8.06 46.36 -11.53
CA ILE A 449 6.88 46.09 -12.41
C ILE A 449 6.23 44.78 -11.95
N ILE A 450 4.92 44.83 -11.71
CA ILE A 450 4.10 43.62 -11.41
C ILE A 450 3.22 43.35 -12.64
N LEU A 451 3.42 42.19 -13.29
CA LEU A 451 2.52 41.65 -14.35
C LEU A 451 1.77 40.47 -13.77
N SER A 452 0.53 40.72 -13.32
CA SER A 452 -0.31 39.71 -12.63
C SER A 452 -1.37 39.24 -13.61
N HIS A 453 -1.17 38.04 -14.16
CA HIS A 453 -2.12 37.37 -15.06
C HIS A 453 -2.36 38.24 -16.31
N GLN A 454 -1.34 38.93 -16.79
CA GLN A 454 -1.41 39.63 -18.09
C GLN A 454 -1.08 38.59 -19.16
N ILE A 455 -2.12 37.88 -19.57
CA ILE A 455 -2.01 36.60 -20.32
C ILE A 455 -1.49 36.85 -21.74
N ALA A 456 -1.52 38.08 -22.26
CA ALA A 456 -1.03 38.39 -23.63
C ALA A 456 0.10 39.44 -23.57
N LEU A 457 1.30 39.03 -24.04
CA LEU A 457 2.51 39.88 -24.27
C LEU A 457 3.10 39.53 -25.63
N ASP A 458 3.41 40.53 -26.47
CA ASP A 458 4.05 40.27 -27.79
C ASP A 458 5.57 40.46 -27.68
N ASN A 459 6.28 40.21 -28.78
CA ASN A 459 7.75 40.29 -28.90
C ASN A 459 8.20 41.72 -28.55
N LYS A 460 7.58 42.72 -29.13
CA LYS A 460 7.92 44.16 -28.94
C LYS A 460 8.01 44.47 -27.43
N VAL A 461 7.04 44.02 -26.62
CA VAL A 461 6.93 44.40 -25.18
C VAL A 461 7.92 43.55 -24.38
N ILE A 462 8.10 42.29 -24.75
CA ILE A 462 9.10 41.41 -24.09
C ILE A 462 10.49 42.06 -24.22
N LYS A 463 10.84 42.65 -25.37
CA LYS A 463 12.12 43.37 -25.54
C LYS A 463 12.19 44.54 -24.55
N GLN A 464 11.09 45.29 -24.40
CA GLN A 464 11.02 46.44 -23.46
C GLN A 464 11.22 45.92 -22.03
N LEU A 465 10.63 44.77 -21.68
CA LEU A 465 10.73 44.19 -20.32
C LEU A 465 12.18 43.71 -20.10
N GLU A 466 12.78 43.09 -21.12
CA GLU A 466 14.20 42.63 -21.11
C GLU A 466 15.10 43.83 -20.79
N SER A 467 14.90 44.94 -21.49
CA SER A 467 15.65 46.22 -21.30
C SER A 467 15.47 46.73 -19.86
N PHE A 468 14.23 46.75 -19.37
CA PHE A 468 13.85 47.26 -18.03
C PHE A 468 14.64 46.51 -16.95
N VAL A 469 14.69 45.18 -17.03
CA VAL A 469 15.31 44.33 -15.96
C VAL A 469 16.83 44.45 -16.08
N GLU A 470 17.35 44.39 -17.30
CA GLU A 470 18.79 44.52 -17.62
C GLU A 470 19.35 45.75 -16.90
N LYS A 471 18.61 46.84 -16.95
CA LYS A 471 19.02 48.16 -16.40
C LYS A 471 18.61 48.31 -14.92
N GLY A 472 18.30 47.22 -14.20
CA GLY A 472 18.13 47.23 -12.73
C GLY A 472 16.70 46.99 -12.23
N GLY A 473 15.71 46.91 -13.12
CA GLY A 473 14.30 46.73 -12.74
C GLY A 473 14.05 45.39 -12.07
N THR A 474 13.13 45.33 -11.10
CA THR A 474 12.55 44.09 -10.56
C THR A 474 11.23 43.82 -11.30
N LEU A 475 11.06 42.62 -11.87
CA LEU A 475 9.81 42.16 -12.54
C LEU A 475 9.22 41.00 -11.72
N ILE A 476 8.02 41.17 -11.17
CA ILE A 476 7.24 40.10 -10.50
C ILE A 476 6.10 39.69 -11.44
N ALA A 477 6.00 38.41 -11.80
CA ALA A 477 4.93 37.91 -12.68
C ALA A 477 4.27 36.68 -12.06
N ASP A 478 2.94 36.62 -12.05
CA ASP A 478 2.19 35.43 -11.56
C ASP A 478 1.05 35.10 -12.55
N GLY A 479 0.33 34.02 -12.25
CA GLY A 479 -0.74 33.47 -13.10
C GLY A 479 -0.23 33.15 -14.48
N LEU A 480 -1.03 33.45 -15.51
CA LEU A 480 -0.76 33.01 -16.90
C LEU A 480 -0.10 34.14 -17.68
N THR A 481 0.66 34.99 -17.00
CA THR A 481 1.34 36.10 -17.70
C THR A 481 2.18 35.52 -18.86
N GLY A 482 1.99 36.04 -20.06
CA GLY A 482 2.80 35.70 -21.25
C GLY A 482 2.42 34.37 -21.87
N TYR A 483 1.33 33.71 -21.44
CA TYR A 483 0.92 32.42 -22.02
C TYR A 483 0.64 32.60 -23.52
N TYR A 484 0.01 33.72 -23.91
CA TYR A 484 -0.29 34.04 -25.33
C TYR A 484 0.48 35.29 -25.74
N ASP A 485 0.46 35.54 -27.05
CA ASP A 485 0.90 36.80 -27.68
C ASP A 485 -0.36 37.59 -28.09
N TYR A 486 -0.19 38.70 -28.81
CA TYR A 486 -1.29 39.63 -29.15
C TYR A 486 -2.18 39.01 -30.22
N GLN A 487 -1.84 37.83 -30.74
CA GLN A 487 -2.68 37.18 -31.78
C GLN A 487 -3.31 35.91 -31.23
N ALA A 488 -3.24 35.75 -29.90
CA ALA A 488 -3.78 34.60 -29.14
C ALA A 488 -3.03 33.33 -29.54
N HIS A 489 -1.84 33.47 -30.13
CA HIS A 489 -0.90 32.33 -30.38
C HIS A 489 -0.08 32.16 -29.11
N SER A 490 0.06 30.94 -28.63
CA SER A 490 0.78 30.66 -27.36
C SER A 490 2.22 30.22 -27.71
N THR A 491 3.20 31.03 -27.35
CA THR A 491 4.62 30.68 -27.52
C THR A 491 4.98 29.58 -26.52
N VAL A 492 4.21 29.41 -25.44
CA VAL A 492 4.41 28.29 -24.46
C VAL A 492 4.41 26.98 -25.24
N VAL A 493 3.58 26.89 -26.28
CA VAL A 493 3.43 25.69 -27.14
C VAL A 493 4.54 25.65 -28.21
N SER A 494 4.77 26.75 -28.93
CA SER A 494 5.62 26.81 -30.16
C SER A 494 7.09 27.14 -29.86
N GLY A 495 7.41 27.78 -28.72
CA GLY A 495 8.76 28.27 -28.36
C GLY A 495 8.70 29.52 -27.51
N PHE A 496 8.81 29.36 -26.19
CA PHE A 496 8.46 30.37 -25.14
C PHE A 496 9.29 31.65 -25.35
N ALA A 497 8.63 32.75 -25.69
CA ALA A 497 9.24 34.06 -25.99
C ALA A 497 9.83 34.71 -24.73
N LEU A 498 9.44 34.27 -23.52
CA LEU A 498 9.94 34.84 -22.25
C LEU A 498 10.99 33.88 -21.61
N GLU A 499 11.44 32.83 -22.31
CA GLU A 499 12.46 31.91 -21.77
C GLU A 499 13.73 32.69 -21.39
N ASN A 500 14.16 33.61 -22.26
CA ASN A 500 15.39 34.43 -22.06
C ASN A 500 15.27 35.20 -20.73
N LEU A 501 14.19 35.95 -20.53
CA LEU A 501 14.04 36.85 -19.36
C LEU A 501 13.79 36.06 -18.07
N PHE A 502 12.98 35.00 -18.12
CA PHE A 502 12.54 34.24 -16.91
C PHE A 502 13.63 33.22 -16.53
N GLY A 503 14.49 32.89 -17.50
CA GLY A 503 15.59 31.93 -17.31
C GLY A 503 15.01 30.55 -17.05
N SER A 504 13.84 30.27 -17.62
CA SER A 504 13.04 29.04 -17.34
C SER A 504 11.95 28.89 -18.39
N TYR A 505 11.28 27.76 -18.37
CA TYR A 505 10.31 27.29 -19.40
C TYR A 505 9.15 26.68 -18.62
N PRO A 506 7.89 26.90 -19.02
CA PRO A 506 6.76 26.20 -18.40
C PRO A 506 6.72 24.72 -18.84
N ILE A 507 6.24 23.84 -17.98
CA ILE A 507 6.13 22.38 -18.21
C ILE A 507 4.64 22.01 -18.39
N GLU A 508 3.81 22.19 -17.36
CA GLU A 508 2.34 21.92 -17.37
C GLU A 508 1.59 23.01 -16.59
N TYR A 509 0.32 23.25 -16.94
CA TYR A 509 -0.72 23.79 -16.02
C TYR A 509 -1.66 22.64 -15.69
N LYS A 510 -1.91 22.37 -14.41
CA LYS A 510 -2.96 21.41 -13.98
C LYS A 510 -4.08 22.18 -13.25
N ILE A 511 -5.30 22.13 -13.75
CA ILE A 511 -6.47 22.74 -13.06
C ILE A 511 -6.71 21.98 -11.75
N LYS A 512 -7.16 22.67 -10.71
CA LYS A 512 -7.40 22.17 -9.34
C LYS A 512 -8.74 22.73 -8.84
N GLU A 513 -8.97 22.79 -7.54
CA GLU A 513 -10.11 23.52 -6.94
C GLU A 513 -10.04 25.01 -7.28
N ASN A 514 -11.14 25.72 -7.01
CA ASN A 514 -11.23 27.21 -7.01
C ASN A 514 -10.12 27.83 -6.16
N LEU A 515 -9.81 27.18 -5.03
CA LEU A 515 -8.81 27.64 -4.03
C LEU A 515 -8.00 26.43 -3.55
N PHE A 516 -6.68 26.43 -3.80
CA PHE A 516 -5.74 25.41 -3.32
C PHE A 516 -4.56 26.12 -2.65
N SER A 517 -3.68 25.31 -2.06
CA SER A 517 -2.43 25.76 -1.40
C SER A 517 -1.21 25.37 -2.26
N LEU A 518 -0.33 26.34 -2.56
CA LEU A 518 1.06 26.06 -2.98
C LEU A 518 1.90 25.84 -1.72
N ASP A 519 2.33 24.60 -1.49
CA ASP A 519 3.12 24.18 -0.30
C ASP A 519 4.59 24.07 -0.73
N PHE A 520 5.42 25.02 -0.33
CA PHE A 520 6.85 25.12 -0.70
C PHE A 520 7.62 24.05 0.07
N GLU A 521 8.71 23.54 -0.53
CA GLU A 521 9.55 22.45 0.02
C GLU A 521 10.15 22.91 1.35
N LYS A 522 10.56 24.19 1.45
CA LYS A 522 11.32 24.74 2.60
C LYS A 522 10.36 25.52 3.50
N ASP A 523 10.61 25.52 4.81
CA ASP A 523 9.99 26.42 5.84
C ASP A 523 8.49 26.14 6.02
N ASN A 524 7.94 25.04 5.46
CA ASN A 524 6.51 24.62 5.54
C ASN A 524 5.56 25.73 5.03
N TYR A 525 5.93 26.47 3.99
CA TYR A 525 5.38 27.84 3.72
C TYR A 525 4.36 27.78 2.58
N LYS A 526 3.25 28.52 2.73
CA LYS A 526 1.93 28.23 2.13
C LYS A 526 1.39 29.44 1.41
N LEU A 527 1.10 29.33 0.12
CA LEU A 527 0.43 30.43 -0.65
C LEU A 527 -0.96 29.98 -1.08
N PRO A 528 -2.05 30.71 -0.76
CA PRO A 528 -3.31 30.60 -1.49
C PRO A 528 -3.11 30.86 -3.00
N ALA A 529 -3.75 30.02 -3.83
CA ALA A 529 -3.67 30.04 -5.30
C ALA A 529 -5.01 29.62 -5.90
N HIS A 530 -5.35 30.18 -7.07
CA HIS A 530 -6.65 30.03 -7.74
C HIS A 530 -6.51 29.17 -9.01
N LEU A 531 -7.24 28.06 -9.07
CA LEU A 531 -7.67 27.38 -10.32
C LEU A 531 -6.55 26.53 -10.91
N TRP A 532 -5.39 27.11 -11.24
CA TRP A 532 -4.34 26.38 -12.01
C TRP A 532 -3.03 26.34 -11.23
N LYS A 533 -2.38 25.17 -11.16
CA LYS A 533 -0.98 25.03 -10.70
C LYS A 533 -0.06 24.94 -11.92
N GLY A 534 0.90 25.82 -11.99
CA GLY A 534 1.97 25.80 -13.01
C GLY A 534 3.24 25.18 -12.49
N THR A 535 3.91 24.40 -13.34
CA THR A 535 5.24 23.77 -13.09
C THR A 535 6.18 24.27 -14.18
N ILE A 536 7.46 24.47 -13.86
CA ILE A 536 8.50 24.98 -14.77
C ILE A 536 9.76 24.12 -14.64
N GLU A 537 10.64 24.21 -15.64
CA GLU A 537 12.05 23.71 -15.68
C GLU A 537 12.94 24.96 -15.74
N THR A 538 13.87 25.12 -14.81
CA THR A 538 14.81 26.29 -14.82
C THR A 538 16.01 25.95 -15.72
N SER A 539 16.51 26.91 -16.51
CA SER A 539 17.85 26.85 -17.15
C SER A 539 18.79 27.79 -16.37
N LYS A 540 18.80 29.10 -16.62
CA LYS A 540 19.65 30.08 -15.90
C LYS A 540 19.11 30.41 -14.48
N ALA A 541 17.81 30.33 -14.23
CA ALA A 541 17.17 30.87 -13.01
C ALA A 541 17.31 29.87 -11.86
N THR A 542 17.19 30.35 -10.63
CA THR A 542 17.29 29.52 -9.39
C THR A 542 15.93 28.91 -9.13
N PRO A 543 15.78 27.58 -9.12
CA PRO A 543 14.46 26.99 -8.88
C PRO A 543 14.01 27.15 -7.42
N ILE A 544 12.69 27.18 -7.23
CA ILE A 544 11.97 27.00 -5.94
C ILE A 544 11.03 25.79 -6.10
N MET A 545 11.10 24.79 -5.22
CA MET A 545 10.36 23.50 -5.35
C MET A 545 9.22 23.47 -4.33
N ASP A 546 8.22 22.62 -4.55
CA ASP A 546 7.11 22.35 -3.60
C ASP A 546 7.39 21.00 -2.91
N LYS A 547 6.58 20.63 -1.91
CA LYS A 547 6.78 19.40 -1.10
C LYS A 547 6.72 18.16 -2.02
N GLU A 548 6.05 18.24 -3.16
CA GLU A 548 5.83 17.11 -4.11
C GLU A 548 7.04 16.98 -5.04
N GLY A 549 8.09 17.80 -4.88
CA GLY A 549 9.32 17.75 -5.70
C GLY A 549 9.19 18.39 -7.08
N GLU A 550 8.11 19.12 -7.36
CA GLU A 550 7.88 19.83 -8.66
C GLU A 550 8.42 21.25 -8.53
N CYS A 551 8.95 21.82 -9.60
CA CYS A 551 9.42 23.24 -9.64
C CYS A 551 8.25 24.19 -9.94
N ILE A 552 7.93 25.09 -9.01
CA ILE A 552 6.67 25.91 -9.03
C ILE A 552 6.95 27.42 -9.12
N ALA A 553 8.20 27.86 -9.00
CA ALA A 553 8.61 29.29 -9.07
C ALA A 553 10.13 29.40 -9.25
N CYS A 554 10.64 30.57 -9.61
CA CYS A 554 12.09 30.78 -9.80
C CYS A 554 12.44 32.26 -9.64
N ILE A 555 13.71 32.56 -9.34
CA ILE A 555 14.33 33.92 -9.41
C ILE A 555 15.46 33.86 -10.45
N ASN A 556 15.38 34.72 -11.47
CA ASN A 556 16.42 34.89 -12.51
C ASN A 556 17.14 36.22 -12.25
N GLN A 557 18.47 36.21 -12.13
CA GLN A 557 19.27 37.48 -12.18
C GLN A 557 19.54 37.73 -13.66
N TYR A 558 19.13 38.89 -14.17
CA TYR A 558 19.26 39.30 -15.59
C TYR A 558 19.83 40.72 -15.62
N GLY A 559 21.11 40.86 -16.01
CA GLY A 559 21.89 42.11 -15.89
C GLY A 559 21.90 42.59 -14.45
N LYS A 560 21.59 43.86 -14.22
CA LYS A 560 21.59 44.49 -12.88
C LYS A 560 20.28 44.21 -12.13
N GLY A 561 19.24 43.71 -12.76
CA GLY A 561 17.90 43.52 -12.14
C GLY A 561 17.52 42.06 -11.98
N LYS A 562 16.32 41.79 -11.45
CA LYS A 562 15.89 40.41 -11.11
C LYS A 562 14.44 40.18 -11.53
N VAL A 563 14.09 38.92 -11.77
CA VAL A 563 12.71 38.47 -12.14
C VAL A 563 12.27 37.40 -11.15
N PHE A 564 11.09 37.55 -10.57
CA PHE A 564 10.40 36.48 -9.79
C PHE A 564 9.19 36.03 -10.61
N TRP A 565 9.12 34.75 -10.97
CA TRP A 565 8.04 34.14 -11.77
C TRP A 565 7.43 32.99 -10.98
N ILE A 566 6.11 33.02 -10.79
CA ILE A 566 5.33 31.93 -10.12
C ILE A 566 4.04 31.77 -10.93
N PRO A 567 4.01 30.83 -11.90
CA PRO A 567 2.89 30.75 -12.86
C PRO A 567 1.58 30.13 -12.33
N SER A 568 1.43 29.99 -11.02
CA SER A 568 0.10 29.82 -10.37
C SER A 568 -0.48 31.19 -10.05
N PRO A 569 -1.82 31.41 -10.15
CA PRO A 569 -2.42 32.68 -9.73
C PRO A 569 -2.50 32.84 -8.20
N ILE A 570 -1.48 33.44 -7.60
CA ILE A 570 -1.41 33.72 -6.13
C ILE A 570 -2.16 35.01 -5.79
N ALA A 571 -2.29 35.95 -6.73
CA ALA A 571 -3.07 37.18 -6.57
C ALA A 571 -4.58 36.84 -6.53
N LEU A 572 -5.10 36.16 -7.55
CA LEU A 572 -6.51 35.71 -7.56
C LEU A 572 -6.70 34.76 -6.36
N GLY A 573 -5.67 34.04 -5.96
CA GLY A 573 -5.66 33.16 -4.76
C GLY A 573 -5.98 33.92 -3.48
N ALA A 574 -5.27 35.02 -3.23
CA ALA A 574 -5.57 35.93 -2.11
C ALA A 574 -6.99 36.50 -2.24
N ARG A 575 -7.41 36.94 -3.43
CA ARG A 575 -8.76 37.54 -3.62
C ARG A 575 -9.83 36.51 -3.24
N GLU A 576 -9.70 35.27 -3.71
CA GLU A 576 -10.71 34.21 -3.49
C GLU A 576 -10.71 33.80 -2.01
N SER A 577 -9.58 33.87 -1.32
CA SER A 577 -9.48 33.48 0.10
C SER A 577 -9.79 34.67 1.02
N LYS A 578 -9.96 35.87 0.43
CA LYS A 578 -10.24 37.14 1.15
C LYS A 578 -9.16 37.44 2.21
N ASP A 579 -7.91 37.06 1.93
CA ASP A 579 -6.75 37.35 2.80
C ASP A 579 -5.56 37.69 1.91
N PHE A 580 -5.09 38.94 1.93
CA PHE A 580 -3.93 39.42 1.14
C PHE A 580 -2.68 39.50 2.01
N SER A 581 -2.71 38.95 3.23
CA SER A 581 -1.57 39.04 4.19
C SER A 581 -0.34 38.32 3.62
N GLU A 582 -0.50 37.12 3.05
CA GLU A 582 0.67 36.35 2.57
C GLU A 582 1.20 36.98 1.28
N LEU A 583 0.33 37.47 0.40
CA LEU A 583 0.74 38.18 -0.84
C LEU A 583 1.52 39.45 -0.46
N SER A 584 1.08 40.15 0.58
CA SER A 584 1.79 41.35 1.11
C SER A 584 3.18 40.95 1.57
N LYS A 585 3.34 39.92 2.42
CA LYS A 585 4.66 39.52 3.00
C LYS A 585 5.61 39.10 1.88
N LEU A 586 5.17 38.26 0.94
CA LEU A 586 5.99 37.78 -0.21
C LEU A 586 6.50 38.98 -1.01
N THR A 587 5.60 39.90 -1.39
CA THR A 587 5.87 41.04 -2.31
C THR A 587 6.90 41.95 -1.65
N VAL A 588 6.71 42.27 -0.36
CA VAL A 588 7.66 43.07 0.46
C VAL A 588 9.05 42.43 0.41
N SER A 589 9.14 41.12 0.60
CA SER A 589 10.42 40.38 0.60
C SER A 589 11.12 40.48 -0.75
N LEU A 590 10.40 40.75 -1.85
CA LEU A 590 10.98 40.87 -3.22
C LEU A 590 11.40 42.32 -3.51
N LEU A 591 10.95 43.29 -2.72
CA LEU A 591 11.12 44.73 -3.06
C LEU A 591 12.56 45.16 -2.82
N PRO A 592 13.15 46.02 -3.68
CA PRO A 592 14.39 46.70 -3.34
C PRO A 592 14.33 47.39 -1.97
N ASN A 593 15.37 47.21 -1.12
CA ASN A 593 15.46 47.81 0.24
C ASN A 593 15.22 49.32 0.19
N LYS A 594 15.64 50.00 -0.89
CA LYS A 594 15.51 51.48 -1.04
C LYS A 594 14.04 51.93 -0.94
N ILE A 595 13.11 51.14 -1.47
CA ILE A 595 11.67 51.51 -1.46
C ILE A 595 11.17 51.56 -0.01
N LEU A 596 11.56 50.57 0.79
CA LEU A 596 11.11 50.43 2.21
C LEU A 596 11.81 51.44 3.11
N ASN A 597 13.00 51.95 2.74
CA ASN A 597 13.72 52.95 3.57
C ASN A 597 13.14 54.35 3.31
N ASP A 598 12.85 54.70 2.05
CA ASP A 598 12.49 56.08 1.60
C ASP A 598 10.98 56.36 1.66
N ASN A 599 10.13 55.33 1.65
CA ASN A 599 8.64 55.52 1.61
C ASN A 599 8.04 55.12 2.95
N PRO A 600 7.20 55.94 3.57
CA PRO A 600 6.45 55.49 4.73
C PRO A 600 5.51 54.32 4.34
N HIS A 601 5.48 53.31 5.20
CA HIS A 601 4.68 52.07 5.05
C HIS A 601 4.34 51.54 6.45
N PHE A 602 3.58 50.45 6.54
CA PHE A 602 3.19 49.84 7.84
C PHE A 602 4.28 48.84 8.26
N ASP A 603 4.55 48.75 9.57
CA ASP A 603 5.53 47.80 10.17
C ASP A 603 5.17 46.38 9.73
N LYS A 604 3.90 46.12 9.45
CA LYS A 604 3.40 44.81 8.96
C LYS A 604 2.08 45.00 8.21
N HIS A 605 1.51 43.92 7.69
CA HIS A 605 0.19 43.90 7.03
C HIS A 605 -0.90 44.24 8.06
N TYR A 606 -1.82 45.12 7.68
CA TYR A 606 -3.04 45.46 8.45
C TYR A 606 -4.25 45.22 7.55
N LYS A 607 -5.07 44.22 7.89
CA LYS A 607 -6.31 43.92 7.17
C LYS A 607 -7.21 45.16 7.26
N ASP A 608 -7.69 45.63 6.09
CA ASP A 608 -8.76 46.65 5.92
C ASP A 608 -8.26 48.02 6.39
N VAL A 609 -6.96 48.29 6.34
CA VAL A 609 -6.38 49.64 6.57
C VAL A 609 -5.62 50.02 5.30
N MET A 610 -5.63 51.29 4.92
CA MET A 610 -4.94 51.77 3.70
C MET A 610 -4.11 52.99 4.08
N MET A 611 -2.94 53.13 3.45
CA MET A 611 -2.12 54.35 3.53
C MET A 611 -1.50 54.62 2.16
N LYS A 612 -1.40 55.90 1.82
CA LYS A 612 -0.84 56.41 0.55
C LYS A 612 -0.21 57.77 0.87
N SER A 613 1.04 58.00 0.49
CA SER A 613 1.76 59.25 0.82
C SER A 613 1.84 60.14 -0.43
N PHE A 614 2.06 61.43 -0.21
CA PHE A 614 2.20 62.46 -1.27
C PHE A 614 3.08 63.60 -0.73
N LYS A 615 3.62 64.40 -1.64
CA LYS A 615 4.47 65.58 -1.31
C LYS A 615 3.75 66.87 -1.78
N SER A 616 4.01 67.98 -1.11
CA SER A 616 3.66 69.32 -1.61
C SER A 616 4.76 70.31 -1.21
N ASN A 617 5.39 70.91 -2.23
CA ASN A 617 6.60 71.79 -2.12
C ASN A 617 7.61 71.21 -1.10
N GLY A 618 8.08 69.97 -1.29
CA GLY A 618 9.13 69.36 -0.44
C GLY A 618 8.67 68.83 0.92
N THR A 619 7.46 69.13 1.42
CA THR A 619 6.89 68.48 2.64
C THR A 619 6.17 67.17 2.25
N MET A 620 6.37 66.12 3.04
CA MET A 620 5.72 64.80 2.84
C MET A 620 4.49 64.68 3.75
N TYR A 621 3.43 64.05 3.23
CA TYR A 621 2.16 63.76 3.93
C TYR A 621 1.81 62.28 3.75
N SER A 622 0.93 61.78 4.61
CA SER A 622 0.39 60.40 4.51
C SER A 622 -1.13 60.41 4.77
N LEU A 623 -1.88 59.78 3.87
CA LEU A 623 -3.34 59.54 4.01
C LEU A 623 -3.51 58.15 4.63
N ILE A 624 -4.28 58.04 5.70
CA ILE A 624 -4.58 56.75 6.39
C ILE A 624 -6.08 56.66 6.60
N ILE A 625 -6.66 55.52 6.27
CA ILE A 625 -8.13 55.25 6.37
C ILE A 625 -8.27 53.86 6.99
N ASN A 626 -9.02 53.76 8.08
CA ASN A 626 -9.31 52.49 8.79
C ASN A 626 -10.68 52.02 8.33
N LYS A 627 -10.77 50.91 7.61
CA LYS A 627 -12.06 50.33 7.12
C LYS A 627 -12.40 49.08 7.93
N SER A 628 -11.68 48.81 9.01
CA SER A 628 -11.92 47.64 9.90
C SER A 628 -13.04 47.98 10.89
N ALA A 629 -13.44 46.99 11.69
CA ALA A 629 -14.59 47.09 12.64
C ALA A 629 -14.09 47.65 13.97
N SER A 630 -12.77 47.72 14.18
CA SER A 630 -12.16 48.08 15.48
C SER A 630 -11.10 49.19 15.33
N VAL A 631 -10.88 49.92 16.42
CA VAL A 631 -9.76 50.89 16.59
C VAL A 631 -8.45 50.14 16.30
N GLN A 632 -7.62 50.66 15.41
CA GLN A 632 -6.32 50.06 15.02
C GLN A 632 -5.21 51.01 15.46
N THR A 633 -4.08 50.46 15.91
CA THR A 633 -2.83 51.19 16.18
C THR A 633 -1.80 50.78 15.14
N VAL A 634 -1.55 51.62 14.12
CA VAL A 634 -0.60 51.30 13.02
C VAL A 634 0.75 51.94 13.35
N ASP A 635 1.82 51.12 13.33
CA ASP A 635 3.22 51.62 13.40
C ASP A 635 3.63 51.99 11.98
N ILE A 636 3.83 53.28 11.72
CA ILE A 636 4.36 53.77 10.42
C ILE A 636 5.89 53.83 10.52
N VAL A 637 6.60 53.15 9.62
CA VAL A 637 8.09 53.17 9.53
C VAL A 637 8.46 53.65 8.12
N GLY A 638 9.73 53.96 7.89
CA GLY A 638 10.21 54.56 6.63
C GLY A 638 9.85 56.04 6.60
N GLY A 639 10.35 56.78 5.61
CA GLY A 639 10.30 58.26 5.59
C GLY A 639 11.15 58.89 6.69
N LYS A 640 10.83 60.13 7.08
CA LYS A 640 11.61 60.93 8.06
C LYS A 640 10.67 61.85 8.85
N GLY A 641 10.92 62.00 10.14
CA GLY A 641 10.38 63.11 10.94
C GLY A 641 9.28 62.67 11.87
N LYS A 642 8.64 63.64 12.53
CA LYS A 642 7.56 63.44 13.52
C LYS A 642 6.20 63.54 12.80
N ALA A 643 5.39 62.49 12.93
CA ALA A 643 3.96 62.48 12.52
C ALA A 643 3.22 63.56 13.30
N PHE A 644 2.66 64.55 12.60
CA PHE A 644 1.70 65.53 13.13
C PHE A 644 0.36 65.37 12.39
N ILE A 645 -0.73 65.27 13.13
CA ILE A 645 -2.11 65.08 12.59
C ILE A 645 -2.66 66.42 12.08
N LEU A 646 -2.71 66.59 10.76
CA LEU A 646 -3.17 67.81 10.04
C LEU A 646 -4.69 67.76 9.87
N PHE A 647 -5.25 66.58 9.66
CA PHE A 647 -6.70 66.32 9.42
C PHE A 647 -7.10 64.99 10.05
N ALA A 648 -8.26 64.95 10.71
CA ALA A 648 -8.83 63.75 11.36
C ALA A 648 -10.31 64.03 11.70
N ASN A 649 -11.23 63.24 11.16
CA ASN A 649 -12.69 63.49 11.37
C ASN A 649 -13.20 62.70 12.60
N LYS A 650 -12.35 62.01 13.37
CA LYS A 650 -12.77 61.30 14.62
C LYS A 650 -11.65 61.28 15.68
N ASN A 651 -10.90 62.39 15.84
CA ASN A 651 -9.97 62.59 16.99
C ASN A 651 -8.97 61.43 17.10
N ALA A 652 -8.37 61.03 15.99
CA ALA A 652 -7.16 60.19 16.02
C ALA A 652 -6.06 60.95 16.78
N HIS A 653 -5.16 60.24 17.45
CA HIS A 653 -3.97 60.77 18.14
C HIS A 653 -2.77 59.91 17.74
N SER A 654 -1.56 60.46 17.82
CA SER A 654 -0.28 59.76 17.50
C SER A 654 0.72 59.96 18.65
N THR A 655 1.26 58.88 19.18
CA THR A 655 2.43 58.87 20.09
C THR A 655 3.63 58.35 19.28
N ALA A 656 4.61 59.21 19.00
CA ALA A 656 5.76 58.92 18.10
C ALA A 656 5.18 58.66 16.71
N ASN A 657 5.46 57.50 16.11
CA ASN A 657 4.99 57.16 14.74
C ASN A 657 3.94 56.03 14.81
N LYS A 658 3.23 55.92 15.96
CA LYS A 658 2.09 54.98 16.16
C LYS A 658 0.77 55.79 16.11
N LEU A 659 -0.02 55.64 15.05
CA LEU A 659 -1.33 56.32 14.88
C LEU A 659 -2.45 55.43 15.43
N THR A 660 -3.24 55.95 16.36
CA THR A 660 -4.50 55.33 16.82
C THR A 660 -5.64 55.99 16.05
N ILE A 661 -6.32 55.21 15.20
CA ILE A 661 -7.33 55.68 14.19
C ILE A 661 -8.60 54.82 14.37
N SER A 662 -9.74 55.47 14.45
CA SER A 662 -11.07 54.84 14.70
C SER A 662 -11.65 54.26 13.41
N PRO A 663 -12.60 53.30 13.51
CA PRO A 663 -13.28 52.77 12.32
C PRO A 663 -13.88 53.91 11.48
N GLU A 664 -13.67 53.84 10.16
CA GLU A 664 -14.24 54.74 9.11
C GLU A 664 -13.55 56.12 9.12
N GLU A 665 -12.57 56.34 10.01
CA GLU A 665 -11.84 57.63 10.13
C GLU A 665 -10.85 57.80 8.99
N THR A 666 -10.74 59.04 8.47
CA THR A 666 -9.73 59.49 7.50
C THR A 666 -8.73 60.41 8.22
N VAL A 667 -7.43 60.13 8.13
CA VAL A 667 -6.34 60.89 8.81
C VAL A 667 -5.36 61.38 7.73
N ILE A 668 -4.99 62.66 7.75
CA ILE A 668 -3.79 63.16 7.00
C ILE A 668 -2.72 63.43 8.05
N ILE A 669 -1.53 62.87 7.85
CA ILE A 669 -0.32 63.15 8.66
C ILE A 669 0.58 64.09 7.86
N LYS A 670 1.09 65.14 8.52
CA LYS A 670 2.17 66.02 8.02
C LYS A 670 3.46 65.56 8.68
N TRP A 671 4.47 65.19 7.89
CA TRP A 671 5.79 64.76 8.41
C TRP A 671 6.66 66.00 8.58
N LYS A 672 7.13 66.24 9.81
CA LYS A 672 8.07 67.31 10.21
C LYS A 672 9.45 66.70 10.45
N VAL B 16 15.65 32.04 1.05
CA VAL B 16 15.67 30.80 1.89
C VAL B 16 14.71 29.73 1.34
N LEU B 17 13.88 30.07 0.34
CA LEU B 17 12.91 29.15 -0.33
C LEU B 17 13.66 28.23 -1.32
N PHE B 18 14.76 28.72 -1.92
CA PHE B 18 15.71 27.97 -2.80
C PHE B 18 16.18 26.71 -2.07
N GLN B 19 16.43 25.64 -2.82
CA GLN B 19 16.83 24.32 -2.30
C GLN B 19 18.33 24.33 -1.96
N GLY B 20 18.72 24.65 -0.73
CA GLY B 20 20.11 24.47 -0.26
C GLY B 20 20.53 23.00 -0.40
N PRO B 21 21.62 22.65 -1.14
CA PRO B 21 21.95 21.24 -1.42
C PRO B 21 21.99 20.45 -0.11
N ALA B 22 21.87 19.11 -0.14
CA ALA B 22 22.08 18.20 1.01
C ALA B 22 23.54 18.31 1.48
N GLU B 23 23.75 18.31 2.82
CA GLU B 23 25.07 18.25 3.49
C GLU B 23 25.76 16.95 3.07
N ARG B 24 26.98 17.05 2.54
CA ARG B 24 27.89 15.90 2.27
C ARG B 24 28.70 15.62 3.54
N ILE B 25 28.89 14.36 3.90
CA ILE B 25 29.65 14.02 5.14
C ILE B 25 31.13 14.35 4.92
N SER B 26 31.84 14.73 5.97
CA SER B 26 33.29 15.04 5.97
C SER B 26 33.91 14.66 7.32
N LYS B 27 35.23 14.67 7.41
CA LYS B 27 35.94 14.36 8.67
C LYS B 27 35.65 15.43 9.74
N GLN B 28 34.96 16.52 9.39
CA GLN B 28 34.57 17.60 10.36
C GLN B 28 33.07 17.57 10.67
N SER B 29 32.28 16.68 10.05
CA SER B 29 30.82 16.56 10.30
C SER B 29 30.60 16.27 11.78
N THR B 30 29.47 16.73 12.32
CA THR B 30 29.04 16.40 13.70
C THR B 30 28.61 14.93 13.70
N PRO B 31 29.14 14.10 14.63
CA PRO B 31 28.69 12.71 14.75
C PRO B 31 27.22 12.61 15.19
N PHE B 32 26.54 11.55 14.74
CA PHE B 32 25.12 11.25 15.07
C PHE B 32 24.99 9.85 15.65
N VAL B 33 23.97 9.66 16.48
CA VAL B 33 23.42 8.36 16.90
C VAL B 33 22.11 8.18 16.10
N GLY B 34 21.82 6.97 15.63
CA GLY B 34 20.65 6.71 14.76
C GLY B 34 20.28 5.24 14.84
N ALA B 35 19.27 4.82 14.08
CA ALA B 35 18.75 3.44 14.13
C ALA B 35 18.01 3.10 12.85
N GLN B 36 17.97 1.80 12.51
CA GLN B 36 17.17 1.26 11.39
C GLN B 36 15.71 1.51 11.73
N ILE B 37 14.95 2.07 10.79
CA ILE B 37 13.46 2.09 10.85
C ILE B 37 13.01 1.01 9.88
N PHE B 38 12.39 -0.06 10.39
CA PHE B 38 11.95 -1.22 9.58
C PHE B 38 10.53 -0.99 9.06
N ILE B 39 10.43 -0.78 7.75
CA ILE B 39 9.16 -0.53 7.00
C ILE B 39 8.82 -1.80 6.21
N GLU B 40 7.63 -2.36 6.42
CA GLU B 40 6.99 -3.45 5.62
C GLU B 40 5.49 -3.17 5.54
N PRO B 41 4.76 -3.73 4.56
CA PRO B 41 3.31 -3.58 4.50
C PRO B 41 2.65 -4.17 5.74
N GLY B 42 1.48 -3.68 6.09
CA GLY B 42 0.69 -4.05 7.29
C GLY B 42 0.77 -3.00 8.37
N GLN B 43 1.90 -2.29 8.50
CA GLN B 43 2.10 -1.21 9.53
C GLN B 43 1.12 -0.07 9.27
N THR B 44 0.61 0.58 10.31
CA THR B 44 -0.29 1.76 10.22
C THR B 44 0.53 3.06 10.27
N GLN B 45 -0.02 4.15 9.70
CA GLN B 45 0.49 5.55 9.85
C GLN B 45 0.79 5.86 11.33
N GLU B 46 -0.05 5.42 12.26
CA GLU B 46 0.04 5.75 13.72
C GLU B 46 1.27 5.08 14.32
N GLN B 47 1.57 3.82 13.95
CA GLN B 47 2.75 3.08 14.47
C GLN B 47 4.02 3.74 13.92
N ILE B 48 4.05 4.01 12.61
CA ILE B 48 5.26 4.59 11.97
C ILE B 48 5.57 5.94 12.63
N GLU B 49 4.55 6.77 12.88
CA GLU B 49 4.74 8.10 13.49
C GLU B 49 5.26 7.93 14.94
N GLN B 50 4.69 7.00 15.72
CA GLN B 50 5.14 6.71 17.10
C GLN B 50 6.66 6.48 17.10
N TRP B 51 7.17 5.75 16.09
CA TRP B 51 8.61 5.40 15.98
C TRP B 51 9.42 6.68 15.76
N PHE B 52 9.08 7.47 14.73
CA PHE B 52 9.87 8.67 14.36
C PHE B 52 9.85 9.70 15.49
N LYS B 53 8.70 9.87 16.16
CA LYS B 53 8.55 10.84 17.28
C LYS B 53 9.55 10.43 18.39
N LEU B 54 9.56 9.15 18.79
CA LEU B 54 10.42 8.65 19.89
C LEU B 54 11.89 8.65 19.46
N LEU B 55 12.15 8.43 18.16
CA LEU B 55 13.52 8.47 17.61
C LEU B 55 14.07 9.89 17.84
N ALA B 56 13.32 10.93 17.43
CA ALA B 56 13.69 12.35 17.62
C ALA B 56 13.87 12.69 19.11
N GLU B 57 12.96 12.22 19.97
CA GLU B 57 13.00 12.46 21.44
C GLU B 57 14.18 11.73 22.09
N SER B 58 14.76 10.73 21.44
CA SER B 58 15.93 9.97 21.97
C SER B 58 17.24 10.55 21.43
N ASN B 59 17.23 11.80 20.94
CA ASN B 59 18.44 12.54 20.50
C ASN B 59 19.11 11.83 19.31
N MET B 60 18.32 11.14 18.50
CA MET B 60 18.79 10.48 17.27
C MET B 60 18.34 11.34 16.09
N THR B 61 19.26 11.52 15.14
CA THR B 61 19.23 12.53 14.06
C THR B 61 18.93 11.82 12.72
N THR B 62 19.07 10.49 12.69
CA THR B 62 19.27 9.72 11.45
C THR B 62 18.67 8.32 11.61
N CYS B 63 18.10 7.80 10.52
CA CYS B 63 17.59 6.42 10.41
C CYS B 63 18.19 5.80 9.14
N ARG B 64 18.08 4.48 9.02
CA ARG B 64 18.34 3.76 7.75
C ARG B 64 17.07 2.98 7.39
N ILE B 65 16.76 2.93 6.10
CA ILE B 65 15.50 2.31 5.59
C ILE B 65 15.84 1.39 4.43
N ARG B 66 15.53 0.10 4.59
CA ARG B 66 15.69 -0.90 3.51
C ARG B 66 14.59 -0.64 2.47
N MET B 67 14.99 -0.19 1.27
CA MET B 67 14.06 0.20 0.17
C MET B 67 13.61 -1.04 -0.61
N PHE B 68 12.91 -1.95 0.07
CA PHE B 68 12.50 -3.27 -0.47
C PHE B 68 11.83 -3.10 -1.83
N GLY B 69 12.47 -3.53 -2.90
CA GLY B 69 11.84 -3.63 -4.24
C GLY B 69 10.55 -4.43 -4.17
N LYS B 70 10.49 -5.48 -3.36
CA LYS B 70 9.31 -6.38 -3.24
C LYS B 70 8.07 -5.58 -2.84
N TYR B 71 8.23 -4.52 -2.03
CA TYR B 71 7.10 -3.77 -1.45
C TYR B 71 6.79 -2.54 -2.31
N MET B 72 7.45 -2.41 -3.47
CA MET B 72 7.22 -1.29 -4.42
C MET B 72 6.80 -1.83 -5.79
N LYS B 73 7.26 -3.01 -6.19
CA LYS B 73 7.04 -3.54 -7.56
C LYS B 73 5.62 -4.11 -7.59
N THR B 74 4.89 -3.79 -8.66
CA THR B 74 3.53 -4.30 -8.96
C THR B 74 3.67 -5.49 -9.90
N PRO B 75 2.68 -6.40 -9.93
CA PRO B 75 2.67 -7.49 -10.92
C PRO B 75 3.09 -7.07 -12.35
N SER B 76 2.50 -5.99 -12.87
CA SER B 76 2.70 -5.39 -14.21
C SER B 76 4.17 -4.94 -14.41
N GLY B 77 4.90 -4.61 -13.35
CA GLY B 77 6.32 -4.19 -13.41
C GLY B 77 6.56 -2.74 -12.99
N THR B 78 5.58 -1.86 -13.11
CA THR B 78 5.67 -0.43 -12.66
C THR B 78 5.90 -0.38 -11.14
N TYR B 79 6.53 0.69 -10.65
CA TYR B 79 6.83 0.90 -9.20
C TYR B 79 5.76 1.80 -8.59
N ASP B 80 5.25 1.42 -7.42
CA ASP B 80 4.43 2.27 -6.53
C ASP B 80 5.26 2.57 -5.27
N PHE B 81 5.61 3.83 -5.03
CA PHE B 81 6.52 4.29 -3.98
C PHE B 81 5.77 4.63 -2.68
N THR B 82 4.45 4.42 -2.62
CA THR B 82 3.57 4.90 -1.52
C THR B 82 4.12 4.50 -0.14
N LEU B 83 4.49 3.23 0.04
CA LEU B 83 4.83 2.71 1.39
C LEU B 83 6.04 3.46 1.97
N PHE B 84 6.98 3.81 1.11
CA PHE B 84 8.26 4.48 1.49
C PHE B 84 8.11 6.00 1.46
N ASP B 85 7.26 6.56 0.59
CA ASP B 85 6.87 8.00 0.63
C ASP B 85 6.38 8.33 2.04
N ARG B 86 5.51 7.50 2.58
CA ARG B 86 4.87 7.68 3.91
C ARG B 86 5.98 7.78 4.97
N ALA B 87 7.00 6.93 4.89
CA ALA B 87 8.09 6.83 5.89
C ALA B 87 9.04 8.03 5.76
N PHE B 88 9.46 8.35 4.53
CA PHE B 88 10.34 9.50 4.21
C PHE B 88 9.69 10.79 4.68
N LYS B 89 8.38 10.94 4.45
CA LYS B 89 7.61 12.16 4.82
C LYS B 89 7.56 12.29 6.34
N LEU B 90 7.37 11.18 7.06
CA LEU B 90 7.30 11.20 8.55
C LEU B 90 8.70 11.46 9.14
N ALA B 91 9.74 10.90 8.54
CA ALA B 91 11.14 11.25 8.89
C ALA B 91 11.32 12.78 8.77
N ASP B 92 10.91 13.36 7.64
CA ASP B 92 11.06 14.81 7.34
C ASP B 92 10.31 15.65 8.37
N LYS B 93 9.11 15.24 8.75
CA LYS B 93 8.29 15.94 9.77
C LYS B 93 9.08 16.08 11.08
N TYR B 94 9.84 15.06 11.49
CA TYR B 94 10.59 15.03 12.77
C TYR B 94 12.08 15.31 12.55
N HIS B 95 12.46 15.84 11.38
CA HIS B 95 13.80 16.40 11.05
C HIS B 95 14.84 15.29 11.11
N ILE B 96 14.47 14.09 10.66
CA ILE B 96 15.31 12.87 10.66
C ILE B 96 15.80 12.63 9.24
N LYS B 97 17.12 12.53 9.04
CA LYS B 97 17.68 12.27 7.69
C LYS B 97 17.81 10.75 7.52
N VAL B 98 17.77 10.29 6.26
CA VAL B 98 17.59 8.87 5.88
C VAL B 98 18.83 8.38 5.11
N TYR B 99 19.44 7.29 5.59
CA TYR B 99 20.33 6.41 4.81
C TYR B 99 19.45 5.37 4.10
N ALA B 100 19.42 5.40 2.76
CA ALA B 100 18.47 4.58 1.97
C ALA B 100 19.22 3.43 1.33
N THR B 101 18.96 2.19 1.78
CA THR B 101 19.65 0.99 1.28
C THR B 101 18.97 0.51 0.02
N LEU B 102 19.69 0.48 -1.09
CA LEU B 102 19.20 -0.14 -2.35
C LEU B 102 19.05 -1.64 -2.07
N PHE B 103 17.86 -2.19 -2.26
CA PHE B 103 17.53 -3.59 -1.91
C PHE B 103 16.51 -4.11 -2.90
N PRO B 104 16.93 -4.56 -4.10
CA PRO B 104 16.02 -5.10 -5.10
C PRO B 104 15.13 -6.24 -4.65
N ASP B 105 14.13 -6.59 -5.46
CA ASP B 105 13.18 -7.71 -5.22
C ASP B 105 14.02 -8.97 -4.94
N THR B 106 13.65 -9.69 -3.87
CA THR B 106 14.28 -10.95 -3.42
C THR B 106 13.26 -11.73 -2.58
N GLU B 107 13.56 -12.98 -2.27
CA GLU B 107 12.67 -13.85 -1.46
C GLU B 107 12.47 -13.16 -0.11
N PHE B 108 11.27 -13.25 0.46
CA PHE B 108 10.92 -12.78 1.83
C PHE B 108 11.86 -13.39 2.87
N THR B 109 12.31 -14.64 2.66
CA THR B 109 13.14 -15.40 3.64
C THR B 109 14.62 -14.98 3.55
N ASP B 110 15.00 -14.18 2.55
CA ASP B 110 16.40 -13.68 2.36
C ASP B 110 16.64 -12.49 3.32
N VAL B 111 17.19 -12.75 4.50
CA VAL B 111 17.31 -11.75 5.60
C VAL B 111 18.25 -10.62 5.17
N GLY B 112 19.42 -10.93 4.61
CA GLY B 112 20.52 -9.96 4.41
C GLY B 112 20.62 -9.47 2.97
N GLY B 113 19.93 -10.12 2.03
CA GLY B 113 19.90 -9.75 0.60
C GLY B 113 20.97 -10.45 -0.20
N PHE B 114 20.72 -10.64 -1.48
CA PHE B 114 21.70 -11.20 -2.46
C PHE B 114 22.89 -10.24 -2.64
N LYS B 115 24.05 -10.81 -2.94
CA LYS B 115 25.37 -10.14 -2.90
C LYS B 115 25.88 -9.84 -4.30
N PHE B 116 25.28 -10.50 -5.31
CA PHE B 116 25.64 -10.37 -6.74
C PHE B 116 24.41 -10.72 -7.56
N PRO B 117 24.28 -10.18 -8.80
CA PRO B 117 23.21 -10.59 -9.71
C PRO B 117 23.25 -12.09 -10.01
N HIS B 118 22.09 -12.75 -10.08
CA HIS B 118 21.90 -14.19 -10.39
C HIS B 118 22.21 -14.45 -11.87
N SER B 119 21.96 -13.49 -12.77
CA SER B 119 21.91 -13.66 -14.26
C SER B 119 21.95 -12.30 -14.96
N ARG B 120 22.15 -12.27 -16.27
CA ARG B 120 22.17 -11.01 -17.06
C ARG B 120 20.76 -10.41 -17.02
N GLU B 121 19.74 -11.27 -17.02
CA GLU B 121 18.32 -10.86 -16.93
C GLU B 121 18.13 -10.17 -15.58
N HIS B 122 18.64 -10.78 -14.49
CA HIS B 122 18.55 -10.24 -13.12
C HIS B 122 19.31 -8.91 -13.03
N GLN B 123 20.47 -8.77 -13.65
CA GLN B 123 21.25 -7.50 -13.63
C GLN B 123 20.35 -6.38 -14.16
N LYS B 124 19.50 -6.66 -15.17
CA LYS B 124 18.63 -5.64 -15.80
C LYS B 124 17.47 -5.29 -14.87
N GLU B 125 16.91 -6.23 -14.12
CA GLU B 125 15.91 -5.93 -13.05
C GLU B 125 16.56 -4.96 -12.06
N VAL B 126 17.82 -5.15 -11.70
CA VAL B 126 18.53 -4.29 -10.71
C VAL B 126 18.74 -2.88 -11.31
N GLU B 127 19.13 -2.77 -12.58
CA GLU B 127 19.27 -1.48 -13.33
C GLU B 127 17.93 -0.72 -13.25
N ASP B 128 16.85 -1.41 -13.57
CA ASP B 128 15.49 -0.82 -13.62
C ASP B 128 15.10 -0.40 -12.20
N TYR B 129 15.43 -1.21 -11.18
CA TYR B 129 15.11 -0.94 -9.76
C TYR B 129 15.79 0.37 -9.36
N ILE B 130 17.07 0.50 -9.69
CA ILE B 130 17.90 1.68 -9.28
C ILE B 130 17.33 2.93 -9.97
N LYS B 131 17.10 2.86 -11.29
CA LYS B 131 16.54 3.99 -12.09
C LYS B 131 15.27 4.49 -11.39
N ASN B 132 14.33 3.60 -11.05
CA ASN B 132 13.00 3.99 -10.47
C ASN B 132 13.22 4.59 -9.08
N VAL B 133 13.93 3.90 -8.18
CA VAL B 133 14.02 4.28 -6.73
C VAL B 133 14.85 5.57 -6.60
N VAL B 134 15.98 5.67 -7.26
CA VAL B 134 16.93 6.82 -7.09
C VAL B 134 16.30 8.08 -7.73
N SER B 135 15.73 7.95 -8.93
CA SER B 135 15.04 9.06 -9.62
C SER B 135 13.98 9.67 -8.69
N HIS B 136 13.18 8.83 -8.04
CA HIS B 136 12.09 9.26 -7.15
C HIS B 136 12.66 9.84 -5.84
N PHE B 137 13.45 9.09 -5.10
CA PHE B 137 13.73 9.39 -3.66
C PHE B 137 14.84 10.44 -3.51
N SER B 138 15.61 10.69 -4.57
CA SER B 138 16.61 11.78 -4.63
C SER B 138 15.94 13.14 -4.43
N GLN B 139 14.63 13.23 -4.63
CA GLN B 139 13.86 14.51 -4.54
C GLN B 139 13.70 14.94 -3.07
N TYR B 140 13.73 14.00 -2.11
CA TYR B 140 13.50 14.32 -0.68
C TYR B 140 14.72 15.06 -0.14
N LYS B 141 14.48 16.16 0.57
CA LYS B 141 15.55 17.02 1.12
C LYS B 141 16.21 16.32 2.33
N ASN B 142 15.54 15.36 2.99
CA ASN B 142 16.06 14.65 4.19
C ASN B 142 16.83 13.39 3.79
N LEU B 143 17.01 13.08 2.50
CA LEU B 143 17.89 11.94 2.07
C LEU B 143 19.35 12.32 2.33
N ALA B 144 20.07 11.51 3.13
CA ALA B 144 21.48 11.77 3.52
C ALA B 144 22.48 10.91 2.73
N ALA B 145 22.12 9.70 2.33
CA ALA B 145 23.05 8.74 1.70
C ALA B 145 22.30 7.58 1.05
N TRP B 146 22.88 7.07 -0.05
CA TRP B 146 22.54 5.78 -0.69
C TRP B 146 23.52 4.72 -0.16
N VAL B 147 23.01 3.67 0.48
CA VAL B 147 23.80 2.45 0.81
C VAL B 147 23.69 1.53 -0.41
N LEU B 148 24.77 1.38 -1.19
CA LEU B 148 24.78 0.76 -2.54
C LEU B 148 24.25 -0.68 -2.46
N ILE B 149 24.58 -1.33 -1.34
CA ILE B 149 24.22 -2.74 -1.03
C ILE B 149 24.44 -2.95 0.47
N ASN B 150 23.54 -3.71 1.08
CA ASN B 150 23.67 -4.12 2.51
C ASN B 150 24.64 -5.29 2.61
N GLU B 151 25.64 -5.16 3.48
CA GLU B 151 26.56 -6.25 3.87
C GLU B 151 27.13 -6.90 2.61
N PRO B 152 27.92 -6.17 1.79
CA PRO B 152 28.64 -6.79 0.67
C PRO B 152 29.54 -7.93 1.15
N GLY B 153 29.66 -8.99 0.35
CA GLY B 153 30.57 -10.11 0.64
C GLY B 153 29.85 -11.28 1.31
N THR B 154 30.19 -12.50 0.89
CA THR B 154 29.62 -13.74 1.45
C THR B 154 30.75 -14.76 1.61
N PRO B 155 30.79 -15.52 2.73
CA PRO B 155 31.75 -16.62 2.87
C PRO B 155 31.74 -17.49 1.59
N ASN B 156 30.55 -17.93 1.16
CA ASN B 156 30.36 -18.88 0.01
C ASN B 156 29.74 -18.14 -1.16
N LEU B 157 30.53 -17.89 -2.21
CA LEU B 157 30.07 -17.19 -3.41
C LEU B 157 29.35 -18.17 -4.33
N PRO B 158 28.32 -17.72 -5.05
CA PRO B 158 27.56 -18.61 -5.92
C PRO B 158 28.21 -18.86 -7.29
N PHE B 159 29.28 -19.67 -7.34
CA PHE B 159 29.96 -20.11 -8.59
C PHE B 159 29.03 -21.02 -9.40
N ASN B 160 28.01 -21.60 -8.75
CA ASN B 160 26.91 -22.39 -9.36
C ASN B 160 26.12 -21.51 -10.34
N GLU B 161 25.73 -20.30 -9.93
CA GLU B 161 24.82 -19.38 -10.67
C GLU B 161 25.48 -18.89 -11.97
N PRO B 162 24.72 -18.76 -13.07
CA PRO B 162 25.28 -18.45 -14.39
C PRO B 162 26.02 -17.11 -14.54
N PHE B 163 25.61 -16.08 -13.84
CA PHE B 163 26.26 -14.74 -13.91
C PHE B 163 27.66 -14.79 -13.28
N THR B 164 27.81 -15.36 -12.09
CA THR B 164 29.14 -15.48 -11.39
C THR B 164 30.06 -16.45 -12.16
N LYS B 165 29.52 -17.56 -12.66
CA LYS B 165 30.26 -18.55 -13.49
C LYS B 165 30.87 -17.85 -14.72
N GLU B 166 30.09 -17.03 -15.42
CA GLU B 166 30.50 -16.30 -16.66
C GLU B 166 31.54 -15.24 -16.29
N ARG B 167 31.38 -14.56 -15.17
CA ARG B 167 32.23 -13.42 -14.75
C ARG B 167 33.60 -14.00 -14.37
N PHE B 168 33.66 -15.22 -13.82
CA PHE B 168 34.92 -15.89 -13.42
C PHE B 168 35.65 -16.42 -14.66
N SER B 169 34.94 -17.06 -15.57
CA SER B 169 35.41 -17.50 -16.91
C SER B 169 36.05 -16.32 -17.68
N ASP B 170 35.30 -15.23 -17.85
CA ASP B 170 35.79 -13.95 -18.45
C ASP B 170 37.07 -13.52 -17.72
N TRP B 171 37.06 -13.51 -16.39
CA TRP B 171 38.19 -13.01 -15.57
C TRP B 171 39.45 -13.83 -15.87
N LYS B 172 39.31 -15.14 -16.00
CA LYS B 172 40.45 -16.07 -16.20
C LYS B 172 41.06 -15.87 -17.60
N LYS B 173 40.26 -15.57 -18.62
CA LYS B 173 40.73 -15.31 -20.01
C LYS B 173 41.53 -13.99 -20.08
N GLU B 174 41.28 -13.03 -19.19
CA GLU B 174 42.02 -11.74 -19.17
C GLU B 174 43.27 -11.84 -18.27
N HIS B 175 43.55 -12.98 -17.62
CA HIS B 175 44.67 -13.13 -16.64
C HIS B 175 45.49 -14.38 -16.97
N ASN B 176 46.76 -14.22 -17.35
CA ASN B 176 47.70 -15.33 -17.63
C ASN B 176 48.44 -15.72 -16.35
N PHE B 177 48.43 -17.02 -16.03
CA PHE B 177 49.20 -17.57 -14.87
C PHE B 177 50.09 -18.73 -15.35
N SER B 178 51.33 -18.74 -14.88
CA SER B 178 52.26 -19.90 -14.97
C SER B 178 52.02 -20.81 -13.76
N GLU B 179 52.16 -22.12 -13.97
CA GLU B 179 52.11 -23.17 -12.91
C GLU B 179 53.46 -23.20 -12.14
N TYR B 180 54.48 -22.45 -12.61
CA TYR B 180 55.83 -22.34 -11.95
C TYR B 180 56.22 -20.87 -11.73
N ASN B 181 57.12 -20.61 -10.77
CA ASN B 181 57.67 -19.26 -10.48
C ASN B 181 58.92 -19.05 -11.35
N GLU B 182 59.59 -17.90 -11.17
CA GLU B 182 60.78 -17.47 -11.96
C GLU B 182 61.85 -18.55 -11.85
N LYS B 183 62.11 -19.05 -10.62
CA LYS B 183 63.22 -20.00 -10.31
C LYS B 183 62.89 -21.43 -10.79
N GLY B 184 61.64 -21.73 -11.15
CA GLY B 184 61.23 -23.03 -11.73
C GLY B 184 60.34 -23.87 -10.82
N TYR B 185 60.13 -23.44 -9.54
CA TYR B 185 59.35 -24.18 -8.50
C TYR B 185 57.85 -24.11 -8.76
N PRO B 186 57.08 -25.16 -8.40
CA PRO B 186 55.62 -25.13 -8.47
C PRO B 186 55.04 -24.04 -7.57
N VAL B 187 53.85 -23.55 -7.92
CA VAL B 187 53.18 -22.41 -7.24
C VAL B 187 51.69 -22.68 -7.17
N LEU B 188 51.00 -22.11 -6.16
CA LEU B 188 49.55 -21.82 -6.24
C LEU B 188 49.38 -20.37 -6.70
N ASN B 189 48.32 -20.06 -7.43
CA ASN B 189 48.05 -18.70 -7.96
C ASN B 189 46.83 -18.03 -7.33
N PHE B 190 45.94 -18.77 -6.66
CA PHE B 190 44.75 -18.22 -5.94
C PHE B 190 43.89 -17.44 -6.93
N GLU B 191 43.61 -18.04 -8.08
CA GLU B 191 42.71 -17.48 -9.12
C GLU B 191 41.37 -17.12 -8.48
N LYS B 192 40.74 -18.06 -7.78
CA LYS B 192 39.43 -17.86 -7.09
C LYS B 192 39.50 -16.61 -6.20
N GLU B 193 40.51 -16.50 -5.32
CA GLU B 193 40.59 -15.43 -4.29
C GLU B 193 40.80 -14.06 -4.95
N ASN B 194 41.62 -13.99 -6.00
CA ASN B 194 41.97 -12.71 -6.68
C ASN B 194 40.78 -12.26 -7.54
N PHE B 195 40.12 -13.20 -8.21
CA PHE B 195 38.83 -12.96 -8.89
C PHE B 195 37.83 -12.33 -7.92
N ILE B 196 37.67 -12.91 -6.73
CA ILE B 196 36.63 -12.48 -5.75
C ILE B 196 36.89 -11.03 -5.32
N ILE B 197 38.14 -10.67 -5.09
CA ILE B 197 38.49 -9.24 -4.79
C ILE B 197 37.95 -8.38 -5.93
N ASP B 198 38.31 -8.71 -7.18
CA ASP B 198 38.10 -7.86 -8.38
C ASP B 198 36.60 -7.81 -8.72
N TYR B 199 35.86 -8.84 -8.31
CA TYR B 199 34.40 -8.99 -8.55
C TYR B 199 33.63 -8.10 -7.58
N HIS B 200 34.04 -8.04 -6.31
CA HIS B 200 33.52 -7.08 -5.31
C HIS B 200 33.81 -5.67 -5.80
N ASN B 201 35.07 -5.36 -6.12
CA ASN B 201 35.46 -4.04 -6.68
C ASN B 201 34.48 -3.70 -7.82
N TRP B 202 34.30 -4.63 -8.77
CA TRP B 202 33.50 -4.39 -9.99
C TRP B 202 32.04 -4.07 -9.64
N TYR B 203 31.33 -4.94 -8.90
CA TYR B 203 29.87 -4.79 -8.67
C TYR B 203 29.59 -3.55 -7.81
N LEU B 204 30.38 -3.26 -6.77
CA LEU B 204 30.13 -2.04 -5.95
C LEU B 204 30.35 -0.80 -6.80
N ASN B 205 31.41 -0.76 -7.62
CA ASN B 205 31.70 0.37 -8.55
C ASN B 205 30.53 0.52 -9.53
N TRP B 206 30.00 -0.59 -10.03
CA TRP B 206 28.90 -0.60 -11.02
C TRP B 206 27.60 -0.05 -10.39
N LEU B 207 27.28 -0.46 -9.15
CA LEU B 207 26.16 0.11 -8.38
C LEU B 207 26.37 1.62 -8.20
N ALA B 208 27.56 2.06 -7.78
CA ALA B 208 27.84 3.50 -7.61
C ALA B 208 27.55 4.25 -8.92
N ASN B 209 27.98 3.69 -10.07
CA ASN B 209 27.82 4.34 -11.40
C ASN B 209 26.33 4.41 -11.77
N GLN B 210 25.55 3.36 -11.49
CA GLN B 210 24.10 3.34 -11.79
C GLN B 210 23.39 4.45 -11.00
N VAL B 211 23.71 4.62 -9.72
CA VAL B 211 23.11 5.68 -8.87
C VAL B 211 23.46 7.03 -9.49
N ARG B 212 24.73 7.22 -9.87
CA ARG B 212 25.29 8.50 -10.40
C ARG B 212 24.61 8.88 -11.75
N LEU B 213 24.04 7.92 -12.52
CA LEU B 213 23.26 8.26 -13.73
C LEU B 213 22.10 9.20 -13.34
N TYR B 214 21.54 9.05 -12.14
CA TYR B 214 20.29 9.74 -11.73
C TYR B 214 20.52 10.68 -10.56
N ASP B 215 21.54 10.49 -9.71
CA ASP B 215 21.78 11.37 -8.53
C ASP B 215 23.28 11.49 -8.30
N LYS B 216 23.85 12.69 -8.51
CA LYS B 216 25.27 13.02 -8.21
C LYS B 216 25.36 13.88 -6.93
N GLN B 217 24.24 14.11 -6.24
CA GLN B 217 24.18 15.09 -5.13
C GLN B 217 24.41 14.39 -3.77
N HIS B 218 24.15 13.10 -3.64
CA HIS B 218 24.10 12.42 -2.31
C HIS B 218 25.27 11.46 -2.13
N ASP B 219 25.73 11.33 -0.88
CA ASP B 219 26.84 10.44 -0.44
C ASP B 219 26.54 8.97 -0.79
N LEU B 220 27.53 8.25 -1.31
CA LEU B 220 27.49 6.77 -1.51
C LEU B 220 28.21 6.10 -0.33
N HIS B 221 27.55 5.10 0.26
CA HIS B 221 27.94 4.37 1.49
C HIS B 221 27.81 2.86 1.23
N VAL B 222 28.52 2.03 2.00
CA VAL B 222 28.42 0.54 1.96
C VAL B 222 28.87 -0.02 3.32
N ASN B 223 28.27 -1.10 3.83
CA ASN B 223 28.57 -1.62 5.19
C ASN B 223 29.18 -3.03 5.11
N PRO B 224 30.52 -3.18 4.92
CA PRO B 224 31.17 -4.48 5.06
C PRO B 224 31.00 -5.07 6.48
N HIS B 225 31.03 -6.39 6.60
CA HIS B 225 30.58 -7.11 7.81
C HIS B 225 31.47 -8.32 8.12
N ASN B 226 31.36 -8.86 9.34
CA ASN B 226 32.06 -10.09 9.76
C ASN B 226 33.52 -9.95 9.33
N VAL B 227 34.11 -8.79 9.63
CA VAL B 227 35.38 -8.36 9.00
C VAL B 227 36.55 -9.22 9.47
N PHE B 228 36.48 -9.83 10.66
CA PHE B 228 37.57 -10.73 11.13
C PHE B 228 37.62 -12.02 10.32
N LYS B 229 36.58 -12.33 9.56
CA LYS B 229 36.53 -13.53 8.67
C LYS B 229 36.54 -13.09 7.20
N LEU B 230 35.87 -12.01 6.82
CA LEU B 230 35.60 -11.64 5.40
C LEU B 230 36.59 -10.57 4.88
N SER B 231 37.58 -10.16 5.67
CA SER B 231 38.55 -9.11 5.27
C SER B 231 39.27 -9.48 3.96
N GLY B 232 39.35 -10.77 3.64
CA GLY B 232 40.00 -11.29 2.42
C GLY B 232 39.19 -11.09 1.15
N LEU B 233 37.96 -10.56 1.26
CA LEU B 233 37.05 -10.18 0.14
C LEU B 233 37.14 -8.69 -0.16
N TYR B 234 37.75 -7.93 0.76
CA TYR B 234 37.62 -6.46 0.81
C TYR B 234 38.93 -5.78 0.39
N ASP B 235 38.91 -5.08 -0.75
CA ASP B 235 39.99 -4.18 -1.24
C ASP B 235 39.54 -2.73 -0.96
N PHE B 236 39.67 -2.29 0.30
CA PHE B 236 39.13 -0.98 0.76
C PHE B 236 39.79 0.17 -0.01
N PRO B 237 41.11 0.16 -0.30
CA PRO B 237 41.70 1.23 -1.12
C PRO B 237 40.99 1.40 -2.47
N THR B 238 40.62 0.33 -3.17
CA THR B 238 39.91 0.50 -4.46
C THR B 238 38.54 1.13 -4.20
N TRP B 239 37.87 0.77 -3.10
CA TRP B 239 36.47 1.24 -2.80
C TRP B 239 36.45 2.76 -2.59
N ARG B 240 37.52 3.34 -2.04
CA ARG B 240 37.67 4.82 -1.79
C ARG B 240 37.41 5.61 -3.08
N THR B 241 37.70 5.04 -4.26
CA THR B 241 37.59 5.68 -5.59
C THR B 241 36.14 6.12 -5.85
N PHE B 242 35.14 5.38 -5.35
CA PHE B 242 33.71 5.64 -5.70
C PHE B 242 32.81 5.85 -4.46
N LEU B 243 33.26 5.60 -3.23
CA LEU B 243 32.45 5.88 -2.01
C LEU B 243 32.73 7.31 -1.55
N ASN B 244 31.81 7.86 -0.76
CA ASN B 244 31.98 9.14 -0.01
C ASN B 244 32.25 8.85 1.46
N SER B 245 31.78 7.70 1.96
CA SER B 245 32.05 7.22 3.33
C SER B 245 32.07 5.68 3.35
N LEU B 246 32.79 5.11 4.31
CA LEU B 246 32.85 3.64 4.52
C LEU B 246 32.08 3.33 5.81
N GLY B 247 31.20 2.35 5.69
CA GLY B 247 30.38 1.84 6.80
C GLY B 247 30.96 0.56 7.35
N GLY B 248 30.19 -0.08 8.23
CA GLY B 248 30.45 -1.43 8.75
C GLY B 248 29.24 -1.93 9.52
N SER B 249 28.99 -3.23 9.49
CA SER B 249 28.21 -3.95 10.52
C SER B 249 29.20 -4.51 11.53
N ALA B 250 28.98 -4.27 12.82
CA ALA B 250 29.71 -4.90 13.93
C ALA B 250 28.70 -5.37 14.99
N HIS B 251 28.08 -6.52 14.73
CA HIS B 251 27.05 -7.14 15.59
C HIS B 251 27.73 -8.09 16.59
N ALA B 252 27.57 -7.84 17.88
CA ALA B 252 28.07 -8.71 18.98
C ALA B 252 27.59 -10.14 18.80
N SER B 253 26.40 -10.36 18.22
CA SER B 253 25.78 -11.71 18.12
C SER B 253 26.26 -12.47 16.88
N TRP B 254 26.85 -11.81 15.88
CA TRP B 254 27.25 -12.45 14.59
C TRP B 254 28.78 -12.44 14.36
N HIS B 255 29.51 -11.42 14.81
CA HIS B 255 30.85 -11.05 14.26
C HIS B 255 32.00 -11.18 15.27
N PHE B 256 31.72 -11.47 16.56
CA PHE B 256 32.73 -11.42 17.64
C PHE B 256 32.99 -12.83 18.22
N GLY B 257 32.75 -13.87 17.42
CA GLY B 257 32.98 -15.26 17.81
C GLY B 257 34.41 -15.53 18.30
N TYR B 258 35.41 -14.79 17.82
CA TYR B 258 36.82 -14.95 18.29
C TYR B 258 37.00 -14.37 19.69
N PHE B 259 35.97 -13.85 20.35
CA PHE B 259 36.09 -13.24 21.71
C PHE B 259 34.97 -13.66 22.65
N PRO B 260 35.26 -13.73 23.96
CA PRO B 260 34.21 -13.81 24.98
C PRO B 260 33.56 -12.42 25.09
N ARG B 261 32.36 -12.40 25.68
CA ARG B 261 31.54 -11.17 25.82
C ARG B 261 32.29 -10.08 26.60
N LYS B 262 33.12 -10.45 27.58
CA LYS B 262 33.79 -9.45 28.47
C LYS B 262 34.88 -8.72 27.68
N ALA B 263 35.22 -9.20 26.46
CA ALA B 263 36.21 -8.54 25.57
C ALA B 263 35.56 -8.01 24.29
N TYR B 264 34.25 -7.81 24.27
CA TYR B 264 33.58 -7.23 23.08
C TYR B 264 34.04 -5.77 22.95
N THR B 265 34.53 -5.16 24.03
CA THR B 265 35.21 -3.82 23.99
C THR B 265 36.37 -3.87 23.01
N VAL B 266 37.26 -4.86 23.19
CA VAL B 266 38.48 -5.05 22.36
C VAL B 266 38.03 -5.36 20.93
N ALA B 267 37.00 -6.19 20.78
CA ALA B 267 36.43 -6.60 19.47
C ALA B 267 35.95 -5.35 18.73
N MET B 268 35.17 -4.52 19.41
CA MET B 268 34.58 -3.32 18.77
C MET B 268 35.72 -2.34 18.45
N SER B 269 36.71 -2.23 19.33
CA SER B 269 37.88 -1.36 19.11
C SER B 269 38.63 -1.81 17.84
N ALA B 270 38.92 -3.10 17.73
CA ALA B 270 39.65 -3.65 16.57
C ALA B 270 38.81 -3.50 15.30
N ASN B 271 37.51 -3.78 15.37
CA ASN B 271 36.58 -3.70 14.22
C ASN B 271 36.60 -2.25 13.71
N ALA B 272 36.59 -1.29 14.63
CA ALA B 272 36.63 0.16 14.31
C ALA B 272 37.97 0.52 13.67
N GLU B 273 39.08 0.07 14.24
CA GLU B 273 40.43 0.35 13.72
C GLU B 273 40.54 -0.19 12.29
N LEU B 274 39.95 -1.36 12.04
CA LEU B 274 40.02 -2.07 10.75
C LEU B 274 39.27 -1.26 9.69
N ILE B 275 38.08 -0.74 10.02
CA ILE B 275 37.28 0.08 9.06
C ILE B 275 37.96 1.43 8.84
N ARG B 276 38.42 2.06 9.92
CA ARG B 276 39.09 3.38 9.88
C ARG B 276 40.25 3.30 8.88
N SER B 277 41.07 2.26 9.01
CA SER B 277 42.23 1.99 8.12
C SER B 277 41.74 1.82 6.68
N GLY B 278 40.69 1.02 6.46
CA GLY B 278 40.10 0.83 5.12
C GLY B 278 39.65 2.16 4.51
N ALA B 279 39.12 3.03 5.36
CA ALA B 279 38.51 4.31 4.95
C ALA B 279 39.58 5.25 4.40
N GLY B 280 40.78 5.24 4.97
CA GLY B 280 41.86 6.20 4.60
C GLY B 280 41.40 7.65 4.64
N GLU B 281 41.45 8.37 3.51
CA GLU B 281 41.08 9.82 3.43
C GLU B 281 39.55 9.99 3.56
N LEU B 282 38.76 8.94 3.42
CA LEU B 282 37.28 8.99 3.58
C LEU B 282 36.90 8.96 5.05
N PRO B 283 35.82 9.66 5.44
CA PRO B 283 35.21 9.46 6.75
C PRO B 283 34.52 8.10 6.82
N TRP B 284 34.37 7.55 8.02
CA TRP B 284 33.68 6.25 8.23
C TRP B 284 32.65 6.39 9.35
N LEU B 285 31.70 5.46 9.40
CA LEU B 285 30.71 5.36 10.48
C LEU B 285 30.27 3.90 10.58
N MET B 286 29.70 3.50 11.71
CA MET B 286 29.24 2.12 11.93
C MET B 286 27.75 2.12 11.61
N THR B 287 27.39 1.54 10.46
CA THR B 287 26.02 1.58 9.89
C THR B 287 25.13 0.54 10.58
N GLU B 288 25.69 -0.42 11.31
CA GLU B 288 24.91 -1.54 11.92
C GLU B 288 25.55 -2.01 13.23
N LEU B 289 24.93 -1.63 14.36
CA LEU B 289 25.26 -2.11 15.73
C LEU B 289 24.04 -2.85 16.28
N GLN B 290 24.24 -3.78 17.21
CA GLN B 290 23.13 -4.57 17.79
C GLN B 290 22.34 -3.70 18.78
N GLY B 291 21.05 -3.47 18.50
CA GLY B 291 20.19 -2.62 19.33
C GLY B 291 19.29 -3.40 20.28
N GLY B 292 19.25 -4.72 20.19
CA GLY B 292 18.24 -5.50 20.93
C GLY B 292 18.49 -6.99 20.99
N ASN B 293 17.44 -7.72 21.33
CA ASN B 293 17.52 -9.09 21.86
C ASN B 293 17.52 -10.07 20.70
N ASN B 294 18.36 -11.09 20.78
CA ASN B 294 18.24 -12.33 19.98
C ASN B 294 17.26 -13.28 20.68
N LEU B 295 16.24 -13.75 19.94
CA LEU B 295 15.31 -14.81 20.37
C LEU B 295 15.78 -16.12 19.76
N TYR B 296 15.58 -16.29 18.45
CA TYR B 296 15.99 -17.49 17.65
C TYR B 296 17.22 -17.19 16.78
N SER B 297 17.56 -15.92 16.56
CA SER B 297 18.63 -15.49 15.61
C SER B 297 19.97 -15.31 16.34
N GLY B 298 21.03 -15.11 15.58
CA GLY B 298 22.40 -14.86 16.06
C GLY B 298 23.16 -16.14 16.31
N ALA B 299 24.48 -16.12 16.18
CA ALA B 299 25.40 -17.24 16.44
C ALA B 299 25.80 -17.26 17.92
N ASN B 300 26.01 -16.08 18.53
CA ASN B 300 26.33 -15.92 19.97
C ASN B 300 25.29 -14.99 20.56
N PRO B 301 24.08 -15.49 20.84
CA PRO B 301 22.95 -14.61 21.16
C PRO B 301 23.14 -13.80 22.44
N LEU B 302 22.61 -12.58 22.46
CA LEU B 302 22.60 -11.73 23.67
C LEU B 302 21.52 -10.67 23.55
N CYS B 303 21.29 -10.01 24.67
CA CYS B 303 20.59 -8.70 24.75
C CYS B 303 21.59 -7.69 25.29
N PRO B 304 22.08 -6.75 24.47
CA PRO B 304 23.08 -5.80 24.93
C PRO B 304 22.57 -5.13 26.21
N THR B 305 23.44 -5.00 27.22
CA THR B 305 23.19 -4.18 28.43
C THR B 305 23.24 -2.70 28.01
N ALA B 306 22.62 -1.82 28.79
CA ALA B 306 22.78 -0.36 28.65
C ALA B 306 24.27 -0.03 28.69
N GLU B 307 25.02 -0.65 29.59
CA GLU B 307 26.47 -0.38 29.79
C GLU B 307 27.19 -0.68 28.47
N GLU B 308 26.80 -1.76 27.77
CA GLU B 308 27.44 -2.20 26.49
C GLU B 308 27.09 -1.20 25.37
N ILE B 309 25.87 -0.64 25.34
CA ILE B 309 25.48 0.35 24.30
C ILE B 309 26.43 1.57 24.38
N ILE B 310 26.74 2.02 25.58
CA ILE B 310 27.56 3.25 25.82
C ILE B 310 29.01 2.96 25.45
N GLN B 311 29.54 1.82 25.90
CA GLN B 311 30.89 1.31 25.55
C GLN B 311 31.05 1.32 24.03
N TRP B 312 30.12 0.74 23.27
CA TRP B 312 30.28 0.57 21.80
C TRP B 312 30.26 1.95 21.14
N LEU B 313 29.37 2.87 21.56
CA LEU B 313 29.29 4.20 20.92
C LEU B 313 30.59 4.99 21.16
N TRP B 314 31.09 5.02 22.40
CA TRP B 314 32.31 5.77 22.76
C TRP B 314 33.52 5.13 22.06
N ILE B 315 33.62 3.81 22.02
CA ILE B 315 34.77 3.19 21.32
C ILE B 315 34.76 3.63 19.85
N ASN B 316 33.59 3.67 19.21
CA ASN B 316 33.53 4.02 17.77
C ASN B 316 33.92 5.50 17.60
N PHE B 317 33.37 6.41 18.39
CA PHE B 317 33.60 7.86 18.19
C PHE B 317 35.08 8.19 18.49
N ALA B 318 35.66 7.55 19.51
CA ALA B 318 37.07 7.71 19.91
C ALA B 318 37.98 7.17 18.82
N THR B 319 37.42 6.41 17.88
CA THR B 319 38.15 5.80 16.74
C THR B 319 37.69 6.48 15.44
N GLU B 320 37.23 7.74 15.54
CA GLU B 320 36.92 8.67 14.42
C GLU B 320 35.59 8.36 13.74
N ALA B 321 34.75 7.48 14.26
CA ALA B 321 33.43 7.19 13.65
C ALA B 321 32.61 8.49 13.58
N LYS B 322 31.91 8.73 12.48
CA LYS B 322 31.03 9.92 12.28
C LYS B 322 29.56 9.58 12.56
N GLY B 323 29.27 8.36 13.04
CA GLY B 323 27.90 7.96 13.41
C GLY B 323 27.87 6.54 13.91
N GLY B 324 26.85 6.21 14.71
CA GLY B 324 26.47 4.85 15.13
C GLY B 324 24.99 4.63 14.86
N ILE B 325 24.65 3.80 13.87
CA ILE B 325 23.25 3.38 13.54
C ILE B 325 23.00 1.99 14.12
N PHE B 326 22.05 1.86 15.03
CA PHE B 326 21.62 0.57 15.62
C PHE B 326 20.60 -0.16 14.73
N TRP B 327 20.79 -1.45 14.51
CA TRP B 327 19.74 -2.39 14.01
C TRP B 327 19.13 -3.09 15.22
N SER B 328 17.88 -2.78 15.56
CA SER B 328 17.01 -1.89 14.81
C SER B 328 16.16 -1.08 15.80
N PHE B 329 15.54 0.00 15.36
CA PHE B 329 14.67 0.84 16.24
C PHE B 329 13.45 -0.01 16.62
N ASN B 330 12.66 -0.38 15.60
CA ASN B 330 11.46 -1.26 15.73
C ASN B 330 11.81 -2.62 15.11
N ALA B 331 11.05 -3.66 15.41
CA ALA B 331 11.33 -5.03 14.91
C ALA B 331 10.49 -5.39 13.67
N ARG B 332 10.98 -6.36 12.91
CA ARG B 332 10.21 -7.14 11.92
C ARG B 332 9.09 -7.86 12.68
N SER B 333 8.04 -8.28 11.99
CA SER B 333 6.79 -8.80 12.60
C SER B 333 6.57 -10.27 12.27
N THR B 334 7.15 -10.80 11.17
CA THR B 334 6.88 -12.18 10.67
C THR B 334 8.18 -12.96 10.46
N ALA B 335 8.24 -14.21 10.95
CA ALA B 335 9.29 -15.21 10.63
C ALA B 335 10.64 -14.73 11.16
N ALA B 336 11.70 -14.86 10.35
CA ALA B 336 13.09 -14.50 10.73
C ALA B 336 13.08 -13.16 11.46
N GLU B 337 13.53 -13.17 12.71
CA GLU B 337 13.90 -11.97 13.50
C GLU B 337 12.65 -11.21 13.95
N ALA B 338 11.50 -11.88 14.00
CA ALA B 338 10.23 -11.23 14.42
C ALA B 338 10.30 -10.82 15.89
N GLY B 339 10.17 -9.54 16.18
CA GLY B 339 10.24 -9.01 17.55
C GLY B 339 11.63 -9.13 18.17
N GLU B 340 12.66 -9.35 17.36
CA GLU B 340 14.09 -9.36 17.76
C GLU B 340 14.82 -8.08 17.30
N TRP B 341 15.91 -7.72 18.01
CA TRP B 341 16.92 -6.69 17.63
C TRP B 341 16.49 -5.28 18.04
N ALA B 342 15.24 -5.05 18.47
CA ALA B 342 14.63 -3.71 18.59
C ALA B 342 15.10 -3.00 19.87
N MET B 343 15.27 -1.69 19.79
CA MET B 343 15.66 -0.81 20.92
C MET B 343 14.41 -0.40 21.70
N ILE B 344 13.26 -0.27 21.03
CA ILE B 344 11.95 -0.03 21.70
C ILE B 344 11.41 -1.38 22.18
N ASN B 345 10.63 -1.37 23.26
CA ASN B 345 9.93 -2.56 23.79
C ASN B 345 8.66 -2.76 22.95
N PHE B 346 7.80 -3.72 23.31
CA PHE B 346 6.66 -4.17 22.49
C PHE B 346 5.45 -3.23 22.66
N LYS B 347 5.55 -2.25 23.56
CA LYS B 347 4.56 -1.15 23.75
C LYS B 347 5.09 0.11 23.06
N ASN B 348 6.20 0.02 22.31
CA ASN B 348 6.78 1.12 21.50
C ASN B 348 7.40 2.20 22.40
N LYS B 349 7.80 1.85 23.63
CA LYS B 349 8.51 2.79 24.54
C LYS B 349 9.99 2.39 24.62
N SER B 350 10.79 3.23 25.29
CA SER B 350 12.27 3.07 25.41
C SER B 350 12.63 1.89 26.31
N SER B 351 13.42 0.96 25.78
CA SER B 351 14.22 0.00 26.59
C SER B 351 15.34 0.78 27.27
N ASP B 352 16.05 0.17 28.22
CA ASP B 352 17.22 0.82 28.87
C ASP B 352 18.31 1.05 27.81
N ARG B 353 18.23 0.35 26.69
CA ARG B 353 19.23 0.44 25.57
C ARG B 353 19.06 1.76 24.82
N LEU B 354 17.82 2.20 24.60
CA LEU B 354 17.51 3.47 23.90
C LEU B 354 17.77 4.64 24.85
N ILE B 355 17.41 4.50 26.14
CA ILE B 355 17.67 5.54 27.17
C ILE B 355 19.19 5.79 27.22
N ALA B 356 20.00 4.73 27.19
CA ALA B 356 21.49 4.82 27.15
C ALA B 356 21.97 5.51 25.87
N ALA B 357 21.53 5.06 24.69
CA ALA B 357 21.91 5.68 23.40
C ALA B 357 21.56 7.18 23.40
N ALA B 358 20.43 7.54 24.00
CA ALA B 358 19.96 8.94 24.06
C ALA B 358 20.95 9.79 24.88
N THR B 359 21.60 9.27 25.94
CA THR B 359 22.55 10.06 26.77
C THR B 359 23.73 10.48 25.89
N ILE B 360 24.04 9.70 24.86
CA ILE B 360 25.20 9.97 23.95
C ILE B 360 24.77 10.99 22.90
N GLY B 361 23.60 10.83 22.29
CA GLY B 361 23.01 11.86 21.41
C GLY B 361 23.03 13.24 22.08
N LYS B 362 22.68 13.29 23.35
CA LYS B 362 22.58 14.52 24.18
C LYS B 362 23.99 15.08 24.41
N PHE B 363 24.91 14.26 24.88
CA PHE B 363 26.33 14.66 25.11
C PHE B 363 26.87 15.32 23.83
N ILE B 364 26.60 14.77 22.65
CA ILE B 364 27.07 15.34 21.35
C ILE B 364 26.53 16.77 21.19
N THR B 365 25.22 16.99 21.32
CA THR B 365 24.60 18.32 21.01
C THR B 365 25.09 19.34 22.04
N GLU B 366 25.61 18.91 23.20
CA GLU B 366 26.16 19.77 24.29
C GLU B 366 27.69 19.91 24.21
N ASN B 367 28.38 19.23 23.28
CA ASN B 367 29.85 19.30 23.14
C ASN B 367 30.24 19.22 21.64
N VAL B 368 29.55 19.99 20.79
CA VAL B 368 29.59 19.87 19.30
C VAL B 368 31.03 20.03 18.77
N LYS B 369 31.77 21.05 19.23
CA LYS B 369 33.12 21.37 18.71
C LYS B 369 34.05 20.18 18.97
N MET B 370 34.05 19.65 20.20
CA MET B 370 34.88 18.50 20.60
C MET B 370 34.53 17.28 19.72
N MET B 371 33.25 16.89 19.66
CA MET B 371 32.86 15.59 19.05
C MET B 371 32.99 15.66 17.52
N SER B 372 33.00 16.87 16.94
CA SER B 372 33.01 17.07 15.47
C SER B 372 34.44 16.89 14.92
N ASN B 373 35.47 16.94 15.77
CA ASN B 373 36.88 17.09 15.30
C ASN B 373 37.80 16.00 15.88
N ILE B 374 37.24 14.87 16.26
CA ILE B 374 38.02 13.81 16.95
C ILE B 374 39.03 13.26 15.95
N LYS B 375 40.29 13.16 16.36
CA LYS B 375 41.36 12.44 15.63
C LYS B 375 41.99 11.44 16.58
N THR B 376 42.17 10.20 16.15
CA THR B 376 42.75 9.16 17.04
C THR B 376 44.17 9.62 17.38
N LEU B 377 44.63 9.45 18.61
CA LEU B 377 46.05 9.66 18.96
C LEU B 377 46.84 8.39 18.60
N ASN B 378 47.43 8.38 17.40
CA ASN B 378 48.31 7.29 16.90
C ASN B 378 49.51 7.15 17.84
N SER B 379 49.60 6.03 18.56
CA SER B 379 50.82 5.62 19.30
C SER B 379 51.99 5.52 18.33
N GLY B 380 51.70 5.23 17.05
CA GLY B 380 52.70 4.82 16.04
C GLY B 380 52.87 3.29 15.98
N ILE B 381 52.10 2.54 16.77
CA ILE B 381 52.07 1.05 16.68
C ILE B 381 51.02 0.69 15.61
N SER B 382 51.42 -0.10 14.62
CA SER B 382 50.52 -0.61 13.55
C SER B 382 50.59 -2.15 13.54
N ILE B 383 49.46 -2.83 13.80
CA ILE B 383 49.35 -4.31 13.64
C ILE B 383 48.81 -4.59 12.23
N LEU B 384 49.60 -5.28 11.41
CA LEU B 384 49.29 -5.46 9.98
C LEU B 384 48.82 -6.91 9.74
N TYR B 385 47.79 -7.05 8.94
CA TYR B 385 47.31 -8.34 8.39
C TYR B 385 47.37 -8.23 6.87
N ASN B 386 47.37 -9.34 6.14
CA ASN B 386 47.28 -9.28 4.66
C ASN B 386 46.37 -10.39 4.14
N HIS B 387 45.70 -10.09 3.01
CA HIS B 387 44.79 -11.03 2.32
C HIS B 387 45.52 -12.37 2.14
N GLU B 388 46.77 -12.31 1.70
CA GLU B 388 47.47 -13.50 1.17
C GLU B 388 47.73 -14.50 2.31
N SER B 389 48.01 -14.04 3.54
CA SER B 389 48.18 -14.93 4.72
C SER B 389 46.87 -15.70 4.95
N MET B 390 45.73 -15.07 4.74
CA MET B 390 44.42 -15.75 4.94
C MET B 390 44.19 -16.79 3.85
N TRP B 391 44.52 -16.46 2.58
CA TRP B 391 44.36 -17.33 1.38
C TRP B 391 45.24 -18.58 1.50
N VAL B 392 46.51 -18.38 1.82
CA VAL B 392 47.47 -19.50 2.03
C VAL B 392 47.00 -20.34 3.21
N GLU B 393 46.56 -19.74 4.32
CA GLU B 393 46.07 -20.52 5.48
C GLU B 393 44.89 -21.41 5.06
N ALA B 394 43.92 -20.88 4.32
CA ALA B 394 42.73 -21.64 3.84
C ALA B 394 43.18 -22.88 3.04
N ALA B 395 44.24 -22.75 2.22
CA ALA B 395 44.80 -23.85 1.41
C ALA B 395 45.52 -24.88 2.31
N GLN B 396 46.24 -24.45 3.34
CA GLN B 396 47.09 -25.35 4.18
C GLN B 396 46.25 -26.13 5.18
N THR B 397 45.24 -25.53 5.77
CA THR B 397 44.41 -26.17 6.83
C THR B 397 43.33 -27.03 6.18
N ARG B 398 43.06 -26.80 4.88
CA ARG B 398 42.07 -27.52 4.04
C ARG B 398 40.66 -27.38 4.64
N GLY B 399 40.45 -26.40 5.55
CA GLY B 399 39.13 -26.01 6.09
C GLY B 399 38.78 -26.58 7.47
N LYS B 400 39.75 -26.88 8.35
CA LYS B 400 39.49 -27.25 9.78
C LYS B 400 39.05 -25.98 10.54
N LEU B 401 38.14 -26.08 11.52
CA LEU B 401 37.32 -24.94 12.03
C LEU B 401 37.25 -24.93 13.57
N ASN B 402 38.29 -24.37 14.22
CA ASN B 402 38.45 -24.18 15.70
C ASN B 402 39.49 -23.08 15.97
N ASN B 404 42.84 -21.81 16.61
CA ASN B 404 43.94 -22.82 16.71
C ASN B 404 44.84 -22.72 15.47
N GLY B 405 46.16 -22.84 15.65
CA GLY B 405 47.14 -22.64 14.57
C GLY B 405 46.83 -23.44 13.33
N ARG B 406 46.30 -24.66 13.50
CA ARG B 406 46.04 -25.61 12.39
C ARG B 406 44.61 -25.47 11.88
N SER B 407 44.03 -24.27 11.98
CA SER B 407 42.62 -24.02 11.56
C SER B 407 42.48 -22.60 10.99
N ILE B 408 41.41 -22.38 10.25
CA ILE B 408 41.08 -21.05 9.68
C ILE B 408 40.92 -20.06 10.84
N GLY B 409 41.57 -18.90 10.76
CA GLY B 409 41.38 -17.76 11.66
C GLY B 409 42.58 -17.46 12.54
N ALA B 410 43.59 -18.32 12.57
CA ALA B 410 44.82 -18.09 13.36
C ALA B 410 45.51 -16.78 12.88
N VAL B 411 45.52 -16.54 11.58
CA VAL B 411 46.16 -15.36 10.93
C VAL B 411 45.46 -14.08 11.38
N MET B 412 44.21 -14.14 11.84
CA MET B 412 43.52 -12.96 12.43
C MET B 412 43.55 -12.99 13.96
N CYS B 413 43.32 -14.14 14.57
CA CYS B 413 43.34 -14.27 16.06
C CYS B 413 44.71 -13.81 16.61
N SER B 414 45.80 -14.07 15.90
CA SER B 414 47.18 -13.75 16.37
C SER B 414 47.36 -12.23 16.49
N PRO B 415 47.11 -11.46 15.40
CA PRO B 415 47.15 -10.01 15.49
C PRO B 415 46.16 -9.48 16.54
N LEU B 416 44.99 -10.10 16.64
CA LEU B 416 43.94 -9.66 17.61
C LEU B 416 44.49 -9.86 19.02
N SER B 417 45.38 -10.82 19.26
CA SER B 417 45.95 -11.04 20.60
C SER B 417 46.91 -9.89 20.97
N TYR B 418 47.78 -9.49 20.04
CA TYR B 418 48.69 -8.33 20.26
C TYR B 418 47.79 -7.14 20.58
N PHE B 419 46.74 -6.98 19.77
CA PHE B 419 45.81 -5.82 19.86
C PHE B 419 45.20 -5.80 21.25
N GLU B 420 44.77 -6.95 21.73
CA GLU B 420 44.15 -7.08 23.07
C GLU B 420 45.19 -6.73 24.14
N ALA B 421 46.41 -7.26 23.99
CA ALA B 421 47.50 -7.10 24.98
C ALA B 421 47.81 -5.61 25.08
N LEU B 422 47.76 -4.88 23.97
CA LEU B 422 48.06 -3.43 23.92
C LEU B 422 46.89 -2.65 24.54
N SER B 423 45.65 -3.07 24.30
CA SER B 423 44.43 -2.49 24.92
C SER B 423 44.53 -2.58 26.44
N GLU B 424 45.01 -3.70 26.99
CA GLU B 424 45.09 -3.93 28.46
C GLU B 424 46.31 -3.20 29.02
N THR B 425 47.09 -2.54 28.17
CA THR B 425 48.19 -1.62 28.59
C THR B 425 47.77 -0.17 28.41
N GLY B 426 46.63 0.08 27.76
CA GLY B 426 46.06 1.41 27.54
C GLY B 426 46.67 2.14 26.36
N LEU B 427 47.22 1.39 25.39
CA LEU B 427 47.88 1.96 24.19
C LEU B 427 46.99 1.79 22.95
N GLN B 428 46.77 2.87 22.20
CA GLN B 428 46.19 2.73 20.85
C GLN B 428 47.12 1.87 20.00
N ALA B 429 46.55 1.11 19.08
CA ALA B 429 47.29 0.48 17.96
C ALA B 429 46.35 0.50 16.74
N ASN B 430 46.93 0.74 15.56
CA ASN B 430 46.20 0.57 14.29
C ASN B 430 46.09 -0.93 13.99
N PHE B 431 45.07 -1.29 13.22
CA PHE B 431 44.84 -2.65 12.68
C PHE B 431 44.58 -2.45 11.19
N LYS B 432 45.52 -2.80 10.32
CA LYS B 432 45.48 -2.40 8.89
C LYS B 432 45.85 -3.58 8.01
N GLU B 433 45.23 -3.66 6.83
CA GLU B 433 45.74 -4.50 5.70
C GLU B 433 47.05 -3.86 5.27
N ILE B 434 48.04 -4.68 4.91
CA ILE B 434 49.43 -4.18 4.66
C ILE B 434 49.41 -3.12 3.55
N LYS B 435 48.54 -3.21 2.54
CA LYS B 435 48.47 -2.20 1.44
C LYS B 435 47.90 -0.86 1.92
N GLU B 436 47.39 -0.75 3.15
CA GLU B 436 46.81 0.52 3.69
C GLU B 436 47.89 1.27 4.49
N PHE B 437 49.02 0.63 4.80
CA PHE B 437 50.21 1.21 5.48
C PHE B 437 51.04 1.95 4.43
N ASP B 438 51.55 3.13 4.79
CA ASP B 438 52.35 4.00 3.88
C ASP B 438 53.85 3.69 4.03
N PHE B 439 54.44 3.01 3.03
CA PHE B 439 55.86 2.56 3.03
C PHE B 439 56.77 3.55 2.30
N SER B 440 56.27 4.74 1.93
CA SER B 440 56.98 5.70 1.03
C SER B 440 57.73 6.81 1.79
N LEU B 441 57.59 6.92 3.12
CA LEU B 441 58.22 7.99 3.95
C LEU B 441 59.73 7.80 4.04
N ASN B 442 60.46 8.85 4.45
CA ASN B 442 61.96 8.85 4.52
C ASN B 442 62.41 8.56 5.96
N ASP B 443 61.50 8.64 6.94
CA ASP B 443 61.81 8.44 8.37
C ASP B 443 60.67 7.64 9.02
N TYR B 444 61.02 6.58 9.75
CA TYR B 444 60.09 5.74 10.57
C TYR B 444 60.65 5.57 11.99
N THR B 445 61.44 6.53 12.48
CA THR B 445 61.91 6.59 13.89
C THR B 445 60.66 6.55 14.78
N ASP B 446 60.69 5.73 15.82
CA ASP B 446 59.61 5.68 16.84
C ASP B 446 58.28 5.19 16.21
N GLN B 447 58.34 4.49 15.07
CA GLN B 447 57.21 3.73 14.46
C GLN B 447 57.42 2.24 14.71
N VAL B 448 56.35 1.50 14.97
CA VAL B 448 56.41 0.05 15.26
C VAL B 448 55.45 -0.69 14.34
N ILE B 449 55.91 -1.78 13.73
CA ILE B 449 55.07 -2.73 12.95
C ILE B 449 55.13 -4.09 13.67
N ILE B 450 53.95 -4.66 13.92
CA ILE B 450 53.80 -6.04 14.48
C ILE B 450 53.24 -6.92 13.36
N LEU B 451 54.02 -7.93 12.92
CA LEU B 451 53.55 -9.01 12.02
C LEU B 451 53.44 -10.30 12.84
N SER B 452 52.22 -10.61 13.27
CA SER B 452 51.92 -11.76 14.14
C SER B 452 51.29 -12.86 13.29
N HIS B 453 52.10 -13.88 12.97
CA HIS B 453 51.64 -15.09 12.23
C HIS B 453 51.08 -14.67 10.86
N GLN B 454 51.65 -13.64 10.23
CA GLN B 454 51.32 -13.32 8.83
C GLN B 454 52.17 -14.26 7.97
N ILE B 455 51.63 -15.43 7.70
CA ILE B 455 52.40 -16.58 7.21
C ILE B 455 52.82 -16.37 5.75
N ALA B 456 52.22 -15.39 5.02
CA ALA B 456 52.56 -15.14 3.60
C ALA B 456 53.04 -13.70 3.40
N LEU B 457 54.31 -13.54 2.99
CA LEU B 457 54.95 -12.26 2.58
C LEU B 457 55.74 -12.52 1.29
N ASP B 458 55.59 -11.70 0.26
CA ASP B 458 56.37 -11.85 -1.01
C ASP B 458 57.59 -10.93 -0.99
N ASN B 459 58.40 -10.97 -2.05
CA ASN B 459 59.67 -10.21 -2.20
C ASN B 459 59.35 -8.69 -2.12
N LYS B 460 58.34 -8.24 -2.85
CA LYS B 460 57.94 -6.81 -2.95
C LYS B 460 57.74 -6.25 -1.52
N VAL B 461 57.07 -6.97 -0.63
CA VAL B 461 56.69 -6.46 0.74
C VAL B 461 57.91 -6.57 1.64
N ILE B 462 58.71 -7.63 1.50
CA ILE B 462 59.96 -7.77 2.30
C ILE B 462 60.87 -6.56 2.01
N LYS B 463 60.95 -6.09 0.77
CA LYS B 463 61.72 -4.85 0.42
C LYS B 463 61.14 -3.66 1.19
N GLN B 464 59.81 -3.54 1.24
CA GLN B 464 59.14 -2.43 1.96
C GLN B 464 59.47 -2.53 3.45
N LEU B 465 59.51 -3.73 4.01
CA LEU B 465 59.82 -3.96 5.45
C LEU B 465 61.29 -3.61 5.70
N GLU B 466 62.19 -4.01 4.78
CA GLU B 466 63.63 -3.71 4.82
C GLU B 466 63.82 -2.19 4.89
N SER B 467 63.12 -1.45 4.02
CA SER B 467 63.14 0.03 3.94
C SER B 467 62.65 0.63 5.25
N PHE B 468 61.54 0.13 5.79
CA PHE B 468 60.89 0.63 7.02
C PHE B 468 61.88 0.55 8.19
N VAL B 469 62.58 -0.57 8.36
CA VAL B 469 63.47 -0.81 9.52
C VAL B 469 64.75 0.02 9.33
N GLU B 470 65.29 0.00 8.11
CA GLU B 470 66.52 0.75 7.71
C GLU B 470 66.36 2.21 8.17
N LYS B 471 65.17 2.77 7.96
CA LYS B 471 64.87 4.20 8.25
C LYS B 471 64.37 4.39 9.68
N GLY B 472 64.57 3.42 10.60
CA GLY B 472 64.34 3.62 12.06
C GLY B 472 63.17 2.82 12.64
N GLY B 473 62.40 2.11 11.81
CA GLY B 473 61.23 1.34 12.28
C GLY B 473 61.64 0.18 13.18
N THR B 474 60.81 -0.12 14.19
CA THR B 474 60.87 -1.39 14.97
C THR B 474 59.90 -2.39 14.36
N LEU B 475 60.37 -3.59 14.02
CA LEU B 475 59.54 -4.71 13.47
C LEU B 475 59.55 -5.86 14.49
N ILE B 476 58.38 -6.19 15.04
CA ILE B 476 58.16 -7.37 15.93
C ILE B 476 57.44 -8.44 15.11
N ALA B 477 57.99 -9.64 15.01
CA ALA B 477 57.39 -10.75 14.22
C ALA B 477 57.37 -12.03 15.06
N ASP B 478 56.22 -12.72 15.16
CA ASP B 478 56.12 -14.02 15.87
C ASP B 478 55.37 -15.03 15.01
N GLY B 479 55.27 -16.27 15.50
CA GLY B 479 54.66 -17.41 14.81
C GLY B 479 55.35 -17.65 13.48
N LEU B 480 54.58 -17.99 12.46
CA LEU B 480 55.10 -18.48 11.16
C LEU B 480 55.11 -17.32 10.16
N THR B 481 55.29 -16.10 10.65
CA THR B 481 55.42 -14.93 9.76
C THR B 481 56.49 -15.23 8.71
N GLY B 482 56.15 -15.08 7.43
CA GLY B 482 57.09 -15.17 6.29
C GLY B 482 57.47 -16.61 5.94
N TYR B 483 56.81 -17.62 6.52
CA TYR B 483 57.11 -19.03 6.18
C TYR B 483 56.87 -19.26 4.69
N TYR B 484 55.79 -18.71 4.13
CA TYR B 484 55.44 -18.82 2.69
C TYR B 484 55.51 -17.44 2.04
N ASP B 485 55.43 -17.45 0.71
CA ASP B 485 55.27 -16.25 -0.15
C ASP B 485 53.82 -16.24 -0.66
N TYR B 486 53.49 -15.33 -1.57
CA TYR B 486 52.09 -15.12 -2.04
C TYR B 486 51.67 -16.26 -2.96
N GLN B 487 52.57 -17.19 -3.27
CA GLN B 487 52.21 -18.34 -4.15
C GLN B 487 52.26 -19.65 -3.34
N ALA B 488 52.31 -19.51 -2.01
CA ALA B 488 52.33 -20.60 -1.01
C ALA B 488 53.63 -21.39 -1.17
N HIS B 489 54.64 -20.81 -1.83
CA HIS B 489 56.02 -21.38 -1.91
C HIS B 489 56.76 -20.92 -0.66
N SER B 490 57.45 -21.83 0.01
CA SER B 490 58.16 -21.52 1.27
C SER B 490 59.64 -21.28 0.97
N THR B 491 60.09 -20.02 1.14
CA THR B 491 61.52 -19.67 1.00
C THR B 491 62.30 -20.27 2.16
N VAL B 492 61.65 -20.60 3.28
CA VAL B 492 62.30 -21.30 4.43
C VAL B 492 62.98 -22.58 3.91
N VAL B 493 62.35 -23.23 2.93
CA VAL B 493 62.84 -24.48 2.30
C VAL B 493 63.89 -24.17 1.23
N SER B 494 63.61 -23.21 0.31
CA SER B 494 64.40 -22.97 -0.94
C SER B 494 65.50 -21.92 -0.75
N GLY B 495 65.41 -21.03 0.25
CA GLY B 495 66.34 -19.90 0.47
C GLY B 495 65.65 -18.68 1.09
N PHE B 496 65.73 -18.55 2.43
CA PHE B 496 64.89 -17.67 3.28
C PHE B 496 65.01 -16.21 2.84
N ALA B 497 63.93 -15.65 2.32
CA ALA B 497 63.82 -14.28 1.77
C ALA B 497 63.94 -13.23 2.87
N LEU B 498 63.76 -13.59 4.15
CA LEU B 498 63.87 -12.67 5.31
C LEU B 498 65.21 -12.84 6.05
N GLU B 499 66.16 -13.63 5.52
CA GLU B 499 67.46 -13.87 6.21
C GLU B 499 68.18 -12.51 6.41
N ASN B 500 68.20 -11.68 5.38
CA ASN B 500 68.85 -10.35 5.38
C ASN B 500 68.30 -9.50 6.53
N LEU B 501 66.97 -9.34 6.63
CA LEU B 501 66.32 -8.42 7.60
C LEU B 501 66.43 -8.98 9.03
N PHE B 502 66.25 -10.29 9.21
CA PHE B 502 66.17 -10.94 10.54
C PHE B 502 67.58 -11.22 11.06
N GLY B 503 68.56 -11.25 10.16
CA GLY B 503 69.97 -11.50 10.50
C GLY B 503 70.15 -12.90 11.05
N SER B 504 69.33 -13.83 10.55
CA SER B 504 69.20 -15.21 11.09
C SER B 504 68.38 -16.07 10.12
N TYR B 505 68.39 -17.37 10.35
CA TYR B 505 67.81 -18.42 9.48
C TYR B 505 67.04 -19.35 10.40
N PRO B 506 65.82 -19.81 10.00
CA PRO B 506 65.13 -20.85 10.77
C PRO B 506 65.82 -22.23 10.61
N ILE B 507 65.79 -23.06 11.65
CA ILE B 507 66.44 -24.40 11.66
C ILE B 507 65.34 -25.50 11.60
N GLU B 508 64.47 -25.57 12.61
CA GLU B 508 63.31 -26.50 12.65
C GLU B 508 62.08 -25.78 13.23
N TYR B 509 60.87 -26.25 12.88
CA TYR B 509 59.65 -26.18 13.72
C TYR B 509 59.37 -27.58 14.25
N LYS B 510 59.17 -27.75 15.55
CA LYS B 510 58.69 -29.02 16.14
C LYS B 510 57.31 -28.78 16.77
N ILE B 511 56.30 -29.53 16.36
CA ILE B 511 54.96 -29.44 16.99
C ILE B 511 55.07 -29.95 18.45
N LYS B 512 54.29 -29.40 19.35
CA LYS B 512 54.28 -29.67 20.81
C LYS B 512 52.82 -29.77 21.29
N GLU B 513 52.52 -29.53 22.55
CA GLU B 513 51.12 -29.43 23.04
C GLU B 513 50.44 -28.20 22.42
N ASN B 514 49.12 -28.11 22.57
CA ASN B 514 48.31 -26.89 22.28
C ASN B 514 48.90 -25.64 22.97
N LEU B 515 49.42 -25.82 24.18
CA LEU B 515 49.96 -24.75 25.04
C LEU B 515 51.22 -25.28 25.75
N PHE B 516 52.38 -24.66 25.49
CA PHE B 516 53.68 -25.03 26.09
C PHE B 516 54.34 -23.72 26.55
N SER B 517 55.47 -23.88 27.24
CA SER B 517 56.27 -22.78 27.83
C SER B 517 57.62 -22.70 27.08
N LEU B 518 58.00 -21.49 26.64
CA LEU B 518 59.41 -21.15 26.29
C LEU B 518 60.09 -20.75 27.61
N ASP B 519 61.03 -21.58 28.08
CA ASP B 519 61.70 -21.43 29.40
C ASP B 519 63.06 -20.76 29.22
N PHE B 520 63.20 -19.51 29.65
CA PHE B 520 64.47 -18.75 29.46
C PHE B 520 65.51 -19.20 30.50
N TYR B 525 61.80 -17.98 34.25
CA TYR B 525 60.84 -17.12 33.50
C TYR B 525 60.36 -17.85 32.21
N LYS B 526 59.06 -17.81 31.98
CA LYS B 526 58.26 -18.74 31.15
C LYS B 526 57.37 -17.89 30.22
N LEU B 527 57.47 -18.08 28.90
CA LEU B 527 56.59 -17.43 27.90
C LEU B 527 55.60 -18.43 27.27
N PRO B 528 54.29 -18.21 27.41
CA PRO B 528 53.29 -19.07 26.77
C PRO B 528 53.42 -19.03 25.24
N ALA B 529 53.29 -20.19 24.60
CA ALA B 529 53.41 -20.42 23.15
C ALA B 529 52.45 -21.55 22.71
N HIS B 530 51.98 -21.45 21.48
CA HIS B 530 50.96 -22.35 20.89
C HIS B 530 51.57 -23.24 19.81
N LEU B 531 51.46 -24.55 19.97
CA LEU B 531 51.49 -25.57 18.90
C LEU B 531 52.90 -25.87 18.41
N TRP B 532 53.67 -24.88 17.96
CA TRP B 532 54.99 -25.14 17.30
C TRP B 532 56.10 -24.37 18.02
N LYS B 533 57.23 -25.05 18.30
CA LYS B 533 58.48 -24.40 18.74
C LYS B 533 59.41 -24.24 17.54
N GLY B 534 59.81 -22.99 17.28
CA GLY B 534 60.82 -22.66 16.26
C GLY B 534 62.20 -22.49 16.88
N THR B 535 63.23 -22.97 16.17
CA THR B 535 64.67 -22.80 16.50
C THR B 535 65.33 -22.09 15.33
N ILE B 536 66.31 -21.22 15.61
CA ILE B 536 67.02 -20.42 14.57
C ILE B 536 68.53 -20.50 14.83
N GLU B 537 69.32 -20.17 13.79
CA GLU B 537 70.78 -19.92 13.79
C GLU B 537 70.93 -18.42 13.47
N THR B 538 71.58 -17.64 14.34
CA THR B 538 71.84 -16.21 14.12
C THR B 538 73.12 -16.07 13.30
N SER B 539 73.18 -15.14 12.33
CA SER B 539 74.43 -14.65 11.71
C SER B 539 74.74 -13.25 12.28
N LYS B 540 74.12 -12.17 11.79
CA LYS B 540 74.36 -10.80 12.31
C LYS B 540 73.58 -10.54 13.61
N ALA B 541 72.46 -11.21 13.86
CA ALA B 541 71.54 -10.85 14.98
C ALA B 541 72.05 -11.43 16.30
N THR B 542 71.60 -10.86 17.42
CA THR B 542 71.97 -11.28 18.80
C THR B 542 71.06 -12.44 19.21
N PRO B 543 71.60 -13.63 19.49
CA PRO B 543 70.73 -14.75 19.86
C PRO B 543 70.16 -14.59 21.27
N ILE B 544 68.97 -15.16 21.47
CA ILE B 544 68.29 -15.37 22.79
C ILE B 544 68.05 -16.88 22.94
N MET B 545 68.56 -17.49 24.01
CA MET B 545 68.58 -18.96 24.19
C MET B 545 67.58 -19.35 25.28
N ASP B 546 67.08 -20.58 25.24
CA ASP B 546 66.20 -21.18 26.29
C ASP B 546 67.09 -22.11 27.18
N LYS B 547 66.54 -22.66 28.26
CA LYS B 547 67.29 -23.47 29.27
C LYS B 547 67.83 -24.73 28.58
N GLU B 548 67.20 -25.19 27.49
CA GLU B 548 67.61 -26.42 26.76
C GLU B 548 68.80 -26.13 25.82
N GLY B 549 69.30 -24.89 25.80
CA GLY B 549 70.47 -24.46 24.99
C GLY B 549 70.11 -24.19 23.53
N GLU B 550 68.83 -24.15 23.17
CA GLU B 550 68.37 -23.95 21.78
C GLU B 550 68.17 -22.44 21.56
N CYS B 551 68.45 -21.95 20.36
CA CYS B 551 68.22 -20.53 20.01
C CYS B 551 66.78 -20.35 19.51
N ILE B 552 65.97 -19.56 20.22
CA ILE B 552 64.49 -19.49 20.06
C ILE B 552 64.01 -18.10 19.63
N ALA B 553 64.89 -17.10 19.60
CA ALA B 553 64.57 -15.71 19.21
C ALA B 553 65.86 -14.92 19.00
N CYS B 554 65.74 -13.72 18.43
CA CYS B 554 66.90 -12.84 18.20
C CYS B 554 66.46 -11.38 18.09
N ILE B 555 67.40 -10.46 18.29
CA ILE B 555 67.29 -9.02 17.93
C ILE B 555 68.36 -8.71 16.89
N ASN B 556 67.95 -8.19 15.73
CA ASN B 556 68.86 -7.73 14.65
C ASN B 556 68.82 -6.20 14.64
N GLN B 557 69.97 -5.51 14.71
CA GLN B 557 70.07 -4.06 14.37
C GLN B 557 70.24 -3.97 12.85
N TYR B 558 69.33 -3.27 12.18
CA TYR B 558 69.31 -3.12 10.70
C TYR B 558 69.13 -1.65 10.36
N GLY B 559 70.20 -0.99 9.89
CA GLY B 559 70.24 0.49 9.73
C GLY B 559 69.94 1.18 11.04
N LYS B 560 69.04 2.15 11.04
CA LYS B 560 68.69 2.96 12.24
C LYS B 560 67.66 2.21 13.12
N GLY B 561 67.01 1.15 12.64
CA GLY B 561 65.90 0.48 13.34
C GLY B 561 66.27 -0.93 13.79
N LYS B 562 65.34 -1.67 14.42
CA LYS B 562 65.63 -3.01 14.98
C LYS B 562 64.49 -3.98 14.68
N VAL B 563 64.80 -5.28 14.70
CA VAL B 563 63.85 -6.40 14.43
C VAL B 563 63.93 -7.35 15.62
N PHE B 564 62.77 -7.69 16.19
CA PHE B 564 62.64 -8.79 17.18
C PHE B 564 61.85 -9.91 16.52
N TRP B 565 62.45 -11.10 16.40
CA TRP B 565 61.87 -12.29 15.74
C TRP B 565 61.84 -13.43 16.73
N ILE B 566 60.67 -14.03 16.94
CA ILE B 566 60.48 -15.21 17.83
C ILE B 566 59.50 -16.14 17.11
N PRO B 567 59.99 -17.13 16.34
CA PRO B 567 59.14 -17.91 15.43
C PRO B 567 58.26 -18.99 16.08
N SER B 568 58.11 -18.99 17.39
CA SER B 568 57.01 -19.68 18.10
C SER B 568 55.83 -18.72 18.20
N PRO B 569 54.57 -19.20 18.12
CA PRO B 569 53.41 -18.35 18.32
C PRO B 569 53.18 -17.96 19.79
N ILE B 570 53.74 -16.83 20.22
CA ILE B 570 53.58 -16.31 21.60
C ILE B 570 52.26 -15.53 21.74
N ALA B 571 51.74 -14.94 20.66
CA ALA B 571 50.45 -14.23 20.64
C ALA B 571 49.31 -15.25 20.76
N LEU B 572 49.26 -16.27 19.89
CA LEU B 572 48.26 -17.36 20.03
C LEU B 572 48.49 -18.06 21.38
N GLY B 573 49.71 -18.10 21.88
CA GLY B 573 50.08 -18.64 23.21
C GLY B 573 49.33 -17.92 24.35
N ALA B 574 49.38 -16.59 24.35
CA ALA B 574 48.61 -15.76 25.30
C ALA B 574 47.10 -15.99 25.09
N ARG B 575 46.62 -16.04 23.86
CA ARG B 575 45.16 -16.22 23.60
C ARG B 575 44.71 -17.56 24.20
N GLU B 576 45.46 -18.64 23.96
CA GLU B 576 45.09 -20.00 24.42
C GLU B 576 45.18 -20.07 25.95
N SER B 577 46.08 -19.30 26.58
CA SER B 577 46.25 -19.33 28.05
C SER B 577 45.32 -18.31 28.72
N LYS B 578 44.63 -17.49 27.92
CA LYS B 578 43.70 -16.41 28.39
C LYS B 578 44.42 -15.45 29.33
N ASP B 579 45.72 -15.20 29.10
CA ASP B 579 46.52 -14.22 29.88
C ASP B 579 47.46 -13.52 28.91
N PHE B 580 47.27 -12.23 28.68
CA PHE B 580 48.08 -11.39 27.75
C PHE B 580 49.07 -10.53 28.56
N SER B 581 49.24 -10.80 29.86
CA SER B 581 50.10 -9.97 30.75
C SER B 581 51.57 -10.07 30.29
N GLU B 582 52.06 -11.26 29.96
CA GLU B 582 53.48 -11.44 29.60
C GLU B 582 53.73 -10.84 28.21
N LEU B 583 52.80 -11.01 27.27
CA LEU B 583 52.89 -10.41 25.91
C LEU B 583 52.89 -8.90 26.03
N SER B 584 52.10 -8.34 26.94
CA SER B 584 52.08 -6.87 27.21
C SER B 584 53.47 -6.44 27.69
N LYS B 585 54.05 -7.08 28.72
CA LYS B 585 55.35 -6.67 29.32
C LYS B 585 56.46 -6.74 28.27
N LEU B 586 56.56 -7.85 27.52
CA LEU B 586 57.59 -8.03 26.46
C LEU B 586 57.49 -6.90 25.42
N THR B 587 56.28 -6.64 24.91
CA THR B 587 56.00 -5.71 23.79
C THR B 587 56.39 -4.29 24.23
N VAL B 588 55.97 -3.88 25.43
CA VAL B 588 56.34 -2.58 26.06
C VAL B 588 57.87 -2.43 26.09
N SER B 589 58.58 -3.47 26.53
CA SER B 589 60.06 -3.47 26.64
C SER B 589 60.71 -3.26 25.26
N LEU B 590 60.02 -3.60 24.15
CA LEU B 590 60.57 -3.47 22.78
C LEU B 590 60.23 -2.08 22.20
N LEU B 591 59.31 -1.33 22.79
CA LEU B 591 58.76 -0.09 22.16
C LEU B 591 59.80 1.03 22.28
N PRO B 592 59.98 1.88 21.25
CA PRO B 592 60.73 3.12 21.42
C PRO B 592 60.20 3.97 22.61
N ASN B 593 61.12 4.48 23.44
CA ASN B 593 60.82 5.24 24.68
C ASN B 593 59.90 6.42 24.36
N LYS B 594 59.98 7.03 23.18
CA LYS B 594 59.14 8.19 22.76
C LYS B 594 57.63 7.85 22.82
N ILE B 595 57.25 6.62 22.48
CA ILE B 595 55.82 6.22 22.46
C ILE B 595 55.29 6.25 23.90
N LEU B 596 56.07 5.74 24.87
CA LEU B 596 55.68 5.67 26.30
C LEU B 596 55.71 7.06 26.96
N ASN B 597 56.50 8.00 26.46
CA ASN B 597 56.60 9.37 27.06
C ASN B 597 55.42 10.22 26.56
N ASP B 598 55.06 10.12 25.27
CA ASP B 598 54.10 11.04 24.59
C ASP B 598 52.64 10.54 24.67
N ASN B 599 52.41 9.24 24.87
CA ASN B 599 51.04 8.66 24.84
C ASN B 599 50.65 8.24 26.26
N PRO B 600 49.45 8.64 26.75
CA PRO B 600 48.96 8.09 28.00
C PRO B 600 48.77 6.57 27.87
N HIS B 601 49.20 5.84 28.90
CA HIS B 601 49.11 4.37 29.00
C HIS B 601 48.98 4.01 30.50
N PHE B 602 48.84 2.72 30.80
CA PHE B 602 48.71 2.23 32.20
C PHE B 602 50.13 1.99 32.78
N ASP B 603 50.30 2.27 34.07
CA ASP B 603 51.58 2.04 34.81
C ASP B 603 51.98 0.57 34.65
N LYS B 604 51.02 -0.33 34.44
CA LYS B 604 51.26 -1.77 34.20
C LYS B 604 50.08 -2.38 33.44
N HIS B 605 50.17 -3.67 33.14
CA HIS B 605 49.05 -4.47 32.57
C HIS B 605 47.89 -4.55 33.56
N TYR B 606 46.66 -4.32 33.08
CA TYR B 606 45.40 -4.50 33.81
C TYR B 606 44.52 -5.47 33.01
N LYS B 607 44.30 -6.67 33.55
CA LYS B 607 43.35 -7.66 32.99
C LYS B 607 41.98 -7.00 32.86
N ASP B 608 41.40 -7.06 31.64
CA ASP B 608 39.99 -6.74 31.30
C ASP B 608 39.71 -5.24 31.47
N VAL B 609 40.72 -4.37 31.35
CA VAL B 609 40.55 -2.89 31.32
C VAL B 609 41.08 -2.43 29.96
N MET B 610 40.45 -1.42 29.35
CA MET B 610 40.91 -0.87 28.07
C MET B 610 41.05 0.65 28.22
N MET B 611 42.05 1.24 27.56
CA MET B 611 42.14 2.70 27.33
C MET B 611 42.62 2.96 25.90
N LYS B 612 42.13 4.06 25.33
CA LYS B 612 42.44 4.55 23.97
C LYS B 612 42.32 6.07 24.01
N SER B 613 43.30 6.82 23.53
CA SER B 613 43.29 8.30 23.60
C SER B 613 43.00 8.87 22.21
N PHE B 614 42.55 10.13 22.17
CA PHE B 614 42.20 10.88 20.94
C PHE B 614 42.40 12.38 21.21
N LYS B 615 42.51 13.17 20.14
CA LYS B 615 42.61 14.65 20.21
C LYS B 615 41.39 15.29 19.55
N SER B 616 41.01 16.48 19.99
CA SER B 616 40.08 17.37 19.26
C SER B 616 40.54 18.82 19.41
N ASN B 617 40.85 19.41 18.24
CA ASN B 617 41.62 20.66 18.03
C ASN B 617 42.97 20.48 18.74
N GLY B 618 43.25 21.25 19.79
CA GLY B 618 44.51 21.14 20.56
C GLY B 618 44.47 20.07 21.65
N THR B 619 43.28 19.69 22.14
CA THR B 619 43.06 19.03 23.46
C THR B 619 43.13 17.50 23.33
N MET B 620 43.78 16.84 24.28
CA MET B 620 43.88 15.36 24.37
C MET B 620 42.81 14.81 25.34
N TYR B 621 42.22 13.67 24.98
CA TYR B 621 41.23 12.91 25.78
C TYR B 621 41.66 11.45 25.90
N SER B 622 41.10 10.73 26.87
CA SER B 622 41.31 9.27 27.04
C SER B 622 39.97 8.57 27.35
N LEU B 623 39.65 7.52 26.59
CA LEU B 623 38.50 6.62 26.84
C LEU B 623 39.01 5.47 27.71
N ILE B 624 38.33 5.18 28.82
CA ILE B 624 38.66 4.06 29.74
C ILE B 624 37.38 3.26 30.02
N ILE B 625 37.45 1.94 29.91
CA ILE B 625 36.32 1.01 30.13
C ILE B 625 36.81 -0.13 31.01
N ASN B 626 36.12 -0.39 32.12
CA ASN B 626 36.45 -1.48 33.07
C ASN B 626 35.52 -2.65 32.76
N LYS B 627 36.04 -3.77 32.26
CA LYS B 627 35.23 -4.99 31.94
C LYS B 627 35.49 -6.08 32.98
N SER B 628 36.19 -5.76 34.07
CA SER B 628 36.48 -6.72 35.17
C SER B 628 35.28 -6.78 36.12
N ALA B 629 35.32 -7.68 37.10
CA ALA B 629 34.20 -7.97 38.03
C ALA B 629 34.28 -7.00 39.22
N SER B 630 35.37 -6.27 39.37
CA SER B 630 35.64 -5.42 40.56
C SER B 630 36.06 -4.00 40.17
N VAL B 631 35.86 -3.06 41.10
CA VAL B 631 36.39 -1.66 41.02
C VAL B 631 37.90 -1.76 40.81
N GLN B 632 38.42 -1.08 39.79
CA GLN B 632 39.87 -1.03 39.46
C GLN B 632 40.34 0.41 39.69
N THR B 633 41.57 0.58 40.19
CA THR B 633 42.28 1.89 40.31
C THR B 633 43.44 1.86 39.33
N VAL B 634 43.32 2.54 38.17
CA VAL B 634 44.37 2.53 37.12
C VAL B 634 45.22 3.80 37.30
N ASP B 635 46.55 3.64 37.41
CA ASP B 635 47.51 4.77 37.32
C ASP B 635 47.78 5.04 35.83
N ILE B 636 47.33 6.17 35.34
CA ILE B 636 47.64 6.62 33.94
C ILE B 636 48.93 7.45 33.99
N VAL B 637 49.94 7.04 33.21
CA VAL B 637 51.25 7.75 33.10
C VAL B 637 51.44 8.11 31.63
N GLY B 638 52.40 8.98 31.31
CA GLY B 638 52.59 9.52 29.95
C GLY B 638 51.53 10.56 29.63
N GLY B 639 51.64 11.26 28.50
CA GLY B 639 50.81 12.44 28.19
C GLY B 639 51.19 13.63 29.05
N LYS B 640 50.29 14.59 29.25
CA LYS B 640 50.54 15.89 29.92
C LYS B 640 49.24 16.36 30.58
N GLY B 641 49.31 16.85 31.81
CA GLY B 641 48.25 17.69 32.40
C GLY B 641 47.46 16.94 33.44
N LYS B 642 46.39 17.57 33.91
CA LYS B 642 45.50 17.06 34.97
C LYS B 642 44.30 16.35 34.34
N ALA B 643 44.11 15.07 34.71
CA ALA B 643 42.93 14.27 34.37
C ALA B 643 41.70 14.95 34.97
N PHE B 644 40.76 15.38 34.12
CA PHE B 644 39.40 15.83 34.51
C PHE B 644 38.37 14.89 33.85
N ILE B 645 37.41 14.39 34.62
CA ILE B 645 36.35 13.46 34.17
C ILE B 645 35.25 14.25 33.45
N LEU B 646 35.20 14.14 32.13
CA LEU B 646 34.23 14.84 31.24
C LEU B 646 32.93 14.02 31.11
N PHE B 647 33.05 12.68 31.13
CA PHE B 647 31.93 11.71 31.00
C PHE B 647 32.18 10.50 31.88
N ALA B 648 31.14 10.03 32.60
CA ALA B 648 31.20 8.85 33.48
C ALA B 648 29.79 8.38 33.84
N ASN B 649 29.39 7.16 33.48
CA ASN B 649 28.00 6.68 33.68
C ASN B 649 27.86 5.98 35.04
N LYS B 650 28.90 5.95 35.89
CA LYS B 650 28.81 5.35 37.26
C LYS B 650 29.72 6.04 38.28
N ASN B 651 29.82 7.37 38.24
CA ASN B 651 30.45 8.19 39.34
C ASN B 651 31.90 7.71 39.61
N ALA B 652 32.69 7.49 38.57
CA ALA B 652 34.16 7.39 38.67
C ALA B 652 34.67 8.71 39.28
N HIS B 653 35.78 8.66 40.01
CA HIS B 653 36.52 9.83 40.55
C HIS B 653 38.01 9.62 40.25
N SER B 654 38.78 10.72 40.18
CA SER B 654 40.26 10.70 39.98
C SER B 654 40.95 11.55 41.06
N THR B 655 41.94 10.99 41.74
CA THR B 655 42.92 11.71 42.58
C THR B 655 44.24 11.73 41.81
N ALA B 656 44.67 12.90 41.35
CA ALA B 656 45.86 13.08 40.47
C ALA B 656 45.59 12.32 39.18
N ASN B 657 46.45 11.38 38.80
CA ASN B 657 46.29 10.60 37.53
C ASN B 657 45.90 9.14 37.83
N LYS B 658 45.28 8.88 39.01
CA LYS B 658 44.72 7.57 39.42
C LYS B 658 43.19 7.61 39.29
N LEU B 659 42.65 6.88 38.30
CA LEU B 659 41.19 6.82 38.04
C LEU B 659 40.60 5.60 38.76
N THR B 660 39.59 5.82 39.61
CA THR B 660 38.80 4.72 40.21
C THR B 660 37.53 4.59 39.38
N ILE B 661 37.37 3.43 38.71
CA ILE B 661 36.31 3.15 37.69
C ILE B 661 35.60 1.85 38.06
N SER B 662 34.28 1.88 38.07
CA SER B 662 33.41 0.75 38.48
C SER B 662 33.25 -0.27 37.35
N PRO B 663 32.88 -1.54 37.68
CA PRO B 663 32.62 -2.54 36.64
C PRO B 663 31.61 -2.02 35.63
N GLU B 664 31.91 -2.18 34.33
CA GLU B 664 31.03 -1.90 33.16
C GLU B 664 30.96 -0.38 32.88
N GLU B 665 31.65 0.44 33.67
CA GLU B 665 31.66 1.92 33.51
C GLU B 665 32.52 2.34 32.31
N THR B 666 32.05 3.35 31.58
CA THR B 666 32.77 4.07 30.50
C THR B 666 33.15 5.47 31.01
N VAL B 667 34.42 5.84 30.93
CA VAL B 667 34.95 7.16 31.40
C VAL B 667 35.63 7.86 30.21
N ILE B 668 35.31 9.13 29.96
CA ILE B 668 36.15 10.02 29.10
C ILE B 668 36.89 10.98 30.03
N ILE B 669 38.21 11.04 29.91
CA ILE B 669 39.09 12.01 30.62
C ILE B 669 39.46 13.12 29.63
N LYS B 670 39.35 14.37 30.06
CA LYS B 670 39.87 15.56 29.36
C LYS B 670 41.19 15.93 30.05
N TRP B 671 42.29 15.96 29.30
CA TRP B 671 43.61 16.35 29.85
C TRP B 671 43.74 17.87 29.73
N LYS B 672 43.95 18.58 30.85
CA LYS B 672 43.95 20.08 30.91
C LYS B 672 45.38 20.67 30.82
N GLU C 23 -82.66 29.77 -15.87
CA GLU C 23 -82.46 30.64 -14.67
C GLU C 23 -81.17 31.44 -14.88
N ARG C 24 -81.27 32.77 -14.77
CA ARG C 24 -80.16 33.75 -14.78
C ARG C 24 -79.55 33.82 -13.36
N ILE C 25 -78.23 33.91 -13.28
CA ILE C 25 -77.53 33.96 -11.97
C ILE C 25 -77.84 35.29 -11.28
N SER C 26 -77.88 35.28 -9.96
CA SER C 26 -78.12 36.47 -9.10
C SER C 26 -77.38 36.28 -7.77
N LYS C 27 -77.25 37.36 -7.00
CA LYS C 27 -76.57 37.27 -5.68
C LYS C 27 -77.39 36.41 -4.70
N GLN C 28 -78.59 35.93 -5.08
CA GLN C 28 -79.43 35.02 -4.24
C GLN C 28 -79.44 33.59 -4.78
N SER C 29 -78.78 33.31 -5.92
CA SER C 29 -78.71 31.96 -6.53
C SER C 29 -78.11 30.99 -5.49
N THR C 30 -78.53 29.73 -5.53
CA THR C 30 -77.92 28.66 -4.69
C THR C 30 -76.54 28.37 -5.26
N PRO C 31 -75.47 28.39 -4.42
CA PRO C 31 -74.13 28.07 -4.89
C PRO C 31 -74.01 26.60 -5.31
N PHE C 32 -73.16 26.33 -6.32
CA PHE C 32 -72.89 24.99 -6.89
C PHE C 32 -71.39 24.67 -6.80
N VAL C 33 -71.10 23.38 -6.74
CA VAL C 33 -69.75 22.80 -7.00
C VAL C 33 -69.84 22.16 -8.39
N GLY C 34 -68.82 22.33 -9.22
CA GLY C 34 -68.82 21.72 -10.57
C GLY C 34 -67.41 21.48 -11.05
N ALA C 35 -67.26 21.06 -12.30
CA ALA C 35 -65.93 20.68 -12.84
C ALA C 35 -65.96 20.74 -14.36
N GLN C 36 -64.79 20.98 -14.96
CA GLN C 36 -64.59 20.91 -16.43
C GLN C 36 -64.86 19.47 -16.85
N ILE C 37 -65.69 19.27 -17.88
CA ILE C 37 -65.80 17.98 -18.60
C ILE C 37 -65.04 18.18 -19.91
N PHE C 38 -63.94 17.46 -20.09
CA PHE C 38 -63.01 17.63 -21.24
C PHE C 38 -63.42 16.67 -22.36
N ILE C 39 -63.96 17.24 -23.43
CA ILE C 39 -64.47 16.55 -24.65
C ILE C 39 -63.48 16.80 -25.79
N GLU C 40 -62.96 15.70 -26.38
CA GLU C 40 -62.13 15.65 -27.60
C GLU C 40 -62.50 14.38 -28.38
N PRO C 41 -62.20 14.30 -29.70
CA PRO C 41 -62.47 13.08 -30.45
C PRO C 41 -61.64 11.91 -29.89
N GLY C 42 -62.13 10.68 -30.07
CA GLY C 42 -61.51 9.44 -29.57
C GLY C 42 -62.30 8.86 -28.41
N GLN C 43 -62.90 9.72 -27.57
CA GLN C 43 -63.70 9.30 -26.38
C GLN C 43 -64.94 8.54 -26.85
N THR C 44 -65.39 7.54 -26.10
CA THR C 44 -66.61 6.74 -26.41
C THR C 44 -67.81 7.31 -25.64
N GLN C 45 -69.02 7.06 -26.13
CA GLN C 45 -70.29 7.33 -25.41
C GLN C 45 -70.24 6.77 -23.96
N GLU C 46 -69.65 5.59 -23.75
CA GLU C 46 -69.61 4.90 -22.44
C GLU C 46 -68.74 5.68 -21.44
N GLN C 47 -67.59 6.20 -21.90
CA GLN C 47 -66.67 6.98 -21.02
C GLN C 47 -67.35 8.31 -20.66
N ILE C 48 -67.92 9.00 -21.65
CA ILE C 48 -68.55 10.34 -21.41
C ILE C 48 -69.68 10.16 -20.39
N GLU C 49 -70.50 9.11 -20.52
CA GLU C 49 -71.63 8.86 -19.60
C GLU C 49 -71.08 8.58 -18.19
N GLN C 50 -70.04 7.75 -18.07
CA GLN C 50 -69.40 7.42 -16.76
C GLN C 50 -69.06 8.72 -16.02
N TRP C 51 -68.53 9.71 -16.75
CA TRP C 51 -68.12 11.02 -16.16
C TRP C 51 -69.37 11.75 -15.61
N PHE C 52 -70.39 11.95 -16.43
CA PHE C 52 -71.60 12.73 -16.05
C PHE C 52 -72.31 12.04 -14.88
N LYS C 53 -72.40 10.71 -14.92
CA LYS C 53 -73.07 9.93 -13.85
C LYS C 53 -72.35 10.20 -12.52
N LEU C 54 -71.01 10.08 -12.50
CA LEU C 54 -70.20 10.26 -11.27
C LEU C 54 -70.22 11.72 -10.83
N LEU C 55 -70.27 12.64 -11.77
CA LEU C 55 -70.36 14.09 -11.48
C LEU C 55 -71.67 14.34 -10.69
N ALA C 56 -72.80 13.84 -11.16
CA ALA C 56 -74.14 13.94 -10.49
C ALA C 56 -74.10 13.27 -9.11
N GLU C 57 -73.48 12.09 -9.00
CA GLU C 57 -73.37 11.34 -7.72
C GLU C 57 -72.43 12.05 -6.74
N SER C 58 -71.59 12.97 -7.21
CA SER C 58 -70.67 13.75 -6.35
C SER C 58 -71.27 15.10 -5.95
N ASN C 59 -72.60 15.24 -6.05
CA ASN C 59 -73.37 16.45 -5.61
C ASN C 59 -72.93 17.68 -6.41
N MET C 60 -72.48 17.49 -7.64
CA MET C 60 -72.09 18.59 -8.55
C MET C 60 -73.23 18.79 -9.56
N THR C 61 -73.60 20.04 -9.81
CA THR C 61 -74.81 20.39 -10.61
C THR C 61 -74.41 20.98 -11.94
N THR C 62 -73.12 21.18 -12.18
CA THR C 62 -72.63 22.07 -13.27
C THR C 62 -71.28 21.56 -13.81
N CYS C 63 -71.09 21.72 -15.10
CA CYS C 63 -69.81 21.45 -15.79
C CYS C 63 -69.46 22.66 -16.65
N ARG C 64 -68.23 22.72 -17.13
CA ARG C 64 -67.83 23.65 -18.20
C ARG C 64 -67.23 22.82 -19.34
N ILE C 65 -67.50 23.21 -20.57
CA ILE C 65 -67.08 22.45 -21.79
C ILE C 65 -66.44 23.43 -22.77
N ARG C 66 -65.18 23.18 -23.12
CA ARG C 66 -64.48 23.95 -24.16
C ARG C 66 -65.05 23.53 -25.52
N MET C 67 -65.74 24.47 -26.20
CA MET C 67 -66.42 24.25 -27.49
C MET C 67 -65.41 24.37 -28.62
N PHE C 68 -64.44 23.46 -28.66
CA PHE C 68 -63.31 23.48 -29.63
C PHE C 68 -63.84 23.62 -31.06
N GLY C 69 -63.60 24.76 -31.70
CA GLY C 69 -63.85 24.92 -33.15
C GLY C 69 -63.16 23.83 -33.97
N LYS C 70 -61.95 23.42 -33.57
CA LYS C 70 -61.13 22.41 -34.30
C LYS C 70 -61.92 21.09 -34.43
N TYR C 71 -62.74 20.76 -33.43
CA TYR C 71 -63.42 19.46 -33.33
C TYR C 71 -64.85 19.58 -33.86
N MET C 72 -65.20 20.71 -34.46
CA MET C 72 -66.51 20.97 -35.10
C MET C 72 -66.36 21.32 -36.58
N LYS C 73 -65.21 21.83 -37.01
CA LYS C 73 -65.00 22.28 -38.42
C LYS C 73 -64.80 21.05 -39.31
N THR C 74 -65.48 21.00 -40.45
CA THR C 74 -65.30 19.97 -41.50
C THR C 74 -64.39 20.55 -42.58
N PRO C 75 -63.70 19.69 -43.37
CA PRO C 75 -62.94 20.14 -44.53
C PRO C 75 -63.61 21.25 -45.38
N SER C 76 -64.89 21.07 -45.73
CA SER C 76 -65.71 21.99 -46.56
C SER C 76 -65.84 23.38 -45.90
N GLY C 77 -65.80 23.46 -44.56
CA GLY C 77 -66.00 24.71 -43.80
C GLY C 77 -67.28 24.70 -42.97
N THR C 78 -68.30 23.91 -43.34
CA THR C 78 -69.56 23.73 -42.56
C THR C 78 -69.22 23.17 -41.16
N TYR C 79 -70.09 23.40 -40.18
CA TYR C 79 -69.93 22.94 -38.78
C TYR C 79 -70.68 21.64 -38.59
N ASP C 80 -70.02 20.68 -37.95
CA ASP C 80 -70.59 19.41 -37.46
C ASP C 80 -70.59 19.46 -35.94
N PHE C 81 -71.77 19.49 -35.32
CA PHE C 81 -71.93 19.67 -33.86
C PHE C 81 -71.99 18.34 -33.12
N THR C 82 -71.82 17.21 -33.81
CA THR C 82 -72.09 15.84 -33.29
C THR C 82 -71.37 15.62 -31.95
N LEU C 83 -70.08 15.93 -31.90
CA LEU C 83 -69.22 15.52 -30.75
C LEU C 83 -69.73 16.20 -29.46
N PHE C 84 -70.21 17.43 -29.59
CA PHE C 84 -70.67 18.28 -28.46
C PHE C 84 -72.15 18.06 -28.19
N ASP C 85 -72.96 17.76 -29.21
CA ASP C 85 -74.38 17.34 -29.05
C ASP C 85 -74.41 16.17 -28.07
N ARG C 86 -73.53 15.19 -28.28
CA ARG C 86 -73.46 13.95 -27.49
C ARG C 86 -73.25 14.32 -26.01
N ALA C 87 -72.36 15.28 -25.74
CA ALA C 87 -71.97 15.68 -24.36
C ALA C 87 -73.10 16.49 -23.70
N PHE C 88 -73.65 17.46 -24.42
CA PHE C 88 -74.78 18.31 -23.95
C PHE C 88 -75.98 17.43 -23.60
N LYS C 89 -76.28 16.44 -24.45
CA LYS C 89 -77.44 15.52 -24.28
C LYS C 89 -77.22 14.67 -23.01
N LEU C 90 -75.99 14.20 -22.78
CA LEU C 90 -75.67 13.37 -21.58
C LEU C 90 -75.69 14.23 -20.32
N ALA C 91 -75.20 15.46 -20.39
CA ALA C 91 -75.34 16.44 -19.28
C ALA C 91 -76.83 16.57 -18.93
N ASP C 92 -77.68 16.77 -19.93
CA ASP C 92 -79.14 16.98 -19.74
C ASP C 92 -79.77 15.73 -19.07
N LYS C 93 -79.38 14.55 -19.50
CA LYS C 93 -79.86 13.26 -18.91
C LYS C 93 -79.61 13.23 -17.40
N TYR C 94 -78.48 13.74 -16.92
CA TYR C 94 -78.08 13.70 -15.49
C TYR C 94 -78.32 15.07 -14.81
N HIS C 95 -79.08 15.95 -15.45
CA HIS C 95 -79.60 17.23 -14.88
C HIS C 95 -78.44 18.17 -14.55
N ILE C 96 -77.41 18.16 -15.41
CA ILE C 96 -76.16 18.96 -15.25
C ILE C 96 -76.23 20.14 -16.21
N LYS C 97 -76.09 21.37 -15.71
CA LYS C 97 -76.14 22.57 -16.57
C LYS C 97 -74.70 22.88 -17.01
N VAL C 98 -74.57 23.53 -18.16
CA VAL C 98 -73.28 23.66 -18.91
C VAL C 98 -72.91 25.14 -19.01
N TYR C 99 -71.69 25.47 -18.58
CA TYR C 99 -70.95 26.69 -18.99
C TYR C 99 -70.20 26.36 -20.28
N ALA C 100 -70.54 27.00 -21.40
CA ALA C 100 -69.97 26.69 -22.72
C ALA C 100 -68.95 27.77 -23.10
N THR C 101 -67.67 27.39 -23.17
CA THR C 101 -66.57 28.33 -23.47
C THR C 101 -66.45 28.44 -24.98
N LEU C 102 -66.62 29.64 -25.53
CA LEU C 102 -66.31 29.92 -26.94
C LEU C 102 -64.80 29.76 -27.13
N PHE C 103 -64.37 28.91 -28.04
CA PHE C 103 -62.94 28.55 -28.24
C PHE C 103 -62.74 28.22 -29.72
N PRO C 104 -62.57 29.24 -30.59
CA PRO C 104 -62.36 29.03 -32.02
C PRO C 104 -61.16 28.12 -32.35
N ASP C 105 -61.10 27.70 -33.61
CA ASP C 105 -60.04 26.82 -34.16
C ASP C 105 -58.70 27.46 -33.83
N THR C 106 -57.75 26.64 -33.35
CA THR C 106 -56.36 27.03 -33.01
C THR C 106 -55.51 25.76 -33.04
N GLU C 107 -54.21 25.91 -33.00
CA GLU C 107 -53.23 24.79 -33.02
C GLU C 107 -53.53 23.91 -31.79
N PHE C 108 -53.40 22.59 -31.96
CA PHE C 108 -53.59 21.56 -30.91
C PHE C 108 -52.68 21.84 -29.70
N THR C 109 -51.50 22.40 -29.92
CA THR C 109 -50.47 22.71 -28.89
C THR C 109 -50.80 23.99 -28.09
N ASP C 110 -51.81 24.78 -28.49
CA ASP C 110 -52.26 26.01 -27.77
C ASP C 110 -53.20 25.64 -26.61
N VAL C 111 -52.66 25.47 -25.42
CA VAL C 111 -53.37 24.95 -24.22
C VAL C 111 -54.49 25.92 -23.80
N GLY C 112 -54.21 27.22 -23.71
CA GLY C 112 -55.07 28.24 -23.07
C GLY C 112 -55.88 29.05 -24.08
N GLY C 113 -55.49 29.00 -25.37
CA GLY C 113 -56.20 29.66 -26.47
C GLY C 113 -55.65 31.04 -26.75
N PHE C 114 -55.76 31.50 -28.01
CA PHE C 114 -55.39 32.88 -28.42
C PHE C 114 -56.30 33.93 -27.73
N LYS C 115 -55.76 35.12 -27.49
CA LYS C 115 -56.37 36.16 -26.62
C LYS C 115 -56.96 37.30 -27.45
N PHE C 116 -56.62 37.37 -28.74
CA PHE C 116 -57.03 38.43 -29.68
C PHE C 116 -56.96 37.88 -31.10
N PRO C 117 -57.78 38.41 -32.03
CA PRO C 117 -57.69 38.03 -33.44
C PRO C 117 -56.31 38.32 -34.04
N HIS C 118 -55.79 37.43 -34.89
CA HIS C 118 -54.48 37.53 -35.60
C HIS C 118 -54.58 38.57 -36.71
N SER C 119 -55.74 38.77 -37.34
CA SER C 119 -55.94 39.53 -38.60
C SER C 119 -57.43 39.83 -38.82
N ARG C 120 -57.77 40.69 -39.77
CA ARG C 120 -59.19 41.03 -40.09
C ARG C 120 -59.86 39.77 -40.66
N GLU C 121 -59.10 38.98 -41.41
CA GLU C 121 -59.58 37.69 -41.98
C GLU C 121 -59.90 36.75 -40.81
N HIS C 122 -58.99 36.64 -39.83
CA HIS C 122 -59.18 35.81 -38.62
C HIS C 122 -60.40 36.29 -37.80
N GLN C 123 -60.60 37.59 -37.66
CA GLN C 123 -61.77 38.14 -36.94
C GLN C 123 -63.06 37.57 -37.57
N LYS C 124 -63.09 37.40 -38.89
CA LYS C 124 -64.29 36.90 -39.62
C LYS C 124 -64.48 35.40 -39.37
N GLU C 125 -63.41 34.61 -39.28
CA GLU C 125 -63.49 33.18 -38.88
C GLU C 125 -64.16 33.12 -37.49
N VAL C 126 -63.80 34.02 -36.58
CA VAL C 126 -64.35 34.03 -35.18
C VAL C 126 -65.83 34.42 -35.22
N GLU C 127 -66.23 35.43 -36.03
CA GLU C 127 -67.65 35.84 -36.26
C GLU C 127 -68.46 34.62 -36.70
N ASP C 128 -67.95 33.90 -37.71
CA ASP C 128 -68.62 32.72 -38.31
C ASP C 128 -68.72 31.63 -37.24
N TYR C 129 -67.66 31.43 -36.45
CA TYR C 129 -67.60 30.41 -35.36
C TYR C 129 -68.71 30.69 -34.36
N ILE C 130 -68.82 31.95 -33.93
CA ILE C 130 -69.80 32.36 -32.88
C ILE C 130 -71.21 32.18 -33.43
N LYS C 131 -71.50 32.66 -34.64
CA LYS C 131 -72.83 32.53 -35.30
C LYS C 131 -73.25 31.05 -35.26
N ASN C 132 -72.38 30.13 -35.68
CA ASN C 132 -72.71 28.70 -35.81
C ASN C 132 -72.94 28.10 -34.42
N VAL C 133 -71.99 28.28 -33.49
CA VAL C 133 -72.00 27.59 -32.17
C VAL C 133 -73.16 28.12 -31.32
N VAL C 134 -73.33 29.43 -31.25
CA VAL C 134 -74.33 30.07 -30.34
C VAL C 134 -75.75 29.78 -30.85
N SER C 135 -75.96 29.90 -32.16
CA SER C 135 -77.27 29.62 -32.82
C SER C 135 -77.71 28.19 -32.46
N HIS C 136 -76.80 27.22 -32.55
CA HIS C 136 -77.07 25.80 -32.30
C HIS C 136 -77.28 25.55 -30.81
N PHE C 137 -76.31 25.88 -29.97
CA PHE C 137 -76.24 25.33 -28.58
C PHE C 137 -77.14 26.13 -27.64
N SER C 138 -77.56 27.34 -28.03
CA SER C 138 -78.55 28.15 -27.28
C SER C 138 -79.86 27.39 -27.11
N GLN C 139 -80.12 26.40 -27.98
CA GLN C 139 -81.41 25.66 -28.05
C GLN C 139 -81.49 24.64 -26.93
N TYR C 140 -80.38 24.19 -26.35
CA TYR C 140 -80.40 23.21 -25.22
C TYR C 140 -80.89 23.92 -23.96
N LYS C 141 -81.83 23.28 -23.25
CA LYS C 141 -82.43 23.84 -22.02
C LYS C 141 -81.42 23.85 -20.86
N ASN C 142 -80.38 22.98 -20.88
CA ASN C 142 -79.38 22.84 -19.78
C ASN C 142 -78.18 23.80 -20.00
N LEU C 143 -78.15 24.63 -21.06
CA LEU C 143 -77.09 25.68 -21.19
C LEU C 143 -77.32 26.77 -20.12
N ALA C 144 -76.33 27.04 -19.27
CA ALA C 144 -76.39 28.01 -18.16
C ALA C 144 -75.64 29.31 -18.49
N ALA C 145 -74.58 29.26 -19.30
CA ALA C 145 -73.71 30.45 -19.55
C ALA C 145 -72.80 30.23 -20.76
N TRP C 146 -72.49 31.33 -21.42
CA TRP C 146 -71.41 31.48 -22.43
C TRP C 146 -70.21 32.11 -21.72
N VAL C 147 -69.07 31.41 -21.73
CA VAL C 147 -67.77 32.00 -21.32
C VAL C 147 -67.17 32.61 -22.61
N LEU C 148 -67.13 33.94 -22.70
CA LEU C 148 -66.85 34.68 -23.96
C LEU C 148 -65.47 34.30 -24.51
N ILE C 149 -64.55 34.05 -23.58
CA ILE C 149 -63.13 33.68 -23.85
C ILE C 149 -62.55 33.12 -22.55
N ASN C 150 -61.71 32.08 -22.68
CA ASN C 150 -61.00 31.48 -21.54
C ASN C 150 -59.77 32.34 -21.22
N GLU C 151 -59.65 32.71 -19.95
CA GLU C 151 -58.43 33.36 -19.39
C GLU C 151 -58.06 34.55 -20.28
N PRO C 152 -58.91 35.60 -20.35
CA PRO C 152 -58.55 36.84 -21.02
C PRO C 152 -57.28 37.43 -20.40
N GLY C 153 -56.45 38.06 -21.22
CA GLY C 153 -55.23 38.74 -20.74
C GLY C 153 -53.98 37.91 -20.92
N THR C 154 -52.93 38.61 -21.31
CA THR C 154 -51.58 38.08 -21.58
C THR C 154 -50.56 39.11 -21.16
N PRO C 155 -49.48 38.77 -20.41
CA PRO C 155 -48.45 39.77 -20.11
C PRO C 155 -47.99 40.45 -21.42
N ASN C 156 -47.63 39.66 -22.43
CA ASN C 156 -46.96 40.12 -23.69
C ASN C 156 -47.93 40.02 -24.86
N LEU C 157 -48.34 41.17 -25.38
CA LEU C 157 -49.31 41.24 -26.49
C LEU C 157 -48.58 41.06 -27.81
N PRO C 158 -49.24 40.45 -28.81
CA PRO C 158 -48.63 40.30 -30.14
C PRO C 158 -48.67 41.57 -31.01
N PHE C 159 -47.83 42.57 -30.69
CA PHE C 159 -47.69 43.83 -31.47
C PHE C 159 -47.08 43.53 -32.85
N ASN C 160 -46.44 42.38 -33.01
CA ASN C 160 -45.92 41.79 -34.27
C ASN C 160 -47.09 41.63 -35.26
N GLU C 161 -48.18 40.97 -34.83
CA GLU C 161 -49.32 40.52 -35.67
C GLU C 161 -50.10 41.71 -36.21
N PRO C 162 -50.57 41.66 -37.48
CA PRO C 162 -51.14 42.82 -38.15
C PRO C 162 -52.41 43.43 -37.53
N PHE C 163 -53.26 42.63 -36.90
CA PHE C 163 -54.52 43.12 -36.27
C PHE C 163 -54.21 43.98 -35.03
N THR C 164 -53.34 43.51 -34.13
CA THR C 164 -52.94 44.25 -32.91
C THR C 164 -52.12 45.50 -33.28
N LYS C 165 -51.21 45.40 -34.25
CA LYS C 165 -50.41 46.52 -34.80
C LYS C 165 -51.32 47.66 -35.26
N GLU C 166 -52.37 47.33 -36.03
CA GLU C 166 -53.33 48.31 -36.62
C GLU C 166 -54.16 48.93 -35.48
N ARG C 167 -54.57 48.12 -34.49
CA ARG C 167 -55.47 48.58 -33.41
C ARG C 167 -54.69 49.54 -32.49
N PHE C 168 -53.37 49.33 -32.32
CA PHE C 168 -52.51 50.22 -31.49
C PHE C 168 -52.21 51.53 -32.24
N SER C 169 -51.88 51.45 -33.53
CA SER C 169 -51.73 52.62 -34.45
C SER C 169 -53.00 53.50 -34.44
N ASP C 170 -54.16 52.92 -34.71
CA ASP C 170 -55.49 53.59 -34.60
C ASP C 170 -55.62 54.23 -33.23
N TRP C 171 -55.33 53.50 -32.16
CA TRP C 171 -55.52 53.97 -30.76
C TRP C 171 -54.67 55.23 -30.52
N LYS C 172 -53.44 55.26 -31.03
CA LYS C 172 -52.49 56.37 -30.80
C LYS C 172 -52.96 57.64 -31.55
N LYS C 173 -53.55 57.50 -32.74
CA LYS C 173 -54.08 58.63 -33.55
C LYS C 173 -55.31 59.26 -32.84
N GLU C 174 -56.05 58.52 -32.03
CA GLU C 174 -57.25 59.05 -31.30
C GLU C 174 -56.85 59.61 -29.94
N HIS C 175 -55.56 59.57 -29.54
CA HIS C 175 -55.11 59.98 -28.18
C HIS C 175 -53.90 60.92 -28.30
N ASN C 176 -54.06 62.19 -27.90
CA ASN C 176 -52.97 63.20 -27.91
C ASN C 176 -52.28 63.19 -26.54
N PHE C 177 -50.94 63.08 -26.55
CA PHE C 177 -50.12 63.14 -25.32
C PHE C 177 -49.06 64.23 -25.47
N SER C 178 -48.92 65.03 -24.41
CA SER C 178 -47.79 65.97 -24.23
C SER C 178 -46.63 65.20 -23.56
N GLU C 179 -45.41 65.54 -23.95
CA GLU C 179 -44.12 65.07 -23.39
C GLU C 179 -43.86 65.80 -22.06
N TYR C 180 -44.63 66.86 -21.71
CA TYR C 180 -44.52 67.62 -20.44
C TYR C 180 -45.89 67.76 -19.73
N ASN C 181 -45.88 68.00 -18.41
CA ASN C 181 -47.10 68.19 -17.58
C ASN C 181 -47.43 69.68 -17.57
N GLU C 182 -48.47 70.07 -16.83
CA GLU C 182 -49.01 71.45 -16.74
C GLU C 182 -47.87 72.37 -16.25
N LYS C 183 -47.11 71.93 -15.23
CA LYS C 183 -46.08 72.74 -14.55
C LYS C 183 -44.79 72.84 -15.37
N GLY C 184 -44.64 72.06 -16.45
CA GLY C 184 -43.53 72.12 -17.42
C GLY C 184 -42.58 70.92 -17.36
N TYR C 185 -42.73 70.01 -16.38
CA TYR C 185 -41.81 68.87 -16.09
C TYR C 185 -42.00 67.74 -17.11
N PRO C 186 -40.93 66.98 -17.44
CA PRO C 186 -41.06 65.81 -18.31
C PRO C 186 -41.97 64.75 -17.66
N VAL C 187 -42.56 63.89 -18.48
CA VAL C 187 -43.57 62.88 -18.06
C VAL C 187 -43.38 61.60 -18.84
N LEU C 188 -43.74 60.46 -18.25
CA LEU C 188 -44.09 59.22 -19.00
C LEU C 188 -45.61 59.20 -19.13
N ASN C 189 -46.14 58.66 -20.22
CA ASN C 189 -47.61 58.62 -20.47
C ASN C 189 -48.19 57.21 -20.49
N PHE C 190 -47.37 56.16 -20.59
CA PHE C 190 -47.80 54.74 -20.52
C PHE C 190 -48.83 54.48 -21.64
N GLU C 191 -48.49 54.88 -22.86
CA GLU C 191 -49.35 54.64 -24.05
C GLU C 191 -49.64 53.14 -24.17
N LYS C 192 -48.61 52.31 -24.17
CA LYS C 192 -48.74 50.83 -24.25
C LYS C 192 -49.73 50.32 -23.19
N GLU C 193 -49.58 50.70 -21.92
CA GLU C 193 -50.37 50.15 -20.78
C GLU C 193 -51.84 50.57 -20.92
N ASN C 194 -52.11 51.80 -21.34
CA ASN C 194 -53.48 52.35 -21.44
C ASN C 194 -54.17 51.77 -22.66
N PHE C 195 -53.46 51.62 -23.78
CA PHE C 195 -53.94 50.88 -24.97
C PHE C 195 -54.39 49.47 -24.56
N ILE C 196 -53.55 48.75 -23.79
CA ILE C 196 -53.82 47.33 -23.41
C ILE C 196 -55.11 47.25 -22.61
N ILE C 197 -55.35 48.16 -21.67
CA ILE C 197 -56.63 48.17 -20.92
C ILE C 197 -57.78 48.27 -21.94
N ASP C 198 -57.72 49.25 -22.84
CA ASP C 198 -58.84 49.65 -23.74
C ASP C 198 -59.07 48.56 -24.78
N TYR C 199 -58.02 47.79 -25.11
CA TYR C 199 -58.06 46.70 -26.13
C TYR C 199 -58.74 45.47 -25.52
N HIS C 200 -58.45 45.14 -24.27
CA HIS C 200 -59.18 44.10 -23.48
C HIS C 200 -60.64 44.50 -23.40
N ASN C 201 -60.93 45.69 -22.89
CA ASN C 201 -62.33 46.22 -22.83
C ASN C 201 -62.99 45.97 -24.20
N TRP C 202 -62.34 46.40 -25.29
CA TRP C 202 -62.94 46.36 -26.64
C TRP C 202 -63.26 44.92 -27.06
N TYR C 203 -62.30 43.99 -27.06
CA TYR C 203 -62.50 42.63 -27.62
C TYR C 203 -63.52 41.85 -26.77
N LEU C 204 -63.48 41.92 -25.43
CA LEU C 204 -64.50 41.20 -24.61
C LEU C 204 -65.90 41.78 -24.88
N ASN C 205 -66.05 43.10 -24.99
CA ASN C 205 -67.34 43.78 -25.33
C ASN C 205 -67.79 43.30 -26.71
N TRP C 206 -66.86 43.18 -27.67
CA TRP C 206 -67.17 42.76 -29.06
C TRP C 206 -67.65 41.29 -29.09
N LEU C 207 -66.99 40.40 -28.35
CA LEU C 207 -67.44 39.00 -28.17
C LEU C 207 -68.85 39.01 -27.57
N ALA C 208 -69.09 39.75 -26.50
CA ALA C 208 -70.43 39.81 -25.86
C ALA C 208 -71.48 40.24 -26.91
N ASN C 209 -71.18 41.22 -27.74
CA ASN C 209 -72.13 41.75 -28.76
C ASN C 209 -72.39 40.68 -29.84
N GLN C 210 -71.37 39.93 -30.27
CA GLN C 210 -71.52 38.85 -31.28
C GLN C 210 -72.49 37.78 -30.74
N VAL C 211 -72.32 37.37 -29.48
CA VAL C 211 -73.20 36.36 -28.83
C VAL C 211 -74.64 36.92 -28.84
N ARG C 212 -74.81 38.18 -28.43
CA ARG C 212 -76.13 38.86 -28.28
C ARG C 212 -76.84 38.99 -29.67
N LEU C 213 -76.14 38.96 -30.81
CA LEU C 213 -76.80 38.90 -32.15
C LEU C 213 -77.72 37.67 -32.20
N TYR C 214 -77.36 36.56 -31.54
CA TYR C 214 -78.02 35.25 -31.69
C TYR C 214 -78.64 34.76 -30.38
N ASP C 215 -78.19 35.21 -29.21
CA ASP C 215 -78.74 34.70 -27.93
C ASP C 215 -78.71 35.84 -26.91
N LYS C 216 -79.87 36.34 -26.49
CA LYS C 216 -80.00 37.36 -25.40
C LYS C 216 -80.49 36.69 -24.09
N GLN C 217 -80.67 35.37 -24.08
CA GLN C 217 -81.37 34.66 -22.98
C GLN C 217 -80.38 34.10 -21.93
N HIS C 218 -79.11 33.92 -22.26
CA HIS C 218 -78.12 33.24 -21.37
C HIS C 218 -77.08 34.23 -20.83
N ASP C 219 -76.63 33.95 -19.59
CA ASP C 219 -75.60 34.73 -18.84
C ASP C 219 -74.28 34.76 -19.63
N LEU C 220 -73.63 35.93 -19.71
CA LEU C 220 -72.25 36.06 -20.24
C LEU C 220 -71.27 36.11 -19.05
N HIS C 221 -70.21 35.30 -19.16
CA HIS C 221 -69.18 35.04 -18.13
C HIS C 221 -67.79 35.15 -18.78
N VAL C 222 -66.77 35.43 -17.97
CA VAL C 222 -65.34 35.44 -18.39
C VAL C 222 -64.45 35.16 -17.18
N ASN C 223 -63.32 34.44 -17.32
CA ASN C 223 -62.46 34.03 -16.18
C ASN C 223 -61.09 34.69 -16.26
N PRO C 224 -60.88 35.92 -15.75
CA PRO C 224 -59.53 36.48 -15.60
C PRO C 224 -58.65 35.62 -14.69
N HIS C 225 -57.33 35.68 -14.87
CA HIS C 225 -56.36 34.72 -14.27
C HIS C 225 -55.07 35.38 -13.81
N ASN C 226 -54.29 34.69 -12.97
CA ASN C 226 -52.94 35.13 -12.55
C ASN C 226 -53.06 36.59 -12.08
N VAL C 227 -54.09 36.89 -11.30
CA VAL C 227 -54.59 38.27 -11.06
C VAL C 227 -53.56 39.09 -10.25
N PHE C 228 -52.72 38.46 -9.45
CA PHE C 228 -51.65 39.17 -8.68
C PHE C 228 -50.59 39.74 -9.63
N LYS C 229 -50.54 39.29 -10.88
CA LYS C 229 -49.58 39.81 -11.89
C LYS C 229 -50.34 40.53 -13.00
N LEU C 230 -51.53 40.05 -13.40
CA LEU C 230 -52.25 40.54 -14.60
C LEU C 230 -53.32 41.59 -14.27
N SER C 231 -53.48 42.00 -13.02
CA SER C 231 -54.54 42.96 -12.60
C SER C 231 -54.41 44.27 -13.36
N GLY C 232 -53.21 44.60 -13.85
CA GLY C 232 -52.96 45.83 -14.65
C GLY C 232 -53.49 45.78 -16.07
N LEU C 233 -54.05 44.65 -16.52
CA LEU C 233 -54.74 44.42 -17.82
C LEU C 233 -56.24 44.55 -17.65
N TYR C 234 -56.73 44.53 -16.42
CA TYR C 234 -58.17 44.29 -16.12
C TYR C 234 -58.83 45.58 -15.61
N ASP C 235 -59.77 46.13 -16.40
CA ASP C 235 -60.70 47.23 -16.01
C ASP C 235 -62.06 46.60 -15.68
N PHE C 236 -62.19 46.00 -14.49
CA PHE C 236 -63.39 45.21 -14.09
C PHE C 236 -64.64 46.09 -14.11
N PRO C 237 -64.61 47.36 -13.65
CA PRO C 237 -65.78 48.23 -13.77
C PRO C 237 -66.31 48.31 -15.21
N THR C 238 -65.46 48.44 -16.23
CA THR C 238 -65.97 48.53 -17.62
C THR C 238 -66.62 47.20 -17.98
N TRP C 239 -66.07 46.06 -17.52
CA TRP C 239 -66.55 44.70 -17.90
C TRP C 239 -67.98 44.48 -17.40
N ARG C 240 -68.34 45.05 -16.24
CA ARG C 240 -69.70 44.93 -15.62
C ARG C 240 -70.79 45.36 -16.60
N THR C 241 -70.49 46.28 -17.53
CA THR C 241 -71.48 46.83 -18.49
C THR C 241 -72.01 45.72 -19.41
N PHE C 242 -71.24 44.68 -19.72
CA PHE C 242 -71.67 43.61 -20.69
C PHE C 242 -71.67 42.18 -20.10
N LEU C 243 -71.13 41.94 -18.91
CA LEU C 243 -71.16 40.61 -18.26
C LEU C 243 -72.42 40.51 -17.41
N ASN C 244 -72.84 39.28 -17.10
CA ASN C 244 -73.89 38.95 -16.11
C ASN C 244 -73.23 38.46 -14.82
N SER C 245 -72.04 37.88 -14.92
CA SER C 245 -71.23 37.40 -13.77
C SER C 245 -69.73 37.48 -14.10
N LEU C 246 -68.91 37.63 -13.07
CA LEU C 246 -67.44 37.64 -13.23
C LEU C 246 -66.89 36.35 -12.65
N GLY C 247 -66.02 35.71 -13.45
CA GLY C 247 -65.30 34.48 -13.10
C GLY C 247 -63.91 34.77 -12.65
N GLY C 248 -63.11 33.71 -12.50
CA GLY C 248 -61.66 33.76 -12.22
C GLY C 248 -61.07 32.38 -12.32
N SER C 249 -59.83 32.27 -12.78
CA SER C 249 -58.95 31.11 -12.55
C SER C 249 -58.09 31.45 -11.33
N ALA C 250 -58.03 30.56 -10.35
CA ALA C 250 -57.12 30.62 -9.19
C ALA C 250 -56.53 29.24 -8.97
N HIS C 251 -55.53 28.89 -9.79
CA HIS C 251 -54.79 27.60 -9.75
C HIS C 251 -53.59 27.71 -8.81
N ALA C 252 -53.55 26.89 -7.75
CA ALA C 252 -52.41 26.80 -6.81
C ALA C 252 -51.07 26.63 -7.54
N SER C 253 -51.04 25.93 -8.67
CA SER C 253 -49.79 25.55 -9.38
C SER C 253 -49.34 26.66 -10.34
N TRP C 254 -50.20 27.63 -10.70
CA TRP C 254 -49.86 28.68 -11.69
C TRP C 254 -49.84 30.10 -11.09
N HIS C 255 -50.65 30.40 -10.08
CA HIS C 255 -51.06 31.79 -9.73
C HIS C 255 -50.60 32.26 -8.35
N PHE C 256 -50.01 31.40 -7.51
CA PHE C 256 -49.74 31.67 -6.07
C PHE C 256 -48.24 31.71 -5.79
N GLY C 257 -47.43 32.00 -6.80
CA GLY C 257 -45.98 32.15 -6.69
C GLY C 257 -45.56 33.13 -5.59
N TYR C 258 -46.35 34.15 -5.27
CA TYR C 258 -45.99 35.12 -4.20
C TYR C 258 -46.16 34.48 -2.81
N PHE C 259 -46.58 33.22 -2.70
CA PHE C 259 -46.81 32.55 -1.39
C PHE C 259 -46.24 31.14 -1.32
N PRO C 260 -45.85 30.71 -0.09
CA PRO C 260 -45.60 29.29 0.19
C PRO C 260 -46.96 28.57 0.23
N ARG C 261 -46.92 27.25 0.08
CA ARG C 261 -48.11 26.38 0.04
C ARG C 261 -48.92 26.53 1.34
N LYS C 262 -48.28 26.75 2.49
CA LYS C 262 -48.98 26.77 3.80
C LYS C 262 -49.83 28.04 3.89
N ALA C 263 -49.67 28.98 2.96
CA ALA C 263 -50.45 30.26 2.90
C ALA C 263 -51.31 30.33 1.64
N TYR C 264 -51.59 29.20 0.98
CA TYR C 264 -52.49 29.21 -0.20
C TYR C 264 -53.90 29.57 0.28
N THR C 265 -54.21 29.37 1.56
CA THR C 265 -55.47 29.88 2.20
C THR C 265 -55.58 31.40 2.01
N VAL C 266 -54.51 32.10 2.39
CA VAL C 266 -54.43 33.59 2.30
C VAL C 266 -54.51 34.01 0.82
N ALA C 267 -53.82 33.27 -0.04
CA ALA C 267 -53.77 33.50 -1.49
C ALA C 267 -55.17 33.40 -2.05
N MET C 268 -55.86 32.31 -1.73
CA MET C 268 -57.22 32.06 -2.28
C MET C 268 -58.17 33.13 -1.73
N SER C 269 -58.02 33.50 -0.44
CA SER C 269 -58.84 34.55 0.19
C SER C 269 -58.66 35.88 -0.55
N ALA C 270 -57.41 36.28 -0.81
CA ALA C 270 -57.10 37.55 -1.50
C ALA C 270 -57.60 37.49 -2.95
N ASN C 271 -57.39 36.36 -3.64
CA ASN C 271 -57.82 36.16 -5.06
C ASN C 271 -59.35 36.31 -5.11
N ALA C 272 -60.06 35.76 -4.13
CA ALA C 272 -61.54 35.85 -4.04
C ALA C 272 -61.97 37.30 -3.78
N GLU C 273 -61.32 37.98 -2.84
CA GLU C 273 -61.66 39.38 -2.50
C GLU C 273 -61.47 40.25 -3.73
N LEU C 274 -60.43 39.96 -4.51
CA LEU C 274 -60.04 40.76 -5.69
C LEU C 274 -61.12 40.62 -6.76
N ILE C 275 -61.62 39.41 -7.00
CA ILE C 275 -62.68 39.17 -8.02
C ILE C 275 -64.01 39.77 -7.52
N ARG C 276 -64.35 39.55 -6.25
CA ARG C 276 -65.59 40.07 -5.63
C ARG C 276 -65.66 41.58 -5.87
N SER C 277 -64.57 42.27 -5.58
CA SER C 277 -64.43 43.74 -5.76
C SER C 277 -64.61 44.08 -7.25
N GLY C 278 -63.95 43.36 -8.18
CA GLY C 278 -64.10 43.58 -9.62
C GLY C 278 -65.55 43.43 -10.05
N ALA C 279 -66.25 42.48 -9.45
CA ALA C 279 -67.62 42.11 -9.81
C ALA C 279 -68.59 43.26 -9.46
N GLY C 280 -68.36 43.97 -8.36
CA GLY C 280 -69.26 45.03 -7.85
C GLY C 280 -70.68 44.51 -7.66
N GLU C 281 -71.65 45.09 -8.36
CA GLU C 281 -73.11 44.75 -8.26
C GLU C 281 -73.37 43.38 -8.91
N LEU C 282 -72.45 42.86 -9.73
CA LEU C 282 -72.56 41.51 -10.38
C LEU C 282 -72.20 40.41 -9.38
N PRO C 283 -72.87 39.25 -9.46
CA PRO C 283 -72.40 38.07 -8.75
C PRO C 283 -71.14 37.52 -9.42
N TRP C 284 -70.34 36.78 -8.66
CA TRP C 284 -69.06 36.18 -9.15
C TRP C 284 -69.01 34.71 -8.75
N LEU C 285 -68.16 33.96 -9.42
CA LEU C 285 -67.86 32.56 -9.07
C LEU C 285 -66.44 32.26 -9.55
N MET C 286 -65.81 31.22 -9.01
CA MET C 286 -64.45 30.81 -9.42
C MET C 286 -64.62 29.72 -10.48
N THR C 287 -64.36 30.08 -11.74
CA THR C 287 -64.57 29.25 -12.94
C THR C 287 -63.49 28.16 -13.06
N GLU C 288 -62.34 28.31 -12.41
CA GLU C 288 -61.18 27.41 -12.60
C GLU C 288 -60.36 27.27 -11.30
N LEU C 289 -60.52 26.15 -10.61
CA LEU C 289 -59.72 25.75 -9.42
C LEU C 289 -58.96 24.47 -9.78
N GLN C 290 -57.83 24.21 -9.11
CA GLN C 290 -57.01 23.01 -9.41
C GLN C 290 -57.70 21.76 -8.81
N GLY C 291 -58.08 20.81 -9.67
CA GLY C 291 -58.78 19.58 -9.27
C GLY C 291 -57.86 18.37 -9.13
N GLY C 292 -56.58 18.47 -9.53
CA GLY C 292 -55.72 17.28 -9.64
C GLY C 292 -54.24 17.60 -9.81
N ASN C 293 -53.52 16.59 -10.25
CA ASN C 293 -52.06 16.46 -10.10
C ASN C 293 -51.37 17.14 -11.27
N ASN C 294 -50.30 17.86 -10.97
CA ASN C 294 -49.26 18.26 -11.96
C ASN C 294 -48.26 17.12 -12.13
N LEU C 295 -48.03 16.71 -13.38
CA LEU C 295 -46.96 15.76 -13.75
C LEU C 295 -45.81 16.61 -14.28
N TYR C 296 -45.96 17.13 -15.51
CA TYR C 296 -44.97 17.97 -16.23
C TYR C 296 -45.38 19.45 -16.26
N SER C 297 -46.65 19.76 -15.99
CA SER C 297 -47.23 21.11 -16.10
C SER C 297 -47.15 21.86 -14.76
N GLY C 298 -47.49 23.14 -14.78
CA GLY C 298 -47.49 24.04 -13.60
C GLY C 298 -46.12 24.65 -13.34
N ALA C 299 -46.10 25.83 -12.72
CA ALA C 299 -44.88 26.56 -12.31
C ALA C 299 -44.47 26.12 -10.90
N ASN C 300 -45.43 25.90 -10.00
CA ASN C 300 -45.21 25.43 -8.60
C ASN C 300 -46.03 24.17 -8.41
N PRO C 301 -45.60 23.03 -8.98
CA PRO C 301 -46.48 21.85 -9.11
C PRO C 301 -46.94 21.25 -7.77
N LEU C 302 -48.12 20.69 -7.74
CA LEU C 302 -48.65 19.94 -6.55
C LEU C 302 -49.79 19.00 -6.96
N CYS C 303 -50.22 18.17 -6.03
CA CYS C 303 -51.53 17.50 -6.04
C CYS C 303 -52.32 17.97 -4.83
N PRO C 304 -53.38 18.78 -5.02
CA PRO C 304 -54.17 19.28 -3.89
C PRO C 304 -54.53 18.11 -2.96
N THR C 305 -54.38 18.30 -1.67
CA THR C 305 -54.91 17.37 -0.62
C THR C 305 -56.43 17.54 -0.56
N ALA C 306 -57.13 16.56 -0.02
CA ALA C 306 -58.57 16.65 0.30
C ALA C 306 -58.79 17.86 1.20
N GLU C 307 -57.91 18.06 2.18
CA GLU C 307 -58.02 19.18 3.14
C GLU C 307 -58.00 20.51 2.38
N GLU C 308 -57.15 20.61 1.34
CA GLU C 308 -57.00 21.84 0.51
C GLU C 308 -58.25 22.08 -0.35
N ILE C 309 -58.88 21.03 -0.87
CA ILE C 309 -60.11 21.18 -1.68
C ILE C 309 -61.21 21.86 -0.84
N ILE C 310 -61.34 21.46 0.43
CA ILE C 310 -62.41 21.96 1.34
C ILE C 310 -62.12 23.40 1.73
N GLN C 311 -60.87 23.69 2.10
CA GLN C 311 -60.36 25.07 2.41
C GLN C 311 -60.73 26.01 1.27
N TRP C 312 -60.41 25.64 0.02
CA TRP C 312 -60.58 26.56 -1.15
C TRP C 312 -62.07 26.81 -1.37
N LEU C 313 -62.91 25.77 -1.27
CA LEU C 313 -64.37 25.93 -1.54
C LEU C 313 -64.98 26.84 -0.45
N TRP C 314 -64.68 26.61 0.83
CA TRP C 314 -65.24 27.42 1.94
C TRP C 314 -64.72 28.85 1.84
N ILE C 315 -63.44 29.06 1.55
CA ILE C 315 -62.92 30.45 1.43
C ILE C 315 -63.69 31.16 0.32
N ASN C 316 -63.97 30.50 -0.81
CA ASN C 316 -64.67 31.18 -1.94
C ASN C 316 -66.11 31.49 -1.53
N PHE C 317 -66.83 30.53 -0.95
CA PHE C 317 -68.28 30.72 -0.63
C PHE C 317 -68.43 31.77 0.47
N ALA C 318 -67.53 31.79 1.45
CA ALA C 318 -67.50 32.76 2.57
C ALA C 318 -67.17 34.16 2.02
N THR C 319 -66.72 34.23 0.77
CA THR C 319 -66.35 35.50 0.08
C THR C 319 -67.34 35.72 -1.06
N GLU C 320 -68.56 35.18 -0.91
CA GLU C 320 -69.79 35.45 -1.74
C GLU C 320 -69.72 34.71 -3.10
N ALA C 321 -68.78 33.80 -3.34
CA ALA C 321 -68.72 33.05 -4.61
C ALA C 321 -70.05 32.31 -4.79
N LYS C 322 -70.58 32.27 -6.01
CA LYS C 322 -71.83 31.54 -6.36
C LYS C 322 -71.52 30.16 -6.96
N GLY C 323 -70.25 29.77 -7.00
CA GLY C 323 -69.85 28.44 -7.51
C GLY C 323 -68.35 28.27 -7.45
N GLY C 324 -67.89 27.02 -7.41
CA GLY C 324 -66.48 26.60 -7.61
C GLY C 324 -66.43 25.49 -8.64
N ILE C 325 -65.87 25.80 -9.81
CA ILE C 325 -65.68 24.82 -10.93
C ILE C 325 -64.20 24.38 -10.94
N PHE C 326 -63.95 23.11 -10.76
CA PHE C 326 -62.58 22.51 -10.79
C PHE C 326 -62.17 22.18 -12.22
N TRP C 327 -60.95 22.55 -12.62
CA TRP C 327 -60.24 21.97 -13.79
C TRP C 327 -59.31 20.86 -13.29
N SER C 328 -59.63 19.60 -13.59
CA SER C 328 -60.75 19.18 -14.43
C SER C 328 -61.37 17.90 -13.86
N PHE C 329 -62.57 17.53 -14.31
CA PHE C 329 -63.21 16.26 -13.86
C PHE C 329 -62.40 15.09 -14.40
N ASN C 330 -62.34 14.97 -15.72
CA ASN C 330 -61.53 13.99 -16.48
C ASN C 330 -60.33 14.70 -17.12
N ALA C 331 -59.30 13.98 -17.53
CA ALA C 331 -58.04 14.57 -18.09
C ALA C 331 -58.02 14.59 -19.62
N ARG C 332 -57.21 15.46 -20.20
CA ARG C 332 -56.78 15.40 -21.62
C ARG C 332 -55.95 14.11 -21.76
N SER C 333 -55.78 13.63 -22.98
CA SER C 333 -55.24 12.28 -23.25
C SER C 333 -53.88 12.32 -23.98
N THR C 334 -53.57 13.41 -24.68
CA THR C 334 -52.38 13.55 -25.58
C THR C 334 -51.61 14.83 -25.26
N ALA C 335 -50.28 14.73 -25.14
CA ALA C 335 -49.32 15.86 -25.12
C ALA C 335 -49.57 16.71 -23.85
N ALA C 336 -49.56 18.03 -23.97
CA ALA C 336 -49.71 18.97 -22.84
C ALA C 336 -50.82 18.50 -21.90
N GLU C 337 -50.45 18.19 -20.65
CA GLU C 337 -51.38 17.99 -19.51
C GLU C 337 -52.10 16.65 -19.63
N ALA C 338 -51.56 15.70 -20.38
CA ALA C 338 -52.17 14.37 -20.57
C ALA C 338 -52.21 13.61 -19.22
N GLY C 339 -53.41 13.28 -18.75
CA GLY C 339 -53.59 12.55 -17.49
C GLY C 339 -53.25 13.40 -16.28
N GLU C 340 -53.18 14.74 -16.44
CA GLU C 340 -52.99 15.72 -15.33
C GLU C 340 -54.30 16.48 -15.02
N TRP C 341 -54.41 17.00 -13.77
CA TRP C 341 -55.42 17.97 -13.29
C TRP C 341 -56.73 17.31 -12.86
N ALA C 342 -56.94 16.02 -13.14
CA ALA C 342 -58.27 15.34 -13.03
C ALA C 342 -58.60 15.00 -11.57
N MET C 343 -59.89 15.07 -11.23
CA MET C 343 -60.44 14.73 -9.88
C MET C 343 -60.73 13.25 -9.82
N ILE C 344 -61.09 12.63 -10.95
CA ILE C 344 -61.24 11.14 -11.05
C ILE C 344 -59.86 10.54 -11.27
N ASN C 345 -59.66 9.31 -10.80
CA ASN C 345 -58.42 8.52 -11.03
C ASN C 345 -58.50 7.92 -12.43
N PHE C 346 -57.57 7.07 -12.81
CA PHE C 346 -57.40 6.58 -14.21
C PHE C 346 -58.36 5.40 -14.49
N LYS C 347 -59.11 4.94 -13.48
CA LYS C 347 -60.21 3.95 -13.61
C LYS C 347 -61.55 4.68 -13.61
N ASN C 348 -61.53 6.01 -13.60
CA ASN C 348 -62.76 6.87 -13.68
C ASN C 348 -63.54 6.82 -12.36
N LYS C 349 -62.89 6.51 -11.24
CA LYS C 349 -63.52 6.56 -9.89
C LYS C 349 -63.00 7.77 -9.11
N SER C 350 -63.59 8.02 -7.95
CA SER C 350 -63.33 9.21 -7.10
C SER C 350 -61.93 9.14 -6.46
N SER C 351 -61.09 10.16 -6.70
CA SER C 351 -59.93 10.49 -5.84
C SER C 351 -60.47 11.03 -4.50
N ASP C 352 -59.61 11.18 -3.49
CA ASP C 352 -60.01 11.79 -2.19
C ASP C 352 -60.45 13.25 -2.44
N ARG C 353 -60.05 13.82 -3.58
CA ARG C 353 -60.33 15.24 -3.94
C ARG C 353 -61.80 15.39 -4.34
N LEU C 354 -62.36 14.41 -5.04
CA LEU C 354 -63.79 14.40 -5.47
C LEU C 354 -64.67 14.05 -4.28
N ILE C 355 -64.24 13.10 -3.45
CA ILE C 355 -64.99 12.71 -2.21
C ILE C 355 -65.11 13.96 -1.31
N ALA C 356 -64.05 14.75 -1.20
CA ALA C 356 -64.03 16.02 -0.43
C ALA C 356 -64.99 17.06 -1.06
N ALA C 357 -64.88 17.31 -2.37
CA ALA C 357 -65.74 18.28 -3.06
C ALA C 357 -67.21 17.87 -2.86
N ALA C 358 -67.50 16.57 -2.88
CA ALA C 358 -68.88 16.04 -2.75
C ALA C 358 -69.43 16.40 -1.35
N THR C 359 -68.62 16.42 -0.28
CA THR C 359 -69.12 16.73 1.10
C THR C 359 -69.65 18.16 1.10
N ILE C 360 -69.11 19.03 0.24
CA ILE C 360 -69.50 20.46 0.18
C ILE C 360 -70.77 20.60 -0.67
N GLY C 361 -70.86 19.93 -1.83
CA GLY C 361 -72.11 19.84 -2.60
C GLY C 361 -73.27 19.41 -1.71
N LYS C 362 -73.04 18.44 -0.82
CA LYS C 362 -74.05 17.85 0.08
C LYS C 362 -74.43 18.87 1.16
N PHE C 363 -73.44 19.48 1.82
CA PHE C 363 -73.69 20.54 2.83
C PHE C 363 -74.60 21.60 2.24
N ILE C 364 -74.36 22.03 0.99
CA ILE C 364 -75.20 23.06 0.30
C ILE C 364 -76.65 22.57 0.23
N THR C 365 -76.92 21.36 -0.28
CA THR C 365 -78.32 20.91 -0.55
C THR C 365 -79.05 20.73 0.78
N GLU C 366 -78.33 20.60 1.91
CA GLU C 366 -78.88 20.45 3.29
C GLU C 366 -78.95 21.78 4.06
N ASN C 367 -78.46 22.89 3.49
CA ASN C 367 -78.45 24.23 4.14
C ASN C 367 -78.69 25.31 3.10
N VAL C 368 -79.65 25.12 2.17
CA VAL C 368 -79.87 25.96 0.95
C VAL C 368 -80.09 27.43 1.35
N LYS C 369 -80.93 27.72 2.35
CA LYS C 369 -81.26 29.11 2.72
C LYS C 369 -79.99 29.87 3.17
N MET C 370 -79.20 29.26 4.05
CA MET C 370 -77.92 29.82 4.55
C MET C 370 -76.96 30.05 3.35
N MET C 371 -76.68 29.04 2.54
CA MET C 371 -75.61 29.11 1.53
C MET C 371 -76.02 30.03 0.36
N SER C 372 -77.32 30.27 0.17
CA SER C 372 -77.86 31.04 -0.98
C SER C 372 -77.74 32.55 -0.72
N ASN C 373 -77.51 32.96 0.54
CA ASN C 373 -77.66 34.38 0.94
C ASN C 373 -76.41 34.91 1.63
N ILE C 374 -75.25 34.30 1.37
CA ILE C 374 -74.01 34.66 2.12
C ILE C 374 -73.64 36.07 1.71
N LYS C 375 -73.36 36.93 2.69
CA LYS C 375 -72.78 38.28 2.49
C LYS C 375 -71.53 38.36 3.34
N THR C 376 -70.42 38.84 2.79
CA THR C 376 -69.17 38.98 3.56
C THR C 376 -69.46 39.95 4.71
N LEU C 377 -68.96 39.71 5.91
CA LEU C 377 -69.01 40.71 7.02
C LEU C 377 -67.82 41.66 6.83
N ASN C 378 -68.08 42.80 6.19
CA ASN C 378 -67.09 43.89 5.97
C ASN C 378 -66.64 44.41 7.33
N SER C 379 -65.36 44.19 7.69
CA SER C 379 -64.69 44.84 8.85
C SER C 379 -64.74 46.35 8.65
N GLY C 380 -64.81 46.80 7.39
CA GLY C 380 -64.62 48.19 6.99
C GLY C 380 -63.20 48.45 6.57
N ILE C 381 -62.32 47.44 6.63
CA ILE C 381 -60.90 47.58 6.20
C ILE C 381 -60.87 47.27 4.70
N SER C 382 -60.33 48.19 3.90
CA SER C 382 -60.16 48.04 2.43
C SER C 382 -58.67 48.23 2.10
N ILE C 383 -58.01 47.19 1.59
CA ILE C 383 -56.62 47.29 1.06
C ILE C 383 -56.70 47.61 -0.44
N LEU C 384 -56.17 48.75 -0.86
CA LEU C 384 -56.38 49.25 -2.26
C LEU C 384 -55.06 49.12 -3.01
N TYR C 385 -55.13 48.66 -4.25
CA TYR C 385 -54.02 48.67 -5.23
C TYR C 385 -54.47 49.51 -6.43
N ASN C 386 -53.56 49.99 -7.27
CA ASN C 386 -53.96 50.67 -8.52
C ASN C 386 -53.06 50.27 -9.69
N HIS C 387 -53.64 50.28 -10.89
CA HIS C 387 -52.95 49.96 -12.16
C HIS C 387 -51.65 50.78 -12.22
N GLU C 388 -51.74 52.06 -11.88
CA GLU C 388 -50.65 53.02 -12.20
C GLU C 388 -49.40 52.71 -11.37
N SER C 389 -49.56 52.28 -10.10
CA SER C 389 -48.42 51.85 -9.25
C SER C 389 -47.69 50.68 -9.91
N MET C 390 -48.42 49.78 -10.55
CA MET C 390 -47.80 48.61 -11.21
C MET C 390 -47.04 49.06 -12.46
N TRP C 391 -47.62 49.96 -13.27
CA TRP C 391 -47.06 50.53 -14.52
C TRP C 391 -45.76 51.29 -14.24
N VAL C 392 -45.81 52.19 -13.27
CA VAL C 392 -44.63 52.98 -12.82
C VAL C 392 -43.56 52.01 -12.30
N GLU C 393 -43.92 51.01 -11.49
CA GLU C 393 -42.93 50.03 -10.96
C GLU C 393 -42.23 49.33 -12.13
N ALA C 394 -42.97 48.85 -13.13
CA ALA C 394 -42.40 48.17 -14.32
C ALA C 394 -41.34 49.07 -15.00
N ALA C 395 -41.59 50.38 -15.09
CA ALA C 395 -40.65 51.36 -15.69
C ALA C 395 -39.42 51.56 -14.80
N GLN C 396 -39.56 51.60 -13.47
CA GLN C 396 -38.47 51.95 -12.53
C GLN C 396 -37.53 50.76 -12.31
N THR C 397 -38.05 49.54 -12.23
CA THR C 397 -37.24 48.33 -11.93
C THR C 397 -36.60 47.82 -13.21
N ARG C 398 -37.09 48.28 -14.38
CA ARG C 398 -36.58 47.96 -15.75
C ARG C 398 -36.73 46.44 -16.00
N GLY C 399 -37.51 45.71 -15.18
CA GLY C 399 -37.88 44.29 -15.37
C GLY C 399 -37.07 43.28 -14.56
N LYS C 400 -36.52 43.63 -13.38
CA LYS C 400 -35.85 42.67 -12.45
C LYS C 400 -36.94 41.81 -11.78
N LEU C 401 -36.64 40.53 -11.48
CA LEU C 401 -37.63 39.49 -11.10
C LEU C 401 -37.16 38.70 -9.86
N ASN C 402 -37.38 39.24 -8.65
CA ASN C 402 -37.00 38.65 -7.32
C ASN C 402 -37.97 39.13 -6.23
N ASN C 404 -39.38 41.48 -3.80
CA ASN C 404 -38.26 42.40 -3.39
C ASN C 404 -38.57 43.81 -3.89
N GLY C 405 -38.30 44.83 -3.06
CA GLY C 405 -38.69 46.22 -3.36
C GLY C 405 -38.23 46.66 -4.74
N ARG C 406 -37.05 46.21 -5.17
CA ARG C 406 -36.40 46.66 -6.44
C ARG C 406 -36.78 45.73 -7.59
N SER C 407 -37.95 45.11 -7.55
CA SER C 407 -38.37 44.12 -8.58
C SER C 407 -39.87 44.18 -8.82
N ILE C 408 -40.32 43.64 -9.96
CA ILE C 408 -41.76 43.59 -10.31
C ILE C 408 -42.49 42.77 -9.24
N GLY C 409 -43.60 43.30 -8.72
CA GLY C 409 -44.50 42.57 -7.81
C GLY C 409 -44.51 43.13 -6.39
N ALA C 410 -43.59 44.02 -6.01
CA ALA C 410 -43.57 44.65 -4.67
C ALA C 410 -44.90 45.40 -4.43
N VAL C 411 -45.43 46.09 -5.44
CA VAL C 411 -46.68 46.91 -5.36
C VAL C 411 -47.87 46.00 -5.07
N MET C 412 -47.80 44.70 -5.38
CA MET C 412 -48.85 43.73 -5.00
C MET C 412 -48.46 42.94 -3.76
N CYS C 413 -47.22 42.49 -3.64
CA CYS C 413 -46.76 41.71 -2.45
C CYS C 413 -46.97 42.53 -1.16
N SER C 414 -46.82 43.85 -1.21
CA SER C 414 -46.92 44.74 -0.03
C SER C 414 -48.37 44.72 0.49
N PRO C 415 -49.39 45.03 -0.34
CA PRO C 415 -50.78 44.91 0.08
C PRO C 415 -51.11 43.47 0.54
N LEU C 416 -50.57 42.48 -0.15
CA LEU C 416 -50.84 41.06 0.17
C LEU C 416 -50.28 40.76 1.57
N SER C 417 -49.23 41.46 2.01
CA SER C 417 -48.65 41.22 3.36
C SER C 417 -49.57 41.79 4.43
N TYR C 418 -50.12 42.99 4.24
CA TYR C 418 -51.12 43.56 5.19
C TYR C 418 -52.26 42.55 5.24
N PHE C 419 -52.68 42.07 4.08
CA PHE C 419 -53.83 41.16 3.94
C PHE C 419 -53.57 39.91 4.76
N GLU C 420 -52.37 39.38 4.66
CA GLU C 420 -51.95 38.17 5.39
C GLU C 420 -51.97 38.47 6.89
N ALA C 421 -51.43 39.61 7.28
CA ALA C 421 -51.27 40.01 8.70
C ALA C 421 -52.65 40.13 9.31
N LEU C 422 -53.62 40.61 8.53
CA LEU C 422 -55.02 40.80 9.03
C LEU C 422 -55.71 39.45 9.10
N SER C 423 -55.45 38.55 8.15
CA SER C 423 -55.94 37.15 8.17
C SER C 423 -55.47 36.45 9.44
N GLU C 424 -54.23 36.65 9.86
CA GLU C 424 -53.62 35.96 11.04
C GLU C 424 -54.12 36.62 12.32
N THR C 425 -54.92 37.69 12.19
CA THR C 425 -55.63 38.33 13.33
C THR C 425 -57.11 37.95 13.32
N GLY C 426 -57.59 37.30 12.25
CA GLY C 426 -58.98 36.83 12.12
C GLY C 426 -59.92 37.92 11.63
N LEU C 427 -59.40 38.95 10.94
CA LEU C 427 -60.24 40.07 10.39
C LEU C 427 -60.38 39.95 8.88
N GLN C 428 -61.59 40.04 8.37
CA GLN C 428 -61.83 40.28 6.91
C GLN C 428 -61.14 41.58 6.51
N ALA C 429 -60.68 41.64 5.27
CA ALA C 429 -60.32 42.89 4.59
C ALA C 429 -60.71 42.77 3.11
N ASN C 430 -61.20 43.85 2.51
CA ASN C 430 -61.39 43.91 1.05
C ASN C 430 -60.02 44.09 0.40
N PHE C 431 -59.91 43.68 -0.85
CA PHE C 431 -58.73 43.85 -1.71
C PHE C 431 -59.28 44.39 -3.03
N LYS C 432 -59.07 45.66 -3.34
CA LYS C 432 -59.78 46.37 -4.44
C LYS C 432 -58.80 47.21 -5.24
N GLU C 433 -59.02 47.31 -6.55
CA GLU C 433 -58.44 48.39 -7.39
C GLU C 433 -59.09 49.70 -6.90
N ILE C 434 -58.33 50.78 -6.85
CA ILE C 434 -58.79 52.04 -6.23
C ILE C 434 -60.07 52.53 -6.92
N LYS C 435 -60.26 52.32 -8.23
CA LYS C 435 -61.50 52.77 -8.94
C LYS C 435 -62.73 51.92 -8.56
N GLU C 436 -62.57 50.85 -7.78
CA GLU C 436 -63.69 49.98 -7.34
C GLU C 436 -64.17 50.41 -5.95
N PHE C 437 -63.41 51.28 -5.26
CA PHE C 437 -63.80 51.88 -3.95
C PHE C 437 -64.72 53.08 -4.19
N ASP C 438 -65.78 53.19 -3.37
CA ASP C 438 -66.80 54.27 -3.49
C ASP C 438 -66.40 55.48 -2.63
N PHE C 439 -65.95 56.57 -3.26
CA PHE C 439 -65.41 57.79 -2.60
C PHE C 439 -66.52 58.87 -2.50
N SER C 440 -67.77 58.54 -2.80
CA SER C 440 -68.89 59.52 -2.95
C SER C 440 -69.77 59.63 -1.68
N LEU C 441 -69.56 58.79 -0.66
CA LEU C 441 -70.37 58.81 0.60
C LEU C 441 -70.07 60.08 1.42
N ASN C 442 -70.96 60.42 2.37
CA ASN C 442 -70.86 61.64 3.23
C ASN C 442 -70.23 61.29 4.58
N ASP C 443 -70.13 60.00 4.90
CA ASP C 443 -69.62 59.52 6.21
C ASP C 443 -68.75 58.27 5.97
N TYR C 444 -67.53 58.26 6.53
CA TYR C 444 -66.58 57.12 6.51
C TYR C 444 -66.06 56.85 7.92
N THR C 445 -66.84 57.16 8.96
CA THR C 445 -66.54 56.80 10.37
C THR C 445 -66.31 55.30 10.43
N ASP C 446 -65.25 54.88 11.11
CA ASP C 446 -64.97 53.45 11.39
C ASP C 446 -64.70 52.68 10.08
N GLN C 447 -64.31 53.40 9.00
CA GLN C 447 -63.78 52.82 7.74
C GLN C 447 -62.25 53.02 7.71
N VAL C 448 -61.52 52.05 7.18
CA VAL C 448 -60.04 52.07 7.12
C VAL C 448 -59.60 51.79 5.69
N ILE C 449 -58.67 52.61 5.18
CA ILE C 449 -57.99 52.39 3.87
C ILE C 449 -56.50 52.17 4.16
N ILE C 450 -55.94 51.09 3.61
CA ILE C 450 -54.50 50.79 3.69
C ILE C 450 -53.95 50.96 2.28
N LEU C 451 -53.03 51.92 2.09
CA LEU C 451 -52.21 52.05 0.86
C LEU C 451 -50.78 51.63 1.20
N SER C 452 -50.44 50.40 0.86
CA SER C 452 -49.14 49.76 1.15
C SER C 452 -48.31 49.78 -0.13
N HIS C 453 -47.36 50.71 -0.20
CA HIS C 453 -46.38 50.82 -1.30
C HIS C 453 -47.12 51.03 -2.62
N GLN C 454 -48.21 51.78 -2.60
CA GLN C 454 -48.88 52.22 -3.86
C GLN C 454 -48.12 53.46 -4.32
N ILE C 455 -47.06 53.22 -5.09
CA ILE C 455 -46.00 54.22 -5.34
C ILE C 455 -46.54 55.33 -6.25
N ALA C 456 -47.66 55.13 -6.97
CA ALA C 456 -48.21 56.16 -7.89
C ALA C 456 -49.63 56.56 -7.47
N LEU C 457 -49.81 57.84 -7.08
CA LEU C 457 -51.12 58.50 -6.80
C LEU C 457 -51.13 59.86 -7.50
N ASP C 458 -52.20 60.19 -8.22
CA ASP C 458 -52.35 61.53 -8.86
C ASP C 458 -53.20 62.44 -7.96
N ASN C 459 -53.36 63.70 -8.38
CA ASN C 459 -54.06 64.77 -7.63
C ASN C 459 -55.53 64.35 -7.44
N LYS C 460 -56.19 63.86 -8.49
CA LYS C 460 -57.62 63.44 -8.45
C LYS C 460 -57.86 62.47 -7.27
N VAL C 461 -56.99 61.49 -7.05
CA VAL C 461 -57.17 60.42 -6.02
C VAL C 461 -56.80 60.97 -4.65
N ILE C 462 -55.77 61.81 -4.58
CA ILE C 462 -55.38 62.46 -3.31
C ILE C 462 -56.58 63.28 -2.78
N LYS C 463 -57.32 63.98 -3.66
CA LYS C 463 -58.55 64.72 -3.26
C LYS C 463 -59.59 63.74 -2.68
N GLN C 464 -59.76 62.58 -3.32
CA GLN C 464 -60.71 61.55 -2.84
C GLN C 464 -60.27 61.05 -1.46
N LEU C 465 -58.95 60.88 -1.25
CA LEU C 465 -58.42 60.40 0.04
C LEU C 465 -58.60 61.48 1.11
N GLU C 466 -58.38 62.76 0.73
CA GLU C 466 -58.57 63.94 1.61
C GLU C 466 -60.01 63.95 2.10
N SER C 467 -60.97 63.75 1.18
CA SER C 467 -62.43 63.69 1.45
C SER C 467 -62.74 62.55 2.40
N PHE C 468 -62.18 61.37 2.15
CA PHE C 468 -62.41 60.12 2.91
C PHE C 468 -62.02 60.35 4.38
N VAL C 469 -60.86 60.95 4.63
CA VAL C 469 -60.31 61.11 6.00
C VAL C 469 -61.11 62.22 6.71
N GLU C 470 -61.34 63.33 6.02
CA GLU C 470 -62.11 64.50 6.52
C GLU C 470 -63.41 63.98 7.15
N LYS C 471 -64.07 63.06 6.45
CA LYS C 471 -65.40 62.53 6.84
C LYS C 471 -65.29 61.32 7.77
N GLY C 472 -64.14 61.09 8.42
CA GLY C 472 -64.00 60.10 9.52
C GLY C 472 -63.13 58.89 9.20
N GLY C 473 -62.66 58.74 7.95
CA GLY C 473 -61.85 57.59 7.53
C GLY C 473 -60.49 57.56 8.23
N THR C 474 -59.96 56.38 8.54
CA THR C 474 -58.55 56.14 8.92
C THR C 474 -57.78 55.71 7.66
N LEU C 475 -56.68 56.40 7.35
CA LEU C 475 -55.75 56.07 6.23
C LEU C 475 -54.42 55.61 6.80
N ILE C 476 -54.02 54.36 6.56
CA ILE C 476 -52.68 53.80 6.88
C ILE C 476 -51.87 53.69 5.58
N ALA C 477 -50.71 54.32 5.51
CA ALA C 477 -49.82 54.27 4.31
C ALA C 477 -48.40 53.88 4.73
N ASP C 478 -47.77 52.92 4.03
CA ASP C 478 -46.35 52.56 4.28
C ASP C 478 -45.60 52.45 2.96
N GLY C 479 -44.29 52.19 3.04
CA GLY C 479 -43.38 52.11 1.89
C GLY C 479 -43.39 53.41 1.13
N LEU C 480 -43.34 53.33 -0.19
CA LEU C 480 -43.13 54.50 -1.09
C LEU C 480 -44.48 54.98 -1.61
N THR C 481 -45.53 54.81 -0.82
CA THR C 481 -46.87 55.30 -1.24
C THR C 481 -46.76 56.77 -1.62
N GLY C 482 -47.22 57.14 -2.81
CA GLY C 482 -47.33 58.56 -3.24
C GLY C 482 -45.98 59.14 -3.67
N TYR C 483 -44.93 58.35 -3.78
CA TYR C 483 -43.60 58.88 -4.20
C TYR C 483 -43.72 59.50 -5.58
N TYR C 484 -44.46 58.86 -6.49
CA TYR C 484 -44.68 59.35 -7.88
C TYR C 484 -46.17 59.66 -8.06
N ASP C 485 -46.46 60.30 -9.20
CA ASP C 485 -47.82 60.52 -9.73
C ASP C 485 -48.01 59.55 -10.91
N TYR C 486 -49.11 59.67 -11.65
CA TYR C 486 -49.49 58.72 -12.71
C TYR C 486 -48.58 58.91 -13.93
N GLN C 487 -47.71 59.92 -13.93
CA GLN C 487 -46.81 60.15 -15.09
C GLN C 487 -45.35 59.90 -14.69
N ALA C 488 -45.18 59.25 -13.53
CA ALA C 488 -43.89 58.83 -12.94
C ALA C 488 -43.09 60.09 -12.59
N HIS C 489 -43.78 61.23 -12.45
CA HIS C 489 -43.18 62.47 -11.89
C HIS C 489 -43.30 62.39 -10.36
N SER C 490 -42.24 62.68 -9.64
CA SER C 490 -42.23 62.59 -8.16
C SER C 490 -42.45 63.96 -7.56
N THR C 491 -43.60 64.15 -6.91
CA THR C 491 -43.93 65.39 -6.17
C THR C 491 -43.05 65.47 -4.93
N VAL C 492 -42.50 64.35 -4.45
CA VAL C 492 -41.54 64.34 -3.30
C VAL C 492 -40.38 65.28 -3.62
N VAL C 493 -40.00 65.34 -4.91
CA VAL C 493 -38.87 66.17 -5.42
C VAL C 493 -39.38 67.60 -5.69
N SER C 494 -40.50 67.77 -6.39
CA SER C 494 -40.98 69.07 -6.94
C SER C 494 -41.92 69.84 -5.98
N GLY C 495 -42.57 69.16 -5.02
CA GLY C 495 -43.56 69.75 -4.09
C GLY C 495 -44.64 68.74 -3.70
N PHE C 496 -44.47 68.09 -2.53
CA PHE C 496 -45.19 66.87 -2.08
C PHE C 496 -46.69 67.10 -2.06
N ALA C 497 -47.43 66.41 -2.94
CA ALA C 497 -48.89 66.55 -3.16
C ALA C 497 -49.66 65.99 -1.96
N LEU C 498 -49.02 65.18 -1.11
CA LEU C 498 -49.67 64.57 0.09
C LEU C 498 -49.28 65.33 1.38
N GLU C 499 -48.56 66.46 1.30
CA GLU C 499 -48.14 67.23 2.49
C GLU C 499 -49.38 67.63 3.31
N ASN C 500 -50.42 68.11 2.64
CA ASN C 500 -51.69 68.56 3.26
C ASN C 500 -52.30 67.43 4.12
N LEU C 501 -52.48 66.23 3.53
CA LEU C 501 -53.19 65.11 4.19
C LEU C 501 -52.32 64.51 5.30
N PHE C 502 -51.01 64.35 5.05
CA PHE C 502 -50.07 63.63 5.93
C PHE C 502 -49.63 64.55 7.08
N GLY C 503 -49.75 65.86 6.86
CA GLY C 503 -49.35 66.87 7.84
C GLY C 503 -47.85 66.82 8.06
N SER C 504 -47.11 66.44 7.03
CA SER C 504 -45.66 66.13 7.10
C SER C 504 -45.07 66.02 5.69
N TYR C 505 -43.75 65.97 5.60
CA TYR C 505 -42.96 66.05 4.36
C TYR C 505 -41.88 64.97 4.50
N PRO C 506 -41.55 64.22 3.44
CA PRO C 506 -40.40 63.31 3.48
C PRO C 506 -39.08 64.09 3.44
N ILE C 507 -38.03 63.57 4.08
CA ILE C 507 -36.69 64.20 4.12
C ILE C 507 -35.73 63.39 3.23
N GLU C 508 -35.46 62.14 3.60
CA GLU C 508 -34.58 61.19 2.86
C GLU C 508 -35.20 59.79 2.85
N TYR C 509 -34.91 59.01 1.80
CA TYR C 509 -34.89 57.53 1.83
C TYR C 509 -33.42 57.11 1.78
N LYS C 510 -32.97 56.28 2.72
CA LYS C 510 -31.60 55.69 2.69
C LYS C 510 -31.75 54.19 2.51
N ILE C 511 -31.16 53.63 1.46
CA ILE C 511 -31.15 52.14 1.27
C ILE C 511 -30.30 51.54 2.41
N LYS C 512 -30.68 50.35 2.86
CA LYS C 512 -30.07 49.63 4.02
C LYS C 512 -29.89 48.15 3.62
N GLU C 513 -29.88 47.23 4.57
CA GLU C 513 -29.90 45.77 4.28
C GLU C 513 -31.27 45.41 3.66
N ASN C 514 -31.38 44.19 3.12
CA ASN C 514 -32.65 43.54 2.71
C ASN C 514 -33.70 43.62 3.84
N LEU C 515 -33.25 43.48 5.07
CA LEU C 515 -34.06 43.37 6.29
C LEU C 515 -33.38 44.12 7.43
N PHE C 516 -34.03 45.13 8.00
CA PHE C 516 -33.57 45.94 9.16
C PHE C 516 -34.76 46.10 10.11
N SER C 517 -34.53 46.70 11.26
CA SER C 517 -35.54 46.88 12.33
C SER C 517 -35.83 48.37 12.53
N LEU C 518 -37.10 48.81 12.47
CA LEU C 518 -37.53 50.15 12.96
C LEU C 518 -37.93 49.96 14.42
N ASP C 519 -37.13 50.46 15.35
CA ASP C 519 -37.36 50.30 16.81
C ASP C 519 -37.91 51.66 17.32
N PHE C 520 -39.20 51.71 17.68
CA PHE C 520 -39.87 52.94 18.18
C PHE C 520 -39.30 53.37 19.55
N GLU C 521 -39.26 54.69 19.78
CA GLU C 521 -38.84 55.37 21.04
C GLU C 521 -39.51 54.71 22.27
N LYS C 522 -40.75 54.24 22.16
CA LYS C 522 -41.63 53.94 23.33
C LYS C 522 -41.43 52.52 23.89
N ASP C 523 -40.55 51.69 23.26
CA ASP C 523 -40.29 50.25 23.60
C ASP C 523 -41.58 49.40 23.46
N ASN C 524 -42.51 49.84 22.62
CA ASN C 524 -43.80 49.14 22.32
C ASN C 524 -43.70 48.40 20.98
N TYR C 525 -42.91 48.87 20.00
CA TYR C 525 -42.87 48.21 18.66
C TYR C 525 -41.43 48.18 18.14
N LYS C 526 -41.01 46.97 17.75
CA LYS C 526 -39.82 46.72 16.88
C LYS C 526 -40.35 46.08 15.61
N LEU C 527 -40.26 46.78 14.48
CA LEU C 527 -40.94 46.40 13.22
C LEU C 527 -39.90 46.01 12.18
N PRO C 528 -39.98 44.77 11.62
CA PRO C 528 -39.21 44.44 10.42
C PRO C 528 -39.58 45.38 9.26
N ALA C 529 -38.56 45.77 8.49
CA ALA C 529 -38.65 46.72 7.37
C ALA C 529 -37.67 46.31 6.28
N HIS C 530 -38.06 46.53 5.03
CA HIS C 530 -37.36 46.06 3.83
C HIS C 530 -36.73 47.24 3.08
N LEU C 531 -35.41 47.20 2.91
CA LEU C 531 -34.67 47.86 1.81
C LEU C 531 -34.43 49.34 2.12
N TRP C 532 -35.46 50.14 2.35
CA TRP C 532 -35.30 51.62 2.46
C TRP C 532 -35.82 52.13 3.81
N LYS C 533 -35.05 52.99 4.49
CA LYS C 533 -35.52 53.75 5.67
C LYS C 533 -35.90 55.16 5.24
N GLY C 534 -37.15 55.54 5.50
CA GLY C 534 -37.68 56.89 5.29
C GLY C 534 -37.62 57.73 6.57
N THR C 535 -37.22 59.00 6.44
CA THR C 535 -37.23 60.02 7.51
C THR C 535 -38.17 61.16 7.07
N ILE C 536 -38.91 61.74 7.99
CA ILE C 536 -39.87 62.84 7.70
C ILE C 536 -39.67 63.99 8.69
N GLU C 537 -40.20 65.16 8.32
CA GLU C 537 -40.37 66.38 9.14
C GLU C 537 -41.89 66.59 9.28
N THR C 538 -42.41 66.64 10.49
CA THR C 538 -43.85 66.87 10.75
C THR C 538 -44.11 68.38 10.78
N SER C 539 -45.21 68.86 10.21
CA SER C 539 -45.76 70.22 10.43
C SER C 539 -46.98 70.12 11.36
N LYS C 540 -48.18 69.75 10.88
CA LYS C 540 -49.36 69.57 11.76
C LYS C 540 -49.33 68.23 12.51
N ALA C 541 -48.69 67.19 11.96
CA ALA C 541 -48.84 65.81 12.48
C ALA C 541 -47.97 65.58 13.73
N THR C 542 -48.30 64.59 14.55
CA THR C 542 -47.56 64.21 15.78
C THR C 542 -46.42 63.28 15.36
N PRO C 543 -45.15 63.65 15.59
CA PRO C 543 -44.04 62.78 15.15
C PRO C 543 -43.93 61.53 16.03
N ILE C 544 -43.43 60.45 15.43
CA ILE C 544 -43.05 59.17 16.09
C ILE C 544 -41.57 58.95 15.78
N MET C 545 -40.75 58.81 16.83
CA MET C 545 -39.28 58.75 16.72
C MET C 545 -38.83 57.31 16.94
N ASP C 546 -37.65 56.97 16.41
CA ASP C 546 -37.00 55.67 16.65
C ASP C 546 -35.91 55.88 17.72
N LYS C 547 -35.30 54.80 18.21
CA LYS C 547 -34.31 54.90 19.33
C LYS C 547 -33.10 55.72 18.86
N GLU C 548 -32.84 55.79 17.55
CA GLU C 548 -31.69 56.51 16.95
C GLU C 548 -32.00 58.01 16.79
N GLY C 549 -33.16 58.46 17.27
CA GLY C 549 -33.54 59.89 17.32
C GLY C 549 -34.06 60.45 15.99
N GLU C 550 -34.29 59.60 14.97
CA GLU C 550 -34.82 60.05 13.65
C GLU C 550 -36.35 59.97 13.67
N CYS C 551 -37.01 60.89 12.96
CA CYS C 551 -38.49 60.85 12.79
C CYS C 551 -38.84 59.93 11.63
N ILE C 552 -39.54 58.82 11.92
CA ILE C 552 -39.73 57.70 10.97
C ILE C 552 -41.21 57.50 10.63
N ALA C 553 -42.13 58.20 11.28
CA ALA C 553 -43.60 58.01 11.16
C ALA C 553 -44.33 59.17 11.84
N CYS C 554 -45.63 59.29 11.61
CA CYS C 554 -46.47 60.31 12.25
C CYS C 554 -47.93 59.89 12.25
N ILE C 555 -48.74 60.50 13.15
CA ILE C 555 -50.23 60.50 13.08
C ILE C 555 -50.68 61.96 12.87
N ASN C 556 -51.45 62.20 11.81
CA ASN C 556 -52.11 63.50 11.50
C ASN C 556 -53.60 63.36 11.83
N GLN C 557 -54.19 64.25 12.65
CA GLN C 557 -55.67 64.37 12.75
C GLN C 557 -56.09 65.28 11.61
N TYR C 558 -56.98 64.81 10.73
CA TYR C 558 -57.49 65.56 9.55
C TYR C 558 -59.01 65.42 9.54
N GLY C 559 -59.70 66.51 9.91
CA GLY C 559 -61.17 66.52 10.14
C GLY C 559 -61.53 65.51 11.21
N LYS C 560 -62.53 64.70 10.94
CA LYS C 560 -63.05 63.68 11.90
C LYS C 560 -62.18 62.40 11.87
N GLY C 561 -61.31 62.22 10.88
CA GLY C 561 -60.52 60.98 10.72
C GLY C 561 -59.03 61.16 10.99
N LYS C 562 -58.22 60.12 10.82
CA LYS C 562 -56.76 60.18 11.11
C LYS C 562 -55.94 59.51 10.02
N VAL C 563 -54.67 59.89 9.90
CA VAL C 563 -53.69 59.32 8.94
C VAL C 563 -52.48 58.81 9.72
N PHE C 564 -52.08 57.56 9.52
CA PHE C 564 -50.80 57.00 9.99
C PHE C 564 -49.91 56.76 8.77
N TRP C 565 -48.76 57.43 8.72
CA TRP C 565 -47.78 57.34 7.63
C TRP C 565 -46.45 56.86 8.20
N ILE C 566 -45.88 55.81 7.61
CA ILE C 566 -44.53 55.26 7.97
C ILE C 566 -43.85 54.88 6.67
N PRO C 567 -43.05 55.79 6.06
CA PRO C 567 -42.52 55.60 4.71
C PRO C 567 -41.36 54.59 4.56
N SER C 568 -41.08 53.77 5.57
CA SER C 568 -40.31 52.51 5.38
C SER C 568 -41.29 51.38 5.01
N PRO C 569 -40.89 50.41 4.15
CA PRO C 569 -41.74 49.26 3.86
C PRO C 569 -41.76 48.21 5.00
N ILE C 570 -42.73 48.37 5.91
CA ILE C 570 -42.94 47.44 7.05
C ILE C 570 -43.76 46.20 6.61
N ALA C 571 -44.59 46.32 5.58
CA ALA C 571 -45.35 45.18 5.01
C ALA C 571 -44.40 44.23 4.26
N LEU C 572 -43.61 44.75 3.32
CA LEU C 572 -42.56 43.94 2.64
C LEU C 572 -41.58 43.41 3.68
N GLY C 573 -41.37 44.18 4.76
CA GLY C 573 -40.52 43.80 5.91
C GLY C 573 -41.00 42.53 6.57
N ALA C 574 -42.28 42.46 6.92
CA ALA C 574 -42.92 41.25 7.48
C ALA C 574 -42.81 40.09 6.47
N ARG C 575 -43.07 40.34 5.19
CA ARG C 575 -43.03 39.26 4.18
C ARG C 575 -41.62 38.65 4.15
N GLU C 576 -40.59 39.49 4.07
CA GLU C 576 -39.18 39.04 3.92
C GLU C 576 -38.74 38.33 5.22
N SER C 577 -39.25 38.72 6.38
CA SER C 577 -38.84 38.14 7.68
C SER C 577 -39.72 36.95 8.02
N LYS C 578 -40.77 36.68 7.23
CA LYS C 578 -41.76 35.58 7.47
C LYS C 578 -42.39 35.68 8.86
N ASP C 579 -42.59 36.91 9.37
CA ASP C 579 -43.27 37.17 10.65
C ASP C 579 -44.16 38.41 10.48
N PHE C 580 -45.49 38.25 10.52
CA PHE C 580 -46.47 39.35 10.40
C PHE C 580 -46.98 39.80 11.78
N SER C 581 -46.40 39.28 12.87
CA SER C 581 -46.94 39.46 14.24
C SER C 581 -46.88 40.94 14.65
N GLU C 582 -45.77 41.63 14.38
CA GLU C 582 -45.60 43.04 14.82
C GLU C 582 -46.48 43.93 13.94
N LEU C 583 -46.58 43.67 12.62
CA LEU C 583 -47.46 44.42 11.69
C LEU C 583 -48.92 44.24 12.15
N SER C 584 -49.30 43.04 12.60
CA SER C 584 -50.65 42.76 13.14
C SER C 584 -50.90 43.63 14.37
N LYS C 585 -50.00 43.63 15.36
CA LYS C 585 -50.21 44.38 16.64
C LYS C 585 -50.33 45.89 16.36
N LEU C 586 -49.43 46.45 15.55
CA LEU C 586 -49.45 47.90 15.18
C LEU C 586 -50.79 48.25 14.54
N THR C 587 -51.23 47.48 13.53
CA THR C 587 -52.42 47.76 12.68
C THR C 587 -53.67 47.75 13.57
N VAL C 588 -53.79 46.74 14.43
CA VAL C 588 -54.89 46.62 15.44
C VAL C 588 -54.94 47.89 16.29
N SER C 589 -53.79 48.36 16.78
CA SER C 589 -53.70 49.56 17.66
C SER C 589 -54.18 50.81 16.92
N LEU C 590 -54.15 50.83 15.58
CA LEU C 590 -54.60 51.99 14.77
C LEU C 590 -56.08 51.88 14.41
N LEU C 591 -56.72 50.74 14.60
CA LEU C 591 -58.10 50.51 14.09
C LEU C 591 -59.10 51.25 14.96
N PRO C 592 -60.18 51.83 14.41
CA PRO C 592 -61.33 52.27 15.21
C PRO C 592 -61.83 51.18 16.16
N ASN C 593 -62.06 51.51 17.44
CA ASN C 593 -62.59 50.60 18.49
C ASN C 593 -63.83 49.81 17.98
N LYS C 594 -64.68 50.44 17.17
CA LYS C 594 -65.95 49.84 16.67
C LYS C 594 -65.67 48.58 15.85
N ILE C 595 -64.59 48.54 15.09
CA ILE C 595 -64.25 47.37 14.23
C ILE C 595 -63.98 46.17 15.13
N LEU C 596 -63.23 46.36 16.21
CA LEU C 596 -62.83 45.28 17.14
C LEU C 596 -63.99 44.84 18.02
N ASN C 597 -65.00 45.70 18.26
CA ASN C 597 -66.16 45.34 19.12
C ASN C 597 -67.17 44.53 18.30
N ASP C 598 -67.42 44.91 17.04
CA ASP C 598 -68.53 44.37 16.20
C ASP C 598 -68.10 43.15 15.36
N ASN C 599 -66.80 42.97 15.11
CA ASN C 599 -66.31 41.86 14.23
C ASN C 599 -65.60 40.82 15.08
N PRO C 600 -65.93 39.54 14.96
CA PRO C 600 -65.14 38.50 15.59
C PRO C 600 -63.71 38.50 15.01
N HIS C 601 -62.73 38.38 15.89
CA HIS C 601 -61.28 38.36 15.58
C HIS C 601 -60.56 37.52 16.63
N PHE C 602 -59.26 37.34 16.51
CA PHE C 602 -58.44 36.57 17.47
C PHE C 602 -57.99 37.49 18.62
N ASP C 603 -57.94 36.96 19.85
CA ASP C 603 -57.47 37.68 21.06
C ASP C 603 -56.06 38.24 20.79
N LYS C 604 -55.30 37.59 19.91
CA LYS C 604 -53.93 38.02 19.50
C LYS C 604 -53.60 37.44 18.12
N HIS C 605 -52.41 37.76 17.60
CA HIS C 605 -51.85 37.19 16.35
C HIS C 605 -51.60 35.69 16.53
N TYR C 606 -52.01 34.89 15.56
CA TYR C 606 -51.71 33.44 15.46
C TYR C 606 -51.04 33.18 14.10
N LYS C 607 -49.77 32.80 14.14
CA LYS C 607 -49.01 32.39 12.92
C LYS C 607 -49.77 31.23 12.26
N ASP C 608 -50.06 31.38 10.97
CA ASP C 608 -50.52 30.31 10.04
C ASP C 608 -51.95 29.89 10.38
N VAL C 609 -52.75 30.75 11.02
CA VAL C 609 -54.22 30.53 11.23
C VAL C 609 -54.95 31.67 10.51
N MET C 610 -56.11 31.40 9.92
CA MET C 610 -56.92 32.42 9.24
C MET C 610 -58.34 32.33 9.78
N MET C 611 -59.01 33.46 9.92
CA MET C 611 -60.48 33.53 10.15
C MET C 611 -61.05 34.67 9.31
N LYS C 612 -62.26 34.48 8.83
CA LYS C 612 -63.04 35.42 7.98
C LYS C 612 -64.52 35.17 8.29
N SER C 613 -65.29 36.20 8.62
CA SER C 613 -66.72 36.04 9.02
C SER C 613 -67.62 36.50 7.88
N PHE C 614 -68.87 36.03 7.90
CA PHE C 614 -69.92 36.32 6.89
C PHE C 614 -71.28 36.23 7.56
N LYS C 615 -72.30 36.84 6.95
CA LYS C 615 -73.71 36.79 7.41
C LYS C 615 -74.56 36.04 6.38
N SER C 616 -75.66 35.43 6.82
CA SER C 616 -76.76 34.97 5.94
C SER C 616 -78.10 35.15 6.67
N ASN C 617 -78.99 35.96 6.09
CA ASN C 617 -80.30 36.40 6.65
C ASN C 617 -80.15 36.72 8.15
N GLY C 618 -79.28 37.68 8.53
CA GLY C 618 -79.17 38.15 9.93
C GLY C 618 -78.37 37.24 10.87
N THR C 619 -78.06 35.98 10.52
CA THR C 619 -77.14 35.11 11.32
C THR C 619 -75.68 35.34 10.89
N MET C 620 -74.78 35.45 11.87
CA MET C 620 -73.32 35.61 11.63
C MET C 620 -72.63 34.25 11.76
N TYR C 621 -71.63 34.02 10.90
CA TYR C 621 -70.78 32.81 10.84
C TYR C 621 -69.32 33.25 10.82
N SER C 622 -68.44 32.31 11.14
CA SER C 622 -66.97 32.48 11.03
C SER C 622 -66.32 31.25 10.38
N LEU C 623 -65.48 31.47 9.37
CA LEU C 623 -64.64 30.42 8.75
C LEU C 623 -63.29 30.47 9.45
N ILE C 624 -62.79 29.34 9.93
CA ILE C 624 -61.44 29.23 10.56
C ILE C 624 -60.69 28.06 9.93
N ILE C 625 -59.43 28.29 9.57
CA ILE C 625 -58.55 27.28 8.92
C ILE C 625 -57.19 27.31 9.63
N ASN C 626 -56.70 26.17 10.10
CA ASN C 626 -55.40 26.03 10.79
C ASN C 626 -54.40 25.49 9.77
N LYS C 627 -53.41 26.29 9.38
CA LYS C 627 -52.37 25.86 8.39
C LYS C 627 -51.04 25.59 9.11
N SER C 628 -51.03 25.58 10.44
CA SER C 628 -49.83 25.28 11.26
C SER C 628 -49.65 23.76 11.36
N ALA C 629 -48.55 23.32 11.96
CA ALA C 629 -48.13 21.90 12.06
C ALA C 629 -48.75 21.27 13.31
N SER C 630 -49.35 22.08 14.18
CA SER C 630 -49.85 21.65 15.51
C SER C 630 -51.30 22.10 15.74
N VAL C 631 -51.99 21.39 16.62
CA VAL C 631 -53.31 21.81 17.19
C VAL C 631 -53.13 23.20 17.81
N GLN C 632 -54.00 24.13 17.44
CA GLN C 632 -54.01 25.52 17.98
C GLN C 632 -55.31 25.71 18.75
N THR C 633 -55.27 26.46 19.85
CA THR C 633 -56.45 26.89 20.63
C THR C 633 -56.59 28.39 20.45
N VAL C 634 -57.53 28.84 19.62
CA VAL C 634 -57.71 30.29 19.29
C VAL C 634 -58.84 30.83 20.18
N ASP C 635 -58.59 31.90 20.92
CA ASP C 635 -59.65 32.68 21.62
C ASP C 635 -60.26 33.65 20.62
N ILE C 636 -61.52 33.45 20.24
CA ILE C 636 -62.29 34.39 19.39
C ILE C 636 -62.99 35.40 20.30
N VAL C 637 -62.75 36.70 20.10
CA VAL C 637 -63.34 37.84 20.85
C VAL C 637 -64.09 38.70 19.83
N GLY C 638 -64.95 39.61 20.30
CA GLY C 638 -65.80 40.44 19.43
C GLY C 638 -66.96 39.64 18.88
N GLY C 639 -67.88 40.28 18.16
CA GLY C 639 -69.15 39.65 17.74
C GLY C 639 -70.09 39.50 18.91
N LYS C 640 -71.05 38.59 18.83
CA LYS C 640 -72.09 38.35 19.86
C LYS C 640 -72.42 36.85 19.89
N GLY C 641 -72.51 36.27 21.09
CA GLY C 641 -73.22 35.00 21.29
C GLY C 641 -72.28 33.82 21.45
N LYS C 642 -72.86 32.62 21.35
CA LYS C 642 -72.20 31.33 21.64
C LYS C 642 -71.74 30.72 20.31
N ALA C 643 -70.45 30.43 20.20
CA ALA C 643 -69.85 29.65 19.08
C ALA C 643 -70.48 28.26 19.10
N PHE C 644 -71.18 27.89 18.02
CA PHE C 644 -71.64 26.51 17.73
C PHE C 644 -70.96 26.04 16.43
N ILE C 645 -70.40 24.84 16.44
CA ILE C 645 -69.67 24.25 15.28
C ILE C 645 -70.68 23.65 14.30
N LEU C 646 -70.88 24.30 13.16
CA LEU C 646 -71.83 23.90 12.08
C LEU C 646 -71.15 22.91 11.12
N PHE C 647 -69.85 23.08 10.88
CA PHE C 647 -69.02 22.28 9.93
C PHE C 647 -67.61 22.14 10.49
N ALA C 648 -67.02 20.92 10.40
CA ALA C 648 -65.65 20.64 10.89
C ALA C 648 -65.20 19.27 10.35
N ASN C 649 -64.16 19.21 9.52
CA ASN C 649 -63.74 17.93 8.87
C ASN C 649 -62.71 17.16 9.73
N LYS C 650 -62.40 17.61 10.96
CA LYS C 650 -61.50 16.86 11.89
C LYS C 650 -61.89 17.06 13.37
N ASN C 651 -63.17 17.08 13.70
CA ASN C 651 -63.66 17.00 15.11
C ASN C 651 -63.04 18.11 15.97
N ALA C 652 -63.02 19.34 15.46
CA ALA C 652 -62.79 20.54 16.29
C ALA C 652 -63.89 20.59 17.36
N HIS C 653 -63.58 21.15 18.53
CA HIS C 653 -64.55 21.45 19.62
C HIS C 653 -64.28 22.89 20.06
N SER C 654 -65.28 23.56 20.65
CA SER C 654 -65.18 24.90 21.29
C SER C 654 -65.74 24.84 22.73
N THR C 655 -64.96 25.31 23.71
CA THR C 655 -65.41 25.56 25.10
C THR C 655 -65.49 27.08 25.27
N ALA C 656 -66.71 27.61 25.43
CA ALA C 656 -67.00 29.07 25.39
C ALA C 656 -66.62 29.55 23.98
N ASN C 657 -65.74 30.55 23.86
CA ASN C 657 -65.32 31.10 22.54
C ASN C 657 -63.87 30.70 22.23
N LYS C 658 -63.39 29.57 22.76
CA LYS C 658 -62.01 29.03 22.53
C LYS C 658 -62.13 27.80 21.63
N LEU C 659 -61.71 27.90 20.36
CA LEU C 659 -61.82 26.83 19.33
C LEU C 659 -60.52 26.03 19.31
N THR C 660 -60.61 24.72 19.51
CA THR C 660 -59.47 23.79 19.37
C THR C 660 -59.61 23.14 17.99
N ILE C 661 -58.65 23.44 17.10
CA ILE C 661 -58.74 23.15 15.63
C ILE C 661 -57.44 22.46 15.23
N SER C 662 -57.57 21.33 14.53
CA SER C 662 -56.44 20.45 14.14
C SER C 662 -55.75 20.98 12.88
N PRO C 663 -54.49 20.58 12.63
CA PRO C 663 -53.78 20.96 11.41
C PRO C 663 -54.60 20.63 10.17
N GLU C 664 -54.71 21.57 9.23
CA GLU C 664 -55.34 21.45 7.88
C GLU C 664 -56.87 21.44 7.99
N GLU C 665 -57.44 21.55 9.19
CA GLU C 665 -58.90 21.51 9.44
C GLU C 665 -59.56 22.82 9.00
N THR C 666 -60.74 22.72 8.40
CA THR C 666 -61.66 23.84 8.08
C THR C 666 -62.86 23.78 9.02
N VAL C 667 -63.17 24.88 9.73
CA VAL C 667 -64.28 24.99 10.71
C VAL C 667 -65.22 26.13 10.26
N ILE C 668 -66.53 25.89 10.23
CA ILE C 668 -67.55 26.98 10.18
C ILE C 668 -68.18 27.04 11.57
N ILE C 669 -68.17 28.24 12.17
CA ILE C 669 -68.88 28.53 13.45
C ILE C 669 -70.16 29.30 13.11
N LYS C 670 -71.26 28.90 13.72
CA LYS C 670 -72.56 29.62 13.69
C LYS C 670 -72.65 30.34 15.03
N TRP C 671 -72.81 31.66 15.02
CA TRP C 671 -72.97 32.47 16.26
C TRP C 671 -74.46 32.50 16.60
N LYS C 672 -74.82 32.03 17.81
CA LYS C 672 -76.24 31.88 18.27
C LYS C 672 -76.66 33.07 19.15
N ALA D 22 -4.09 -3.78 -47.19
CA ALA D 22 -4.23 -3.09 -45.86
C ALA D 22 -5.03 -3.97 -44.89
N GLU D 23 -4.61 -4.06 -43.63
CA GLU D 23 -5.31 -4.81 -42.55
C GLU D 23 -6.67 -4.14 -42.29
N ARG D 24 -7.75 -4.90 -42.38
CA ARG D 24 -9.13 -4.52 -41.97
C ARG D 24 -9.30 -4.87 -40.49
N ILE D 25 -9.92 -4.02 -39.70
CA ILE D 25 -10.10 -4.30 -38.24
C ILE D 25 -11.14 -5.40 -38.10
N SER D 26 -11.02 -6.22 -37.07
CA SER D 26 -11.97 -7.31 -36.73
C SER D 26 -12.08 -7.47 -35.22
N LYS D 27 -13.06 -8.24 -34.78
CA LYS D 27 -13.28 -8.53 -33.34
C LYS D 27 -12.10 -9.33 -32.77
N GLN D 28 -11.16 -9.80 -33.60
CA GLN D 28 -9.94 -10.55 -33.14
C GLN D 28 -8.67 -9.69 -33.26
N SER D 29 -8.75 -8.46 -33.77
CA SER D 29 -7.58 -7.55 -33.91
C SER D 29 -6.95 -7.36 -32.53
N THR D 30 -5.64 -7.14 -32.47
CA THR D 30 -4.95 -6.77 -31.22
C THR D 30 -5.33 -5.33 -30.89
N PRO D 31 -5.82 -5.05 -29.64
CA PRO D 31 -6.15 -3.69 -29.26
C PRO D 31 -4.89 -2.80 -29.18
N PHE D 32 -5.08 -1.50 -29.50
CA PHE D 32 -4.02 -0.47 -29.51
C PHE D 32 -4.41 0.67 -28.56
N VAL D 33 -3.37 1.32 -28.03
CA VAL D 33 -3.43 2.67 -27.41
C VAL D 33 -2.84 3.64 -28.44
N GLY D 34 -3.44 4.81 -28.62
CA GLY D 34 -2.98 5.80 -29.60
C GLY D 34 -3.41 7.18 -29.17
N ALA D 35 -3.15 8.18 -30.01
CA ALA D 35 -3.41 9.58 -29.68
C ALA D 35 -3.54 10.41 -30.97
N GLN D 36 -4.28 11.53 -30.86
CA GLN D 36 -4.36 12.52 -31.96
C GLN D 36 -2.97 13.11 -32.13
N ILE D 37 -2.48 13.18 -33.36
CA ILE D 37 -1.29 14.01 -33.71
C ILE D 37 -1.86 15.24 -34.42
N PHE D 38 -1.71 16.41 -33.80
CA PHE D 38 -2.32 17.68 -34.27
C PHE D 38 -1.32 18.40 -35.19
N ILE D 39 -1.66 18.42 -36.47
CA ILE D 39 -0.88 19.02 -37.59
C ILE D 39 -1.61 20.29 -38.03
N GLU D 40 -0.87 21.43 -37.97
CA GLU D 40 -1.26 22.75 -38.52
C GLU D 40 0.00 23.40 -39.08
N PRO D 41 -0.12 24.42 -39.96
CA PRO D 41 1.05 25.14 -40.46
C PRO D 41 1.79 25.81 -39.30
N GLY D 42 3.10 26.03 -39.48
CA GLY D 42 3.98 26.68 -38.49
C GLY D 42 4.91 25.67 -37.83
N GLN D 43 4.45 24.41 -37.69
CA GLN D 43 5.22 23.32 -37.04
C GLN D 43 6.47 23.02 -37.89
N THR D 44 7.59 22.65 -37.25
CA THR D 44 8.85 22.25 -37.93
C THR D 44 8.89 20.72 -38.07
N GLN D 45 9.63 20.22 -39.06
CA GLN D 45 9.97 18.77 -39.23
C GLN D 45 10.49 18.18 -37.89
N GLU D 46 11.30 18.94 -37.13
CA GLU D 46 11.96 18.47 -35.89
C GLU D 46 10.91 18.24 -34.79
N GLN D 47 9.93 19.14 -34.66
CA GLN D 47 8.85 19.01 -33.65
C GLN D 47 7.98 17.79 -34.01
N ILE D 48 7.59 17.68 -35.28
CA ILE D 48 6.67 16.60 -35.71
C ILE D 48 7.35 15.27 -35.44
N GLU D 49 8.65 15.14 -35.75
CA GLU D 49 9.41 13.88 -35.54
C GLU D 49 9.48 13.58 -34.03
N GLN D 50 9.77 14.59 -33.21
CA GLN D 50 9.83 14.42 -31.72
C GLN D 50 8.55 13.74 -31.24
N TRP D 51 7.40 14.16 -31.76
CA TRP D 51 6.07 13.61 -31.38
C TRP D 51 5.99 12.13 -31.76
N PHE D 52 6.21 11.79 -33.03
CA PHE D 52 6.07 10.39 -33.53
C PHE D 52 7.06 9.46 -32.82
N LYS D 53 8.29 9.92 -32.59
CA LYS D 53 9.34 9.13 -31.89
C LYS D 53 8.84 8.77 -30.49
N LEU D 54 8.35 9.75 -29.72
CA LEU D 54 7.90 9.55 -28.32
C LEU D 54 6.59 8.75 -28.32
N LEU D 55 5.75 8.91 -29.35
CA LEU D 55 4.50 8.12 -29.48
C LEU D 55 4.87 6.65 -29.57
N ALA D 56 5.81 6.28 -30.44
CA ALA D 56 6.31 4.89 -30.63
C ALA D 56 6.95 4.38 -29.33
N GLU D 57 7.74 5.20 -28.64
CA GLU D 57 8.42 4.84 -27.36
C GLU D 57 7.40 4.68 -26.23
N SER D 58 6.18 5.22 -26.37
CA SER D 58 5.10 5.12 -25.36
C SER D 58 4.18 3.93 -25.68
N ASN D 59 4.64 2.97 -26.50
CA ASN D 59 3.92 1.69 -26.81
C ASN D 59 2.59 1.99 -27.49
N MET D 60 2.53 3.07 -28.24
CA MET D 60 1.33 3.48 -29.01
C MET D 60 1.61 3.17 -30.48
N THR D 61 0.62 2.61 -31.14
CA THR D 61 0.69 1.92 -32.45
C THR D 61 0.00 2.80 -33.52
N THR D 62 -0.76 3.82 -33.09
CA THR D 62 -1.80 4.44 -33.95
C THR D 62 -2.00 5.91 -33.56
N CYS D 63 -2.25 6.75 -34.55
CA CYS D 63 -2.58 8.18 -34.36
C CYS D 63 -3.84 8.47 -35.17
N ARG D 64 -4.47 9.61 -34.89
CA ARG D 64 -5.51 10.19 -35.76
C ARG D 64 -5.04 11.58 -36.18
N ILE D 65 -5.34 11.95 -37.43
CA ILE D 65 -4.90 13.24 -38.01
C ILE D 65 -6.10 13.91 -38.69
N ARG D 66 -6.48 15.09 -38.22
CA ARG D 66 -7.52 15.93 -38.86
C ARG D 66 -6.96 16.48 -40.18
N MET D 67 -7.51 16.02 -41.30
CA MET D 67 -7.08 16.37 -42.67
C MET D 67 -7.70 17.72 -43.07
N PHE D 68 -7.31 18.78 -42.37
CA PHE D 68 -7.89 20.15 -42.56
C PHE D 68 -7.83 20.54 -44.03
N GLY D 69 -8.97 20.66 -44.69
CA GLY D 69 -9.05 21.24 -46.04
C GLY D 69 -8.41 22.62 -46.10
N LYS D 70 -8.58 23.42 -45.04
CA LYS D 70 -8.06 24.81 -44.96
C LYS D 70 -6.54 24.82 -45.17
N TYR D 71 -5.83 23.78 -44.72
CA TYR D 71 -4.36 23.74 -44.72
C TYR D 71 -3.86 22.97 -45.96
N MET D 72 -4.75 22.62 -46.87
CA MET D 72 -4.40 21.93 -48.14
C MET D 72 -4.86 22.74 -49.36
N LYS D 73 -5.87 23.59 -49.24
CA LYS D 73 -6.40 24.38 -50.38
C LYS D 73 -5.45 25.55 -50.60
N THR D 74 -5.10 25.82 -51.86
CA THR D 74 -4.29 26.98 -52.30
C THR D 74 -5.23 28.07 -52.80
N PRO D 75 -4.80 29.36 -52.79
CA PRO D 75 -5.58 30.43 -53.42
C PRO D 75 -6.26 30.07 -54.75
N SER D 76 -5.51 29.47 -55.68
CA SER D 76 -5.98 29.09 -57.05
C SER D 76 -7.10 28.03 -56.97
N GLY D 77 -7.15 27.21 -55.91
CA GLY D 77 -8.15 26.13 -55.75
C GLY D 77 -7.53 24.74 -55.78
N THR D 78 -6.37 24.54 -56.44
CA THR D 78 -5.64 23.25 -56.47
C THR D 78 -5.24 22.83 -55.04
N TYR D 79 -5.05 21.53 -54.80
CA TYR D 79 -4.71 20.95 -53.47
C TYR D 79 -3.19 20.78 -53.37
N ASP D 80 -2.63 21.21 -52.23
CA ASP D 80 -1.21 21.04 -51.84
C ASP D 80 -1.18 20.12 -50.61
N PHE D 81 -0.65 18.91 -50.78
CA PHE D 81 -0.69 17.85 -49.75
C PHE D 81 0.58 17.88 -48.89
N THR D 82 1.51 18.82 -49.11
CA THR D 82 2.89 18.76 -48.52
C THR D 82 2.82 18.66 -46.99
N LEU D 83 1.98 19.47 -46.32
CA LEU D 83 1.96 19.56 -44.84
C LEU D 83 1.62 18.18 -44.23
N PHE D 84 0.70 17.45 -44.88
CA PHE D 84 0.18 16.16 -44.40
C PHE D 84 1.05 15.00 -44.92
N ASP D 85 1.63 15.12 -46.12
CA ASP D 85 2.63 14.16 -46.65
C ASP D 85 3.74 13.99 -45.60
N ARG D 86 4.23 15.11 -45.08
CA ARG D 86 5.34 15.16 -44.09
C ARG D 86 4.96 14.31 -42.87
N ALA D 87 3.72 14.44 -42.40
CA ALA D 87 3.23 13.79 -41.16
C ALA D 87 3.00 12.29 -41.41
N PHE D 88 2.35 11.94 -42.52
CA PHE D 88 2.08 10.54 -42.93
C PHE D 88 3.41 9.79 -43.10
N LYS D 89 4.40 10.43 -43.71
CA LYS D 89 5.74 9.83 -43.98
C LYS D 89 6.45 9.58 -42.65
N LEU D 90 6.36 10.52 -41.70
CA LEU D 90 7.02 10.37 -40.37
C LEU D 90 6.29 9.30 -39.56
N ALA D 91 4.97 9.22 -39.62
CA ALA D 91 4.19 8.11 -39.02
C ALA D 91 4.74 6.78 -39.55
N ASP D 92 4.89 6.67 -40.87
CA ASP D 92 5.34 5.43 -41.56
C ASP D 92 6.74 5.05 -41.08
N LYS D 93 7.63 6.02 -40.96
CA LYS D 93 9.02 5.80 -40.48
C LYS D 93 9.02 5.10 -39.10
N TYR D 94 8.09 5.45 -38.21
CA TYR D 94 8.03 4.93 -36.83
C TYR D 94 6.93 3.89 -36.70
N HIS D 95 6.41 3.36 -37.81
CA HIS D 95 5.51 2.18 -37.89
C HIS D 95 4.19 2.49 -37.17
N ILE D 96 3.71 3.72 -37.33
CA ILE D 96 2.46 4.24 -36.72
C ILE D 96 1.41 4.29 -37.83
N LYS D 97 0.27 3.65 -37.64
CA LYS D 97 -0.82 3.67 -38.64
C LYS D 97 -1.75 4.85 -38.29
N VAL D 98 -2.46 5.36 -39.29
CA VAL D 98 -3.17 6.67 -39.26
C VAL D 98 -4.66 6.41 -39.47
N TYR D 99 -5.49 6.90 -38.55
CA TYR D 99 -6.93 7.20 -38.76
C TYR D 99 -7.01 8.63 -39.34
N ALA D 100 -7.47 8.77 -40.57
CA ALA D 100 -7.51 10.09 -41.26
C ALA D 100 -8.94 10.65 -41.24
N THR D 101 -9.16 11.75 -40.52
CA THR D 101 -10.49 12.38 -40.41
C THR D 101 -10.73 13.30 -41.60
N LEU D 102 -11.74 13.01 -42.42
CA LEU D 102 -12.19 13.95 -43.48
C LEU D 102 -12.73 15.20 -42.77
N PHE D 103 -12.19 16.37 -43.10
CA PHE D 103 -12.49 17.65 -42.41
C PHE D 103 -12.36 18.78 -43.43
N PRO D 104 -13.39 19.02 -44.26
CA PRO D 104 -13.35 20.09 -45.27
C PRO D 104 -13.08 21.48 -44.69
N ASP D 105 -12.76 22.42 -45.59
CA ASP D 105 -12.51 23.85 -45.25
C ASP D 105 -13.69 24.36 -44.42
N THR D 106 -13.38 25.09 -43.34
CA THR D 106 -14.35 25.72 -42.40
C THR D 106 -13.64 26.87 -41.67
N GLU D 107 -14.38 27.67 -40.93
CA GLU D 107 -13.83 28.80 -40.13
C GLU D 107 -12.78 28.23 -39.17
N PHE D 108 -11.69 28.95 -38.96
CA PHE D 108 -10.60 28.65 -38.01
C PHE D 108 -11.17 28.42 -36.60
N THR D 109 -12.24 29.17 -36.24
CA THR D 109 -12.83 29.17 -34.88
C THR D 109 -13.78 27.97 -34.69
N ASP D 110 -14.08 27.21 -35.75
CA ASP D 110 -14.91 25.98 -35.71
C ASP D 110 -14.06 24.79 -35.20
N VAL D 111 -14.09 24.55 -33.89
CA VAL D 111 -13.26 23.55 -33.18
C VAL D 111 -13.64 22.14 -33.66
N GLY D 112 -14.93 21.80 -33.73
CA GLY D 112 -15.41 20.41 -33.91
C GLY D 112 -15.81 20.10 -35.34
N GLY D 113 -15.99 21.12 -36.18
CA GLY D 113 -16.36 20.98 -37.61
C GLY D 113 -17.85 21.01 -37.85
N PHE D 114 -18.30 21.47 -39.02
CA PHE D 114 -19.72 21.47 -39.45
C PHE D 114 -20.22 20.01 -39.62
N LYS D 115 -21.52 19.82 -39.41
CA LYS D 115 -22.16 18.49 -39.27
C LYS D 115 -22.98 18.15 -40.53
N PHE D 116 -23.23 19.13 -41.38
CA PHE D 116 -24.05 19.00 -42.62
C PHE D 116 -23.64 20.08 -43.60
N PRO D 117 -23.82 19.85 -44.92
CA PRO D 117 -23.58 20.90 -45.91
C PRO D 117 -24.50 22.11 -45.69
N HIS D 118 -23.99 23.32 -45.90
CA HIS D 118 -24.70 24.62 -45.75
C HIS D 118 -25.69 24.81 -46.91
N SER D 119 -25.36 24.28 -48.09
CA SER D 119 -26.00 24.59 -49.40
C SER D 119 -25.59 23.54 -50.43
N ARG D 120 -26.23 23.53 -51.59
CA ARG D 120 -25.93 22.57 -52.68
C ARG D 120 -24.54 22.93 -53.22
N GLU D 121 -24.19 24.21 -53.24
CA GLU D 121 -22.87 24.71 -53.68
C GLU D 121 -21.83 24.16 -52.71
N HIS D 122 -22.08 24.26 -51.40
CA HIS D 122 -21.18 23.73 -50.34
C HIS D 122 -21.02 22.21 -50.47
N GLN D 123 -22.10 21.47 -50.74
CA GLN D 123 -22.03 20.00 -50.93
C GLN D 123 -21.00 19.66 -52.01
N LYS D 124 -20.89 20.48 -53.06
CA LYS D 124 -19.95 20.26 -54.20
C LYS D 124 -18.51 20.56 -53.77
N GLU D 125 -18.27 21.57 -52.93
CA GLU D 125 -16.93 21.80 -52.32
C GLU D 125 -16.52 20.52 -51.56
N VAL D 126 -17.45 19.89 -50.83
CA VAL D 126 -17.15 18.69 -50.01
C VAL D 126 -16.84 17.50 -50.95
N GLU D 127 -17.59 17.33 -52.04
CA GLU D 127 -17.35 16.28 -53.08
C GLU D 127 -15.91 16.42 -53.59
N ASP D 128 -15.55 17.65 -53.97
CA ASP D 128 -14.22 17.96 -54.56
C ASP D 128 -13.14 17.67 -53.51
N TYR D 129 -13.39 18.06 -52.24
CA TYR D 129 -12.44 17.84 -51.11
C TYR D 129 -12.16 16.34 -50.96
N ILE D 130 -13.22 15.53 -50.96
CA ILE D 130 -13.10 14.07 -50.72
C ILE D 130 -12.33 13.44 -51.90
N LYS D 131 -12.71 13.76 -53.14
CA LYS D 131 -12.02 13.26 -54.36
C LYS D 131 -10.50 13.48 -54.23
N ASN D 132 -10.09 14.70 -53.89
CA ASN D 132 -8.66 15.09 -53.84
C ASN D 132 -7.94 14.35 -52.70
N VAL D 133 -8.50 14.40 -51.49
CA VAL D 133 -7.82 13.89 -50.25
C VAL D 133 -7.73 12.36 -50.31
N VAL D 134 -8.83 11.69 -50.65
CA VAL D 134 -8.90 10.21 -50.58
C VAL D 134 -8.06 9.62 -51.71
N SER D 135 -8.14 10.17 -52.91
CA SER D 135 -7.31 9.74 -54.08
C SER D 135 -5.83 9.75 -53.69
N HIS D 136 -5.38 10.82 -53.06
CA HIS D 136 -3.95 11.00 -52.67
C HIS D 136 -3.59 10.06 -51.52
N PHE D 137 -4.28 10.15 -50.38
CA PHE D 137 -3.78 9.60 -49.09
C PHE D 137 -4.07 8.09 -48.98
N SER D 138 -4.97 7.57 -49.81
CA SER D 138 -5.24 6.11 -49.92
C SER D 138 -3.95 5.36 -50.33
N GLN D 139 -2.99 6.05 -50.92
CA GLN D 139 -1.74 5.46 -51.48
C GLN D 139 -0.77 5.13 -50.35
N TYR D 140 -0.89 5.73 -49.17
CA TYR D 140 0.01 5.42 -48.03
C TYR D 140 -0.31 4.05 -47.47
N LYS D 141 0.72 3.22 -47.25
CA LYS D 141 0.55 1.84 -46.73
C LYS D 141 0.17 1.87 -45.23
N ASN D 142 0.47 2.94 -44.51
CA ASN D 142 0.19 3.07 -43.05
C ASN D 142 -1.20 3.69 -42.80
N LEU D 143 -2.02 3.98 -43.83
CA LEU D 143 -3.43 4.42 -43.62
C LEU D 143 -4.26 3.25 -43.12
N ALA D 144 -4.89 3.39 -41.94
CA ALA D 144 -5.69 2.32 -41.27
C ALA D 144 -7.19 2.57 -41.43
N ALA D 145 -7.65 3.82 -41.54
CA ALA D 145 -9.09 4.14 -41.58
C ALA D 145 -9.34 5.57 -42.06
N TRP D 146 -10.50 5.77 -42.69
CA TRP D 146 -11.14 7.09 -42.92
C TRP D 146 -12.18 7.28 -41.83
N VAL D 147 -12.06 8.35 -41.06
CA VAL D 147 -13.15 8.87 -40.18
C VAL D 147 -14.02 9.81 -41.04
N LEU D 148 -15.23 9.37 -41.41
CA LEU D 148 -16.10 10.01 -42.45
C LEU D 148 -16.40 11.47 -42.05
N ILE D 149 -16.53 11.69 -40.73
CA ILE D 149 -16.86 12.98 -40.10
C ILE D 149 -16.52 12.88 -38.61
N ASN D 150 -15.97 13.96 -38.06
CA ASN D 150 -15.66 14.06 -36.62
C ASN D 150 -16.95 14.43 -35.89
N GLU D 151 -17.30 13.66 -34.87
CA GLU D 151 -18.39 13.98 -33.92
C GLU D 151 -19.65 14.30 -34.70
N PRO D 152 -20.23 13.33 -35.46
CA PRO D 152 -21.52 13.54 -36.11
C PRO D 152 -22.61 13.90 -35.09
N GLY D 153 -23.54 14.74 -35.48
CA GLY D 153 -24.65 15.17 -34.62
C GLY D 153 -24.42 16.47 -33.89
N THR D 154 -25.46 17.30 -33.82
CA THR D 154 -25.48 18.57 -33.06
C THR D 154 -26.83 18.67 -32.35
N PRO D 155 -26.86 19.13 -31.07
CA PRO D 155 -28.14 19.33 -30.39
C PRO D 155 -29.09 20.15 -31.28
N ASN D 156 -28.60 21.28 -31.82
CA ASN D 156 -29.38 22.28 -32.60
C ASN D 156 -28.98 22.20 -34.07
N LEU D 157 -29.88 21.69 -34.89
CA LEU D 157 -29.66 21.56 -36.33
C LEU D 157 -30.01 22.87 -37.00
N PRO D 158 -29.28 23.24 -38.08
CA PRO D 158 -29.56 24.49 -38.79
C PRO D 158 -30.76 24.42 -39.74
N PHE D 159 -31.98 24.47 -39.20
CA PHE D 159 -33.26 24.54 -39.97
C PHE D 159 -33.38 25.89 -40.70
N ASN D 160 -32.63 26.89 -40.23
CA ASN D 160 -32.46 28.23 -40.87
C ASN D 160 -31.84 28.05 -42.26
N GLU D 161 -30.74 27.28 -42.37
CA GLU D 161 -29.89 27.14 -43.58
C GLU D 161 -30.66 26.52 -44.74
N PRO D 162 -30.42 26.97 -46.00
CA PRO D 162 -31.26 26.56 -47.14
C PRO D 162 -31.24 25.07 -47.49
N PHE D 163 -30.10 24.39 -47.28
CA PHE D 163 -29.91 22.96 -47.60
C PHE D 163 -30.81 22.10 -46.67
N THR D 164 -30.74 22.33 -45.35
CA THR D 164 -31.51 21.56 -44.33
C THR D 164 -33.01 21.87 -44.47
N LYS D 165 -33.38 23.14 -44.68
CA LYS D 165 -34.78 23.60 -44.88
C LYS D 165 -35.42 22.82 -46.05
N GLU D 166 -34.70 22.71 -47.19
CA GLU D 166 -35.20 22.03 -48.42
C GLU D 166 -35.31 20.52 -48.17
N ARG D 167 -34.35 19.94 -47.45
CA ARG D 167 -34.27 18.49 -47.22
C ARG D 167 -35.41 18.09 -46.26
N PHE D 168 -35.80 18.97 -45.34
CA PHE D 168 -36.91 18.71 -44.37
C PHE D 168 -38.28 18.86 -45.08
N SER D 169 -38.45 19.90 -45.90
CA SER D 169 -39.64 20.10 -46.78
C SER D 169 -39.88 18.86 -47.66
N ASP D 170 -38.85 18.45 -48.42
CA ASP D 170 -38.87 17.21 -49.24
C ASP D 170 -39.29 16.03 -48.37
N TRP D 171 -38.65 15.87 -47.19
CA TRP D 171 -38.87 14.70 -46.31
C TRP D 171 -40.34 14.64 -45.90
N LYS D 172 -40.95 15.78 -45.59
CA LYS D 172 -42.35 15.84 -45.09
C LYS D 172 -43.34 15.43 -46.19
N LYS D 173 -43.08 15.80 -47.45
CA LYS D 173 -43.96 15.42 -48.60
C LYS D 173 -43.90 13.92 -48.88
N GLU D 174 -42.80 13.24 -48.53
CA GLU D 174 -42.65 11.76 -48.76
C GLU D 174 -43.19 10.96 -47.57
N HIS D 175 -43.72 11.62 -46.52
CA HIS D 175 -44.20 10.96 -45.28
C HIS D 175 -45.61 11.46 -44.96
N ASN D 176 -46.61 10.58 -44.96
CA ASN D 176 -48.03 10.95 -44.68
C ASN D 176 -48.34 10.75 -43.20
N PHE D 177 -48.85 11.78 -42.54
CA PHE D 177 -49.21 11.75 -41.11
C PHE D 177 -50.64 12.29 -40.93
N SER D 178 -51.42 11.62 -40.12
CA SER D 178 -52.74 12.09 -39.63
C SER D 178 -52.54 12.88 -38.33
N GLU D 179 -53.42 13.85 -38.08
CA GLU D 179 -53.50 14.65 -36.83
C GLU D 179 -54.23 13.81 -35.74
N TYR D 180 -54.81 12.66 -36.10
CA TYR D 180 -55.50 11.71 -35.16
C TYR D 180 -54.99 10.27 -35.34
N ASN D 181 -55.14 9.43 -34.30
CA ASN D 181 -54.74 8.00 -34.31
C ASN D 181 -55.93 7.17 -34.79
N GLU D 182 -55.79 5.83 -34.79
CA GLU D 182 -56.78 4.85 -35.27
C GLU D 182 -58.10 5.07 -34.52
N LYS D 183 -58.05 5.25 -33.19
CA LYS D 183 -59.24 5.37 -32.31
C LYS D 183 -59.92 6.74 -32.42
N GLY D 184 -59.27 7.75 -33.03
CA GLY D 184 -59.84 9.10 -33.20
C GLY D 184 -59.21 10.20 -32.33
N TYR D 185 -58.29 9.85 -31.41
CA TYR D 185 -57.64 10.78 -30.44
C TYR D 185 -56.57 11.63 -31.13
N PRO D 186 -56.35 12.89 -30.69
CA PRO D 186 -55.25 13.71 -31.18
C PRO D 186 -53.88 13.06 -30.90
N VAL D 187 -52.89 13.40 -31.71
CA VAL D 187 -51.52 12.80 -31.67
C VAL D 187 -50.49 13.88 -31.95
N LEU D 188 -49.27 13.72 -31.43
CA LEU D 188 -48.04 14.37 -31.98
C LEU D 188 -47.37 13.33 -32.89
N ASN D 189 -46.67 13.76 -33.95
CA ASN D 189 -46.01 12.83 -34.91
C ASN D 189 -44.48 12.94 -34.88
N PHE D 190 -43.89 13.99 -34.30
CA PHE D 190 -42.43 14.18 -34.13
C PHE D 190 -41.77 14.14 -35.51
N GLU D 191 -42.33 14.92 -36.44
CA GLU D 191 -41.79 15.03 -37.82
C GLU D 191 -40.33 15.48 -37.75
N LYS D 192 -40.05 16.54 -37.02
CA LYS D 192 -38.68 17.10 -36.82
C LYS D 192 -37.72 16.00 -36.36
N GLU D 193 -38.05 15.25 -35.31
CA GLU D 193 -37.14 14.27 -34.69
C GLU D 193 -36.86 13.09 -35.64
N ASN D 194 -37.87 12.63 -36.38
CA ASN D 194 -37.75 11.45 -37.29
C ASN D 194 -36.98 11.87 -38.54
N PHE D 195 -37.23 13.07 -39.05
CA PHE D 195 -36.41 13.70 -40.11
C PHE D 195 -34.92 13.72 -39.71
N ILE D 196 -34.63 14.17 -38.49
CA ILE D 196 -33.22 14.34 -38.02
C ILE D 196 -32.51 12.98 -38.01
N ILE D 197 -33.18 11.93 -37.57
CA ILE D 197 -32.59 10.56 -37.63
C ILE D 197 -32.21 10.28 -39.08
N ASP D 198 -33.16 10.46 -40.01
CA ASP D 198 -33.05 10.01 -41.43
C ASP D 198 -32.03 10.87 -42.16
N TYR D 199 -31.81 12.10 -41.69
CA TYR D 199 -30.87 13.10 -42.26
C TYR D 199 -29.45 12.73 -41.88
N HIS D 200 -29.23 12.33 -40.62
CA HIS D 200 -27.93 11.79 -40.13
C HIS D 200 -27.63 10.52 -40.94
N ASN D 201 -28.56 9.56 -40.98
CA ASN D 201 -28.38 8.33 -41.79
C ASN D 201 -27.94 8.75 -43.19
N TRP D 202 -28.66 9.67 -43.82
CA TRP D 202 -28.42 10.06 -45.23
C TRP D 202 -27.00 10.61 -45.43
N TYR D 203 -26.59 11.64 -44.69
CA TYR D 203 -25.29 12.34 -44.93
C TYR D 203 -24.12 11.40 -44.61
N LEU D 204 -24.15 10.61 -43.53
CA LEU D 204 -23.03 9.68 -43.23
C LEU D 204 -22.93 8.63 -44.34
N ASN D 205 -24.06 8.08 -44.81
CA ASN D 205 -24.09 7.09 -45.92
C ASN D 205 -23.51 7.76 -47.18
N TRP D 206 -23.84 9.02 -47.42
CA TRP D 206 -23.38 9.78 -48.62
C TRP D 206 -21.87 10.01 -48.57
N LEU D 207 -21.34 10.39 -47.41
CA LEU D 207 -19.87 10.49 -47.18
C LEU D 207 -19.22 9.12 -47.43
N ALA D 208 -19.75 8.04 -46.88
CA ALA D 208 -19.20 6.68 -47.09
C ALA D 208 -19.13 6.41 -48.60
N ASN D 209 -20.18 6.74 -49.35
CA ASN D 209 -20.27 6.46 -50.82
C ASN D 209 -19.23 7.29 -51.57
N GLN D 210 -19.03 8.56 -51.19
CA GLN D 210 -18.04 9.44 -51.84
C GLN D 210 -16.63 8.84 -51.66
N VAL D 211 -16.29 8.38 -50.46
CA VAL D 211 -14.98 7.75 -50.16
C VAL D 211 -14.81 6.53 -51.07
N ARG D 212 -15.85 5.69 -51.14
CA ARG D 212 -15.86 4.38 -51.87
C ARG D 212 -15.70 4.62 -53.38
N LEU D 213 -16.04 5.79 -53.95
CA LEU D 213 -15.75 6.09 -55.38
C LEU D 213 -14.24 5.96 -55.63
N TYR D 214 -13.39 6.28 -54.64
CA TYR D 214 -11.92 6.40 -54.83
C TYR D 214 -11.16 5.37 -53.98
N ASP D 215 -11.72 4.85 -52.89
CA ASP D 215 -10.98 3.87 -52.03
C ASP D 215 -11.97 2.87 -51.46
N LYS D 216 -11.87 1.60 -51.90
CA LYS D 216 -12.68 0.46 -51.38
C LYS D 216 -11.83 -0.43 -50.46
N GLN D 217 -10.58 -0.04 -50.17
CA GLN D 217 -9.61 -0.92 -49.48
C GLN D 217 -9.60 -0.65 -47.97
N HIS D 218 -10.01 0.54 -47.49
CA HIS D 218 -9.77 0.97 -46.09
C HIS D 218 -11.07 1.03 -45.29
N ASP D 219 -10.97 0.75 -43.99
CA ASP D 219 -12.08 0.77 -43.00
C ASP D 219 -12.73 2.16 -42.94
N LEU D 220 -14.06 2.23 -42.91
CA LEU D 220 -14.81 3.48 -42.63
C LEU D 220 -15.21 3.48 -41.15
N HIS D 221 -14.94 4.60 -40.47
CA HIS D 221 -15.12 4.85 -39.02
C HIS D 221 -15.85 6.20 -38.81
N VAL D 222 -16.48 6.39 -37.67
CA VAL D 222 -17.17 7.64 -37.27
C VAL D 222 -17.27 7.67 -35.73
N ASN D 223 -17.12 8.85 -35.09
CA ASN D 223 -17.10 8.95 -33.60
C ASN D 223 -18.29 9.74 -33.07
N PRO D 224 -19.46 9.13 -32.82
CA PRO D 224 -20.56 9.78 -32.10
C PRO D 224 -20.16 10.23 -30.70
N HIS D 225 -20.81 11.28 -30.17
CA HIS D 225 -20.32 12.00 -28.96
C HIS D 225 -21.48 12.45 -28.06
N ASN D 226 -21.18 12.82 -26.82
CA ASN D 226 -22.17 13.39 -25.88
C ASN D 226 -23.40 12.47 -25.89
N VAL D 227 -23.16 11.17 -25.83
CA VAL D 227 -24.18 10.14 -26.21
C VAL D 227 -25.33 10.11 -25.21
N PHE D 228 -25.12 10.51 -23.96
CA PHE D 228 -26.22 10.53 -22.95
C PHE D 228 -27.19 11.66 -23.28
N LYS D 229 -26.83 12.61 -24.14
CA LYS D 229 -27.76 13.69 -24.59
C LYS D 229 -28.14 13.51 -26.07
N LEU D 230 -27.21 13.06 -26.93
CA LEU D 230 -27.37 13.04 -28.40
C LEU D 230 -27.82 11.68 -28.95
N SER D 231 -28.09 10.70 -28.10
CA SER D 231 -28.46 9.32 -28.54
C SER D 231 -29.72 9.36 -29.42
N GLY D 232 -30.57 10.37 -29.25
CA GLY D 232 -31.81 10.57 -30.05
C GLY D 232 -31.57 11.05 -31.48
N LEU D 233 -30.31 11.30 -31.88
CA LEU D 233 -29.87 11.62 -33.28
C LEU D 233 -29.33 10.39 -33.97
N TYR D 234 -29.06 9.33 -33.22
CA TYR D 234 -28.21 8.20 -33.67
C TYR D 234 -29.04 6.94 -33.92
N ASP D 235 -29.15 6.49 -35.17
CA ASP D 235 -29.72 5.18 -35.60
C ASP D 235 -28.55 4.23 -35.91
N PHE D 236 -27.91 3.68 -34.87
CA PHE D 236 -26.67 2.88 -35.03
C PHE D 236 -26.91 1.65 -35.91
N PRO D 237 -28.04 0.90 -35.80
CA PRO D 237 -28.30 -0.20 -36.73
C PRO D 237 -28.22 0.22 -38.21
N THR D 238 -28.76 1.37 -38.61
CA THR D 238 -28.66 1.79 -40.02
C THR D 238 -27.18 2.04 -40.37
N TRP D 239 -26.39 2.60 -39.45
CA TRP D 239 -24.98 2.99 -39.70
C TRP D 239 -24.13 1.75 -40.00
N ARG D 240 -24.43 0.60 -39.39
CA ARG D 240 -23.69 -0.68 -39.56
C ARG D 240 -23.64 -1.08 -41.05
N THR D 241 -24.62 -0.66 -41.85
CA THR D 241 -24.73 -1.02 -43.29
C THR D 241 -23.53 -0.45 -44.07
N PHE D 242 -22.94 0.68 -43.66
CA PHE D 242 -21.84 1.33 -44.43
C PHE D 242 -20.55 1.54 -43.61
N LEU D 243 -20.53 1.35 -42.29
CA LEU D 243 -19.28 1.43 -41.50
C LEU D 243 -18.61 0.06 -41.43
N ASN D 244 -17.32 0.03 -41.11
CA ASN D 244 -16.52 -1.19 -40.80
C ASN D 244 -16.30 -1.27 -39.29
N SER D 245 -16.29 -0.11 -38.61
CA SER D 245 -16.15 -0.02 -37.13
C SER D 245 -16.91 1.22 -36.61
N LEU D 246 -17.31 1.18 -35.34
CA LEU D 246 -18.00 2.31 -34.69
C LEU D 246 -17.06 2.86 -33.63
N GLY D 247 -16.91 4.17 -33.64
CA GLY D 247 -16.08 4.95 -32.71
C GLY D 247 -16.95 5.60 -31.66
N GLY D 248 -16.33 6.48 -30.87
CA GLY D 248 -17.00 7.35 -29.89
C GLY D 248 -16.01 8.37 -29.37
N SER D 249 -16.49 9.57 -29.05
CA SER D 249 -15.84 10.52 -28.12
C SER D 249 -16.49 10.31 -26.75
N ALA D 250 -15.68 10.11 -25.70
CA ALA D 250 -16.11 10.09 -24.29
C ALA D 250 -15.13 10.95 -23.47
N HIS D 251 -15.31 12.27 -23.51
CA HIS D 251 -14.49 13.28 -22.80
C HIS D 251 -15.07 13.55 -21.42
N ALA D 252 -14.28 13.30 -20.36
CA ALA D 252 -14.65 13.61 -18.95
C ALA D 252 -15.10 15.07 -18.79
N SER D 253 -14.52 15.99 -19.55
CA SER D 253 -14.76 17.44 -19.41
C SER D 253 -16.00 17.91 -20.20
N TRP D 254 -16.52 17.14 -21.15
CA TRP D 254 -17.67 17.56 -22.02
C TRP D 254 -18.93 16.70 -21.84
N HIS D 255 -18.82 15.39 -21.53
CA HIS D 255 -19.88 14.38 -21.80
C HIS D 255 -20.44 13.71 -20.53
N PHE D 256 -19.88 13.97 -19.35
CA PHE D 256 -20.17 13.22 -18.10
C PHE D 256 -20.83 14.14 -17.08
N GLY D 257 -21.50 15.21 -17.53
CA GLY D 257 -22.19 16.15 -16.64
C GLY D 257 -23.23 15.46 -15.76
N TYR D 258 -23.81 14.34 -16.17
CA TYR D 258 -24.78 13.59 -15.35
C TYR D 258 -24.09 12.88 -14.17
N PHE D 259 -22.76 12.98 -14.00
CA PHE D 259 -22.02 12.28 -12.92
C PHE D 259 -21.00 13.17 -12.24
N PRO D 260 -20.72 12.90 -10.94
CA PRO D 260 -19.55 13.46 -10.27
C PRO D 260 -18.29 12.74 -10.82
N ARG D 261 -17.13 13.36 -10.60
CA ARG D 261 -15.83 12.86 -11.07
C ARG D 261 -15.53 11.49 -10.47
N LYS D 262 -15.98 11.22 -9.23
CA LYS D 262 -15.66 9.98 -8.51
C LYS D 262 -16.42 8.82 -9.20
N ALA D 263 -17.37 9.09 -10.11
CA ALA D 263 -18.16 8.08 -10.82
C ALA D 263 -17.91 8.15 -12.33
N TYR D 264 -16.80 8.75 -12.76
CA TYR D 264 -16.48 8.79 -14.22
C TYR D 264 -16.18 7.35 -14.67
N THR D 265 -15.81 6.46 -13.74
CA THR D 265 -15.69 5.00 -13.99
C THR D 265 -17.00 4.46 -14.58
N VAL D 266 -18.10 4.74 -13.88
CA VAL D 266 -19.47 4.29 -14.24
C VAL D 266 -19.86 4.96 -15.56
N ALA D 267 -19.54 6.23 -15.72
CA ALA D 267 -19.82 7.03 -16.93
C ALA D 267 -19.12 6.39 -18.13
N MET D 268 -17.82 6.11 -17.97
CA MET D 268 -17.03 5.52 -19.08
C MET D 268 -17.56 4.10 -19.38
N SER D 269 -17.92 3.36 -18.35
CA SER D 269 -18.48 1.98 -18.50
C SER D 269 -19.77 2.06 -19.32
N ALA D 270 -20.69 2.96 -18.95
CA ALA D 270 -22.00 3.10 -19.64
C ALA D 270 -21.77 3.58 -21.06
N ASN D 271 -20.89 4.55 -21.26
CA ASN D 271 -20.60 5.12 -22.60
C ASN D 271 -20.08 3.98 -23.50
N ALA D 272 -19.23 3.12 -22.96
CA ALA D 272 -18.66 1.96 -23.70
C ALA D 272 -19.76 0.95 -24.04
N GLU D 273 -20.61 0.62 -23.06
CA GLU D 273 -21.71 -0.35 -23.25
C GLU D 273 -22.63 0.17 -24.37
N LEU D 274 -22.85 1.48 -24.39
CA LEU D 274 -23.79 2.14 -25.32
C LEU D 274 -23.24 2.04 -26.74
N ILE D 275 -21.95 2.28 -26.93
CA ILE D 275 -21.32 2.20 -28.28
C ILE D 275 -21.26 0.73 -28.72
N ARG D 276 -20.85 -0.18 -27.82
CA ARG D 276 -20.74 -1.61 -28.11
C ARG D 276 -22.07 -2.11 -28.68
N SER D 277 -23.17 -1.78 -28.01
CA SER D 277 -24.56 -2.10 -28.43
C SER D 277 -24.82 -1.50 -29.82
N GLY D 278 -24.52 -0.22 -30.04
CA GLY D 278 -24.70 0.41 -31.36
C GLY D 278 -23.92 -0.32 -32.46
N ALA D 279 -22.74 -0.82 -32.11
CA ALA D 279 -21.81 -1.46 -33.06
C ALA D 279 -22.38 -2.80 -33.56
N GLY D 280 -23.10 -3.54 -32.71
CA GLY D 280 -23.64 -4.87 -33.05
C GLY D 280 -22.52 -5.82 -33.50
N GLU D 281 -22.62 -6.34 -34.73
CA GLU D 281 -21.65 -7.29 -35.32
C GLU D 281 -20.33 -6.60 -35.68
N LEU D 282 -20.30 -5.26 -35.73
CA LEU D 282 -19.06 -4.49 -36.02
C LEU D 282 -18.21 -4.38 -34.76
N PRO D 283 -16.86 -4.37 -34.91
CA PRO D 283 -15.99 -4.01 -33.81
C PRO D 283 -16.07 -2.50 -33.52
N TRP D 284 -15.76 -2.11 -32.28
CA TRP D 284 -15.82 -0.68 -31.87
C TRP D 284 -14.53 -0.29 -31.18
N LEU D 285 -14.26 1.00 -31.10
CA LEU D 285 -13.11 1.54 -30.35
C LEU D 285 -13.48 2.97 -29.91
N MET D 286 -12.79 3.49 -28.90
CA MET D 286 -13.03 4.86 -28.40
C MET D 286 -12.03 5.77 -29.10
N THR D 287 -12.50 6.54 -30.08
CA THR D 287 -11.71 7.39 -31.00
C THR D 287 -11.21 8.66 -30.30
N GLU D 288 -11.85 9.06 -29.18
CA GLU D 288 -11.54 10.34 -28.48
C GLU D 288 -11.74 10.21 -26.96
N LEU D 289 -10.63 10.15 -26.23
CA LEU D 289 -10.57 10.20 -24.75
C LEU D 289 -9.78 11.45 -24.34
N GLN D 290 -10.00 11.98 -23.13
CA GLN D 290 -9.29 13.19 -22.67
C GLN D 290 -7.85 12.84 -22.27
N GLY D 291 -6.86 13.41 -22.96
CA GLY D 291 -5.43 13.14 -22.72
C GLY D 291 -4.74 14.19 -21.85
N GLY D 292 -5.41 15.30 -21.52
CA GLY D 292 -4.72 16.43 -20.89
C GLY D 292 -5.65 17.47 -20.31
N ASN D 293 -5.06 18.63 -20.04
CA ASN D 293 -5.58 19.64 -19.10
C ASN D 293 -6.54 20.55 -19.84
N ASN D 294 -7.66 20.88 -19.19
CA ASN D 294 -8.50 22.05 -19.54
C ASN D 294 -7.92 23.31 -18.86
N LEU D 295 -7.66 24.35 -19.66
CA LEU D 295 -7.30 25.69 -19.17
C LEU D 295 -8.59 26.53 -19.18
N TYR D 296 -9.05 26.92 -20.38
CA TYR D 296 -10.27 27.74 -20.63
C TYR D 296 -11.42 26.89 -21.19
N SER D 297 -11.14 25.68 -21.67
CA SER D 297 -12.11 24.83 -22.41
C SER D 297 -12.78 23.84 -21.45
N GLY D 298 -13.81 23.15 -21.94
CA GLY D 298 -14.56 22.12 -21.22
C GLY D 298 -15.69 22.73 -20.39
N ALA D 299 -16.75 21.95 -20.16
CA ALA D 299 -17.91 22.31 -19.32
C ALA D 299 -17.62 21.92 -17.86
N ASN D 300 -16.96 20.80 -17.61
CA ASN D 300 -16.56 20.32 -16.26
C ASN D 300 -15.06 20.10 -16.28
N PRO D 301 -14.26 21.17 -16.21
CA PRO D 301 -12.84 21.09 -16.49
C PRO D 301 -12.05 20.19 -15.52
N LEU D 302 -11.00 19.52 -16.01
CA LEU D 302 -10.07 18.76 -15.13
C LEU D 302 -8.76 18.51 -15.89
N CYS D 303 -7.80 17.97 -15.16
CA CYS D 303 -6.59 17.29 -15.70
C CYS D 303 -6.64 15.84 -15.26
N PRO D 304 -6.87 14.88 -16.18
CA PRO D 304 -6.94 13.48 -15.78
C PRO D 304 -5.69 13.12 -14.97
N THR D 305 -5.90 12.43 -13.84
CA THR D 305 -4.82 11.78 -13.05
C THR D 305 -4.28 10.60 -13.86
N ALA D 306 -3.06 10.16 -13.59
CA ALA D 306 -2.50 8.90 -14.14
C ALA D 306 -3.46 7.75 -13.82
N GLU D 307 -3.99 7.73 -12.59
CA GLU D 307 -4.92 6.66 -12.13
C GLU D 307 -6.14 6.62 -13.04
N GLU D 308 -6.65 7.80 -13.45
CA GLU D 308 -7.85 7.94 -14.32
C GLU D 308 -7.54 7.44 -15.73
N ILE D 309 -6.35 7.71 -16.25
CA ILE D 309 -5.97 7.20 -17.62
C ILE D 309 -6.06 5.67 -17.67
N ILE D 310 -5.58 5.00 -16.62
CA ILE D 310 -5.50 3.50 -16.52
C ILE D 310 -6.94 2.95 -16.41
N GLN D 311 -7.74 3.51 -15.51
CA GLN D 311 -9.18 3.19 -15.32
C GLN D 311 -9.91 3.25 -16.67
N TRP D 312 -9.76 4.33 -17.42
CA TRP D 312 -10.52 4.55 -18.69
C TRP D 312 -10.10 3.50 -19.72
N LEU D 313 -8.80 3.22 -19.84
CA LEU D 313 -8.33 2.22 -20.85
C LEU D 313 -8.84 0.82 -20.50
N TRP D 314 -8.73 0.40 -19.25
CA TRP D 314 -9.18 -0.95 -18.81
C TRP D 314 -10.70 -1.06 -18.96
N ILE D 315 -11.45 -0.05 -18.56
CA ILE D 315 -12.93 -0.14 -18.70
C ILE D 315 -13.27 -0.31 -20.18
N ASN D 316 -12.60 0.40 -21.09
CA ASN D 316 -12.94 0.28 -22.54
C ASN D 316 -12.60 -1.13 -23.05
N PHE D 317 -11.40 -1.63 -22.75
CA PHE D 317 -10.92 -2.93 -23.31
C PHE D 317 -11.78 -4.08 -22.74
N ALA D 318 -12.15 -3.99 -21.45
CA ALA D 318 -13.02 -4.97 -20.75
C ALA D 318 -14.43 -4.95 -21.34
N THR D 319 -14.72 -3.92 -22.12
CA THR D 319 -16.04 -3.72 -22.78
C THR D 319 -15.85 -3.88 -24.29
N GLU D 320 -14.82 -4.65 -24.70
CA GLU D 320 -14.57 -5.13 -26.10
C GLU D 320 -13.99 -4.04 -26.99
N ALA D 321 -13.58 -2.88 -26.46
CA ALA D 321 -12.97 -1.83 -27.30
C ALA D 321 -11.73 -2.40 -28.00
N LYS D 322 -11.52 -2.08 -29.27
CA LYS D 322 -10.34 -2.51 -30.06
C LYS D 322 -9.27 -1.42 -30.10
N GLY D 323 -9.48 -0.32 -29.38
CA GLY D 323 -8.48 0.76 -29.27
C GLY D 323 -8.98 1.86 -28.38
N GLY D 324 -8.04 2.67 -27.88
CA GLY D 324 -8.27 3.92 -27.12
C GLY D 324 -7.36 4.99 -27.68
N ILE D 325 -7.92 5.97 -28.37
CA ILE D 325 -7.18 7.12 -28.95
C ILE D 325 -7.44 8.34 -28.07
N PHE D 326 -6.39 8.90 -27.48
CA PHE D 326 -6.46 10.12 -26.63
C PHE D 326 -6.39 11.38 -27.50
N TRP D 327 -7.26 12.36 -27.23
CA TRP D 327 -7.12 13.75 -27.70
C TRP D 327 -6.50 14.56 -26.57
N SER D 328 -5.24 15.00 -26.72
CA SER D 328 -4.43 14.83 -27.90
C SER D 328 -2.97 14.55 -27.47
N PHE D 329 -2.13 14.09 -28.39
CA PHE D 329 -0.70 13.83 -28.07
C PHE D 329 -0.02 15.18 -27.82
N ASN D 330 0.00 16.04 -28.84
CA ASN D 330 0.51 17.42 -28.80
C ASN D 330 -0.68 18.40 -28.84
N ALA D 331 -0.49 19.66 -28.44
CA ALA D 331 -1.57 20.66 -28.34
C ALA D 331 -1.66 21.56 -29.59
N ARG D 332 -2.86 22.12 -29.81
CA ARG D 332 -3.05 23.26 -30.74
C ARG D 332 -2.25 24.44 -30.13
N SER D 333 -1.94 25.44 -30.94
CA SER D 333 -1.01 26.56 -30.59
C SER D 333 -1.75 27.90 -30.51
N THR D 334 -2.90 28.06 -31.18
CA THR D 334 -3.60 29.36 -31.34
C THR D 334 -5.08 29.26 -30.93
N ALA D 335 -5.52 30.20 -30.11
CA ALA D 335 -6.93 30.49 -29.74
C ALA D 335 -7.51 29.27 -28.99
N ALA D 336 -8.74 28.85 -29.33
CA ALA D 336 -9.47 27.74 -28.69
C ALA D 336 -8.51 26.57 -28.45
N GLU D 337 -8.32 26.23 -27.17
CA GLU D 337 -7.70 24.97 -26.70
C GLU D 337 -6.17 25.02 -26.92
N ALA D 338 -5.60 26.21 -27.02
CA ALA D 338 -4.13 26.36 -27.23
C ALA D 338 -3.37 25.85 -25.99
N GLY D 339 -2.51 24.88 -26.15
CA GLY D 339 -1.72 24.32 -25.04
C GLY D 339 -2.57 23.51 -24.06
N GLU D 340 -3.80 23.15 -24.45
CA GLU D 340 -4.71 22.28 -23.66
C GLU D 340 -4.82 20.87 -24.29
N TRP D 341 -5.18 19.88 -23.47
CA TRP D 341 -5.61 18.49 -23.86
C TRP D 341 -4.41 17.55 -24.06
N ALA D 342 -3.17 18.06 -24.10
CA ALA D 342 -1.98 17.30 -24.57
C ALA D 342 -1.48 16.34 -23.47
N MET D 343 -0.96 15.18 -23.90
CA MET D 343 -0.36 14.13 -23.04
C MET D 343 1.11 14.46 -22.80
N ILE D 344 1.78 15.07 -23.76
CA ILE D 344 3.17 15.60 -23.59
C ILE D 344 3.11 16.96 -22.90
N ASN D 345 4.15 17.30 -22.14
CA ASN D 345 4.33 18.65 -21.54
C ASN D 345 4.87 19.58 -22.63
N PHE D 346 5.21 20.82 -22.27
CA PHE D 346 5.55 21.93 -23.21
C PHE D 346 7.00 21.80 -23.71
N LYS D 347 7.77 20.86 -23.17
CA LYS D 347 9.15 20.50 -23.62
C LYS D 347 9.08 19.22 -24.45
N ASN D 348 7.87 18.72 -24.75
CA ASN D 348 7.63 17.55 -25.63
C ASN D 348 8.04 16.26 -24.94
N LYS D 349 8.07 16.23 -23.61
CA LYS D 349 8.33 14.97 -22.83
C LYS D 349 7.03 14.46 -22.20
N SER D 350 7.09 13.27 -21.62
CA SER D 350 5.94 12.53 -21.07
C SER D 350 5.44 13.19 -19.78
N SER D 351 4.15 13.57 -19.75
CA SER D 351 3.37 13.80 -18.50
C SER D 351 3.17 12.43 -17.83
N ASP D 352 2.71 12.41 -16.58
CA ASP D 352 2.39 11.15 -15.86
C ASP D 352 1.24 10.45 -16.62
N ARG D 353 0.51 11.18 -17.46
CA ARG D 353 -0.66 10.64 -18.22
C ARG D 353 -0.18 9.76 -19.37
N LEU D 354 0.90 10.12 -20.04
CA LEU D 354 1.50 9.33 -21.15
C LEU D 354 2.27 8.16 -20.56
N ILE D 355 2.98 8.34 -19.45
CA ILE D 355 3.70 7.24 -18.73
C ILE D 355 2.67 6.18 -18.36
N ALA D 356 1.49 6.57 -17.86
CA ALA D 356 0.39 5.65 -17.51
C ALA D 356 -0.17 4.93 -18.76
N ALA D 357 -0.49 5.67 -19.82
CA ALA D 357 -1.00 5.09 -21.08
C ALA D 357 0.01 4.08 -21.62
N ALA D 358 1.31 4.36 -21.50
CA ALA D 358 2.38 3.49 -22.01
C ALA D 358 2.37 2.14 -21.26
N THR D 359 2.04 2.12 -19.95
CA THR D 359 2.04 0.85 -19.17
C THR D 359 0.98 -0.10 -19.76
N ILE D 360 -0.07 0.45 -20.37
CA ILE D 360 -1.18 -0.35 -20.95
C ILE D 360 -0.77 -0.83 -22.35
N GLY D 361 -0.19 0.02 -23.18
CA GLY D 361 0.41 -0.41 -24.47
C GLY D 361 1.35 -1.59 -24.25
N LYS D 362 2.15 -1.54 -23.19
CA LYS D 362 3.16 -2.56 -22.85
C LYS D 362 2.47 -3.85 -22.41
N PHE D 363 1.53 -3.76 -21.48
CA PHE D 363 0.73 -4.92 -21.01
C PHE D 363 0.16 -5.67 -22.22
N ILE D 364 -0.37 -4.96 -23.22
CA ILE D 364 -0.95 -5.58 -24.45
C ILE D 364 0.13 -6.40 -25.17
N THR D 365 1.30 -5.85 -25.46
CA THR D 365 2.34 -6.52 -26.30
C THR D 365 2.90 -7.72 -25.51
N GLU D 366 2.71 -7.78 -24.18
CA GLU D 366 3.13 -8.90 -23.28
C GLU D 366 2.01 -9.89 -23.00
N ASN D 367 0.78 -9.65 -23.48
CA ASN D 367 -0.41 -10.53 -23.24
C ASN D 367 -1.31 -10.52 -24.48
N VAL D 368 -0.73 -10.68 -25.67
CA VAL D 368 -1.40 -10.47 -27.00
C VAL D 368 -2.65 -11.34 -27.12
N LYS D 369 -2.54 -12.63 -26.81
CA LYS D 369 -3.61 -13.64 -27.02
C LYS D 369 -4.81 -13.22 -26.17
N MET D 370 -4.59 -12.92 -24.89
CA MET D 370 -5.66 -12.51 -23.95
C MET D 370 -6.34 -11.23 -24.47
N MET D 371 -5.58 -10.17 -24.75
CA MET D 371 -6.16 -8.83 -25.04
C MET D 371 -6.84 -8.82 -26.42
N SER D 372 -6.47 -9.73 -27.32
CA SER D 372 -6.97 -9.74 -28.71
C SER D 372 -8.37 -10.39 -28.80
N ASN D 373 -8.79 -11.12 -27.75
CA ASN D 373 -9.97 -12.01 -27.84
C ASN D 373 -10.99 -11.72 -26.73
N ILE D 374 -10.97 -10.51 -26.20
CA ILE D 374 -11.83 -10.16 -25.04
C ILE D 374 -13.28 -10.22 -25.52
N LYS D 375 -14.12 -10.90 -24.76
CA LYS D 375 -15.60 -10.87 -24.91
C LYS D 375 -16.17 -10.45 -23.56
N THR D 376 -17.13 -9.52 -23.55
CA THR D 376 -17.74 -9.09 -22.28
C THR D 376 -18.42 -10.33 -21.71
N LEU D 377 -18.39 -10.53 -20.40
CA LEU D 377 -19.24 -11.55 -19.75
C LEU D 377 -20.62 -10.92 -19.51
N ASN D 378 -21.55 -11.17 -20.42
CA ASN D 378 -22.98 -10.76 -20.31
C ASN D 378 -23.59 -11.42 -19.09
N SER D 379 -23.95 -10.65 -18.06
CA SER D 379 -24.82 -11.10 -16.94
C SER D 379 -26.16 -11.58 -17.51
N GLY D 380 -26.56 -11.05 -18.67
CA GLY D 380 -27.90 -11.21 -19.24
C GLY D 380 -28.84 -10.08 -18.81
N ILE D 381 -28.34 -9.09 -18.07
CA ILE D 381 -29.11 -7.86 -17.73
C ILE D 381 -28.89 -6.88 -18.87
N SER D 382 -29.98 -6.37 -19.47
CA SER D 382 -29.98 -5.31 -20.51
C SER D 382 -30.82 -4.13 -20.02
N ILE D 383 -30.19 -2.96 -19.85
CA ILE D 383 -30.89 -1.67 -19.57
C ILE D 383 -31.20 -0.99 -20.91
N LEU D 384 -32.48 -0.79 -21.20
CA LEU D 384 -32.92 -0.33 -22.55
C LEU D 384 -33.42 1.11 -22.44
N TYR D 385 -32.99 1.95 -23.39
CA TYR D 385 -33.52 3.31 -23.60
C TYR D 385 -34.13 3.37 -24.99
N ASN D 386 -34.99 4.32 -25.29
CA ASN D 386 -35.47 4.49 -26.69
C ASN D 386 -35.53 5.97 -27.08
N HIS D 387 -35.32 6.25 -28.35
CA HIS D 387 -35.39 7.61 -28.94
C HIS D 387 -36.69 8.27 -28.50
N GLU D 388 -37.80 7.54 -28.58
CA GLU D 388 -39.14 8.14 -28.48
C GLU D 388 -39.39 8.67 -27.08
N SER D 389 -38.89 8.01 -26.03
CA SER D 389 -39.00 8.50 -24.63
C SER D 389 -38.30 9.85 -24.52
N MET D 390 -37.17 10.02 -25.21
CA MET D 390 -36.44 11.32 -25.15
C MET D 390 -37.23 12.41 -25.88
N TRP D 391 -37.81 12.11 -27.05
CA TRP D 391 -38.62 13.02 -27.90
C TRP D 391 -39.88 13.49 -27.16
N VAL D 392 -40.62 12.55 -26.59
CA VAL D 392 -41.82 12.86 -25.76
C VAL D 392 -41.40 13.71 -24.55
N GLU D 393 -40.31 13.35 -23.87
CA GLU D 393 -39.84 14.15 -22.70
C GLU D 393 -39.54 15.60 -23.11
N ALA D 394 -38.84 15.81 -24.22
CA ALA D 394 -38.53 17.16 -24.76
C ALA D 394 -39.84 17.98 -24.95
N ALA D 395 -40.91 17.35 -25.44
CA ALA D 395 -42.22 18.00 -25.66
C ALA D 395 -42.90 18.33 -24.32
N GLN D 396 -42.79 17.47 -23.30
CA GLN D 396 -43.57 17.60 -22.05
C GLN D 396 -42.90 18.60 -21.11
N THR D 397 -41.57 18.66 -21.07
CA THR D 397 -40.81 19.65 -20.28
C THR D 397 -40.70 20.93 -21.09
N LYS D 400 -36.85 22.69 -19.99
CA LYS D 400 -36.33 22.93 -18.60
C LYS D 400 -35.09 22.04 -18.40
N LEU D 401 -34.00 22.51 -17.73
CA LEU D 401 -32.63 21.91 -17.88
C LEU D 401 -31.95 21.71 -16.50
N ASN D 402 -32.30 20.67 -15.73
CA ASN D 402 -31.79 20.36 -14.36
C ASN D 402 -31.86 18.87 -14.03
N ASN D 404 -33.42 15.71 -13.14
CA ASN D 404 -34.69 16.04 -12.43
C ASN D 404 -35.87 15.60 -13.32
N GLY D 405 -36.87 14.94 -12.71
CA GLY D 405 -37.98 14.32 -13.46
C GLY D 405 -38.62 15.28 -14.44
N ARG D 406 -38.73 16.56 -14.07
CA ARG D 406 -39.45 17.59 -14.85
C ARG D 406 -38.49 18.33 -15.77
N SER D 407 -37.42 17.67 -16.24
CA SER D 407 -36.39 18.32 -17.08
C SER D 407 -35.82 17.35 -18.10
N ILE D 408 -35.20 17.86 -19.16
CA ILE D 408 -34.50 17.05 -20.19
C ILE D 408 -33.42 16.20 -19.50
N GLY D 409 -33.42 14.89 -19.75
CA GLY D 409 -32.34 13.98 -19.30
C GLY D 409 -32.76 12.98 -18.22
N ALA D 410 -33.94 13.10 -17.64
CA ALA D 410 -34.47 12.11 -16.67
C ALA D 410 -34.54 10.72 -17.33
N VAL D 411 -34.96 10.65 -18.60
CA VAL D 411 -35.13 9.39 -19.37
C VAL D 411 -33.79 8.70 -19.56
N MET D 412 -32.67 9.41 -19.47
CA MET D 412 -31.32 8.79 -19.54
C MET D 412 -30.72 8.66 -18.13
N CYS D 413 -30.86 9.66 -17.27
CA CYS D 413 -30.33 9.59 -15.87
C CYS D 413 -30.92 8.39 -15.13
N SER D 414 -32.19 8.03 -15.40
CA SER D 414 -32.90 6.93 -14.68
C SER D 414 -32.22 5.60 -15.01
N PRO D 415 -32.07 5.23 -16.30
CA PRO D 415 -31.34 4.01 -16.66
C PRO D 415 -29.90 4.05 -16.17
N LEU D 416 -29.27 5.22 -16.20
CA LEU D 416 -27.86 5.37 -15.76
C LEU D 416 -27.80 5.06 -14.25
N SER D 417 -28.84 5.32 -13.49
CA SER D 417 -28.86 5.04 -12.03
C SER D 417 -28.93 3.52 -11.79
N TYR D 418 -29.78 2.80 -12.51
CA TYR D 418 -29.83 1.32 -12.41
C TYR D 418 -28.42 0.82 -12.74
N PHE D 419 -27.85 1.38 -13.81
CA PHE D 419 -26.53 0.96 -14.34
C PHE D 419 -25.50 1.13 -13.23
N GLU D 420 -25.54 2.26 -12.56
CA GLU D 420 -24.59 2.56 -11.48
C GLU D 420 -24.81 1.59 -10.33
N ALA D 421 -26.08 1.32 -9.97
CA ALA D 421 -26.44 0.49 -8.81
C ALA D 421 -25.92 -0.92 -9.08
N LEU D 422 -25.97 -1.37 -10.33
CA LEU D 422 -25.48 -2.72 -10.72
C LEU D 422 -23.95 -2.74 -10.72
N SER D 423 -23.29 -1.67 -11.17
CA SER D 423 -21.82 -1.50 -11.10
C SER D 423 -21.33 -1.61 -9.66
N GLU D 424 -22.04 -1.03 -8.70
CA GLU D 424 -21.65 -1.00 -7.27
C GLU D 424 -22.00 -2.34 -6.64
N THR D 425 -22.61 -3.25 -7.39
CA THR D 425 -22.83 -4.66 -6.98
C THR D 425 -21.84 -5.59 -7.70
N GLY D 426 -21.08 -5.08 -8.67
CA GLY D 426 -20.06 -5.83 -9.41
C GLY D 426 -20.63 -6.65 -10.56
N LEU D 427 -21.80 -6.28 -11.08
CA LEU D 427 -22.47 -7.01 -12.21
C LEU D 427 -22.40 -6.21 -13.51
N GLN D 428 -22.01 -6.84 -14.59
CA GLN D 428 -22.15 -6.22 -15.93
C GLN D 428 -23.64 -5.96 -16.19
N ALA D 429 -23.94 -4.94 -16.97
CA ALA D 429 -25.24 -4.76 -17.64
C ALA D 429 -25.00 -4.11 -19.01
N ASN D 430 -25.77 -4.52 -20.02
CA ASN D 430 -25.77 -3.86 -21.33
C ASN D 430 -26.57 -2.56 -21.18
N PHE D 431 -26.28 -1.61 -22.07
CA PHE D 431 -27.00 -0.33 -22.20
C PHE D 431 -27.29 -0.20 -23.68
N LYS D 432 -28.56 -0.40 -24.09
CA LYS D 432 -28.93 -0.50 -25.52
C LYS D 432 -30.14 0.38 -25.82
N GLU D 433 -30.18 0.93 -27.04
CA GLU D 433 -31.43 1.42 -27.66
C GLU D 433 -32.32 0.20 -27.89
N ILE D 434 -33.62 0.31 -27.68
CA ILE D 434 -34.54 -0.87 -27.69
C ILE D 434 -34.45 -1.57 -29.04
N LYS D 435 -34.24 -0.88 -30.18
CA LYS D 435 -34.14 -1.53 -31.52
C LYS D 435 -32.83 -2.34 -31.67
N GLU D 436 -31.89 -2.27 -30.72
CA GLU D 436 -30.61 -3.02 -30.77
C GLU D 436 -30.75 -4.32 -29.98
N PHE D 437 -31.82 -4.48 -29.20
CA PHE D 437 -32.17 -5.75 -28.49
C PHE D 437 -32.87 -6.72 -29.46
N ASP D 438 -32.51 -8.00 -29.41
CA ASP D 438 -33.02 -9.09 -30.30
C ASP D 438 -34.23 -9.76 -29.63
N PHE D 439 -35.43 -9.48 -30.15
CA PHE D 439 -36.73 -9.94 -29.61
C PHE D 439 -37.21 -11.19 -30.36
N SER D 440 -36.37 -11.82 -31.18
CA SER D 440 -36.79 -12.93 -32.11
C SER D 440 -36.51 -14.33 -31.54
N LEU D 441 -35.83 -14.47 -30.40
CA LEU D 441 -35.43 -15.79 -29.82
C LEU D 441 -36.65 -16.53 -29.27
N ASN D 442 -36.53 -17.83 -29.01
CA ASN D 442 -37.64 -18.71 -28.53
C ASN D 442 -37.56 -18.88 -27.00
N ASP D 443 -36.44 -18.50 -26.39
CA ASP D 443 -36.18 -18.68 -24.95
C ASP D 443 -35.43 -17.45 -24.43
N TYR D 444 -35.94 -16.86 -23.33
CA TYR D 444 -35.32 -15.73 -22.59
C TYR D 444 -35.26 -16.04 -21.09
N THR D 445 -35.19 -17.32 -20.72
CA THR D 445 -34.93 -17.79 -19.32
C THR D 445 -33.65 -17.11 -18.84
N ASP D 446 -33.69 -16.57 -17.63
CA ASP D 446 -32.49 -15.99 -16.97
C ASP D 446 -31.97 -14.76 -17.73
N GLN D 447 -32.78 -14.13 -18.59
CA GLN D 447 -32.52 -12.80 -19.22
C GLN D 447 -33.38 -11.74 -18.51
N VAL D 448 -32.81 -10.55 -18.31
CA VAL D 448 -33.47 -9.44 -17.55
C VAL D 448 -33.46 -8.19 -18.42
N ILE D 449 -34.61 -7.53 -18.50
CA ILE D 449 -34.76 -6.19 -19.14
C ILE D 449 -35.17 -5.20 -18.04
N ILE D 450 -34.47 -4.07 -17.93
CA ILE D 450 -34.83 -2.93 -17.05
C ILE D 450 -35.28 -1.78 -17.95
N LEU D 451 -36.56 -1.38 -17.85
CA LEU D 451 -37.10 -0.14 -18.45
C LEU D 451 -37.35 0.86 -17.33
N SER D 452 -36.40 1.78 -17.15
CA SER D 452 -36.40 2.78 -16.07
C SER D 452 -36.81 4.13 -16.66
N HIS D 453 -38.05 4.50 -16.42
CA HIS D 453 -38.64 5.81 -16.81
C HIS D 453 -38.56 5.97 -18.34
N GLN D 454 -38.76 4.89 -19.08
CA GLN D 454 -38.89 4.98 -20.56
C GLN D 454 -40.36 5.31 -20.81
N ILE D 455 -40.62 6.61 -20.83
CA ILE D 455 -42.01 7.13 -20.70
C ILE D 455 -42.82 6.84 -21.98
N ALA D 456 -42.18 6.50 -23.10
CA ALA D 456 -42.89 6.21 -24.36
C ALA D 456 -42.60 4.77 -24.87
N LEU D 457 -43.66 3.97 -24.96
CA LEU D 457 -43.69 2.62 -25.58
C LEU D 457 -44.93 2.53 -26.47
N ASP D 458 -44.79 2.04 -27.70
CA ASP D 458 -45.97 1.82 -28.60
C ASP D 458 -46.42 0.36 -28.52
N ASN D 459 -47.49 0.04 -29.25
CA ASN D 459 -48.14 -1.30 -29.29
C ASN D 459 -47.11 -2.33 -29.78
N LYS D 460 -46.41 -2.04 -30.89
CA LYS D 460 -45.42 -2.96 -31.53
C LYS D 460 -44.42 -3.44 -30.48
N VAL D 461 -43.89 -2.56 -29.62
CA VAL D 461 -42.80 -2.92 -28.65
C VAL D 461 -43.41 -3.62 -27.46
N ILE D 462 -44.60 -3.21 -27.02
CA ILE D 462 -45.32 -3.91 -25.92
C ILE D 462 -45.52 -5.39 -26.31
N LYS D 463 -45.85 -5.68 -27.57
CA LYS D 463 -45.97 -7.07 -28.06
C LYS D 463 -44.62 -7.79 -27.92
N GLN D 464 -43.53 -7.13 -28.28
CA GLN D 464 -42.15 -7.70 -28.16
C GLN D 464 -41.85 -7.98 -26.68
N LEU D 465 -42.26 -7.09 -25.79
CA LEU D 465 -42.01 -7.23 -24.34
C LEU D 465 -42.87 -8.39 -23.79
N GLU D 466 -44.13 -8.48 -24.27
CA GLU D 466 -45.07 -9.59 -23.93
C GLU D 466 -44.40 -10.92 -24.30
N SER D 467 -43.85 -11.02 -25.51
CA SER D 467 -43.15 -12.21 -26.05
C SER D 467 -41.96 -12.56 -25.17
N PHE D 468 -41.14 -11.57 -24.83
CA PHE D 468 -39.91 -11.72 -24.03
C PHE D 468 -40.24 -12.35 -22.67
N VAL D 469 -41.27 -11.86 -21.99
CA VAL D 469 -41.60 -12.31 -20.61
C VAL D 469 -42.24 -13.70 -20.70
N GLU D 470 -43.17 -13.88 -21.64
CA GLU D 470 -43.89 -15.14 -21.91
C GLU D 470 -42.86 -16.27 -21.98
N LYS D 471 -41.74 -16.03 -22.67
CA LYS D 471 -40.69 -17.04 -22.93
C LYS D 471 -39.64 -17.08 -21.81
N GLY D 472 -39.90 -16.50 -20.63
CA GLY D 472 -39.04 -16.66 -19.43
C GLY D 472 -38.32 -15.40 -18.98
N GLY D 473 -38.41 -14.29 -19.73
CA GLY D 473 -37.72 -13.02 -19.38
C GLY D 473 -38.23 -12.43 -18.08
N THR D 474 -37.37 -11.80 -17.30
CA THR D 474 -37.74 -10.89 -16.18
C THR D 474 -37.72 -9.44 -16.70
N LEU D 475 -38.83 -8.70 -16.51
CA LEU D 475 -38.97 -7.26 -16.85
C LEU D 475 -39.14 -6.46 -15.57
N ILE D 476 -38.18 -5.56 -15.27
CA ILE D 476 -38.24 -4.58 -14.16
C ILE D 476 -38.54 -3.21 -14.77
N ALA D 477 -39.62 -2.55 -14.33
CA ALA D 477 -40.03 -1.22 -14.85
C ALA D 477 -40.30 -0.27 -13.67
N ASP D 478 -39.74 0.95 -13.69
CA ASP D 478 -40.01 1.97 -12.65
C ASP D 478 -40.30 3.32 -13.31
N GLY D 479 -40.64 4.32 -12.48
CA GLY D 479 -41.01 5.67 -12.90
C GLY D 479 -42.20 5.61 -13.83
N LEU D 480 -42.20 6.45 -14.87
CA LEU D 480 -43.36 6.66 -15.76
C LEU D 480 -43.20 5.82 -17.03
N THR D 481 -42.55 4.67 -16.92
CA THR D 481 -42.43 3.74 -18.07
C THR D 481 -43.84 3.46 -18.62
N GLY D 482 -44.03 3.67 -19.93
CA GLY D 482 -45.27 3.33 -20.64
C GLY D 482 -46.39 4.32 -20.41
N TYR D 483 -46.15 5.45 -19.77
CA TYR D 483 -47.20 6.47 -19.53
C TYR D 483 -47.77 6.94 -20.87
N TYR D 484 -46.92 7.15 -21.87
CA TYR D 484 -47.30 7.60 -23.23
C TYR D 484 -46.92 6.53 -24.23
N ASP D 485 -47.39 6.74 -25.47
CA ASP D 485 -47.02 5.96 -26.67
C ASP D 485 -46.10 6.84 -27.52
N TYR D 486 -45.76 6.41 -28.73
CA TYR D 486 -44.80 7.11 -29.62
C TYR D 486 -45.45 8.38 -30.20
N GLN D 487 -46.72 8.64 -29.90
CA GLN D 487 -47.40 9.85 -30.43
C GLN D 487 -47.76 10.79 -29.28
N ALA D 488 -47.18 10.51 -28.10
CA ALA D 488 -47.37 11.28 -26.85
C ALA D 488 -48.83 11.17 -26.40
N HIS D 489 -49.56 10.16 -26.89
CA HIS D 489 -50.91 9.81 -26.39
C HIS D 489 -50.74 8.87 -25.20
N SER D 490 -51.43 9.13 -24.10
CA SER D 490 -51.30 8.35 -22.86
C SER D 490 -52.43 7.32 -22.81
N THR D 491 -52.10 6.05 -22.93
CA THR D 491 -53.05 4.93 -22.79
C THR D 491 -53.44 4.83 -21.32
N VAL D 492 -52.65 5.36 -20.38
CA VAL D 492 -53.02 5.40 -18.93
C VAL D 492 -54.39 6.10 -18.80
N VAL D 493 -54.65 7.09 -19.65
CA VAL D 493 -55.90 7.89 -19.68
C VAL D 493 -56.99 7.14 -20.47
N SER D 494 -56.68 6.64 -21.67
CA SER D 494 -57.66 6.10 -22.67
C SER D 494 -57.92 4.60 -22.50
N GLY D 495 -56.99 3.83 -21.92
CA GLY D 495 -57.02 2.34 -21.85
C GLY D 495 -55.63 1.73 -21.90
N PHE D 496 -55.08 1.41 -20.71
CA PHE D 496 -53.65 1.10 -20.47
C PHE D 496 -53.19 -0.08 -21.32
N ALA D 497 -52.28 0.17 -22.26
CA ALA D 497 -51.74 -0.81 -23.25
C ALA D 497 -50.86 -1.83 -22.56
N LEU D 498 -50.39 -1.58 -21.33
CA LEU D 498 -49.55 -2.54 -20.56
C LEU D 498 -50.36 -3.26 -19.48
N GLU D 499 -51.67 -3.11 -19.42
CA GLU D 499 -52.52 -3.76 -18.36
C GLU D 499 -52.33 -5.29 -18.43
N ASN D 500 -52.34 -5.84 -19.63
CA ASN D 500 -52.15 -7.27 -19.91
C ASN D 500 -50.84 -7.78 -19.27
N LEU D 501 -49.70 -7.14 -19.58
CA LEU D 501 -48.35 -7.59 -19.19
C LEU D 501 -48.15 -7.36 -17.68
N PHE D 502 -48.59 -6.22 -17.15
CA PHE D 502 -48.32 -5.79 -15.76
C PHE D 502 -49.31 -6.44 -14.80
N GLY D 503 -50.44 -6.90 -15.34
CA GLY D 503 -51.51 -7.55 -14.58
C GLY D 503 -52.12 -6.58 -13.59
N SER D 504 -52.14 -5.30 -13.94
CA SER D 504 -52.49 -4.16 -13.04
C SER D 504 -52.69 -2.89 -13.86
N TYR D 505 -53.24 -1.88 -13.21
CA TYR D 505 -53.69 -0.60 -13.82
C TYR D 505 -53.17 0.50 -12.90
N PRO D 506 -52.64 1.62 -13.44
CA PRO D 506 -52.29 2.78 -12.60
C PRO D 506 -53.56 3.51 -12.12
N ILE D 507 -53.53 4.08 -10.91
CA ILE D 507 -54.70 4.76 -10.30
C ILE D 507 -54.43 6.28 -10.29
N GLU D 508 -53.40 6.73 -9.55
CA GLU D 508 -52.95 8.15 -9.48
C GLU D 508 -51.43 8.23 -9.51
N TYR D 509 -50.88 9.33 -10.02
CA TYR D 509 -49.55 9.88 -9.63
C TYR D 509 -49.82 11.13 -8.77
N LYS D 510 -49.25 11.20 -7.56
CA LYS D 510 -49.27 12.43 -6.73
C LYS D 510 -47.84 12.96 -6.60
N ILE D 511 -47.61 14.18 -7.03
CA ILE D 511 -46.30 14.86 -6.84
C ILE D 511 -46.07 15.05 -5.33
N LYS D 512 -44.82 14.98 -4.90
CA LYS D 512 -44.35 15.06 -3.49
C LYS D 512 -43.13 15.99 -3.44
N GLU D 513 -42.23 15.84 -2.47
CA GLU D 513 -40.94 16.55 -2.44
C GLU D 513 -40.06 16.02 -3.59
N ASN D 514 -38.94 16.71 -3.87
CA ASN D 514 -37.82 16.24 -4.74
C ASN D 514 -37.37 14.82 -4.35
N LEU D 515 -37.37 14.54 -3.05
CA LEU D 515 -36.89 13.27 -2.45
C LEU D 515 -37.84 12.84 -1.32
N PHE D 516 -38.47 11.68 -1.45
CA PHE D 516 -39.36 11.07 -0.42
C PHE D 516 -39.00 9.59 -0.26
N SER D 517 -39.62 8.92 0.70
CA SER D 517 -39.36 7.48 1.01
C SER D 517 -40.59 6.64 0.65
N LEU D 518 -40.46 5.58 -0.14
CA LEU D 518 -41.47 4.50 -0.25
C LEU D 518 -41.13 3.48 0.81
N ASP D 519 -41.93 3.38 1.88
CA ASP D 519 -41.68 2.44 3.02
C ASP D 519 -42.60 1.23 2.84
N PHE D 520 -42.06 0.07 2.43
CA PHE D 520 -42.84 -1.15 2.10
C PHE D 520 -43.40 -1.73 3.41
N GLU D 521 -44.56 -2.40 3.30
CA GLU D 521 -45.25 -3.09 4.42
C GLU D 521 -44.26 -4.10 5.02
N LYS D 522 -44.37 -4.33 6.33
CA LYS D 522 -43.51 -5.28 7.11
C LYS D 522 -42.00 -4.96 6.94
N ASP D 523 -41.64 -3.72 6.62
CA ASP D 523 -40.26 -3.13 6.79
C ASP D 523 -39.22 -3.85 5.90
N ASN D 524 -39.67 -4.45 4.80
CA ASN D 524 -38.78 -5.20 3.85
C ASN D 524 -37.77 -4.28 3.18
N TYR D 525 -38.16 -3.03 2.90
CA TYR D 525 -37.40 -1.98 2.16
C TYR D 525 -37.96 -0.60 2.59
N LYS D 526 -37.05 0.37 2.76
CA LYS D 526 -37.30 1.85 2.66
C LYS D 526 -36.55 2.36 1.44
N LEU D 527 -37.26 2.82 0.41
CA LEU D 527 -36.67 3.16 -0.91
C LEU D 527 -36.74 4.66 -1.14
N PRO D 528 -35.59 5.33 -1.38
CA PRO D 528 -35.59 6.67 -1.95
C PRO D 528 -36.32 6.71 -3.29
N ALA D 529 -37.13 7.76 -3.49
CA ALA D 529 -37.98 8.00 -4.68
C ALA D 529 -38.03 9.49 -4.98
N HIS D 530 -38.13 9.83 -6.26
CA HIS D 530 -38.05 11.21 -6.78
C HIS D 530 -39.42 11.66 -7.30
N LEU D 531 -39.95 12.73 -6.74
CA LEU D 531 -40.91 13.67 -7.39
C LEU D 531 -42.33 13.10 -7.30
N TRP D 532 -42.60 11.91 -7.87
CA TRP D 532 -44.00 11.42 -8.01
C TRP D 532 -44.19 10.07 -7.30
N LYS D 533 -45.26 9.91 -6.53
CA LYS D 533 -45.70 8.59 -6.00
C LYS D 533 -46.82 8.04 -6.89
N GLY D 534 -46.60 6.85 -7.47
CA GLY D 534 -47.66 6.11 -8.20
C GLY D 534 -48.39 5.11 -7.31
N THR D 535 -49.70 5.00 -7.49
CA THR D 535 -50.60 3.99 -6.86
C THR D 535 -51.21 3.14 -7.98
N ILE D 536 -51.39 1.85 -7.73
CA ILE D 536 -52.00 0.93 -8.74
C ILE D 536 -53.10 0.10 -8.09
N GLU D 537 -53.94 -0.50 -8.93
CA GLU D 537 -54.93 -1.58 -8.61
C GLU D 537 -54.45 -2.83 -9.36
N THR D 538 -54.21 -3.92 -8.65
CA THR D 538 -53.79 -5.21 -9.26
C THR D 538 -55.05 -5.97 -9.71
N SER D 539 -55.02 -6.64 -10.86
CA SER D 539 -56.00 -7.68 -11.27
C SER D 539 -55.33 -9.05 -11.12
N LYS D 540 -54.53 -9.50 -12.10
CA LYS D 540 -53.82 -10.81 -12.02
C LYS D 540 -52.56 -10.73 -11.14
N ALA D 541 -51.93 -9.58 -10.99
CA ALA D 541 -50.59 -9.46 -10.35
C ALA D 541 -50.76 -9.42 -8.82
N THR D 542 -49.68 -9.76 -8.10
CA THR D 542 -49.66 -9.82 -6.62
C THR D 542 -49.33 -8.42 -6.13
N PRO D 543 -50.19 -7.76 -5.34
CA PRO D 543 -49.89 -6.41 -4.87
C PRO D 543 -48.75 -6.40 -3.84
N ILE D 544 -48.02 -5.27 -3.80
CA ILE D 544 -47.04 -4.86 -2.76
C ILE D 544 -47.53 -3.54 -2.18
N MET D 545 -47.73 -3.48 -0.87
CA MET D 545 -48.33 -2.31 -0.17
C MET D 545 -47.23 -1.57 0.59
N ASP D 546 -47.46 -0.29 0.88
CA ASP D 546 -46.58 0.54 1.74
C ASP D 546 -47.23 0.63 3.13
N LYS D 547 -46.55 1.21 4.11
CA LYS D 547 -47.02 1.26 5.53
C LYS D 547 -48.30 2.08 5.58
N GLU D 548 -48.55 2.98 4.62
CA GLU D 548 -49.75 3.87 4.58
C GLU D 548 -50.96 3.12 4.00
N GLY D 549 -50.81 1.83 3.65
CA GLY D 549 -51.88 0.98 3.11
C GLY D 549 -52.18 1.22 1.62
N GLU D 550 -51.35 1.96 0.89
CA GLU D 550 -51.53 2.21 -0.56
C GLU D 550 -50.77 1.14 -1.36
N CYS D 551 -51.29 0.75 -2.51
CA CYS D 551 -50.62 -0.23 -3.40
C CYS D 551 -49.64 0.50 -4.32
N ILE D 552 -48.35 0.20 -4.20
CA ILE D 552 -47.25 1.02 -4.81
C ILE D 552 -46.44 0.21 -5.82
N ALA D 553 -46.67 -1.10 -5.95
CA ALA D 553 -45.88 -2.00 -6.83
C ALA D 553 -46.58 -3.36 -6.93
N CYS D 554 -46.13 -4.21 -7.84
CA CYS D 554 -46.71 -5.57 -8.01
C CYS D 554 -45.72 -6.50 -8.70
N ILE D 555 -45.91 -7.81 -8.55
CA ILE D 555 -45.24 -8.88 -9.35
C ILE D 555 -46.32 -9.65 -10.11
N ASN D 556 -46.21 -9.69 -11.44
CA ASN D 556 -47.11 -10.44 -12.35
C ASN D 556 -46.34 -11.67 -12.85
N GLN D 557 -46.88 -12.90 -12.69
CA GLN D 557 -46.40 -14.09 -13.43
C GLN D 557 -47.10 -14.08 -14.78
N TYR D 558 -46.33 -14.06 -15.85
CA TYR D 558 -46.80 -13.96 -17.26
C TYR D 558 -46.02 -14.99 -18.08
N GLY D 559 -46.69 -16.09 -18.46
CA GLY D 559 -46.06 -17.31 -19.00
C GLY D 559 -44.96 -17.82 -18.07
N LYS D 560 -43.78 -18.09 -18.62
CA LYS D 560 -42.64 -18.64 -17.86
C LYS D 560 -41.86 -17.54 -17.12
N GLY D 561 -42.10 -16.27 -17.41
CA GLY D 561 -41.31 -15.13 -16.87
C GLY D 561 -42.12 -14.25 -15.92
N LYS D 562 -41.50 -13.18 -15.41
CA LYS D 562 -42.15 -12.33 -14.38
C LYS D 562 -41.90 -10.85 -14.67
N VAL D 563 -42.79 -10.00 -14.15
CA VAL D 563 -42.75 -8.53 -14.28
C VAL D 563 -42.79 -7.93 -12.88
N PHE D 564 -41.84 -7.04 -12.56
CA PHE D 564 -41.87 -6.19 -11.35
C PHE D 564 -42.07 -4.75 -11.80
N TRP D 565 -43.17 -4.14 -11.37
CA TRP D 565 -43.58 -2.77 -11.74
C TRP D 565 -43.73 -1.95 -10.48
N ILE D 566 -43.04 -0.79 -10.43
CA ILE D 566 -43.09 0.18 -9.31
C ILE D 566 -43.09 1.57 -9.91
N PRO D 567 -44.29 2.17 -10.15
CA PRO D 567 -44.41 3.41 -10.91
C PRO D 567 -44.00 4.70 -10.21
N SER D 568 -43.33 4.62 -9.06
CA SER D 568 -42.53 5.75 -8.50
C SER D 568 -41.11 5.68 -9.08
N PRO D 569 -40.44 6.83 -9.37
CA PRO D 569 -39.04 6.80 -9.82
C PRO D 569 -38.05 6.53 -8.67
N ILE D 570 -37.74 5.24 -8.45
CA ILE D 570 -36.80 4.78 -7.40
C ILE D 570 -35.35 4.88 -7.92
N ALA D 571 -35.12 4.82 -9.23
CA ALA D 571 -33.78 5.03 -9.83
C ALA D 571 -33.37 6.51 -9.71
N LEU D 572 -34.20 7.44 -10.17
CA LEU D 572 -33.92 8.88 -10.00
C LEU D 572 -33.87 9.17 -8.50
N GLY D 573 -34.63 8.43 -7.68
CA GLY D 573 -34.61 8.52 -6.22
C GLY D 573 -33.27 8.25 -5.62
N ALA D 574 -32.64 7.16 -6.00
CA ALA D 574 -31.25 6.84 -5.61
C ALA D 574 -30.29 7.93 -6.10
N ARG D 575 -30.42 8.39 -7.35
CA ARG D 575 -29.50 9.40 -7.90
C ARG D 575 -29.59 10.68 -7.05
N GLU D 576 -30.80 11.14 -6.74
CA GLU D 576 -31.04 12.41 -6.02
C GLU D 576 -30.58 12.27 -4.57
N SER D 577 -30.63 11.08 -3.99
CA SER D 577 -30.22 10.84 -2.59
C SER D 577 -28.73 10.47 -2.53
N LYS D 578 -28.08 10.28 -3.68
CA LYS D 578 -26.66 9.83 -3.80
C LYS D 578 -26.41 8.54 -3.00
N ASP D 579 -27.40 7.65 -2.94
CA ASP D 579 -27.28 6.30 -2.31
C ASP D 579 -28.03 5.31 -3.20
N PHE D 580 -27.28 4.38 -3.82
CA PHE D 580 -27.83 3.33 -4.72
C PHE D 580 -27.97 1.99 -3.97
N SER D 581 -27.72 1.97 -2.65
CA SER D 581 -27.60 0.71 -1.88
C SER D 581 -28.96 -0.03 -1.86
N GLU D 582 -30.07 0.67 -1.63
CA GLU D 582 -31.39 -0.02 -1.55
C GLU D 582 -31.85 -0.47 -2.95
N LEU D 583 -31.59 0.32 -3.99
CA LEU D 583 -31.88 -0.06 -5.39
C LEU D 583 -31.08 -1.30 -5.75
N SER D 584 -29.84 -1.38 -5.32
CA SER D 584 -28.96 -2.56 -5.52
C SER D 584 -29.60 -3.79 -4.84
N LYS D 585 -29.97 -3.71 -3.55
CA LYS D 585 -30.54 -4.88 -2.81
C LYS D 585 -31.83 -5.38 -3.48
N LEU D 586 -32.76 -4.48 -3.79
CA LEU D 586 -34.06 -4.81 -4.43
C LEU D 586 -33.80 -5.54 -5.74
N THR D 587 -32.96 -4.97 -6.62
CA THR D 587 -32.71 -5.44 -8.02
C THR D 587 -32.14 -6.87 -7.95
N VAL D 588 -31.14 -7.08 -7.08
CA VAL D 588 -30.51 -8.41 -6.83
C VAL D 588 -31.60 -9.41 -6.44
N SER D 589 -32.52 -9.04 -5.53
CA SER D 589 -33.61 -9.92 -5.06
C SER D 589 -34.53 -10.33 -6.22
N LEU D 590 -34.59 -9.55 -7.30
CA LEU D 590 -35.47 -9.82 -8.48
C LEU D 590 -34.73 -10.65 -9.53
N LEU D 591 -33.42 -10.81 -9.43
CA LEU D 591 -32.61 -11.42 -10.52
C LEU D 591 -32.81 -12.93 -10.50
N PRO D 592 -32.89 -13.62 -11.66
CA PRO D 592 -32.78 -15.08 -11.68
C PRO D 592 -31.52 -15.60 -10.96
N ASN D 593 -31.65 -16.60 -10.11
CA ASN D 593 -30.52 -17.18 -9.31
C ASN D 593 -29.34 -17.55 -10.21
N LYS D 594 -29.57 -17.97 -11.46
CA LYS D 594 -28.49 -18.37 -12.42
C LYS D 594 -27.50 -17.22 -12.65
N ILE D 595 -27.96 -15.97 -12.69
CA ILE D 595 -27.07 -14.81 -12.95
C ILE D 595 -26.08 -14.68 -11.79
N LEU D 596 -26.57 -14.82 -10.56
CA LEU D 596 -25.75 -14.65 -9.33
C LEU D 596 -24.81 -15.84 -9.13
N ASN D 597 -25.14 -17.04 -9.65
CA ASN D 597 -24.29 -18.26 -9.47
C ASN D 597 -23.14 -18.21 -10.49
N ASP D 598 -23.40 -17.81 -11.73
CA ASP D 598 -22.44 -17.92 -12.88
C ASP D 598 -21.57 -16.67 -13.06
N ASN D 599 -21.97 -15.51 -12.54
CA ASN D 599 -21.22 -14.25 -12.75
C ASN D 599 -20.58 -13.82 -11.43
N PRO D 600 -19.28 -13.50 -11.41
CA PRO D 600 -18.69 -12.90 -10.22
C PRO D 600 -19.34 -11.53 -9.93
N HIS D 601 -19.66 -11.29 -8.67
CA HIS D 601 -20.29 -10.05 -8.15
C HIS D 601 -19.84 -9.83 -6.70
N PHE D 602 -20.26 -8.75 -6.07
CA PHE D 602 -19.91 -8.40 -4.68
C PHE D 602 -20.90 -9.07 -3.73
N ASP D 603 -20.42 -9.51 -2.56
CA ASP D 603 -21.25 -10.14 -1.50
C ASP D 603 -22.38 -9.17 -1.12
N LYS D 604 -22.17 -7.87 -1.28
CA LYS D 604 -23.19 -6.82 -1.04
C LYS D 604 -22.83 -5.56 -1.85
N HIS D 605 -23.65 -4.53 -1.73
CA HIS D 605 -23.39 -3.19 -2.28
C HIS D 605 -22.14 -2.57 -1.65
N TYR D 606 -21.27 -2.02 -2.50
CA TYR D 606 -20.08 -1.21 -2.10
C TYR D 606 -20.17 0.15 -2.78
N LYS D 607 -20.37 1.19 -1.97
CA LYS D 607 -20.37 2.59 -2.43
C LYS D 607 -19.03 2.86 -3.11
N ASP D 608 -19.09 3.35 -4.35
CA ASP D 608 -17.95 3.94 -5.12
C ASP D 608 -16.92 2.87 -5.49
N VAL D 609 -17.32 1.60 -5.61
CA VAL D 609 -16.48 0.50 -6.16
C VAL D 609 -17.20 -0.05 -7.39
N MET D 610 -16.46 -0.48 -8.38
CA MET D 610 -17.04 -1.04 -9.64
C MET D 610 -16.32 -2.36 -9.95
N MET D 611 -17.06 -3.34 -10.45
CA MET D 611 -16.47 -4.58 -11.03
C MET D 611 -17.26 -4.95 -12.29
N LYS D 612 -16.54 -5.47 -13.28
CA LYS D 612 -17.06 -5.87 -14.61
C LYS D 612 -16.16 -7.02 -15.06
N SER D 613 -16.74 -8.16 -15.44
CA SER D 613 -15.95 -9.36 -15.83
C SER D 613 -15.99 -9.50 -17.35
N PHE D 614 -15.01 -10.23 -17.89
CA PHE D 614 -14.87 -10.55 -19.33
C PHE D 614 -14.19 -11.90 -19.49
N LYS D 615 -14.29 -12.49 -20.67
CA LYS D 615 -13.61 -13.76 -21.03
C LYS D 615 -12.60 -13.51 -22.15
N SER D 616 -11.56 -14.33 -22.24
CA SER D 616 -10.71 -14.46 -23.44
C SER D 616 -10.26 -15.91 -23.59
N ASN D 617 -10.61 -16.53 -24.72
CA ASN D 617 -10.39 -17.97 -25.04
C ASN D 617 -10.73 -18.85 -23.83
N GLY D 618 -11.95 -18.77 -23.29
CA GLY D 618 -12.42 -19.64 -22.19
C GLY D 618 -11.92 -19.28 -20.79
N THR D 619 -10.92 -18.41 -20.62
CA THR D 619 -10.48 -17.88 -19.28
C THR D 619 -11.33 -16.65 -18.90
N MET D 620 -11.80 -16.60 -17.66
CA MET D 620 -12.59 -15.48 -17.10
C MET D 620 -11.66 -14.53 -16.32
N TYR D 621 -11.92 -13.22 -16.46
CA TYR D 621 -11.21 -12.11 -15.78
C TYR D 621 -12.23 -11.21 -15.10
N SER D 622 -11.77 -10.44 -14.13
CA SER D 622 -12.58 -9.39 -13.48
C SER D 622 -11.78 -8.09 -13.34
N LEU D 623 -12.38 -6.97 -13.79
CA LEU D 623 -11.85 -5.60 -13.61
C LEU D 623 -12.49 -5.06 -12.34
N ILE D 624 -11.68 -4.55 -11.41
CA ILE D 624 -12.15 -3.90 -10.15
C ILE D 624 -11.45 -2.55 -10.02
N ILE D 625 -12.23 -1.50 -9.72
CA ILE D 625 -11.73 -0.13 -9.54
C ILE D 625 -12.34 0.43 -8.26
N ASN D 626 -11.50 0.94 -7.35
CA ASN D 626 -11.95 1.56 -6.07
C ASN D 626 -11.93 3.07 -6.26
N LYS D 627 -13.09 3.72 -6.24
CA LYS D 627 -13.21 5.20 -6.39
C LYS D 627 -13.55 5.86 -5.04
N SER D 628 -13.50 5.08 -3.95
CA SER D 628 -13.78 5.60 -2.58
C SER D 628 -12.51 6.28 -2.04
N ALA D 629 -12.62 6.89 -0.87
CA ALA D 629 -11.54 7.68 -0.23
C ALA D 629 -10.66 6.74 0.61
N SER D 630 -11.10 5.50 0.84
CA SER D 630 -10.44 4.56 1.76
C SER D 630 -10.17 3.20 1.09
N VAL D 631 -9.17 2.49 1.61
CA VAL D 631 -8.88 1.07 1.26
C VAL D 631 -10.17 0.27 1.54
N GLN D 632 -10.63 -0.51 0.57
CA GLN D 632 -11.85 -1.35 0.68
C GLN D 632 -11.42 -2.80 0.58
N THR D 633 -12.10 -3.69 1.29
CA THR D 633 -12.00 -5.16 1.18
C THR D 633 -13.30 -5.67 0.58
N VAL D 634 -13.32 -6.03 -0.70
CA VAL D 634 -14.55 -6.53 -1.39
C VAL D 634 -14.53 -8.06 -1.37
N ASP D 635 -15.58 -8.70 -0.88
CA ASP D 635 -15.79 -10.16 -1.01
C ASP D 635 -16.41 -10.42 -2.39
N ILE D 636 -15.68 -11.05 -3.31
CA ILE D 636 -16.20 -11.48 -4.63
C ILE D 636 -16.76 -12.91 -4.48
N VAL D 637 -18.03 -13.11 -4.82
CA VAL D 637 -18.72 -14.43 -4.85
C VAL D 637 -19.22 -14.68 -6.26
N GLY D 638 -19.65 -15.91 -6.57
CA GLY D 638 -20.04 -16.34 -7.92
C GLY D 638 -18.82 -16.54 -8.78
N GLY D 639 -19.01 -17.05 -10.00
CA GLY D 639 -17.91 -17.47 -10.88
C GLY D 639 -17.27 -18.74 -10.37
N LYS D 640 -16.02 -19.00 -10.77
CA LYS D 640 -15.30 -20.27 -10.51
C LYS D 640 -13.83 -19.95 -10.31
N GLY D 641 -13.20 -20.54 -9.29
CA GLY D 641 -11.74 -20.73 -9.26
C GLY D 641 -11.09 -19.79 -8.28
N LYS D 642 -9.76 -19.74 -8.37
CA LYS D 642 -8.91 -18.95 -7.45
C LYS D 642 -8.53 -17.65 -8.16
N ALA D 643 -8.80 -16.53 -7.50
CA ALA D 643 -8.34 -15.18 -7.88
C ALA D 643 -6.81 -15.17 -7.90
N PHE D 644 -6.21 -14.92 -9.07
CA PHE D 644 -4.79 -14.50 -9.23
C PHE D 644 -4.76 -13.07 -9.79
N ILE D 645 -3.96 -12.20 -9.14
CA ILE D 645 -3.87 -10.75 -9.50
C ILE D 645 -2.91 -10.60 -10.70
N LEU D 646 -3.46 -10.34 -11.88
CA LEU D 646 -2.73 -10.26 -13.19
C LEU D 646 -2.17 -8.84 -13.39
N PHE D 647 -2.91 -7.83 -12.91
CA PHE D 647 -2.62 -6.39 -13.04
C PHE D 647 -3.10 -5.64 -11.81
N ALA D 648 -2.30 -4.71 -11.28
CA ALA D 648 -2.66 -3.92 -10.07
C ALA D 648 -1.64 -2.77 -9.92
N ASN D 649 -2.07 -1.51 -10.06
CA ASN D 649 -1.14 -0.36 -10.13
C ASN D 649 -0.86 0.21 -8.73
N LYS D 650 -1.35 -0.42 -7.65
CA LYS D 650 -1.00 -0.05 -6.25
C LYS D 650 -0.96 -1.27 -5.30
N ASN D 651 -0.44 -2.41 -5.73
CA ASN D 651 -0.09 -3.57 -4.85
C ASN D 651 -1.31 -4.02 -4.03
N ALA D 652 -2.47 -4.15 -4.68
CA ALA D 652 -3.62 -4.89 -4.12
C ALA D 652 -3.17 -6.33 -3.86
N HIS D 653 -3.74 -6.96 -2.84
CA HIS D 653 -3.53 -8.37 -2.44
C HIS D 653 -4.92 -9.01 -2.23
N SER D 654 -5.02 -10.34 -2.29
CA SER D 654 -6.24 -11.13 -1.95
C SER D 654 -5.96 -12.19 -0.88
N THR D 655 -6.84 -12.31 0.12
CA THR D 655 -6.98 -13.51 0.98
C THR D 655 -8.23 -14.27 0.53
N ALA D 656 -8.09 -15.44 -0.09
CA ALA D 656 -9.23 -16.24 -0.65
C ALA D 656 -9.87 -15.39 -1.77
N ASN D 657 -11.17 -15.09 -1.67
CA ASN D 657 -11.88 -14.25 -2.67
C ASN D 657 -12.20 -12.85 -2.12
N LYS D 658 -11.43 -12.35 -1.16
CA LYS D 658 -11.51 -10.98 -0.58
C LYS D 658 -10.34 -10.15 -1.12
N LEU D 659 -10.61 -9.18 -2.01
CA LEU D 659 -9.62 -8.27 -2.64
C LEU D 659 -9.48 -7.01 -1.79
N THR D 660 -8.28 -6.70 -1.33
CA THR D 660 -7.96 -5.43 -0.64
C THR D 660 -7.31 -4.53 -1.69
N ILE D 661 -8.01 -3.44 -2.04
CA ILE D 661 -7.74 -2.55 -3.21
C ILE D 661 -7.71 -1.13 -2.70
N SER D 662 -6.67 -0.39 -3.05
CA SER D 662 -6.40 0.99 -2.57
C SER D 662 -7.23 2.02 -3.37
N PRO D 663 -7.46 3.23 -2.81
CA PRO D 663 -8.15 4.29 -3.53
C PRO D 663 -7.48 4.53 -4.89
N GLU D 664 -8.30 4.62 -5.95
CA GLU D 664 -7.92 4.98 -7.33
C GLU D 664 -7.22 3.81 -8.06
N GLU D 665 -7.05 2.67 -7.40
CA GLU D 665 -6.39 1.47 -7.98
C GLU D 665 -7.30 0.75 -8.96
N THR D 666 -6.71 0.27 -10.05
CA THR D 666 -7.33 -0.62 -11.08
C THR D 666 -6.71 -2.02 -10.93
N VAL D 667 -7.53 -3.05 -10.78
CA VAL D 667 -7.10 -4.48 -10.57
C VAL D 667 -7.72 -5.34 -11.67
N ILE D 668 -6.95 -6.16 -12.35
CA ILE D 668 -7.45 -7.27 -13.19
C ILE D 668 -7.18 -8.57 -12.43
N ILE D 669 -8.21 -9.37 -12.21
CA ILE D 669 -8.10 -10.74 -11.63
C ILE D 669 -8.21 -11.74 -12.77
N LYS D 670 -7.32 -12.73 -12.80
CA LYS D 670 -7.41 -13.91 -13.69
C LYS D 670 -7.94 -15.05 -12.83
N TRP D 671 -9.10 -15.62 -13.22
CA TRP D 671 -9.72 -16.74 -12.47
C TRP D 671 -9.12 -18.05 -13.01
N LYS D 672 -8.49 -18.86 -12.14
CA LYS D 672 -7.70 -20.06 -12.54
C LYS D 672 -8.51 -21.35 -12.34
N PRO E 21 -16.18 -65.37 12.07
CA PRO E 21 -16.83 -65.04 13.37
C PRO E 21 -15.90 -64.31 14.37
N ALA E 22 -14.98 -63.47 13.87
CA ALA E 22 -13.91 -62.83 14.67
C ALA E 22 -14.52 -61.79 15.63
N GLU E 23 -14.00 -61.70 16.85
CA GLU E 23 -14.24 -60.58 17.80
C GLU E 23 -13.74 -59.27 17.16
N ARG E 24 -14.59 -58.25 17.09
CA ARG E 24 -14.21 -56.82 16.93
C ARG E 24 -13.76 -56.25 18.28
N ILE E 25 -12.68 -55.48 18.32
CA ILE E 25 -12.19 -54.85 19.57
C ILE E 25 -13.16 -53.75 19.98
N SER E 26 -13.31 -53.54 21.29
CA SER E 26 -14.13 -52.47 21.89
C SER E 26 -13.49 -52.01 23.20
N LYS E 27 -13.96 -50.90 23.74
CA LYS E 27 -13.47 -50.35 25.03
C LYS E 27 -13.81 -51.33 26.19
N GLN E 28 -14.58 -52.40 25.95
CA GLN E 28 -14.93 -53.44 26.97
C GLN E 28 -14.18 -54.76 26.72
N SER E 29 -13.41 -54.88 25.64
CA SER E 29 -12.61 -56.09 25.32
C SER E 29 -11.69 -56.40 26.49
N THR E 30 -11.39 -57.68 26.70
CA THR E 30 -10.37 -58.11 27.69
C THR E 30 -9.00 -57.74 27.12
N PRO E 31 -8.15 -57.02 27.88
CA PRO E 31 -6.79 -56.73 27.43
C PRO E 31 -5.94 -57.99 27.30
N PHE E 32 -4.98 -57.97 26.37
CA PHE E 32 -4.05 -59.08 26.06
C PHE E 32 -2.60 -58.59 26.14
N VAL E 33 -1.71 -59.53 26.44
CA VAL E 33 -0.25 -59.40 26.19
C VAL E 33 0.05 -60.24 24.96
N GLY E 34 0.87 -59.73 24.03
CA GLY E 34 1.28 -60.51 22.86
C GLY E 34 2.65 -60.11 22.39
N ALA E 35 3.06 -60.63 21.24
CA ALA E 35 4.40 -60.39 20.69
C ALA E 35 4.41 -60.63 19.19
N GLN E 36 5.35 -59.97 18.50
CA GLN E 36 5.60 -60.19 17.06
C GLN E 36 6.11 -61.63 16.92
N ILE E 37 5.54 -62.39 15.98
CA ILE E 37 6.13 -63.67 15.51
C ILE E 37 6.77 -63.34 14.17
N PHE E 38 8.09 -63.45 14.09
CA PHE E 38 8.87 -63.07 12.87
C PHE E 38 9.02 -64.28 11.97
N ILE E 39 8.33 -64.25 10.84
CA ILE E 39 8.30 -65.31 9.79
C ILE E 39 9.11 -64.82 8.58
N GLU E 40 10.12 -65.60 8.18
CA GLU E 40 10.94 -65.44 6.94
C GLU E 40 11.27 -66.85 6.42
N PRO E 41 11.66 -67.00 5.13
CA PRO E 41 12.13 -68.28 4.62
C PRO E 41 13.37 -68.76 5.39
N GLY E 42 13.59 -70.06 5.45
CA GLY E 42 14.69 -70.73 6.15
C GLY E 42 14.27 -71.37 7.47
N GLN E 43 13.24 -70.84 8.12
CA GLN E 43 12.67 -71.38 9.38
C GLN E 43 12.06 -72.75 9.09
N THR E 44 12.14 -73.69 10.03
CA THR E 44 11.49 -75.03 9.96
C THR E 44 10.15 -74.98 10.68
N GLN E 45 9.23 -75.86 10.32
CA GLN E 45 7.96 -76.15 11.03
C GLN E 45 8.22 -76.34 12.54
N GLU E 46 9.31 -77.00 12.94
CA GLU E 46 9.63 -77.35 14.36
C GLU E 46 9.97 -76.09 15.13
N GLN E 47 10.72 -75.15 14.53
CA GLN E 47 11.09 -73.86 15.20
C GLN E 47 9.80 -73.03 15.36
N ILE E 48 9.02 -72.91 14.29
CA ILE E 48 7.80 -72.06 14.31
C ILE E 48 6.85 -72.58 15.40
N GLU E 49 6.70 -73.90 15.51
CA GLU E 49 5.81 -74.52 16.53
C GLU E 49 6.36 -74.22 17.93
N GLN E 50 7.67 -74.37 18.14
CA GLN E 50 8.33 -74.06 19.45
C GLN E 50 7.91 -72.67 19.91
N TRP E 51 7.89 -71.70 18.99
CA TRP E 51 7.55 -70.29 19.29
C TRP E 51 6.09 -70.19 19.76
N PHE E 52 5.14 -70.69 18.96
CA PHE E 52 3.69 -70.57 19.27
C PHE E 52 3.36 -71.30 20.57
N LYS E 53 3.96 -72.47 20.80
CA LYS E 53 3.73 -73.26 22.03
C LYS E 53 4.13 -72.43 23.25
N LEU E 54 5.34 -71.85 23.23
CA LEU E 54 5.87 -71.05 24.36
C LEU E 54 5.10 -69.74 24.51
N LEU E 55 4.63 -69.17 23.39
CA LEU E 55 3.81 -67.93 23.41
C LEU E 55 2.53 -68.22 24.21
N ALA E 56 1.82 -69.32 23.90
CA ALA E 56 0.59 -69.75 24.61
C ALA E 56 0.88 -70.03 26.09
N GLU E 57 2.01 -70.71 26.40
CA GLU E 57 2.41 -71.04 27.80
C GLU E 57 2.81 -69.77 28.57
N SER E 58 3.11 -68.67 27.89
CA SER E 58 3.48 -67.38 28.53
C SER E 58 2.25 -66.47 28.71
N ASN E 59 1.03 -67.05 28.65
CA ASN E 59 -0.25 -66.34 28.89
C ASN E 59 -0.44 -65.21 27.87
N MET E 60 0.09 -65.39 26.67
CA MET E 60 -0.07 -64.44 25.55
C MET E 60 -1.11 -65.05 24.58
N THR E 61 -2.06 -64.23 24.15
CA THR E 61 -3.24 -64.67 23.36
C THR E 61 -3.11 -64.20 21.92
N THR E 62 -2.09 -63.43 21.59
CA THR E 62 -2.06 -62.63 20.34
C THR E 62 -0.62 -62.48 19.84
N CYS E 63 -0.48 -62.52 18.51
CA CYS E 63 0.80 -62.23 17.83
C CYS E 63 0.52 -61.20 16.73
N ARG E 64 1.58 -60.62 16.21
CA ARG E 64 1.54 -59.82 14.96
C ARG E 64 2.52 -60.45 13.98
N ILE E 65 2.17 -60.47 12.70
CA ILE E 65 2.96 -61.13 11.63
C ILE E 65 3.09 -60.16 10.45
N ARG E 66 4.32 -59.81 10.11
CA ARG E 66 4.61 -58.98 8.92
C ARG E 66 4.40 -59.85 7.69
N MET E 67 3.37 -59.53 6.88
CA MET E 67 2.96 -60.28 5.69
C MET E 67 3.84 -59.83 4.51
N PHE E 68 5.14 -60.11 4.59
CA PHE E 68 6.15 -59.74 3.57
C PHE E 68 5.68 -60.16 2.17
N GLY E 69 5.35 -59.19 1.31
CA GLY E 69 5.13 -59.44 -0.13
C GLY E 69 6.33 -60.14 -0.76
N LYS E 70 7.56 -59.82 -0.33
CA LYS E 70 8.80 -60.40 -0.91
C LYS E 70 8.79 -61.93 -0.77
N TYR E 71 8.19 -62.45 0.29
CA TYR E 71 8.25 -63.89 0.63
C TYR E 71 6.97 -64.59 0.15
N MET E 72 6.15 -63.88 -0.62
CA MET E 72 4.88 -64.43 -1.20
C MET E 72 4.89 -64.30 -2.72
N LYS E 73 5.61 -63.34 -3.30
CA LYS E 73 5.62 -63.13 -4.77
C LYS E 73 6.52 -64.18 -5.40
N THR E 74 6.06 -64.81 -6.47
CA THR E 74 6.83 -65.77 -7.32
C THR E 74 7.37 -65.01 -8.53
N PRO E 75 8.45 -65.50 -9.17
CA PRO E 75 8.95 -64.92 -10.42
C PRO E 75 7.85 -64.50 -11.43
N SER E 76 6.89 -65.39 -11.71
CA SER E 76 5.78 -65.18 -12.68
C SER E 76 4.87 -64.02 -12.26
N GLY E 77 4.78 -63.71 -10.96
CA GLY E 77 3.90 -62.63 -10.45
C GLY E 77 2.76 -63.16 -9.57
N THR E 78 2.34 -64.42 -9.74
CA THR E 78 1.30 -65.07 -8.88
C THR E 78 1.80 -65.11 -7.43
N TYR E 79 0.88 -65.19 -6.47
CA TYR E 79 1.18 -65.24 -5.02
C TYR E 79 1.22 -66.70 -4.56
N ASP E 80 2.23 -67.03 -3.76
CA ASP E 80 2.37 -68.28 -2.99
C ASP E 80 2.21 -67.95 -1.51
N PHE E 81 1.15 -68.45 -0.87
CA PHE E 81 0.80 -68.12 0.53
C PHE E 81 1.39 -69.15 1.51
N THR E 82 2.15 -70.12 1.04
CA THR E 82 2.57 -71.32 1.82
C THR E 82 3.24 -70.92 3.13
N LEU E 83 4.21 -70.00 3.08
CA LEU E 83 5.08 -69.69 4.23
C LEU E 83 4.23 -69.14 5.39
N PHE E 84 3.20 -68.36 5.05
CA PHE E 84 2.32 -67.66 6.03
C PHE E 84 1.14 -68.57 6.42
N ASP E 85 0.65 -69.41 5.50
CA ASP E 85 -0.38 -70.45 5.81
C ASP E 85 0.13 -71.30 6.98
N ARG E 86 1.39 -71.72 6.91
CA ARG E 86 2.03 -72.59 7.92
C ARG E 86 1.93 -71.90 9.30
N ALA E 87 2.21 -70.60 9.36
CA ALA E 87 2.27 -69.80 10.61
C ALA E 87 0.85 -69.56 11.16
N PHE E 88 -0.07 -69.15 10.29
CA PHE E 88 -1.49 -68.90 10.65
C PHE E 88 -2.12 -70.18 11.21
N LYS E 89 -1.83 -71.32 10.58
CA LYS E 89 -2.38 -72.64 10.99
C LYS E 89 -1.83 -73.02 12.38
N LEU E 90 -0.54 -72.77 12.63
CA LEU E 90 0.09 -73.08 13.93
C LEU E 90 -0.42 -72.13 15.01
N ALA E 91 -0.62 -70.85 14.69
CA ALA E 91 -1.29 -69.89 15.60
C ALA E 91 -2.66 -70.48 16.01
N ASP E 92 -3.45 -70.93 15.03
CA ASP E 92 -4.81 -71.46 15.25
C ASP E 92 -4.75 -72.70 16.17
N LYS E 93 -3.80 -73.58 15.94
CA LYS E 93 -3.58 -74.79 16.78
C LYS E 93 -3.44 -74.42 18.27
N TYR E 94 -2.74 -73.34 18.60
CA TYR E 94 -2.47 -72.91 19.99
C TYR E 94 -3.37 -71.74 20.41
N HIS E 95 -4.45 -71.49 19.66
CA HIS E 95 -5.57 -70.57 20.01
C HIS E 95 -5.04 -69.13 20.11
N ILE E 96 -4.12 -68.78 19.21
CA ILE E 96 -3.45 -67.44 19.14
C ILE E 96 -4.08 -66.66 17.98
N LYS E 97 -4.61 -65.46 18.25
CA LYS E 97 -5.18 -64.61 17.18
C LYS E 97 -4.08 -63.71 16.61
N VAL E 98 -4.22 -63.29 15.36
CA VAL E 98 -3.16 -62.68 14.54
C VAL E 98 -3.56 -61.26 14.14
N TYR E 99 -2.70 -60.28 14.44
CA TYR E 99 -2.64 -58.96 13.77
C TYR E 99 -1.75 -59.10 12.54
N ALA E 100 -2.32 -58.91 11.35
CA ALA E 100 -1.60 -59.13 10.08
C ALA E 100 -1.22 -57.79 9.47
N THR E 101 0.05 -57.49 9.41
CA THR E 101 0.54 -56.20 8.88
C THR E 101 0.67 -56.31 7.36
N LEU E 102 -0.08 -55.50 6.62
CA LEU E 102 0.11 -55.38 5.16
C LEU E 102 1.50 -54.77 4.93
N PHE E 103 2.36 -55.45 4.16
CA PHE E 103 3.77 -55.07 3.97
C PHE E 103 4.19 -55.49 2.57
N PRO E 104 3.86 -54.71 1.53
CA PRO E 104 4.24 -55.05 0.16
C PRO E 104 5.75 -55.24 -0.05
N ASP E 105 6.11 -55.80 -1.22
CA ASP E 105 7.50 -56.09 -1.62
C ASP E 105 8.31 -54.80 -1.47
N THR E 106 9.51 -54.90 -0.88
CA THR E 106 10.48 -53.80 -0.67
C THR E 106 11.87 -54.42 -0.50
N GLU E 107 12.92 -53.59 -0.53
CA GLU E 107 14.33 -54.09 -0.43
C GLU E 107 14.47 -54.77 0.95
N PHE E 108 15.23 -55.86 1.00
CA PHE E 108 15.56 -56.64 2.22
C PHE E 108 16.12 -55.73 3.33
N THR E 109 16.88 -54.70 2.98
CA THR E 109 17.57 -53.75 3.91
C THR E 109 16.61 -52.70 4.47
N ASP E 110 15.37 -52.61 3.95
CA ASP E 110 14.31 -51.66 4.44
C ASP E 110 13.65 -52.28 5.68
N VAL E 111 14.13 -51.93 6.87
CA VAL E 111 13.71 -52.53 8.17
C VAL E 111 12.22 -52.25 8.43
N GLY E 112 11.77 -51.01 8.26
CA GLY E 112 10.46 -50.56 8.73
C GLY E 112 9.43 -50.44 7.63
N GLY E 113 9.85 -50.51 6.36
CA GLY E 113 8.95 -50.45 5.19
C GLY E 113 8.75 -49.05 4.67
N PHE E 114 8.49 -48.90 3.37
CA PHE E 114 8.14 -47.61 2.70
C PHE E 114 6.81 -47.06 3.24
N LYS E 115 6.70 -45.74 3.22
CA LYS E 115 5.62 -44.96 3.90
C LYS E 115 4.59 -44.45 2.89
N PHE E 116 4.95 -44.46 1.60
CA PHE E 116 4.10 -43.97 0.49
C PHE E 116 4.49 -44.68 -0.78
N PRO E 117 3.58 -44.80 -1.76
CA PRO E 117 3.93 -45.37 -3.07
C PRO E 117 5.03 -44.54 -3.76
N HIS E 118 5.96 -45.20 -4.45
CA HIS E 118 7.09 -44.60 -5.19
C HIS E 118 6.57 -43.92 -6.47
N SER E 119 5.52 -44.47 -7.09
CA SER E 119 5.04 -44.17 -8.47
C SER E 119 3.62 -44.70 -8.66
N ARG E 120 2.95 -44.30 -9.75
CA ARG E 120 1.56 -44.75 -10.05
C ARG E 120 1.61 -46.26 -10.33
N GLU E 121 2.71 -46.72 -10.95
CA GLU E 121 2.97 -48.14 -11.25
C GLU E 121 3.06 -48.88 -9.92
N HIS E 122 3.82 -48.36 -8.97
CA HIS E 122 4.00 -48.95 -7.60
C HIS E 122 2.66 -48.97 -6.86
N GLN E 123 1.83 -47.94 -6.96
CA GLN E 123 0.50 -47.94 -6.29
C GLN E 123 -0.30 -49.16 -6.77
N LYS E 124 -0.16 -49.58 -8.03
CA LYS E 124 -0.92 -50.72 -8.62
C LYS E 124 -0.34 -52.04 -8.10
N GLU E 125 0.97 -52.16 -7.91
CA GLU E 125 1.57 -53.33 -7.22
C GLU E 125 0.93 -53.46 -5.83
N VAL E 126 0.73 -52.35 -5.11
CA VAL E 126 0.15 -52.37 -3.74
C VAL E 126 -1.32 -52.80 -3.80
N GLU E 127 -2.10 -52.29 -4.77
CA GLU E 127 -3.52 -52.70 -5.01
C GLU E 127 -3.57 -54.23 -5.18
N ASP E 128 -2.71 -54.76 -6.06
CA ASP E 128 -2.66 -56.19 -6.40
C ASP E 128 -2.27 -56.97 -5.14
N TYR E 129 -1.30 -56.46 -4.36
CA TYR E 129 -0.80 -57.11 -3.12
C TYR E 129 -1.96 -57.26 -2.14
N ILE E 130 -2.71 -56.19 -1.95
CA ILE E 130 -3.81 -56.15 -0.94
C ILE E 130 -4.91 -57.12 -1.39
N LYS E 131 -5.34 -57.06 -2.66
CA LYS E 131 -6.40 -57.96 -3.21
C LYS E 131 -6.01 -59.41 -2.89
N ASN E 132 -4.77 -59.81 -3.19
CA ASN E 132 -4.32 -61.23 -3.04
C ASN E 132 -4.29 -61.61 -1.55
N VAL E 133 -3.62 -60.82 -0.70
CA VAL E 133 -3.32 -61.18 0.71
C VAL E 133 -4.64 -61.16 1.51
N VAL E 134 -5.46 -60.12 1.35
CA VAL E 134 -6.67 -59.92 2.19
C VAL E 134 -7.72 -60.96 1.77
N SER E 135 -7.92 -61.19 0.48
CA SER E 135 -8.86 -62.22 -0.05
C SER E 135 -8.54 -63.57 0.58
N HIS E 136 -7.25 -63.95 0.62
CA HIS E 136 -6.78 -65.25 1.15
C HIS E 136 -6.92 -65.29 2.68
N PHE E 137 -6.28 -64.36 3.40
CA PHE E 137 -6.03 -64.52 4.85
C PHE E 137 -7.25 -64.11 5.68
N SER E 138 -8.20 -63.39 5.08
CA SER E 138 -9.50 -63.04 5.72
C SER E 138 -10.27 -64.33 6.07
N GLN E 139 -9.96 -65.45 5.41
CA GLN E 139 -10.69 -66.74 5.57
C GLN E 139 -10.29 -67.42 6.89
N TYR E 140 -9.13 -67.11 7.48
CA TYR E 140 -8.72 -67.72 8.77
C TYR E 140 -9.57 -67.15 9.90
N LYS E 141 -10.09 -68.04 10.75
CA LYS E 141 -10.99 -67.64 11.87
C LYS E 141 -10.17 -66.97 12.99
N ASN E 142 -8.85 -67.18 13.07
CA ASN E 142 -7.98 -66.60 14.13
C ASN E 142 -7.40 -65.23 13.70
N LEU E 143 -7.74 -64.68 12.52
CA LEU E 143 -7.33 -63.31 12.14
C LEU E 143 -8.11 -62.29 12.98
N ALA E 144 -7.43 -61.41 13.71
CA ALA E 144 -8.02 -60.40 14.61
C ALA E 144 -8.01 -58.99 13.98
N ALA E 145 -7.03 -58.65 13.14
CA ALA E 145 -6.89 -57.26 12.63
C ALA E 145 -5.93 -57.16 11.46
N TRP E 146 -6.19 -56.21 10.57
CA TRP E 146 -5.28 -55.74 9.50
C TRP E 146 -4.59 -54.48 9.99
N VAL E 147 -3.26 -54.49 10.07
CA VAL E 147 -2.45 -53.27 10.30
C VAL E 147 -2.16 -52.68 8.91
N LEU E 148 -2.78 -51.56 8.55
CA LEU E 148 -2.86 -51.05 7.15
C LEU E 148 -1.46 -50.77 6.61
N ILE E 149 -0.58 -50.35 7.51
CA ILE E 149 0.83 -49.98 7.25
C ILE E 149 1.55 -49.95 8.59
N ASN E 150 2.78 -50.44 8.61
CA ASN E 150 3.66 -50.40 9.80
C ASN E 150 4.28 -49.01 9.88
N GLU E 151 4.15 -48.38 11.05
CA GLU E 151 4.87 -47.13 11.40
C GLU E 151 4.67 -46.11 10.29
N PRO E 152 3.41 -45.64 10.05
CA PRO E 152 3.19 -44.54 9.11
C PRO E 152 3.99 -43.30 9.50
N GLY E 153 4.47 -42.54 8.51
CA GLY E 153 5.19 -41.27 8.77
C GLY E 153 6.70 -41.41 8.77
N THR E 154 7.43 -40.48 8.14
CA THR E 154 8.90 -40.45 8.10
C THR E 154 9.40 -39.02 8.34
N PRO E 155 10.49 -38.82 9.12
CA PRO E 155 11.10 -37.50 9.26
C PRO E 155 11.27 -36.84 7.88
N ASN E 156 11.89 -37.55 6.93
CA ASN E 156 12.22 -37.03 5.56
C ASN E 156 11.33 -37.70 4.52
N LEU E 157 10.35 -36.99 4.00
CA LEU E 157 9.42 -37.50 2.96
C LEU E 157 10.10 -37.41 1.61
N PRO E 158 9.83 -38.37 0.70
CA PRO E 158 10.45 -38.36 -0.62
C PRO E 158 9.79 -37.41 -1.64
N PHE E 159 10.03 -36.10 -1.51
CA PHE E 159 9.60 -35.05 -2.47
C PHE E 159 10.31 -35.20 -3.81
N ASN E 160 11.46 -35.89 -3.80
CA ASN E 160 12.24 -36.24 -5.02
C ASN E 160 11.38 -37.16 -5.90
N GLU E 161 10.79 -38.22 -5.32
CA GLU E 161 10.10 -39.34 -6.03
C GLU E 161 8.87 -38.84 -6.79
N PRO E 162 8.59 -39.38 -8.00
CA PRO E 162 7.56 -38.83 -8.88
C PRO E 162 6.11 -38.84 -8.34
N PHE E 163 5.73 -39.84 -7.54
CA PHE E 163 4.36 -39.96 -6.99
C PHE E 163 4.09 -38.84 -5.98
N THR E 164 5.00 -38.63 -5.01
CA THR E 164 4.87 -37.57 -3.97
C THR E 164 4.96 -36.18 -4.61
N LYS E 165 5.88 -35.98 -5.56
CA LYS E 165 6.06 -34.71 -6.33
C LYS E 165 4.74 -34.32 -7.01
N GLU E 166 4.08 -35.26 -7.68
CA GLU E 166 2.82 -35.03 -8.44
C GLU E 166 1.68 -34.73 -7.45
N ARG E 167 1.65 -35.44 -6.33
CA ARG E 167 0.54 -35.33 -5.34
C ARG E 167 0.66 -33.96 -4.64
N PHE E 168 1.88 -33.43 -4.47
CA PHE E 168 2.13 -32.10 -3.85
C PHE E 168 1.80 -30.97 -4.82
N SER E 169 2.23 -31.10 -6.08
CA SER E 169 1.86 -30.20 -7.20
C SER E 169 0.34 -30.06 -7.32
N ASP E 170 -0.37 -31.19 -7.45
CA ASP E 170 -1.86 -31.26 -7.45
C ASP E 170 -2.40 -30.52 -6.22
N TRP E 171 -1.86 -30.83 -5.02
CA TRP E 171 -2.39 -30.30 -3.74
C TRP E 171 -2.30 -28.77 -3.76
N LYS E 172 -1.19 -28.21 -4.27
CA LYS E 172 -0.93 -26.75 -4.25
C LYS E 172 -1.90 -26.03 -5.20
N LYS E 173 -2.27 -26.62 -6.34
CA LYS E 173 -3.21 -26.05 -7.34
C LYS E 173 -4.62 -26.01 -6.76
N GLU E 174 -4.98 -26.90 -5.81
CA GLU E 174 -6.33 -26.93 -5.19
C GLU E 174 -6.39 -26.02 -3.94
N HIS E 175 -5.31 -25.34 -3.58
CA HIS E 175 -5.23 -24.49 -2.36
C HIS E 175 -4.71 -23.09 -2.73
N ASN E 176 -5.49 -22.04 -2.47
CA ASN E 176 -5.13 -20.62 -2.78
C ASN E 176 -4.44 -20.01 -1.56
N PHE E 177 -3.23 -19.48 -1.70
CA PHE E 177 -2.46 -18.82 -0.62
C PHE E 177 -1.97 -17.46 -1.09
N SER E 178 -2.19 -16.45 -0.26
CA SER E 178 -1.63 -15.09 -0.41
C SER E 178 -0.28 -15.04 0.33
N GLU E 179 0.65 -14.22 -0.15
CA GLU E 179 1.95 -13.91 0.50
C GLU E 179 1.74 -12.90 1.64
N TYR E 180 0.54 -12.34 1.79
CA TYR E 180 0.17 -11.39 2.88
C TYR E 180 -1.14 -11.82 3.59
N ASN E 181 -1.34 -11.37 4.83
CA ASN E 181 -2.57 -11.61 5.64
C ASN E 181 -3.59 -10.51 5.33
N GLU E 182 -4.73 -10.53 6.02
CA GLU E 182 -5.88 -9.59 5.83
C GLU E 182 -5.35 -8.15 5.99
N LYS E 183 -4.54 -7.91 7.03
CA LYS E 183 -4.08 -6.55 7.45
C LYS E 183 -2.96 -6.05 6.55
N GLY E 184 -2.37 -6.90 5.70
CA GLY E 184 -1.32 -6.53 4.72
C GLY E 184 0.10 -7.00 5.07
N TYR E 185 0.32 -7.62 6.27
CA TYR E 185 1.64 -8.11 6.76
C TYR E 185 2.07 -9.38 5.99
N PRO E 186 3.39 -9.58 5.77
CA PRO E 186 3.88 -10.82 5.18
C PRO E 186 3.55 -12.04 6.06
N VAL E 187 3.46 -13.22 5.43
CA VAL E 187 3.07 -14.49 6.10
C VAL E 187 3.90 -15.64 5.57
N LEU E 188 4.15 -16.65 6.40
CA LEU E 188 4.48 -18.02 5.91
C LEU E 188 3.18 -18.83 5.88
N ASN E 189 3.05 -19.74 4.91
CA ASN E 189 1.79 -20.53 4.74
C ASN E 189 1.96 -22.02 5.06
N PHE E 190 3.19 -22.54 5.16
CA PHE E 190 3.47 -23.95 5.55
C PHE E 190 2.74 -24.89 4.58
N GLU E 191 2.90 -24.65 3.28
CA GLU E 191 2.29 -25.48 2.22
C GLU E 191 2.77 -26.93 2.41
N LYS E 192 4.08 -27.13 2.50
CA LYS E 192 4.71 -28.46 2.71
C LYS E 192 4.06 -29.18 3.90
N GLU E 193 3.98 -28.53 5.06
CA GLU E 193 3.54 -29.17 6.33
C GLU E 193 2.07 -29.56 6.25
N ASN E 194 1.21 -28.70 5.64
CA ASN E 194 -0.25 -28.94 5.58
C ASN E 194 -0.54 -30.02 4.54
N PHE E 195 0.18 -30.00 3.41
CA PHE E 195 0.17 -31.08 2.41
C PHE E 195 0.46 -32.43 3.09
N ILE E 196 1.51 -32.48 3.91
CA ILE E 196 1.99 -33.76 4.53
C ILE E 196 0.88 -34.33 5.42
N ILE E 197 0.22 -33.50 6.21
CA ILE E 197 -0.94 -33.97 7.01
C ILE E 197 -1.95 -34.66 6.07
N ASP E 198 -2.34 -33.97 5.01
CA ASP E 198 -3.48 -34.35 4.12
C ASP E 198 -3.10 -35.60 3.31
N TYR E 199 -1.80 -35.79 3.09
CA TYR E 199 -1.22 -36.91 2.30
C TYR E 199 -1.22 -38.17 3.15
N HIS E 200 -0.86 -38.07 4.44
CA HIS E 200 -0.99 -39.18 5.43
C HIS E 200 -2.47 -39.56 5.50
N ASN E 201 -3.36 -38.60 5.78
CA ASN E 201 -4.82 -38.85 5.78
C ASN E 201 -5.20 -39.65 4.52
N TRP E 202 -4.80 -39.17 3.35
CA TRP E 202 -5.20 -39.77 2.05
C TRP E 202 -4.74 -41.23 1.95
N TYR E 203 -3.44 -41.53 2.09
CA TYR E 203 -2.91 -42.88 1.83
C TYR E 203 -3.44 -43.89 2.86
N LEU E 204 -3.53 -43.54 4.14
CA LEU E 204 -4.06 -44.51 5.14
C LEU E 204 -5.54 -44.79 4.84
N ASN E 205 -6.32 -43.75 4.49
CA ASN E 205 -7.76 -43.91 4.09
C ASN E 205 -7.85 -44.81 2.87
N TRP E 206 -6.95 -44.64 1.92
CA TRP E 206 -6.94 -45.41 0.65
C TRP E 206 -6.61 -46.88 0.91
N LEU E 207 -5.63 -47.16 1.76
CA LEU E 207 -5.32 -48.54 2.22
C LEU E 207 -6.57 -49.14 2.90
N ALA E 208 -7.20 -48.41 3.82
CA ALA E 208 -8.42 -48.90 4.51
C ALA E 208 -9.49 -49.27 3.47
N ASN E 209 -9.69 -48.45 2.44
CA ASN E 209 -10.74 -48.67 1.41
C ASN E 209 -10.40 -49.91 0.57
N GLN E 210 -9.13 -50.13 0.23
CA GLN E 210 -8.68 -51.30 -0.56
C GLN E 210 -8.99 -52.58 0.23
N VAL E 211 -8.69 -52.62 1.52
CA VAL E 211 -8.94 -53.80 2.40
C VAL E 211 -10.46 -54.07 2.39
N ARG E 212 -11.26 -52.99 2.56
CA ARG E 212 -12.75 -53.05 2.69
C ARG E 212 -13.39 -53.58 1.38
N LEU E 213 -12.74 -53.47 0.21
CA LEU E 213 -13.25 -54.08 -1.04
C LEU E 213 -13.41 -55.59 -0.82
N TYR E 214 -12.55 -56.21 -0.01
CA TYR E 214 -12.46 -57.69 0.12
C TYR E 214 -12.83 -58.15 1.54
N ASP E 215 -12.69 -57.33 2.57
CA ASP E 215 -12.95 -57.78 3.96
C ASP E 215 -13.58 -56.62 4.74
N LYS E 216 -14.85 -56.78 5.09
CA LYS E 216 -15.62 -55.86 5.96
C LYS E 216 -15.79 -56.45 7.36
N GLN E 217 -15.15 -57.58 7.66
CA GLN E 217 -15.40 -58.36 8.92
C GLN E 217 -14.38 -58.00 10.00
N HIS E 218 -13.18 -57.55 9.65
CA HIS E 218 -12.03 -57.46 10.61
C HIS E 218 -11.66 -56.00 10.89
N ASP E 219 -11.14 -55.77 12.09
CA ASP E 219 -10.63 -54.48 12.60
C ASP E 219 -9.50 -53.93 11.71
N LEU E 220 -9.54 -52.64 11.40
CA LEU E 220 -8.41 -51.89 10.79
C LEU E 220 -7.65 -51.17 11.90
N HIS E 221 -6.32 -51.32 11.88
CA HIS E 221 -5.35 -50.84 12.89
C HIS E 221 -4.19 -50.14 12.17
N VAL E 222 -3.47 -49.26 12.86
CA VAL E 222 -2.23 -48.59 12.35
C VAL E 222 -1.37 -48.17 13.54
N ASN E 223 -0.03 -48.25 13.45
CA ASN E 223 0.85 -47.96 14.64
C ASN E 223 1.73 -46.74 14.36
N PRO E 224 1.27 -45.49 14.63
CA PRO E 224 2.16 -44.32 14.60
C PRO E 224 3.31 -44.44 15.60
N HIS E 225 4.44 -43.78 15.33
CA HIS E 225 5.71 -44.01 16.04
C HIS E 225 6.48 -42.70 16.26
N ASN E 226 7.50 -42.75 17.15
CA ASN E 226 8.41 -41.61 17.38
C ASN E 226 7.54 -40.37 17.56
N VAL E 227 6.48 -40.49 18.38
CA VAL E 227 5.36 -39.51 18.39
C VAL E 227 5.81 -38.16 18.94
N PHE E 228 6.83 -38.11 19.79
CA PHE E 228 7.35 -36.83 20.34
C PHE E 228 8.03 -36.02 19.24
N LYS E 229 8.38 -36.62 18.11
CA LYS E 229 8.99 -35.92 16.95
C LYS E 229 8.00 -35.87 15.77
N LEU E 230 7.24 -36.94 15.52
CA LEU E 230 6.43 -37.12 14.29
C LEU E 230 4.95 -36.73 14.50
N SER E 231 4.55 -36.25 15.66
CA SER E 231 3.14 -35.89 15.96
C SER E 231 2.63 -34.82 14.98
N GLY E 232 3.55 -34.03 14.38
CA GLY E 232 3.23 -32.98 13.39
C GLY E 232 2.80 -33.51 12.03
N LEU E 233 2.89 -34.84 11.81
CA LEU E 233 2.47 -35.58 10.58
C LEU E 233 1.10 -36.23 10.79
N TYR E 234 0.62 -36.28 12.03
CA TYR E 234 -0.51 -37.16 12.43
C TYR E 234 -1.77 -36.34 12.73
N ASP E 235 -2.82 -36.50 11.91
CA ASP E 235 -4.19 -35.96 12.15
C ASP E 235 -5.08 -37.07 12.69
N PHE E 236 -4.96 -37.39 13.97
CA PHE E 236 -5.64 -38.58 14.57
C PHE E 236 -7.16 -38.47 14.47
N PRO E 237 -7.78 -37.29 14.67
CA PRO E 237 -9.23 -37.17 14.44
C PRO E 237 -9.67 -37.62 13.05
N THR E 238 -8.94 -37.28 11.99
CA THR E 238 -9.36 -37.73 10.64
C THR E 238 -9.24 -39.26 10.56
N TRP E 239 -8.22 -39.85 11.20
CA TRP E 239 -7.94 -41.32 11.11
C TRP E 239 -9.09 -42.12 11.70
N ARG E 240 -9.76 -41.59 12.74
CA ARG E 240 -10.90 -42.27 13.44
C ARG E 240 -12.01 -42.64 12.45
N THR E 241 -12.15 -41.91 11.34
CA THR E 241 -13.22 -42.09 10.33
C THR E 241 -13.08 -43.46 9.68
N PHE E 242 -11.87 -44.03 9.55
CA PHE E 242 -11.66 -45.32 8.85
C PHE E 242 -11.01 -46.40 9.72
N LEU E 243 -10.46 -46.13 10.90
CA LEU E 243 -9.87 -47.16 11.79
C LEU E 243 -10.96 -47.74 12.71
N ASN E 244 -10.72 -48.92 13.27
CA ASN E 244 -11.50 -49.54 14.36
C ASN E 244 -10.73 -49.41 15.67
N SER E 245 -9.41 -49.34 15.61
CA SER E 245 -8.52 -49.10 16.78
C SER E 245 -7.26 -48.34 16.36
N LEU E 246 -6.66 -47.61 17.31
CA LEU E 246 -5.39 -46.89 17.06
C LEU E 246 -4.30 -47.60 17.86
N GLY E 247 -3.19 -47.84 17.18
CA GLY E 247 -1.97 -48.46 17.72
C GLY E 247 -0.92 -47.43 18.03
N GLY E 248 0.27 -47.89 18.35
CA GLY E 248 1.49 -47.07 18.52
C GLY E 248 2.69 -47.97 18.65
N SER E 249 3.84 -47.52 18.15
CA SER E 249 5.18 -48.00 18.56
C SER E 249 5.71 -47.05 19.62
N ALA E 250 6.16 -47.57 20.75
CA ALA E 250 6.85 -46.84 21.82
C ALA E 250 8.07 -47.66 22.27
N HIS E 251 9.15 -47.61 21.48
CA HIS E 251 10.42 -48.31 21.73
C HIS E 251 11.35 -47.44 22.56
N ALA E 252 11.74 -47.93 23.75
CA ALA E 252 12.70 -47.25 24.65
C ALA E 252 14.00 -46.88 23.90
N SER E 253 14.43 -47.68 22.93
CA SER E 253 15.74 -47.52 22.26
C SER E 253 15.64 -46.55 21.07
N TRP E 254 14.45 -46.20 20.57
CA TRP E 254 14.30 -45.33 19.37
C TRP E 254 13.57 -44.02 19.66
N HIS E 255 12.63 -43.97 20.61
CA HIS E 255 11.56 -42.94 20.68
C HIS E 255 11.62 -42.07 21.96
N PHE E 256 12.51 -42.34 22.92
CA PHE E 256 12.51 -41.70 24.26
C PHE E 256 13.76 -40.86 24.47
N GLY E 257 14.38 -40.40 23.37
CA GLY E 257 15.62 -39.59 23.42
C GLY E 257 15.49 -38.36 24.30
N TYR E 258 14.30 -37.79 24.42
CA TYR E 258 14.04 -36.61 25.27
C TYR E 258 14.12 -36.97 26.76
N PHE E 259 14.37 -38.22 27.14
CA PHE E 259 14.40 -38.65 28.57
C PHE E 259 15.57 -39.56 28.89
N PRO E 260 16.07 -39.50 30.15
CA PRO E 260 16.96 -40.52 30.69
C PRO E 260 16.16 -41.79 30.93
N ARG E 261 16.86 -42.92 31.06
CA ARG E 261 16.25 -44.26 31.24
C ARG E 261 15.40 -44.29 32.52
N LYS E 262 15.78 -43.56 33.57
CA LYS E 262 15.09 -43.62 34.88
C LYS E 262 13.72 -42.92 34.75
N ALA E 263 13.46 -42.22 33.66
CA ALA E 263 12.17 -41.53 33.39
C ALA E 263 11.45 -42.13 32.17
N TYR E 264 11.80 -43.35 31.76
CA TYR E 264 11.08 -44.01 30.64
C TYR E 264 9.65 -44.30 31.09
N THR E 265 9.40 -44.37 32.40
CA THR E 265 8.04 -44.48 33.00
C THR E 265 7.20 -43.31 32.53
N VAL E 266 7.72 -42.10 32.72
CA VAL E 266 7.06 -40.82 32.33
C VAL E 266 6.88 -40.78 30.81
N ALA E 267 7.90 -41.23 30.06
CA ALA E 267 7.91 -41.26 28.59
C ALA E 267 6.78 -42.18 28.13
N MET E 268 6.71 -43.38 28.70
CA MET E 268 5.69 -44.38 28.29
C MET E 268 4.30 -43.83 28.66
N SER E 269 4.19 -43.20 29.82
CA SER E 269 2.92 -42.61 30.30
C SER E 269 2.46 -41.54 29.31
N ALA E 270 3.34 -40.62 28.92
CA ALA E 270 3.01 -39.52 27.99
C ALA E 270 2.69 -40.10 26.60
N ASN E 271 3.46 -41.07 26.12
CA ASN E 271 3.26 -41.71 24.80
C ASN E 271 1.86 -42.36 24.80
N ALA E 272 1.47 -43.00 25.90
CA ALA E 272 0.16 -43.65 26.05
C ALA E 272 -0.96 -42.59 26.05
N GLU E 273 -0.78 -41.52 26.81
CA GLU E 273 -1.79 -40.44 26.90
C GLU E 273 -2.00 -39.83 25.52
N LEU E 274 -0.92 -39.72 24.75
CA LEU E 274 -0.91 -39.07 23.41
C LEU E 274 -1.74 -39.92 22.46
N ILE E 275 -1.57 -41.23 22.48
CA ILE E 275 -2.33 -42.16 21.59
C ILE E 275 -3.79 -42.23 22.04
N ARG E 276 -4.02 -42.33 23.35
CA ARG E 276 -5.38 -42.41 23.92
C ARG E 276 -6.21 -41.22 23.43
N SER E 277 -5.63 -40.01 23.53
CA SER E 277 -6.21 -38.74 23.04
C SER E 277 -6.47 -38.85 21.53
N GLY E 278 -5.50 -39.32 20.73
CA GLY E 278 -5.68 -39.50 19.29
C GLY E 278 -6.84 -40.42 18.98
N ALA E 279 -7.00 -41.44 19.81
CA ALA E 279 -8.00 -42.50 19.59
C ALA E 279 -9.42 -41.95 19.77
N GLY E 280 -9.64 -41.00 20.69
CA GLY E 280 -10.98 -40.48 21.01
C GLY E 280 -11.94 -41.61 21.41
N GLU E 281 -13.04 -41.76 20.68
CA GLU E 281 -14.11 -42.77 20.94
C GLU E 281 -13.61 -44.18 20.56
N LEU E 282 -12.52 -44.30 19.79
CA LEU E 282 -11.92 -45.61 19.40
C LEU E 282 -11.09 -46.18 20.55
N PRO E 283 -11.07 -47.51 20.72
CA PRO E 283 -10.11 -48.15 21.61
C PRO E 283 -8.69 -48.07 21.01
N TRP E 284 -7.68 -48.17 21.87
CA TRP E 284 -6.26 -48.15 21.44
C TRP E 284 -5.49 -49.29 22.12
N LEU E 285 -4.34 -49.63 21.57
CA LEU E 285 -3.39 -50.60 22.17
C LEU E 285 -1.99 -50.24 21.69
N MET E 286 -0.96 -50.69 22.39
CA MET E 286 0.45 -50.44 22.00
C MET E 286 0.90 -51.63 21.17
N THR E 287 1.01 -51.44 19.85
CA THR E 287 1.31 -52.47 18.84
C THR E 287 2.78 -52.89 18.87
N GLU E 288 3.65 -52.04 19.43
CA GLU E 288 5.13 -52.23 19.37
C GLU E 288 5.83 -51.70 20.62
N LEU E 289 6.23 -52.61 21.52
CA LEU E 289 7.07 -52.33 22.70
C LEU E 289 8.39 -53.11 22.55
N GLN E 290 9.46 -52.64 23.18
CA GLN E 290 10.78 -53.31 23.08
C GLN E 290 10.77 -54.58 23.94
N GLY E 291 10.99 -55.73 23.33
CA GLY E 291 10.97 -57.05 24.01
C GLY E 291 12.35 -57.59 24.33
N GLY E 292 13.42 -56.94 23.85
CA GLY E 292 14.76 -57.55 23.91
C GLY E 292 15.89 -56.60 23.62
N ASN E 293 17.04 -57.20 23.34
CA ASN E 293 18.36 -56.55 23.43
C ASN E 293 18.68 -55.83 22.12
N ASN E 294 19.24 -54.64 22.23
CA ASN E 294 19.99 -53.98 21.14
C ASN E 294 21.44 -54.47 21.17
N LEU E 295 21.91 -54.98 20.03
CA LEU E 295 23.34 -55.30 19.79
C LEU E 295 23.96 -54.10 19.04
N TYR E 296 23.62 -53.96 17.75
CA TYR E 296 24.10 -52.87 16.86
C TYR E 296 22.97 -51.89 16.52
N SER E 297 21.72 -52.20 16.84
CA SER E 297 20.53 -51.38 16.48
C SER E 297 20.17 -50.44 17.64
N GLY E 298 19.26 -49.51 17.37
CA GLY E 298 18.75 -48.53 18.34
C GLY E 298 19.62 -47.28 18.42
N ALA E 299 19.03 -46.14 18.77
CA ALA E 299 19.70 -44.84 18.97
C ALA E 299 20.18 -44.73 20.42
N ASN E 300 19.41 -45.23 21.39
CA ASN E 300 19.74 -45.26 22.85
C ASN E 300 19.66 -46.70 23.30
N PRO E 301 20.65 -47.55 22.95
CA PRO E 301 20.49 -49.00 23.09
C PRO E 301 20.32 -49.48 24.54
N LEU E 302 19.54 -50.55 24.74
CA LEU E 302 19.39 -51.20 26.06
C LEU E 302 18.88 -52.63 25.91
N CYS E 303 18.88 -53.35 27.03
CA CYS E 303 18.12 -54.61 27.21
C CYS E 303 17.12 -54.39 28.32
N PRO E 304 15.80 -54.30 28.03
CA PRO E 304 14.83 -54.02 29.08
C PRO E 304 15.03 -55.01 30.22
N THR E 305 15.02 -54.51 31.45
CA THR E 305 14.96 -55.33 32.69
C THR E 305 13.56 -55.96 32.77
N ALA E 306 13.42 -57.05 33.52
CA ALA E 306 12.10 -57.61 33.88
C ALA E 306 11.24 -56.51 34.51
N GLU E 307 11.84 -55.70 35.39
CA GLU E 307 11.14 -54.63 36.11
C GLU E 307 10.55 -53.65 35.11
N GLU E 308 11.28 -53.35 34.03
CA GLU E 308 10.86 -52.37 32.97
C GLU E 308 9.71 -52.96 32.15
N ILE E 309 9.71 -54.26 31.87
CA ILE E 309 8.60 -54.90 31.11
C ILE E 309 7.28 -54.71 31.86
N ILE E 310 7.30 -54.87 33.18
CA ILE E 310 6.08 -54.81 34.04
C ILE E 310 5.60 -53.37 34.14
N GLN E 311 6.52 -52.43 34.38
CA GLN E 311 6.27 -50.96 34.38
C GLN E 311 5.53 -50.56 33.09
N TRP E 312 6.05 -50.95 31.92
CA TRP E 312 5.49 -50.51 30.61
C TRP E 312 4.09 -51.10 30.45
N LEU E 313 3.88 -52.37 30.80
CA LEU E 313 2.55 -53.00 30.61
C LEU E 313 1.50 -52.33 31.51
N TRP E 314 1.82 -52.12 32.79
CA TRP E 314 0.87 -51.51 33.74
C TRP E 314 0.61 -50.05 33.37
N ILE E 315 1.62 -49.29 32.96
CA ILE E 315 1.38 -47.88 32.55
C ILE E 315 0.41 -47.89 31.36
N ASN E 316 0.56 -48.80 30.41
CA ASN E 316 -0.31 -48.80 29.21
C ASN E 316 -1.74 -49.15 29.63
N PHE E 317 -1.93 -50.21 30.42
CA PHE E 317 -3.28 -50.70 30.77
C PHE E 317 -4.01 -49.65 31.64
N ALA E 318 -3.29 -49.02 32.55
CA ALA E 318 -3.80 -47.96 33.44
C ALA E 318 -4.18 -46.73 32.62
N THR E 319 -3.75 -46.68 31.37
CA THR E 319 -4.01 -45.56 30.42
C THR E 319 -4.95 -46.08 29.31
N GLU E 320 -5.74 -47.11 29.62
CA GLU E 320 -6.87 -47.64 28.80
C GLU E 320 -6.38 -48.51 27.64
N ALA E 321 -5.11 -48.86 27.54
CA ALA E 321 -4.62 -49.73 26.44
C ALA E 321 -5.38 -51.06 26.51
N LYS E 322 -5.75 -51.61 25.35
CA LYS E 322 -6.45 -52.91 25.23
C LYS E 322 -5.47 -54.04 24.89
N GLY E 323 -4.17 -53.74 24.86
CA GLY E 323 -3.14 -54.77 24.60
C GLY E 323 -1.76 -54.14 24.62
N GLY E 324 -0.74 -54.98 24.87
CA GLY E 324 0.69 -54.67 24.68
C GLY E 324 1.32 -55.77 23.85
N ILE E 325 1.70 -55.47 22.62
CA ILE E 325 2.43 -56.40 21.71
C ILE E 325 3.92 -56.02 21.72
N PHE E 326 4.78 -56.93 22.14
CA PHE E 326 6.26 -56.75 22.17
C PHE E 326 6.86 -57.11 20.80
N TRP E 327 7.76 -56.26 20.28
CA TRP E 327 8.71 -56.62 19.20
C TRP E 327 10.03 -57.01 19.85
N SER E 328 10.41 -58.29 19.80
CA SER E 328 9.69 -59.35 19.12
C SER E 328 9.77 -60.64 19.95
N PHE E 329 8.95 -61.65 19.65
CA PHE E 329 9.00 -62.95 20.35
C PHE E 329 10.32 -63.62 20.01
N ASN E 330 10.51 -63.92 18.71
CA ASN E 330 11.73 -64.52 18.13
C ASN E 330 12.44 -63.44 17.30
N ALA E 331 13.71 -63.61 16.98
CA ALA E 331 14.53 -62.62 16.26
C ALA E 331 14.60 -62.89 14.75
N ARG E 332 14.91 -61.86 13.98
CA ARG E 332 15.43 -61.95 12.60
C ARG E 332 16.78 -62.69 12.69
N SER E 333 17.24 -63.26 11.59
CA SER E 333 18.42 -64.16 11.54
C SER E 333 19.55 -63.54 10.71
N THR E 334 19.25 -62.59 9.80
CA THR E 334 20.24 -62.02 8.83
C THR E 334 20.28 -60.49 8.89
N ALA E 335 21.49 -59.93 8.97
CA ALA E 335 21.79 -58.48 8.76
C ALA E 335 21.11 -57.66 9.87
N ALA E 336 20.49 -56.54 9.50
CA ALA E 336 19.78 -55.61 10.41
C ALA E 336 19.02 -56.41 11.48
N GLU E 337 19.41 -56.23 12.73
CA GLU E 337 18.66 -56.64 13.95
C GLU E 337 18.71 -58.16 14.13
N ALA E 338 19.71 -58.82 13.55
CA ALA E 338 19.82 -60.29 13.65
C ALA E 338 20.11 -60.70 15.10
N GLY E 339 19.22 -61.51 15.68
CA GLY E 339 19.36 -62.00 17.07
C GLY E 339 19.19 -60.88 18.08
N GLU E 340 18.59 -59.75 17.66
CA GLU E 340 18.21 -58.61 18.55
C GLU E 340 16.69 -58.57 18.76
N TRP E 341 16.25 -57.95 19.87
CA TRP E 341 14.85 -57.52 20.19
C TRP E 341 14.02 -58.65 20.81
N ALA E 342 14.50 -59.90 20.78
CA ALA E 342 13.70 -61.11 21.08
C ALA E 342 13.52 -61.28 22.59
N MET E 343 12.34 -61.79 22.99
CA MET E 343 11.96 -62.10 24.39
C MET E 343 12.48 -63.49 24.74
N ILE E 344 12.52 -64.42 23.77
CA ILE E 344 13.14 -65.77 23.94
C ILE E 344 14.65 -65.64 23.76
N ASN E 345 15.41 -66.50 24.44
CA ASN E 345 16.90 -66.59 24.29
C ASN E 345 17.17 -67.41 23.03
N PHE E 346 18.42 -67.76 22.75
CA PHE E 346 18.86 -68.34 21.45
C PHE E 346 18.61 -69.85 21.43
N LYS E 347 18.19 -70.43 22.57
CA LYS E 347 17.73 -71.85 22.70
C LYS E 347 16.20 -71.89 22.72
N ASN E 348 15.54 -70.76 22.43
CA ASN E 348 14.06 -70.66 22.25
C ASN E 348 13.33 -70.80 23.59
N LYS E 349 13.99 -70.57 24.73
CA LYS E 349 13.35 -70.56 26.07
C LYS E 349 13.18 -69.11 26.57
N SER E 350 12.49 -68.97 27.69
CA SER E 350 12.08 -67.67 28.27
C SER E 350 13.29 -66.93 28.86
N SER E 351 13.54 -65.70 28.40
CA SER E 351 14.35 -64.68 29.13
C SER E 351 13.56 -64.25 30.36
N ASP E 352 14.17 -63.49 31.29
CA ASP E 352 13.46 -62.95 32.47
C ASP E 352 12.36 -61.98 31.98
N ARG E 353 12.48 -61.50 30.73
CA ARG E 353 11.55 -60.50 30.12
C ARG E 353 10.22 -61.19 29.78
N LEU E 354 10.26 -62.42 29.28
CA LEU E 354 9.05 -63.19 28.93
C LEU E 354 8.40 -63.71 30.21
N ILE E 355 9.19 -64.18 31.18
CA ILE E 355 8.67 -64.65 32.50
C ILE E 355 7.90 -63.50 33.16
N ALA E 356 8.42 -62.26 33.08
CA ALA E 356 7.75 -61.05 33.61
C ALA E 356 6.45 -60.76 32.84
N ALA E 357 6.50 -60.72 31.50
CA ALA E 357 5.30 -60.45 30.67
C ALA E 357 4.23 -61.50 30.98
N ALA E 358 4.62 -62.75 31.23
CA ALA E 358 3.69 -63.86 31.52
C ALA E 358 2.95 -63.58 32.84
N THR E 359 3.58 -62.94 33.84
CA THR E 359 2.91 -62.68 35.16
C THR E 359 1.75 -61.72 34.92
N ILE E 360 1.83 -60.89 33.88
CA ILE E 360 0.77 -59.88 33.55
C ILE E 360 -0.35 -60.58 32.77
N GLY E 361 -0.02 -61.41 31.77
CA GLY E 361 -1.02 -62.25 31.10
C GLY E 361 -1.86 -63.04 32.11
N LYS E 362 -1.20 -63.58 33.14
CA LYS E 362 -1.82 -64.41 34.21
C LYS E 362 -2.71 -63.54 35.08
N PHE E 363 -2.20 -62.41 35.56
CA PHE E 363 -2.99 -61.44 36.36
C PHE E 363 -4.30 -61.13 35.62
N ILE E 364 -4.26 -60.90 34.30
CA ILE E 364 -5.46 -60.58 33.48
C ILE E 364 -6.47 -61.73 33.60
N THR E 365 -6.06 -62.98 33.35
CA THR E 365 -7.02 -64.12 33.27
C THR E 365 -7.59 -64.39 34.67
N GLU E 366 -6.96 -63.91 35.74
CA GLU E 366 -7.42 -64.03 37.16
C GLU E 366 -8.20 -62.79 37.63
N ASN E 367 -8.33 -61.73 36.83
CA ASN E 367 -9.01 -60.45 37.21
C ASN E 367 -9.73 -59.84 35.98
N VAL E 368 -10.41 -60.67 35.18
CA VAL E 368 -10.96 -60.33 33.84
C VAL E 368 -11.90 -59.11 33.93
N LYS E 369 -12.84 -59.08 34.88
CA LYS E 369 -13.89 -58.02 34.95
C LYS E 369 -13.20 -56.67 35.21
N MET E 370 -12.26 -56.62 36.15
CA MET E 370 -11.49 -55.38 36.47
C MET E 370 -10.72 -54.92 35.21
N MET E 371 -9.91 -55.80 34.61
CA MET E 371 -8.96 -55.39 33.54
C MET E 371 -9.72 -55.04 32.25
N SER E 372 -10.95 -55.54 32.09
CA SER E 372 -11.75 -55.38 30.85
C SER E 372 -12.41 -54.00 30.80
N ASN E 373 -12.49 -53.28 31.92
CA ASN E 373 -13.36 -52.07 32.03
C ASN E 373 -12.57 -50.86 32.55
N ILE E 374 -11.27 -50.84 32.36
CA ILE E 374 -10.40 -49.76 32.94
C ILE E 374 -10.77 -48.45 32.24
N LYS E 375 -11.01 -47.41 33.01
CA LYS E 375 -11.17 -46.01 32.52
C LYS E 375 -10.18 -45.14 33.30
N THR E 376 -9.40 -44.31 32.61
CA THR E 376 -8.42 -43.44 33.29
C THR E 376 -9.22 -42.52 34.22
N LEU E 377 -8.73 -42.23 35.42
CA LEU E 377 -9.33 -41.20 36.29
C LEU E 377 -8.75 -39.84 35.87
N ASN E 378 -9.49 -39.12 35.02
CA ASN E 378 -9.16 -37.76 34.54
C ASN E 378 -9.10 -36.82 35.76
N SER E 379 -7.92 -36.30 36.09
CA SER E 379 -7.75 -35.16 37.03
C SER E 379 -8.55 -33.97 36.53
N GLY E 380 -8.73 -33.88 35.21
CA GLY E 380 -9.26 -32.70 34.49
C GLY E 380 -8.14 -31.79 34.03
N ILE E 381 -6.87 -32.15 34.25
CA ILE E 381 -5.70 -31.43 33.70
C ILE E 381 -5.45 -31.98 32.30
N SER E 382 -5.41 -31.10 31.29
CA SER E 382 -5.10 -31.43 29.88
C SER E 382 -3.88 -30.61 29.45
N ILE E 383 -2.76 -31.28 29.10
CA ILE E 383 -1.56 -30.61 28.52
C ILE E 383 -1.69 -30.65 26.99
N LEU E 384 -1.78 -29.50 26.34
CA LEU E 384 -2.11 -29.42 24.89
C LEU E 384 -0.84 -29.03 24.12
N TYR E 385 -0.60 -29.71 23.01
CA TYR E 385 0.39 -29.32 21.97
C TYR E 385 -0.37 -29.06 20.67
N ASN E 386 0.22 -28.34 19.73
CA ASN E 386 -0.40 -28.20 18.38
C ASN E 386 0.67 -28.31 17.29
N HIS E 387 0.26 -28.87 16.15
CA HIS E 387 1.10 -29.05 14.95
C HIS E 387 1.80 -27.72 14.64
N GLU E 388 1.07 -26.62 14.70
CA GLU E 388 1.54 -25.34 14.14
C GLU E 388 2.72 -24.79 14.95
N SER E 389 2.74 -24.98 16.27
CA SER E 389 3.88 -24.60 17.13
C SER E 389 5.14 -25.36 16.68
N MET E 390 5.00 -26.61 16.27
CA MET E 390 6.15 -27.41 15.81
C MET E 390 6.66 -26.89 14.45
N TRP E 391 5.74 -26.57 13.54
CA TRP E 391 6.02 -26.06 12.16
C TRP E 391 6.73 -24.70 12.21
N VAL E 392 6.19 -23.79 13.01
CA VAL E 392 6.78 -22.45 13.22
C VAL E 392 8.16 -22.63 13.86
N GLU E 393 8.30 -23.50 14.87
CA GLU E 393 9.61 -23.73 15.53
C GLU E 393 10.65 -24.18 14.50
N ALA E 394 10.31 -25.13 13.65
CA ALA E 394 11.22 -25.67 12.60
C ALA E 394 11.73 -24.52 11.71
N ALA E 395 10.87 -23.55 11.36
CA ALA E 395 11.23 -22.40 10.52
C ALA E 395 12.16 -21.44 11.28
N GLN E 396 11.94 -21.20 12.57
CA GLN E 396 12.67 -20.16 13.35
C GLN E 396 14.05 -20.68 13.77
N THR E 397 14.19 -21.94 14.14
CA THR E 397 15.47 -22.50 14.64
C THR E 397 16.36 -22.88 13.47
N ARG E 398 15.77 -23.00 12.27
CA ARG E 398 16.45 -23.35 10.98
C ARG E 398 17.15 -24.72 11.10
N GLY E 399 16.76 -25.55 12.09
CA GLY E 399 17.10 -26.98 12.22
C GLY E 399 18.23 -27.29 13.21
N LYS E 400 18.47 -26.47 14.25
CA LYS E 400 19.48 -26.77 15.31
C LYS E 400 18.92 -27.85 16.26
N LEU E 401 19.75 -28.46 17.13
CA LEU E 401 19.43 -29.76 17.82
C LEU E 401 19.69 -29.76 19.35
N ASN E 402 18.74 -30.28 20.15
CA ASN E 402 18.88 -30.67 21.59
C ASN E 402 17.48 -30.96 22.19
N GLY E 403 16.55 -29.98 22.30
CA GLY E 403 15.42 -29.88 23.26
C GLY E 403 15.49 -28.57 24.07
N ASN E 404 16.64 -27.91 23.96
CA ASN E 404 17.04 -26.49 24.21
C ASN E 404 16.09 -25.54 23.45
N GLY E 405 15.79 -24.40 24.05
CA GLY E 405 14.77 -23.46 23.52
C GLY E 405 15.01 -23.09 22.08
N ARG E 406 16.28 -22.98 21.67
CA ARG E 406 16.69 -22.51 20.33
C ARG E 406 16.89 -23.70 19.39
N SER E 407 16.17 -24.79 19.58
CA SER E 407 16.33 -26.02 18.78
C SER E 407 15.01 -26.75 18.58
N ILE E 408 14.94 -27.63 17.60
CA ILE E 408 13.74 -28.46 17.32
C ILE E 408 13.47 -29.32 18.56
N GLY E 409 12.23 -29.33 19.04
CA GLY E 409 11.79 -30.24 20.13
C GLY E 409 11.44 -29.50 21.42
N ALA E 410 11.75 -28.23 21.56
CA ALA E 410 11.39 -27.43 22.74
C ALA E 410 9.86 -27.40 22.92
N VAL E 411 9.12 -27.29 21.82
CA VAL E 411 7.62 -27.21 21.81
C VAL E 411 7.02 -28.51 22.35
N MET E 412 7.75 -29.62 22.29
CA MET E 412 7.30 -30.90 22.89
C MET E 412 7.98 -31.13 24.25
N CYS E 413 9.27 -30.85 24.39
CA CYS E 413 9.99 -31.04 25.68
C CYS E 413 9.32 -30.22 26.78
N SER E 414 8.77 -29.05 26.47
CA SER E 414 8.16 -28.12 27.45
C SER E 414 6.91 -28.76 28.06
N PRO E 415 5.93 -29.18 27.24
CA PRO E 415 4.75 -29.90 27.74
C PRO E 415 5.14 -31.19 28.48
N LEU E 416 6.16 -31.87 27.98
CA LEU E 416 6.64 -33.14 28.59
C LEU E 416 7.16 -32.84 29.99
N SER E 417 7.70 -31.66 30.24
CA SER E 417 8.24 -31.30 31.57
C SER E 417 7.09 -31.05 32.56
N TYR E 418 6.03 -30.34 32.14
CA TYR E 418 4.84 -30.17 33.00
C TYR E 418 4.33 -31.58 33.33
N PHE E 419 4.27 -32.43 32.31
CA PHE E 419 3.74 -33.79 32.41
C PHE E 419 4.54 -34.55 33.46
N GLU E 420 5.85 -34.43 33.40
CA GLU E 420 6.75 -35.11 34.35
C GLU E 420 6.52 -34.57 35.75
N ALA E 421 6.40 -33.26 35.88
CA ALA E 421 6.27 -32.59 37.18
C ALA E 421 4.96 -33.05 37.82
N LEU E 422 3.92 -33.26 37.02
CA LEU E 422 2.58 -33.70 37.53
C LEU E 422 2.67 -35.18 37.90
N SER E 423 3.39 -36.00 37.13
CA SER E 423 3.66 -37.44 37.44
C SER E 423 4.34 -37.57 38.81
N GLU E 424 5.30 -36.70 39.11
CA GLU E 424 6.09 -36.76 40.37
C GLU E 424 5.26 -36.18 41.51
N THR E 425 4.05 -35.70 41.23
CA THR E 425 3.05 -35.29 42.25
C THR E 425 1.94 -36.34 42.37
N GLY E 426 1.92 -37.32 41.47
CA GLY E 426 0.95 -38.44 41.49
C GLY E 426 -0.39 -38.07 40.86
N LEU E 427 -0.41 -37.09 39.97
CA LEU E 427 -1.63 -36.62 39.26
C LEU E 427 -1.61 -37.08 37.80
N GLN E 428 -2.67 -37.73 37.34
CA GLN E 428 -2.89 -37.96 35.90
C GLN E 428 -2.93 -36.58 35.20
N ALA E 429 -2.50 -36.55 33.96
CA ALA E 429 -2.81 -35.44 33.03
C ALA E 429 -3.00 -36.04 31.62
N ASN E 430 -3.92 -35.49 30.86
CA ASN E 430 -4.07 -35.82 29.41
C ASN E 430 -2.95 -35.10 28.67
N PHE E 431 -2.57 -35.65 27.52
CA PHE E 431 -1.57 -35.06 26.59
C PHE E 431 -2.22 -35.13 25.21
N LYS E 432 -2.67 -34.00 24.67
CA LYS E 432 -3.55 -33.96 23.49
C LYS E 432 -3.05 -32.91 22.50
N GLU E 433 -3.25 -33.17 21.21
CA GLU E 433 -3.23 -32.15 20.14
C GLU E 433 -4.45 -31.27 20.39
N ILE E 434 -4.33 -29.96 20.18
CA ILE E 434 -5.38 -28.98 20.55
C ILE E 434 -6.71 -29.35 19.86
N LYS E 435 -6.71 -29.88 18.63
CA LYS E 435 -7.97 -30.27 17.93
C LYS E 435 -8.63 -31.50 18.57
N GLU E 436 -8.00 -32.18 19.53
CA GLU E 436 -8.57 -33.38 20.19
C GLU E 436 -9.27 -32.97 21.49
N PHE E 437 -9.07 -31.72 21.96
CA PHE E 437 -9.79 -31.13 23.12
C PHE E 437 -11.15 -30.62 22.66
N ASP E 438 -12.20 -30.85 23.47
CA ASP E 438 -13.60 -30.44 23.18
C ASP E 438 -13.87 -29.05 23.75
N PHE E 439 -13.95 -28.03 22.88
CA PHE E 439 -14.14 -26.59 23.25
C PHE E 439 -15.62 -26.20 23.17
N SER E 440 -16.55 -27.16 22.99
CA SER E 440 -17.97 -26.87 22.65
C SER E 440 -18.90 -26.93 23.89
N LEU E 441 -18.39 -27.34 25.08
CA LEU E 441 -19.19 -27.45 26.33
C LEU E 441 -19.60 -26.06 26.85
N ASN E 442 -20.57 -26.01 27.77
CA ASN E 442 -21.12 -24.76 28.36
C ASN E 442 -20.49 -24.50 29.73
N ASP E 443 -19.77 -25.46 30.29
CA ASP E 443 -19.16 -25.36 31.66
C ASP E 443 -17.80 -26.07 31.64
N TYR E 444 -16.76 -25.39 32.15
CA TYR E 444 -15.38 -25.92 32.32
C TYR E 444 -14.87 -25.62 33.74
N THR E 445 -15.77 -25.52 34.72
CA THR E 445 -15.42 -25.42 36.17
C THR E 445 -14.47 -26.57 36.53
N ASP E 446 -13.39 -26.28 37.23
CA ASP E 446 -12.45 -27.30 37.77
C ASP E 446 -11.78 -28.10 36.63
N GLN E 447 -11.74 -27.54 35.40
CA GLN E 447 -10.93 -28.05 34.26
C GLN E 447 -9.69 -27.17 34.09
N VAL E 448 -8.54 -27.78 33.75
CA VAL E 448 -7.25 -27.04 33.61
C VAL E 448 -6.66 -27.34 32.25
N ILE E 449 -6.21 -26.29 31.56
CA ILE E 449 -5.42 -26.39 30.30
C ILE E 449 -4.03 -25.80 30.56
N ILE E 450 -2.99 -26.56 30.21
CA ILE E 450 -1.58 -26.10 30.31
C ILE E 450 -1.08 -25.92 28.87
N LEU E 451 -0.75 -24.69 28.47
CA LEU E 451 -0.07 -24.39 27.19
C LEU E 451 1.37 -23.98 27.50
N SER E 452 2.30 -24.93 27.36
CA SER E 452 3.71 -24.77 27.72
C SER E 452 4.51 -24.59 26.43
N HIS E 453 4.87 -23.37 26.14
CA HIS E 453 5.75 -23.00 24.99
C HIS E 453 5.07 -23.42 23.69
N GLN E 454 3.75 -23.31 23.62
CA GLN E 454 3.02 -23.51 22.35
C GLN E 454 3.08 -22.17 21.62
N ILE E 455 4.16 -22.00 20.87
CA ILE E 455 4.59 -20.67 20.38
C ILE E 455 3.64 -20.16 19.29
N ALA E 456 2.79 -21.00 18.69
CA ALA E 456 1.86 -20.60 17.62
C ALA E 456 0.41 -20.89 18.02
N LEU E 457 -0.40 -19.83 18.16
CA LEU E 457 -1.88 -19.85 18.34
C LEU E 457 -2.50 -18.83 17.40
N ASP E 458 -3.54 -19.20 16.65
CA ASP E 458 -4.25 -18.26 15.73
C ASP E 458 -5.49 -17.68 16.45
N ASN E 459 -6.22 -16.79 15.75
CA ASN E 459 -7.40 -16.07 16.29
C ASN E 459 -8.48 -17.11 16.66
N LYS E 460 -8.76 -18.07 15.78
CA LYS E 460 -9.81 -19.10 15.96
C LYS E 460 -9.60 -19.80 17.33
N VAL E 461 -8.36 -20.17 17.69
CA VAL E 461 -8.07 -20.97 18.92
C VAL E 461 -8.07 -20.04 20.13
N ILE E 462 -7.59 -18.81 19.98
CA ILE E 462 -7.64 -17.81 21.08
C ILE E 462 -9.11 -17.61 21.50
N LYS E 463 -10.05 -17.57 20.55
CA LYS E 463 -11.50 -17.46 20.86
C LYS E 463 -11.95 -18.69 21.65
N GLN E 464 -11.50 -19.88 21.27
CA GLN E 464 -11.83 -21.15 21.98
C GLN E 464 -11.28 -21.07 23.42
N LEU E 465 -10.07 -20.53 23.59
CA LEU E 465 -9.42 -20.43 24.92
C LEU E 465 -10.17 -19.39 25.76
N GLU E 466 -10.59 -18.28 25.13
CA GLU E 466 -11.39 -17.19 25.76
C GLU E 466 -12.67 -17.81 26.32
N SER E 467 -13.35 -18.60 25.50
CA SER E 467 -14.61 -19.31 25.84
C SER E 467 -14.38 -20.27 27.02
N PHE E 468 -13.31 -21.05 26.97
CA PHE E 468 -12.95 -22.07 27.98
C PHE E 468 -12.81 -21.40 29.36
N VAL E 469 -12.09 -20.28 29.44
CA VAL E 469 -11.77 -19.62 30.74
C VAL E 469 -13.04 -18.93 31.24
N GLU E 470 -13.73 -18.22 30.33
CA GLU E 470 -14.99 -17.49 30.60
C GLU E 470 -15.94 -18.43 31.36
N LYS E 471 -16.03 -19.68 30.91
CA LYS E 471 -16.96 -20.70 31.47
C LYS E 471 -16.35 -21.46 32.66
N GLY E 472 -15.25 -20.98 33.27
CA GLY E 472 -14.74 -21.54 34.54
C GLY E 472 -13.37 -22.22 34.44
N GLY E 473 -12.81 -22.38 33.23
CA GLY E 473 -11.52 -23.06 33.03
C GLY E 473 -10.36 -22.32 33.67
N THR E 474 -9.36 -23.03 34.18
CA THR E 474 -8.01 -22.48 34.51
C THR E 474 -7.06 -22.70 33.32
N LEU E 475 -6.42 -21.65 32.83
CA LEU E 475 -5.39 -21.70 31.75
C LEU E 475 -4.02 -21.32 32.34
N ILE E 476 -3.05 -22.23 32.34
CA ILE E 476 -1.64 -21.99 32.75
C ILE E 476 -0.79 -21.94 31.48
N ALA E 477 -0.06 -20.86 31.24
CA ALA E 477 0.75 -20.67 30.00
C ALA E 477 2.15 -20.20 30.39
N ASP E 478 3.21 -20.83 29.84
CA ASP E 478 4.60 -20.41 30.10
C ASP E 478 5.39 -20.38 28.79
N GLY E 479 6.65 -19.93 28.86
CA GLY E 479 7.54 -19.73 27.72
C GLY E 479 6.93 -18.80 26.73
N LEU E 480 7.07 -19.08 25.44
CA LEU E 480 6.74 -18.14 24.35
C LEU E 480 5.37 -18.52 23.79
N THR E 481 4.48 -19.07 24.64
CA THR E 481 3.10 -19.40 24.20
C THR E 481 2.48 -18.16 23.55
N GLY E 482 1.97 -18.29 22.34
CA GLY E 482 1.22 -17.23 21.63
C GLY E 482 2.11 -16.15 21.04
N TYR E 483 3.43 -16.32 21.03
CA TYR E 483 4.34 -15.30 20.45
C TYR E 483 4.01 -15.12 18.97
N TYR E 484 3.71 -16.19 18.25
CA TYR E 484 3.35 -16.17 16.82
C TYR E 484 1.92 -16.67 16.66
N ASP E 485 1.40 -16.49 15.44
CA ASP E 485 0.14 -17.09 14.93
C ASP E 485 0.51 -18.24 13.98
N TYR E 486 -0.46 -18.82 13.29
CA TYR E 486 -0.27 -20.00 12.43
C TYR E 486 0.44 -19.59 11.15
N GLN E 487 0.72 -18.31 10.94
CA GLN E 487 1.43 -17.87 9.70
C GLN E 487 2.81 -17.32 10.07
N ALA E 488 3.23 -17.58 11.31
CA ALA E 488 4.53 -17.19 11.90
C ALA E 488 4.61 -15.65 11.97
N HIS E 489 3.45 -14.98 11.92
CA HIS E 489 3.34 -13.53 12.18
C HIS E 489 3.17 -13.36 13.70
N SER E 490 3.92 -12.44 14.29
CA SER E 490 3.93 -12.26 15.76
C SER E 490 3.02 -11.08 16.10
N THR E 491 1.90 -11.35 16.77
CA THR E 491 0.97 -10.28 17.25
C THR E 491 1.65 -9.53 18.40
N VAL E 492 2.65 -10.13 19.06
CA VAL E 492 3.43 -9.45 20.14
C VAL E 492 4.00 -8.15 19.56
N VAL E 493 4.39 -8.17 18.29
CA VAL E 493 4.98 -7.02 17.55
C VAL E 493 3.86 -6.09 17.04
N SER E 494 2.80 -6.60 16.40
CA SER E 494 1.80 -5.82 15.63
C SER E 494 0.58 -5.43 16.50
N GLY E 495 0.31 -6.13 17.61
CA GLY E 495 -0.88 -5.93 18.48
C GLY E 495 -1.36 -7.24 19.10
N PHE E 496 -0.97 -7.50 20.35
CA PHE E 496 -1.04 -8.82 21.05
C PHE E 496 -2.48 -9.34 21.09
N ALA E 497 -2.73 -10.44 20.39
CA ALA E 497 -4.06 -11.08 20.24
C ALA E 497 -4.52 -11.71 21.57
N LEU E 498 -3.62 -11.91 22.53
CA LEU E 498 -3.93 -12.53 23.85
C LEU E 498 -4.00 -11.46 24.95
N GLU E 499 -3.95 -10.16 24.62
CA GLU E 499 -3.99 -9.08 25.64
C GLU E 499 -5.28 -9.20 26.46
N ASN E 500 -6.40 -9.40 25.77
CA ASN E 500 -7.76 -9.53 26.37
C ASN E 500 -7.76 -10.65 27.42
N LEU E 501 -7.31 -11.86 27.06
CA LEU E 501 -7.40 -13.08 27.91
C LEU E 501 -6.41 -12.98 29.08
N PHE E 502 -5.18 -12.51 28.81
CA PHE E 502 -4.07 -12.50 29.80
C PHE E 502 -4.20 -11.29 30.73
N GLY E 503 -4.93 -10.27 30.27
CA GLY E 503 -5.13 -9.02 31.01
C GLY E 503 -3.83 -8.29 31.18
N SER E 504 -2.95 -8.42 30.20
CA SER E 504 -1.54 -7.96 30.23
C SER E 504 -0.92 -8.02 28.84
N TYR E 505 0.24 -7.39 28.70
CA TYR E 505 0.96 -7.18 27.42
C TYR E 505 2.42 -7.52 27.71
N PRO E 506 3.13 -8.21 26.81
CA PRO E 506 4.57 -8.42 26.99
C PRO E 506 5.35 -7.11 26.73
N ILE E 507 6.46 -6.91 27.44
CA ILE E 507 7.31 -5.69 27.31
C ILE E 507 8.61 -6.07 26.57
N GLU E 508 9.43 -6.96 27.15
CA GLU E 508 10.69 -7.49 26.54
C GLU E 508 10.83 -8.99 26.82
N TYR E 509 11.51 -9.72 25.94
CA TYR E 509 12.24 -10.97 26.26
C TYR E 509 13.73 -10.63 26.18
N LYS E 510 14.50 -10.90 27.25
CA LYS E 510 15.97 -10.76 27.24
C LYS E 510 16.59 -12.14 27.40
N ILE E 511 17.45 -12.54 26.47
CA ILE E 511 18.23 -13.79 26.60
C ILE E 511 19.16 -13.69 27.81
N LYS E 512 19.41 -14.80 28.49
CA LYS E 512 20.26 -14.91 29.73
C LYS E 512 21.16 -16.15 29.59
N GLU E 513 21.59 -16.77 30.69
CA GLU E 513 22.30 -18.07 30.63
C GLU E 513 21.29 -19.15 30.17
N ASN E 514 21.80 -20.35 29.86
CA ASN E 514 21.02 -21.60 29.65
C ASN E 514 20.03 -21.86 30.80
N LEU E 515 20.44 -21.52 32.01
CA LEU E 515 19.70 -21.76 33.28
C LEU E 515 19.88 -20.55 34.21
N PHE E 516 18.78 -19.89 34.59
CA PHE E 516 18.71 -18.77 35.56
C PHE E 516 17.54 -19.03 36.51
N SER E 517 17.34 -18.20 37.51
CA SER E 517 16.31 -18.37 38.57
C SER E 517 15.29 -17.23 38.49
N LEU E 518 13.99 -17.50 38.44
CA LEU E 518 12.94 -16.49 38.72
C LEU E 518 12.60 -16.61 40.19
N ASP E 519 13.02 -15.63 41.00
CA ASP E 519 12.79 -15.60 42.48
C ASP E 519 11.62 -14.65 42.75
N PHE E 520 10.46 -15.17 43.14
CA PHE E 520 9.24 -14.37 43.41
C PHE E 520 9.40 -13.49 44.64
N GLU E 521 8.84 -12.28 44.59
CA GLU E 521 8.83 -11.33 45.73
C GLU E 521 8.01 -11.94 46.87
N LYS E 522 6.88 -12.60 46.55
CA LYS E 522 5.98 -13.24 47.55
C LYS E 522 6.17 -14.76 47.52
N ASP E 523 5.64 -15.45 48.52
CA ASP E 523 5.28 -16.91 48.54
C ASP E 523 6.51 -17.82 48.52
N ASN E 524 7.75 -17.32 48.46
CA ASN E 524 9.02 -18.10 48.49
C ASN E 524 9.09 -19.16 47.38
N TYR E 525 8.59 -18.88 46.16
CA TYR E 525 8.98 -19.69 44.96
C TYR E 525 10.27 -19.11 44.39
N LYS E 526 11.26 -19.99 44.18
CA LYS E 526 12.44 -19.79 43.29
C LYS E 526 12.34 -20.84 42.18
N LEU E 527 12.12 -20.42 40.95
CA LEU E 527 11.82 -21.31 39.80
C LEU E 527 12.97 -21.30 38.81
N PRO E 528 13.57 -22.47 38.51
CA PRO E 528 14.48 -22.59 37.39
C PRO E 528 13.78 -22.21 36.08
N ALA E 529 14.49 -21.52 35.20
CA ALA E 529 13.99 -20.95 33.92
C ALA E 529 15.10 -21.03 32.89
N HIS E 530 14.73 -21.22 31.64
CA HIS E 530 15.64 -21.51 30.52
C HIS E 530 15.66 -20.34 29.54
N LEU E 531 16.85 -19.77 29.32
CA LEU E 531 17.22 -19.06 28.08
C LEU E 531 16.69 -17.62 28.10
N TRP E 532 15.39 -17.39 28.22
CA TRP E 532 14.81 -16.04 28.04
C TRP E 532 14.03 -15.62 29.29
N LYS E 533 14.26 -14.39 29.77
CA LYS E 533 13.38 -13.74 30.79
C LYS E 533 12.39 -12.81 30.11
N GLY E 534 11.11 -13.04 30.34
CA GLY E 534 10.00 -12.19 29.87
C GLY E 534 9.53 -11.25 30.96
N THR E 535 9.27 -9.99 30.58
CA THR E 535 8.71 -8.93 31.46
C THR E 535 7.37 -8.49 30.83
N ILE E 536 6.40 -8.19 31.67
CA ILE E 536 5.04 -7.78 31.20
C ILE E 536 4.61 -6.52 31.94
N GLU E 537 3.60 -5.85 31.36
CA GLU E 537 2.79 -4.77 31.99
C GLU E 537 1.37 -5.32 32.14
N THR E 538 0.84 -5.35 33.35
CA THR E 538 -0.55 -5.80 33.62
C THR E 538 -1.49 -4.61 33.37
N SER E 539 -2.67 -4.85 32.76
CA SER E 539 -3.83 -3.92 32.83
C SER E 539 -4.85 -4.48 33.84
N LYS E 540 -5.69 -5.45 33.48
CA LYS E 540 -6.73 -6.01 34.40
C LYS E 540 -6.11 -7.06 35.34
N ALA E 541 -5.01 -7.72 34.98
CA ALA E 541 -4.49 -8.86 35.77
C ALA E 541 -3.70 -8.38 37.00
N THR E 542 -3.54 -9.25 38.00
CA THR E 542 -2.77 -8.99 39.24
C THR E 542 -1.30 -9.29 38.94
N PRO E 543 -0.38 -8.32 39.03
CA PRO E 543 1.02 -8.59 38.73
C PRO E 543 1.68 -9.46 39.81
N ILE E 544 2.69 -10.23 39.40
CA ILE E 544 3.62 -11.01 40.26
C ILE E 544 5.03 -10.51 39.94
N MET E 545 5.74 -10.04 40.97
CA MET E 545 7.04 -9.37 40.83
C MET E 545 8.11 -10.34 41.32
N ASP E 546 9.34 -10.16 40.81
CA ASP E 546 10.53 -10.92 41.25
C ASP E 546 11.34 -10.02 42.20
N LYS E 547 12.40 -10.57 42.82
CA LYS E 547 13.20 -9.83 43.85
C LYS E 547 13.86 -8.61 43.21
N GLU E 548 14.07 -8.62 41.89
CA GLU E 548 14.74 -7.52 41.14
C GLU E 548 13.74 -6.40 40.81
N GLY E 549 12.48 -6.52 41.27
CA GLY E 549 11.41 -5.51 41.10
C GLY E 549 10.75 -5.53 39.72
N GLU E 550 11.03 -6.52 38.87
CA GLU E 550 10.46 -6.62 37.50
C GLU E 550 9.16 -7.43 37.54
N CYS E 551 8.20 -7.10 36.68
CA CYS E 551 6.94 -7.88 36.56
C CYS E 551 7.16 -9.04 35.59
N ILE E 552 7.04 -10.28 36.09
CA ILE E 552 7.48 -11.51 35.37
C ILE E 552 6.33 -12.46 35.11
N ALA E 553 5.13 -12.20 35.65
CA ALA E 553 3.97 -13.11 35.62
C ALA E 553 2.73 -12.39 36.12
N CYS E 554 1.55 -12.96 35.93
CA CYS E 554 0.28 -12.39 36.41
C CYS E 554 -0.81 -13.45 36.53
N ILE E 555 -1.84 -13.20 37.34
CA ILE E 555 -3.13 -13.93 37.37
C ILE E 555 -4.24 -12.96 36.94
N ASN E 556 -4.98 -13.33 35.90
CA ASN E 556 -6.15 -12.60 35.35
C ASN E 556 -7.42 -13.38 35.76
N GLN E 557 -8.39 -12.74 36.42
CA GLN E 557 -9.76 -13.29 36.56
C GLN E 557 -10.51 -12.89 35.28
N TYR E 558 -11.01 -13.89 34.53
CA TYR E 558 -11.69 -13.72 33.22
C TYR E 558 -12.97 -14.56 33.23
N GLY E 559 -14.13 -13.88 33.34
CA GLY E 559 -15.43 -14.53 33.63
C GLY E 559 -15.34 -15.37 34.91
N LYS E 560 -15.78 -16.62 34.86
CA LYS E 560 -15.85 -17.53 36.04
C LYS E 560 -14.47 -18.20 36.26
N GLY E 561 -13.53 -18.13 35.30
CA GLY E 561 -12.24 -18.86 35.36
C GLY E 561 -11.04 -17.93 35.50
N LYS E 562 -9.82 -18.49 35.51
CA LYS E 562 -8.59 -17.70 35.75
C LYS E 562 -7.47 -18.11 34.79
N VAL E 563 -6.53 -17.20 34.55
CA VAL E 563 -5.34 -17.38 33.69
C VAL E 563 -4.09 -17.09 34.51
N PHE E 564 -3.12 -17.98 34.51
CA PHE E 564 -1.74 -17.75 34.99
C PHE E 564 -0.81 -17.71 33.80
N TRP E 565 -0.12 -16.60 33.61
CA TRP E 565 0.84 -16.38 32.50
C TRP E 565 2.21 -16.05 33.10
N ILE E 566 3.24 -16.79 32.69
CA ILE E 566 4.66 -16.53 33.08
C ILE E 566 5.51 -16.74 31.83
N PRO E 567 5.80 -15.68 31.06
CA PRO E 567 6.45 -15.83 29.76
C PRO E 567 7.95 -16.15 29.74
N SER E 568 8.53 -16.53 30.89
CA SER E 568 9.82 -17.25 30.94
C SER E 568 9.54 -18.75 30.83
N PRO E 569 10.42 -19.54 30.14
CA PRO E 569 10.25 -20.99 30.10
C PRO E 569 10.67 -21.68 31.42
N ILE E 570 9.71 -21.86 32.33
CA ILE E 570 9.95 -22.51 33.65
C ILE E 570 9.87 -24.04 33.51
N ALA E 571 9.13 -24.56 32.54
CA ALA E 571 9.08 -26.01 32.23
C ALA E 571 10.43 -26.49 31.64
N LEU E 572 10.90 -25.85 30.57
CA LEU E 572 12.23 -26.16 30.00
C LEU E 572 13.29 -25.90 31.08
N GLY E 573 13.04 -24.93 31.97
CA GLY E 573 13.91 -24.61 33.11
C GLY E 573 14.08 -25.80 34.04
N ALA E 574 12.99 -26.42 34.47
CA ALA E 574 13.00 -27.65 35.27
C ALA E 574 13.73 -28.77 34.51
N ARG E 575 13.45 -28.95 33.22
CA ARG E 575 14.09 -30.02 32.44
C ARG E 575 15.61 -29.83 32.44
N GLU E 576 16.09 -28.61 32.17
CA GLU E 576 17.53 -28.29 32.06
C GLU E 576 18.20 -28.44 33.42
N SER E 577 17.50 -28.17 34.51
CA SER E 577 18.06 -28.23 35.88
C SER E 577 17.88 -29.64 36.47
N LYS E 578 17.14 -30.52 35.78
CA LYS E 578 16.80 -31.89 36.25
C LYS E 578 16.13 -31.86 37.63
N ASP E 579 15.33 -30.82 37.92
CA ASP E 579 14.54 -30.69 39.17
C ASP E 579 13.17 -30.09 38.80
N PHE E 580 12.10 -30.87 38.96
CA PHE E 580 10.70 -30.47 38.67
C PHE E 580 9.96 -30.10 39.97
N SER E 581 10.65 -30.04 41.11
CA SER E 581 10.01 -29.90 42.44
C SER E 581 9.29 -28.53 42.54
N GLU E 582 9.94 -27.45 42.09
CA GLU E 582 9.37 -26.09 42.25
C GLU E 582 8.20 -25.93 41.24
N LEU E 583 8.33 -26.46 40.02
CA LEU E 583 7.25 -26.44 39.01
C LEU E 583 6.05 -27.24 39.54
N SER E 584 6.29 -28.35 40.22
CA SER E 584 5.23 -29.14 40.87
C SER E 584 4.49 -28.28 41.92
N LYS E 585 5.21 -27.63 42.85
CA LYS E 585 4.59 -26.87 43.98
C LYS E 585 3.76 -25.71 43.42
N LEU E 586 4.31 -24.94 42.47
CA LEU E 586 3.60 -23.78 41.86
C LEU E 586 2.30 -24.26 41.22
N THR E 587 2.35 -25.31 40.39
CA THR E 587 1.24 -25.80 39.54
C THR E 587 0.10 -26.29 40.45
N VAL E 588 0.44 -27.06 41.49
CA VAL E 588 -0.51 -27.52 42.54
C VAL E 588 -1.24 -26.30 43.13
N SER E 589 -0.49 -25.25 43.49
CA SER E 589 -1.04 -24.02 44.12
C SER E 589 -2.04 -23.33 43.18
N LEU E 590 -1.95 -23.54 41.87
CA LEU E 590 -2.87 -22.90 40.88
C LEU E 590 -4.10 -23.78 40.60
N LEU E 591 -4.10 -25.04 41.02
CA LEU E 591 -5.16 -26.01 40.63
C LEU E 591 -6.44 -25.71 41.40
N PRO E 592 -7.63 -25.84 40.78
CA PRO E 592 -8.88 -25.87 41.55
C PRO E 592 -8.86 -26.90 42.69
N ASN E 593 -9.31 -26.49 43.89
CA ASN E 593 -9.31 -27.33 45.12
C ASN E 593 -9.99 -28.68 44.87
N LYS E 594 -11.01 -28.73 44.01
CA LYS E 594 -11.78 -29.95 43.67
C LYS E 594 -10.86 -31.06 43.14
N ILE E 595 -9.84 -30.72 42.35
CA ILE E 595 -8.92 -31.73 41.73
C ILE E 595 -8.15 -32.44 42.86
N LEU E 596 -7.66 -31.68 43.84
CA LEU E 596 -6.86 -32.22 44.95
C LEU E 596 -7.72 -33.00 45.95
N ASN E 597 -9.02 -32.71 46.05
CA ASN E 597 -9.93 -33.42 47.00
C ASN E 597 -10.35 -34.76 46.40
N ASP E 598 -10.67 -34.82 45.09
CA ASP E 598 -11.31 -35.97 44.40
C ASP E 598 -10.29 -36.97 43.84
N ASN E 599 -9.04 -36.57 43.59
CA ASN E 599 -8.01 -37.43 42.96
C ASN E 599 -6.96 -37.81 43.99
N PRO E 600 -6.60 -39.11 44.12
CA PRO E 600 -5.41 -39.46 44.87
C PRO E 600 -4.16 -38.83 44.22
N HIS E 601 -3.30 -38.28 45.08
CA HIS E 601 -2.02 -37.62 44.71
C HIS E 601 -1.04 -37.79 45.87
N PHE E 602 0.19 -37.31 45.71
CA PHE E 602 1.24 -37.39 46.76
C PHE E 602 1.12 -36.17 47.68
N ASP E 603 1.38 -36.36 48.98
CA ASP E 603 1.36 -35.29 50.02
C ASP E 603 2.31 -34.18 49.57
N LYS E 604 3.33 -34.50 48.79
CA LYS E 604 4.31 -33.52 48.23
C LYS E 604 4.97 -34.12 46.99
N HIS E 605 5.86 -33.35 46.36
CA HIS E 605 6.72 -33.82 45.24
C HIS E 605 7.66 -34.96 45.70
N TYR E 606 7.73 -36.02 44.91
CA TYR E 606 8.69 -37.15 45.06
C TYR E 606 9.50 -37.30 43.77
N LYS E 607 10.78 -36.97 43.82
CA LYS E 607 11.70 -37.16 42.68
C LYS E 607 11.70 -38.64 42.29
N ASP E 608 11.46 -38.91 41.01
CA ASP E 608 11.63 -40.22 40.32
C ASP E 608 10.59 -41.24 40.83
N VAL E 609 9.44 -40.78 41.33
CA VAL E 609 8.27 -41.65 41.67
C VAL E 609 7.10 -41.17 40.81
N MET E 610 6.26 -42.08 40.35
CA MET E 610 5.11 -41.74 39.49
C MET E 610 3.86 -42.43 40.06
N MET E 611 2.71 -41.77 39.99
CA MET E 611 1.40 -42.38 40.30
C MET E 611 0.36 -41.87 39.29
N LYS E 612 -0.54 -42.77 38.93
CA LYS E 612 -1.63 -42.55 37.95
C LYS E 612 -2.79 -43.44 38.39
N SER E 613 -3.99 -42.87 38.55
CA SER E 613 -5.16 -43.64 39.06
C SER E 613 -6.10 -43.95 37.89
N PHE E 614 -6.95 -44.96 38.07
CA PHE E 614 -7.95 -45.43 37.08
C PHE E 614 -9.13 -46.07 37.83
N LYS E 615 -10.26 -46.19 37.16
CA LYS E 615 -11.50 -46.84 37.71
C LYS E 615 -11.81 -48.10 36.87
N SER E 616 -12.47 -49.07 37.50
CA SER E 616 -13.14 -50.19 36.79
C SER E 616 -14.41 -50.59 37.55
N ASN E 617 -15.56 -50.46 36.88
CA ASN E 617 -16.93 -50.65 37.42
C ASN E 617 -17.04 -50.00 38.81
N GLY E 618 -16.77 -48.69 38.93
CA GLY E 618 -16.99 -47.93 40.19
C GLY E 618 -15.90 -48.11 41.26
N THR E 619 -14.99 -49.09 41.15
CA THR E 619 -13.81 -49.23 42.06
C THR E 619 -12.64 -48.39 41.52
N MET E 620 -11.95 -47.68 42.41
CA MET E 620 -10.76 -46.86 42.06
C MET E 620 -9.48 -47.65 42.36
N TYR E 621 -8.47 -47.51 41.49
CA TYR E 621 -7.13 -48.10 41.62
C TYR E 621 -6.08 -47.00 41.46
N SER E 622 -4.87 -47.28 41.92
CA SER E 622 -3.68 -46.39 41.72
C SER E 622 -2.47 -47.23 41.30
N LEU E 623 -1.81 -46.81 40.22
CA LEU E 623 -0.50 -47.37 39.78
C LEU E 623 0.59 -46.49 40.42
N ILE E 624 1.56 -47.10 41.09
CA ILE E 624 2.75 -46.41 41.65
C ILE E 624 4.01 -47.16 41.20
N ILE E 625 5.01 -46.41 40.72
CA ILE E 625 6.31 -46.97 40.25
C ILE E 625 7.42 -46.12 40.86
N ASN E 626 8.37 -46.78 41.53
CA ASN E 626 9.55 -46.13 42.16
C ASN E 626 10.73 -46.30 41.21
N LYS E 627 11.22 -45.21 40.62
CA LYS E 627 12.38 -45.23 39.70
C LYS E 627 13.62 -44.62 40.40
N SER E 628 13.54 -44.38 41.71
CA SER E 628 14.67 -43.85 42.51
C SER E 628 15.62 -45.00 42.89
N ALA E 629 16.73 -44.67 43.53
CA ALA E 629 17.82 -45.61 43.90
C ALA E 629 17.50 -46.25 45.26
N SER E 630 16.52 -45.72 45.99
CA SER E 630 16.24 -46.12 47.39
C SER E 630 14.75 -46.44 47.61
N VAL E 631 14.49 -47.25 48.64
CA VAL E 631 13.13 -47.48 49.19
C VAL E 631 12.52 -46.11 49.53
N GLN E 632 11.32 -45.82 49.04
CA GLN E 632 10.58 -44.56 49.27
C GLN E 632 9.31 -44.90 50.06
N THR E 633 8.87 -43.97 50.89
CA THR E 633 7.62 -44.03 51.67
C THR E 633 6.72 -42.91 51.19
N VAL E 634 5.74 -43.17 50.31
CA VAL E 634 4.87 -42.09 49.74
C VAL E 634 3.58 -42.01 50.55
N ASP E 635 3.24 -40.82 51.05
CA ASP E 635 1.91 -40.53 51.65
C ASP E 635 0.95 -40.19 50.49
N ILE E 636 -0.01 -41.07 50.23
CA ILE E 636 -1.10 -40.82 49.24
C ILE E 636 -2.27 -40.16 49.97
N VAL E 637 -2.71 -38.98 49.53
CA VAL E 637 -3.90 -38.26 50.08
C VAL E 637 -4.90 -38.09 48.93
N GLY E 638 -6.16 -37.79 49.24
CA GLY E 638 -7.26 -37.88 48.26
C GLY E 638 -7.67 -39.33 47.99
N GLY E 639 -6.99 -40.32 48.57
CA GLY E 639 -7.45 -41.73 48.57
C GLY E 639 -8.64 -41.91 49.49
N LYS E 640 -9.51 -42.89 49.24
CA LYS E 640 -10.79 -43.04 50.00
C LYS E 640 -11.08 -44.53 50.20
N GLY E 641 -11.28 -44.93 51.46
CA GLY E 641 -11.25 -46.34 51.89
C GLY E 641 -9.87 -46.78 52.36
N LYS E 642 -9.61 -48.07 52.29
CA LYS E 642 -8.29 -48.68 52.59
C LYS E 642 -7.54 -48.87 51.26
N ALA E 643 -6.33 -48.35 51.14
CA ALA E 643 -5.28 -48.86 50.22
C ALA E 643 -5.04 -50.35 50.51
N PHE E 644 -5.38 -51.22 49.56
CA PHE E 644 -5.06 -52.68 49.56
C PHE E 644 -4.17 -52.96 48.34
N ILE E 645 -3.06 -53.66 48.57
CA ILE E 645 -2.06 -53.99 47.51
C ILE E 645 -2.54 -55.19 46.70
N LEU E 646 -2.99 -54.92 45.47
CA LEU E 646 -3.56 -55.91 44.53
C LEU E 646 -2.45 -56.58 43.73
N PHE E 647 -1.41 -55.81 43.40
CA PHE E 647 -0.22 -56.24 42.61
C PHE E 647 1.03 -55.54 43.14
N ALA E 648 2.12 -56.28 43.28
CA ALA E 648 3.43 -55.75 43.72
C ALA E 648 4.51 -56.80 43.43
N ASN E 649 5.51 -56.48 42.60
CA ASN E 649 6.52 -57.48 42.16
C ASN E 649 7.73 -57.47 43.10
N LYS E 650 7.72 -56.71 44.22
CA LYS E 650 8.82 -56.72 45.24
C LYS E 650 8.30 -56.47 46.67
N ASN E 651 7.15 -57.05 47.04
CA ASN E 651 6.66 -57.12 48.44
C ASN E 651 6.58 -55.71 49.05
N ALA E 652 6.03 -54.73 48.33
CA ALA E 652 5.59 -53.45 48.92
C ALA E 652 4.53 -53.76 49.98
N HIS E 653 4.45 -52.92 51.01
CA HIS E 653 3.38 -52.96 52.06
C HIS E 653 2.89 -51.51 52.24
N SER E 654 1.67 -51.32 52.74
CA SER E 654 1.07 -50.01 53.09
C SER E 654 0.48 -50.03 54.52
N THR E 655 0.87 -49.08 55.35
CA THR E 655 0.27 -48.82 56.69
C THR E 655 -0.58 -47.55 56.56
N ALA E 656 -1.91 -47.68 56.66
CA ALA E 656 -2.87 -46.60 56.35
C ALA E 656 -2.68 -46.23 54.87
N ASN E 657 -2.40 -44.96 54.55
CA ASN E 657 -2.23 -44.51 53.14
C ASN E 657 -0.76 -44.17 52.85
N LYS E 658 0.18 -44.77 53.59
CA LYS E 658 1.66 -44.64 53.41
C LYS E 658 2.21 -45.93 52.76
N LEU E 659 2.58 -45.89 51.48
CA LEU E 659 3.08 -47.05 50.70
C LEU E 659 4.61 -47.08 50.78
N THR E 660 5.17 -48.21 51.22
CA THR E 660 6.64 -48.46 51.21
C THR E 660 6.91 -49.32 49.97
N ILE E 661 7.63 -48.76 49.00
CA ILE E 661 7.82 -49.33 47.63
C ILE E 661 9.32 -49.34 47.32
N SER E 662 9.81 -50.47 46.83
CA SER E 662 11.25 -50.71 46.56
C SER E 662 11.65 -50.13 45.21
N PRO E 663 12.96 -49.88 44.98
CA PRO E 663 13.43 -49.43 43.68
C PRO E 663 12.98 -50.38 42.57
N GLU E 664 12.48 -49.81 41.47
CA GLU E 664 12.07 -50.50 40.21
C GLU E 664 10.74 -51.26 40.39
N GLU E 665 10.12 -51.22 41.57
CA GLU E 665 8.86 -51.93 41.87
C GLU E 665 7.67 -51.21 41.24
N THR E 666 6.72 -52.01 40.71
CA THR E 666 5.40 -51.56 40.21
C THR E 666 4.33 -52.05 41.19
N VAL E 667 3.49 -51.13 41.69
CA VAL E 667 2.42 -51.42 42.69
C VAL E 667 1.07 -51.00 42.07
N ILE E 668 0.07 -51.88 42.13
CA ILE E 668 -1.36 -51.48 41.93
C ILE E 668 -2.01 -51.50 43.30
N ILE E 669 -2.63 -50.39 43.69
CA ILE E 669 -3.47 -50.26 44.91
C ILE E 669 -4.94 -50.35 44.47
N LYS E 670 -5.72 -51.17 45.18
CA LYS E 670 -7.19 -51.21 45.07
C LYS E 670 -7.74 -50.43 46.26
N TRP E 671 -8.52 -49.39 46.01
CA TRP E 671 -9.15 -48.56 47.07
C TRP E 671 -10.49 -49.22 47.43
N LYS E 672 -10.72 -49.62 48.69
CA LYS E 672 -11.85 -50.50 49.10
C LYS E 672 -13.10 -49.74 49.59
N ALA F 22 71.59 -55.66 -11.76
CA ALA F 22 71.14 -55.13 -10.43
C ALA F 22 70.79 -56.30 -9.51
N GLU F 23 71.21 -56.20 -8.23
CA GLU F 23 70.90 -57.19 -7.16
C GLU F 23 69.39 -57.23 -6.94
N ARG F 24 68.79 -58.42 -7.03
CA ARG F 24 67.37 -58.70 -6.69
C ARG F 24 67.29 -58.95 -5.17
N ILE F 25 66.25 -58.42 -4.52
CA ILE F 25 66.10 -58.55 -3.06
C ILE F 25 65.75 -60.01 -2.74
N SER F 26 66.18 -60.50 -1.57
CA SER F 26 65.87 -61.85 -1.04
C SER F 26 65.83 -61.78 0.48
N LYS F 27 65.33 -62.84 1.11
CA LYS F 27 65.25 -62.95 2.59
C LYS F 27 66.67 -62.96 3.20
N GLN F 28 67.74 -63.05 2.39
CA GLN F 28 69.16 -63.03 2.86
C GLN F 28 69.85 -61.70 2.53
N SER F 29 69.20 -60.76 1.83
CA SER F 29 69.77 -59.44 1.48
C SER F 29 70.17 -58.73 2.78
N THR F 30 71.20 -57.88 2.73
CA THR F 30 71.60 -57.02 3.86
C THR F 30 70.55 -55.93 3.99
N PRO F 31 69.97 -55.72 5.20
CA PRO F 31 68.99 -54.65 5.40
C PRO F 31 69.64 -53.27 5.26
N PHE F 32 68.84 -52.29 4.81
CA PHE F 32 69.26 -50.89 4.56
C PHE F 32 68.33 -49.94 5.33
N VAL F 33 68.89 -48.79 5.68
CA VAL F 33 68.16 -47.56 6.08
C VAL F 33 68.20 -46.62 4.88
N GLY F 34 67.11 -45.92 4.58
CA GLY F 34 67.03 -45.04 3.41
C GLY F 34 66.00 -43.97 3.63
N ALA F 35 65.77 -43.13 2.62
CA ALA F 35 64.85 -41.99 2.75
C ALA F 35 64.37 -41.55 1.36
N GLN F 36 63.18 -40.94 1.31
CA GLN F 36 62.65 -40.30 0.09
C GLN F 36 63.56 -39.13 -0.25
N ILE F 37 64.00 -39.04 -1.51
CA ILE F 37 64.64 -37.82 -2.06
C ILE F 37 63.56 -37.16 -2.90
N PHE F 38 63.11 -35.98 -2.50
CA PHE F 38 61.99 -35.27 -3.15
C PHE F 38 62.54 -34.32 -4.22
N ILE F 39 62.28 -34.69 -5.48
CA ILE F 39 62.72 -33.95 -6.70
C ILE F 39 61.48 -33.27 -7.31
N GLU F 40 61.57 -31.94 -7.48
CA GLU F 40 60.61 -31.09 -8.23
C GLU F 40 61.40 -30.02 -8.97
N PRO F 41 60.82 -29.37 -10.01
CA PRO F 41 61.53 -28.30 -10.72
C PRO F 41 61.85 -27.15 -9.78
N GLY F 42 62.93 -26.41 -10.08
CA GLY F 42 63.37 -25.22 -9.33
C GLY F 42 64.57 -25.49 -8.46
N GLN F 43 64.74 -26.74 -7.98
CA GLN F 43 65.90 -27.18 -7.17
C GLN F 43 67.18 -27.05 -8.01
N THR F 44 68.30 -26.71 -7.39
CA THR F 44 69.63 -26.57 -8.08
C THR F 44 70.41 -27.88 -7.97
N GLN F 45 71.34 -28.10 -8.91
CA GLN F 45 72.35 -29.21 -8.86
C GLN F 45 73.04 -29.24 -7.49
N GLU F 46 73.34 -28.09 -6.90
CA GLU F 46 74.12 -27.94 -5.66
C GLU F 46 73.31 -28.47 -4.47
N GLN F 47 72.00 -28.16 -4.43
CA GLN F 47 71.10 -28.63 -3.32
C GLN F 47 70.94 -30.15 -3.44
N ILE F 48 70.67 -30.66 -4.64
CA ILE F 48 70.41 -32.11 -4.83
C ILE F 48 71.66 -32.87 -4.41
N GLU F 49 72.85 -32.39 -4.76
CA GLU F 49 74.14 -33.06 -4.40
C GLU F 49 74.30 -33.03 -2.87
N GLN F 50 74.04 -31.89 -2.22
CA GLN F 50 74.13 -31.74 -0.75
C GLN F 50 73.32 -32.85 -0.07
N TRP F 51 72.14 -33.15 -0.61
CA TRP F 51 71.23 -34.18 -0.07
C TRP F 51 71.91 -35.56 -0.18
N PHE F 52 72.33 -35.97 -1.38
CA PHE F 52 72.89 -37.32 -1.63
C PHE F 52 74.18 -37.50 -0.84
N LYS F 53 75.02 -36.47 -0.75
CA LYS F 53 76.30 -36.53 0.02
C LYS F 53 75.97 -36.86 1.48
N LEU F 54 75.04 -36.11 2.10
CA LEU F 54 74.67 -36.29 3.53
C LEU F 54 73.94 -37.61 3.73
N LEU F 55 73.17 -38.06 2.73
CA LEU F 55 72.45 -39.36 2.79
C LEU F 55 73.51 -40.46 2.91
N ALA F 56 74.52 -40.46 2.05
CA ALA F 56 75.66 -41.44 2.07
C ALA F 56 76.42 -41.37 3.41
N GLU F 57 76.69 -40.16 3.92
CA GLU F 57 77.42 -39.95 5.20
C GLU F 57 76.57 -40.39 6.39
N SER F 58 75.25 -40.52 6.22
CA SER F 58 74.33 -40.98 7.30
C SER F 58 74.12 -42.51 7.23
N ASN F 59 75.02 -43.23 6.54
CA ASN F 59 75.04 -44.71 6.44
C ASN F 59 73.74 -45.22 5.80
N MET F 60 73.17 -44.43 4.90
CA MET F 60 71.96 -44.80 4.14
C MET F 60 72.40 -45.19 2.73
N THR F 61 71.88 -46.31 2.22
CA THR F 61 72.34 -46.91 0.94
C THR F 61 71.30 -46.74 -0.14
N THR F 62 70.13 -46.18 0.18
CA THR F 62 68.93 -46.28 -0.68
C THR F 62 68.04 -45.04 -0.53
N CYS F 63 67.43 -44.62 -1.62
CA CYS F 63 66.43 -43.53 -1.65
C CYS F 63 65.22 -44.04 -2.42
N ARG F 64 64.10 -43.32 -2.30
CA ARG F 64 62.93 -43.49 -3.20
C ARG F 64 62.67 -42.16 -3.87
N ILE F 65 62.27 -42.20 -5.14
CA ILE F 65 62.05 -40.97 -5.97
C ILE F 65 60.71 -41.12 -6.68
N ARG F 66 59.79 -40.20 -6.40
CA ARG F 66 58.49 -40.10 -7.11
C ARG F 66 58.77 -39.58 -8.53
N MET F 67 58.56 -40.42 -9.54
CA MET F 67 58.83 -40.14 -10.97
C MET F 67 57.64 -39.36 -11.56
N PHE F 68 57.42 -38.15 -11.06
CA PHE F 68 56.28 -37.28 -11.43
C PHE F 68 56.18 -37.17 -12.95
N GLY F 69 55.14 -37.73 -13.56
CA GLY F 69 54.83 -37.49 -14.99
C GLY F 69 54.73 -36.01 -15.31
N LYS F 70 54.15 -35.24 -14.40
CA LYS F 70 53.92 -33.77 -14.55
C LYS F 70 55.24 -33.06 -14.85
N TYR F 71 56.35 -33.53 -14.28
CA TYR F 71 57.65 -32.82 -14.35
C TYR F 71 58.51 -33.41 -15.48
N MET F 72 57.93 -34.32 -16.28
CA MET F 72 58.62 -34.95 -17.44
C MET F 72 57.86 -34.70 -18.75
N LYS F 73 56.55 -34.44 -18.70
CA LYS F 73 55.74 -34.18 -19.90
C LYS F 73 56.02 -32.74 -20.35
N THR F 74 56.23 -32.55 -21.64
CA THR F 74 56.39 -31.21 -22.31
C THR F 74 55.03 -30.83 -22.90
N PRO F 75 54.77 -29.52 -23.12
CA PRO F 75 53.54 -29.08 -23.81
C PRO F 75 53.13 -29.95 -25.02
N SER F 76 54.08 -30.24 -25.93
CA SER F 76 53.86 -31.02 -27.17
C SER F 76 53.43 -32.47 -26.86
N GLY F 77 53.79 -33.02 -25.70
CA GLY F 77 53.45 -34.40 -25.30
C GLY F 77 54.67 -35.31 -25.16
N THR F 78 55.77 -35.03 -25.87
CA THR F 78 57.04 -35.79 -25.76
C THR F 78 57.57 -35.73 -24.32
N TYR F 79 58.36 -36.73 -23.91
CA TYR F 79 58.93 -36.85 -22.53
C TYR F 79 60.34 -36.26 -22.51
N ASP F 80 60.61 -35.44 -21.49
CA ASP F 80 61.94 -34.88 -21.17
C ASP F 80 62.35 -35.45 -19.80
N PHE F 81 63.40 -36.27 -19.76
CA PHE F 81 63.82 -37.00 -18.53
C PHE F 81 64.88 -36.22 -17.75
N THR F 82 65.23 -35.00 -18.17
CA THR F 82 66.39 -34.21 -17.65
C THR F 82 66.38 -34.16 -16.11
N LEU F 83 65.23 -33.78 -15.52
CA LEU F 83 65.15 -33.44 -14.09
C LEU F 83 65.52 -34.66 -13.23
N PHE F 84 65.11 -35.85 -13.71
CA PHE F 84 65.27 -37.14 -13.00
C PHE F 84 66.61 -37.79 -13.36
N ASP F 85 67.09 -37.60 -14.59
CA ASP F 85 68.46 -38.03 -15.01
C ASP F 85 69.47 -37.44 -14.01
N ARG F 86 69.33 -36.16 -13.70
CA ARG F 86 70.23 -35.39 -12.82
C ARG F 86 70.27 -36.08 -11.45
N ALA F 87 69.11 -36.50 -10.93
CA ALA F 87 68.97 -37.10 -9.58
C ALA F 87 69.53 -38.52 -9.56
N PHE F 88 69.15 -39.34 -10.55
CA PHE F 88 69.64 -40.73 -10.71
C PHE F 88 71.17 -40.75 -10.80
N LYS F 89 71.75 -39.82 -11.58
CA LYS F 89 73.20 -39.73 -11.81
C LYS F 89 73.91 -39.36 -10.49
N LEU F 90 73.33 -38.45 -9.70
CA LEU F 90 73.92 -38.02 -8.41
C LEU F 90 73.80 -39.15 -7.37
N ALA F 91 72.68 -39.87 -7.36
CA ALA F 91 72.53 -41.09 -6.55
C ALA F 91 73.69 -42.05 -6.89
N ASP F 92 73.92 -42.30 -8.18
CA ASP F 92 74.96 -43.26 -8.65
C ASP F 92 76.36 -42.81 -8.21
N LYS F 93 76.65 -41.51 -8.29
CA LYS F 93 77.93 -40.92 -7.85
C LYS F 93 78.23 -41.29 -6.39
N TYR F 94 77.22 -41.29 -5.51
CA TYR F 94 77.38 -41.54 -4.05
C TYR F 94 76.92 -42.95 -3.68
N HIS F 95 76.79 -43.85 -4.68
CA HIS F 95 76.60 -45.31 -4.52
C HIS F 95 75.27 -45.59 -3.82
N ILE F 96 74.24 -44.79 -4.16
CA ILE F 96 72.87 -44.86 -3.59
C ILE F 96 71.97 -45.52 -4.63
N LYS F 97 71.27 -46.61 -4.27
CA LYS F 97 70.35 -47.29 -5.21
C LYS F 97 68.95 -46.66 -5.02
N VAL F 98 68.12 -46.74 -6.07
CA VAL F 98 66.86 -45.98 -6.21
C VAL F 98 65.68 -46.95 -6.29
N TYR F 99 64.69 -46.77 -5.42
CA TYR F 99 63.29 -47.23 -5.60
C TYR F 99 62.54 -46.15 -6.39
N ALA F 100 62.09 -46.47 -7.61
CA ALA F 100 61.44 -45.49 -8.50
C ALA F 100 59.93 -45.72 -8.51
N THR F 101 59.17 -44.78 -7.98
CA THR F 101 57.70 -44.86 -7.91
C THR F 101 57.11 -44.38 -9.23
N LEU F 102 56.39 -45.24 -9.95
CA LEU F 102 55.56 -44.82 -11.11
C LEU F 102 54.45 -43.90 -10.60
N PHE F 103 54.37 -42.68 -11.13
CA PHE F 103 53.45 -41.61 -10.66
C PHE F 103 53.05 -40.77 -11.85
N PRO F 104 52.05 -41.22 -12.66
CA PRO F 104 51.60 -40.45 -13.82
C PRO F 104 51.14 -39.02 -13.52
N ASP F 105 50.99 -38.22 -14.59
CA ASP F 105 50.52 -36.82 -14.52
C ASP F 105 49.20 -36.80 -13.75
N THR F 106 49.06 -35.85 -12.83
CA THR F 106 47.88 -35.60 -11.96
C THR F 106 47.94 -34.15 -11.48
N GLU F 107 46.88 -33.67 -10.84
CA GLU F 107 46.77 -32.30 -10.31
C GLU F 107 47.93 -32.09 -9.33
N PHE F 108 48.50 -30.88 -9.31
CA PHE F 108 49.55 -30.42 -8.37
C PHE F 108 49.12 -30.66 -6.92
N THR F 109 47.83 -30.50 -6.63
CA THR F 109 47.23 -30.58 -5.26
C THR F 109 47.03 -32.04 -4.82
N ASP F 110 47.20 -33.02 -5.71
CA ASP F 110 47.02 -34.47 -5.41
C ASP F 110 48.28 -35.02 -4.74
N VAL F 111 48.32 -35.02 -3.40
CA VAL F 111 49.52 -35.34 -2.58
C VAL F 111 49.90 -36.81 -2.79
N GLY F 112 48.94 -37.74 -2.72
CA GLY F 112 49.21 -39.20 -2.63
C GLY F 112 49.03 -39.93 -3.96
N GLY F 113 48.40 -39.26 -4.95
CA GLY F 113 48.21 -39.79 -6.31
C GLY F 113 46.88 -40.55 -6.45
N PHE F 114 46.34 -40.60 -7.66
CA PHE F 114 45.12 -41.37 -8.02
C PHE F 114 45.41 -42.88 -7.90
N LYS F 115 44.36 -43.65 -7.58
CA LYS F 115 44.46 -45.09 -7.20
C LYS F 115 43.96 -45.99 -8.33
N PHE F 116 43.28 -45.43 -9.32
CA PHE F 116 42.71 -46.16 -10.49
C PHE F 116 42.58 -45.20 -11.66
N PRO F 117 42.60 -45.70 -12.92
CA PRO F 117 42.35 -44.85 -14.08
C PRO F 117 40.95 -44.22 -14.03
N HIS F 118 40.82 -42.97 -14.46
CA HIS F 118 39.56 -42.17 -14.51
C HIS F 118 38.67 -42.68 -15.64
N SER F 119 39.27 -43.17 -16.74
CA SER F 119 38.61 -43.43 -18.05
C SER F 119 39.52 -44.30 -18.93
N ARG F 120 38.98 -44.82 -20.04
CA ARG F 120 39.77 -45.65 -20.99
C ARG F 120 40.83 -44.76 -21.63
N GLU F 121 40.51 -43.48 -21.85
CA GLU F 121 41.44 -42.48 -22.42
C GLU F 121 42.58 -42.30 -21.42
N HIS F 122 42.26 -42.14 -20.14
CA HIS F 122 43.25 -41.98 -19.04
C HIS F 122 44.13 -43.24 -18.93
N GLN F 123 43.56 -44.43 -19.05
CA GLN F 123 44.35 -45.70 -18.98
C GLN F 123 45.46 -45.64 -20.05
N LYS F 124 45.20 -45.04 -21.22
CA LYS F 124 46.17 -44.97 -22.35
C LYS F 124 47.27 -43.94 -22.04
N GLU F 125 46.95 -42.82 -21.38
CA GLU F 125 47.99 -41.88 -20.87
C GLU F 125 48.93 -42.66 -19.95
N VAL F 126 48.40 -43.53 -19.09
CA VAL F 126 49.20 -44.30 -18.09
C VAL F 126 50.09 -45.32 -18.82
N GLU F 127 49.55 -46.01 -19.84
CA GLU F 127 50.31 -46.96 -20.71
C GLU F 127 51.51 -46.23 -21.30
N ASP F 128 51.26 -45.07 -21.90
CA ASP F 128 52.28 -44.26 -22.58
C ASP F 128 53.32 -43.80 -21.55
N TYR F 129 52.87 -43.39 -20.35
CA TYR F 129 53.75 -42.91 -19.25
C TYR F 129 54.72 -44.03 -18.87
N ILE F 130 54.19 -45.24 -18.69
CA ILE F 130 55.00 -46.41 -18.22
C ILE F 130 56.02 -46.76 -19.30
N LYS F 131 55.59 -46.87 -20.56
CA LYS F 131 56.48 -47.18 -21.71
C LYS F 131 57.68 -46.23 -21.70
N ASN F 132 57.43 -44.93 -21.59
CA ASN F 132 58.50 -43.89 -21.69
C ASN F 132 59.43 -44.01 -20.47
N VAL F 133 58.88 -44.01 -19.26
CA VAL F 133 59.67 -43.92 -17.99
C VAL F 133 60.49 -45.21 -17.79
N VAL F 134 59.87 -46.37 -17.96
CA VAL F 134 60.51 -47.67 -17.63
C VAL F 134 61.58 -47.97 -18.69
N SER F 135 61.29 -47.73 -19.97
CA SER F 135 62.25 -47.92 -21.09
C SER F 135 63.53 -47.14 -20.78
N HIS F 136 63.40 -45.88 -20.37
CA HIS F 136 64.53 -44.96 -20.10
C HIS F 136 65.26 -45.38 -18.81
N PHE F 137 64.56 -45.46 -17.67
CA PHE F 137 65.23 -45.47 -16.34
C PHE F 137 65.69 -46.88 -15.95
N SER F 138 65.19 -47.92 -16.64
CA SER F 138 65.66 -49.32 -16.50
C SER F 138 67.16 -49.42 -16.83
N GLN F 139 67.68 -48.45 -17.61
CA GLN F 139 69.08 -48.49 -18.13
C GLN F 139 70.06 -48.08 -17.02
N TYR F 140 69.63 -47.38 -15.97
CA TYR F 140 70.54 -47.00 -14.84
C TYR F 140 70.89 -48.24 -14.03
N LYS F 141 72.17 -48.41 -13.72
CA LYS F 141 72.67 -49.59 -12.98
C LYS F 141 72.29 -49.48 -11.48
N ASN F 142 72.01 -48.27 -10.96
CA ASN F 142 71.65 -48.06 -9.53
C ASN F 142 70.13 -48.17 -9.30
N LEU F 143 69.32 -48.47 -10.32
CA LEU F 143 67.86 -48.74 -10.11
C LEU F 143 67.69 -50.08 -9.38
N ALA F 144 67.03 -50.07 -8.20
CA ALA F 144 66.85 -51.28 -7.35
C ALA F 144 65.43 -51.85 -7.46
N ALA F 145 64.41 -51.02 -7.75
CA ALA F 145 62.99 -51.46 -7.73
C ALA F 145 62.09 -50.42 -8.40
N TRP F 146 61.01 -50.92 -9.03
CA TRP F 146 59.82 -50.14 -9.46
C TRP F 146 58.74 -50.28 -8.37
N VAL F 147 58.30 -49.17 -7.80
CA VAL F 147 57.07 -49.12 -6.97
C VAL F 147 55.90 -48.87 -7.93
N LEU F 148 55.06 -49.88 -8.15
CA LEU F 148 54.04 -49.91 -9.24
C LEU F 148 53.05 -48.73 -9.08
N ILE F 149 52.79 -48.38 -7.83
CA ILE F 149 51.85 -47.31 -7.41
C ILE F 149 52.13 -46.98 -5.95
N ASN F 150 52.06 -45.70 -5.60
CA ASN F 150 52.20 -45.23 -4.21
C ASN F 150 50.87 -45.44 -3.47
N GLU F 151 50.92 -46.11 -2.33
CA GLU F 151 49.78 -46.22 -1.39
C GLU F 151 48.55 -46.68 -2.14
N PRO F 152 48.55 -47.92 -2.73
CA PRO F 152 47.35 -48.50 -3.31
C PRO F 152 46.21 -48.56 -2.27
N GLY F 153 44.98 -48.37 -2.73
CA GLY F 153 43.79 -48.45 -1.86
C GLY F 153 43.32 -47.09 -1.41
N THR F 154 42.00 -46.90 -1.49
CA THR F 154 41.26 -45.74 -0.98
C THR F 154 40.01 -46.26 -0.26
N PRO F 155 39.64 -45.71 0.91
CA PRO F 155 38.39 -46.10 1.55
C PRO F 155 37.23 -46.04 0.54
N ASN F 156 37.10 -44.93 -0.19
CA ASN F 156 35.98 -44.61 -1.12
C ASN F 156 36.47 -44.71 -2.57
N LEU F 157 35.98 -45.71 -3.28
CA LEU F 157 36.20 -45.91 -4.72
C LEU F 157 35.32 -44.95 -5.52
N PRO F 158 35.83 -44.43 -6.65
CA PRO F 158 35.04 -43.51 -7.49
C PRO F 158 34.09 -44.25 -8.44
N PHE F 159 32.96 -44.75 -7.91
CA PHE F 159 31.90 -45.46 -8.69
C PHE F 159 31.20 -44.47 -9.64
N ASN F 160 31.32 -43.16 -9.37
CA ASN F 160 30.85 -42.05 -10.22
C ASN F 160 31.57 -42.12 -11.57
N GLU F 161 32.92 -42.24 -11.58
CA GLU F 161 33.75 -42.05 -12.79
C GLU F 161 33.56 -43.24 -13.75
N PRO F 162 33.58 -42.99 -15.08
CA PRO F 162 33.15 -43.98 -16.07
C PRO F 162 33.95 -45.30 -16.13
N PHE F 163 35.24 -45.27 -15.83
CA PHE F 163 36.11 -46.48 -15.86
C PHE F 163 35.72 -47.47 -14.74
N THR F 164 35.58 -46.99 -13.51
CA THR F 164 35.21 -47.82 -12.33
C THR F 164 33.76 -48.31 -12.47
N LYS F 165 32.84 -47.45 -12.93
CA LYS F 165 31.41 -47.78 -13.21
C LYS F 165 31.33 -48.99 -14.15
N GLU F 166 32.10 -48.96 -15.24
CA GLU F 166 32.09 -50.01 -16.30
C GLU F 166 32.71 -51.31 -15.73
N ARG F 167 33.78 -51.18 -14.93
CA ARG F 167 34.53 -52.34 -14.40
C ARG F 167 33.66 -53.05 -13.34
N PHE F 168 32.81 -52.32 -12.60
CA PHE F 168 31.89 -52.90 -11.59
C PHE F 168 30.69 -53.58 -12.28
N SER F 169 30.10 -52.93 -13.29
CA SER F 169 29.06 -53.49 -14.20
C SER F 169 29.52 -54.82 -14.81
N ASP F 170 30.67 -54.82 -15.48
CA ASP F 170 31.33 -56.03 -16.05
C ASP F 170 31.46 -57.08 -14.93
N TRP F 171 31.98 -56.70 -13.77
CA TRP F 171 32.26 -57.65 -12.66
C TRP F 171 30.96 -58.35 -12.24
N LYS F 172 29.85 -57.59 -12.16
CA LYS F 172 28.55 -58.12 -11.67
C LYS F 172 27.97 -59.12 -12.66
N LYS F 173 28.14 -58.92 -13.97
CA LYS F 173 27.64 -59.82 -15.04
C LYS F 173 28.41 -61.15 -15.01
N GLU F 174 29.66 -61.19 -14.54
CA GLU F 174 30.44 -62.45 -14.44
C GLU F 174 30.23 -63.16 -13.10
N HIS F 175 29.39 -62.64 -12.20
CA HIS F 175 29.18 -63.20 -10.84
C HIS F 175 27.67 -63.36 -10.56
N ASN F 176 27.19 -64.58 -10.39
CA ASN F 176 25.75 -64.85 -10.07
C ASN F 176 25.59 -64.97 -8.55
N PHE F 177 24.65 -64.23 -7.97
CA PHE F 177 24.34 -64.28 -6.52
C PHE F 177 22.84 -64.53 -6.31
N SER F 178 22.52 -65.43 -5.38
CA SER F 178 21.15 -65.68 -4.88
C SER F 178 20.88 -64.74 -3.71
N GLU F 179 19.63 -64.32 -3.57
CA GLU F 179 19.10 -63.49 -2.45
C GLU F 179 18.89 -64.40 -1.21
N TYR F 180 18.99 -65.75 -1.34
CA TYR F 180 18.85 -66.71 -0.22
C TYR F 180 20.04 -67.70 -0.17
N ASN F 181 20.27 -68.33 0.99
CA ASN F 181 21.30 -69.38 1.20
C ASN F 181 20.67 -70.76 0.91
N GLU F 182 21.44 -71.83 1.10
CA GLU F 182 21.07 -73.25 0.85
C GLU F 182 19.78 -73.56 1.63
N LYS F 183 19.73 -73.17 2.91
CA LYS F 183 18.64 -73.52 3.86
C LYS F 183 17.38 -72.68 3.60
N GLY F 184 17.47 -71.61 2.80
CA GLY F 184 16.32 -70.77 2.39
C GLY F 184 16.29 -69.37 3.02
N TYR F 185 17.23 -69.06 3.93
CA TYR F 185 17.30 -67.79 4.70
C TYR F 185 17.82 -66.66 3.82
N PRO F 186 17.34 -65.40 4.05
CA PRO F 186 17.88 -64.24 3.35
C PRO F 186 19.37 -64.03 3.67
N VAL F 187 20.08 -63.38 2.74
CA VAL F 187 21.56 -63.21 2.81
C VAL F 187 21.93 -61.83 2.31
N LEU F 188 23.05 -61.29 2.80
CA LEU F 188 23.82 -60.22 2.09
C LEU F 188 24.96 -60.90 1.35
N ASN F 189 25.38 -60.36 0.19
CA ASN F 189 26.44 -60.97 -0.65
C ASN F 189 27.71 -60.12 -0.73
N PHE F 190 27.67 -58.84 -0.33
CA PHE F 190 28.84 -57.93 -0.29
C PHE F 190 29.46 -57.84 -1.69
N GLU F 191 28.62 -57.58 -2.69
CA GLU F 191 29.06 -57.40 -4.10
C GLU F 191 30.13 -56.31 -4.15
N LYS F 192 29.83 -55.13 -3.61
CA LYS F 192 30.75 -53.97 -3.57
C LYS F 192 32.11 -54.39 -3.00
N GLU F 193 32.14 -55.04 -1.82
CA GLU F 193 33.40 -55.35 -1.09
C GLU F 193 34.25 -56.36 -1.87
N ASN F 194 33.62 -57.36 -2.50
CA ASN F 194 34.31 -58.45 -3.24
C ASN F 194 34.83 -57.89 -4.57
N PHE F 195 34.04 -57.06 -5.25
CA PHE F 195 34.50 -56.31 -6.44
C PHE F 195 35.76 -55.51 -6.10
N ILE F 196 35.76 -54.78 -4.98
CA ILE F 196 36.88 -53.88 -4.59
C ILE F 196 38.16 -54.70 -4.43
N ILE F 197 38.08 -55.86 -3.78
CA ILE F 197 39.28 -56.74 -3.64
C ILE F 197 39.80 -57.04 -5.06
N ASP F 198 38.93 -57.50 -5.96
CA ASP F 198 39.29 -58.07 -7.28
C ASP F 198 39.77 -56.96 -8.21
N TYR F 199 39.34 -55.72 -7.95
CA TYR F 199 39.69 -54.51 -8.75
C TYR F 199 41.10 -54.07 -8.38
N HIS F 200 41.44 -54.08 -7.09
CA HIS F 200 42.82 -53.85 -6.58
C HIS F 200 43.73 -54.94 -7.18
N ASN F 201 43.39 -56.21 -7.00
CA ASN F 201 44.16 -57.33 -7.62
C ASN F 201 44.40 -57.00 -9.10
N TRP F 202 43.34 -56.65 -9.83
CA TRP F 202 43.41 -56.44 -11.30
C TRP F 202 44.38 -55.30 -11.65
N TYR F 203 44.20 -54.09 -11.12
CA TYR F 203 45.01 -52.90 -11.53
C TYR F 203 46.47 -53.06 -11.12
N LEU F 204 46.78 -53.59 -9.94
CA LEU F 204 48.20 -53.79 -9.54
C LEU F 204 48.85 -54.84 -10.47
N ASN F 205 48.15 -55.93 -10.78
CA ASN F 205 48.64 -56.99 -11.72
C ASN F 205 48.86 -56.34 -13.11
N TRP F 206 47.96 -55.46 -13.54
CA TRP F 206 48.02 -54.79 -14.86
C TRP F 206 49.24 -53.85 -14.93
N LEU F 207 49.47 -53.06 -13.88
CA LEU F 207 50.68 -52.22 -13.75
C LEU F 207 51.93 -53.12 -13.81
N ALA F 208 51.98 -54.22 -13.06
CA ALA F 208 53.13 -55.13 -13.07
C ALA F 208 53.39 -55.60 -14.50
N ASN F 209 52.34 -55.96 -15.25
CA ASN F 209 52.45 -56.49 -16.63
C ASN F 209 52.97 -55.39 -17.58
N GLN F 210 52.51 -54.15 -17.43
CA GLN F 210 52.97 -53.00 -18.27
C GLN F 210 54.48 -52.80 -18.07
N VAL F 211 54.96 -52.82 -16.83
CA VAL F 211 56.41 -52.65 -16.52
C VAL F 211 57.18 -53.79 -17.20
N ARG F 212 56.68 -55.02 -17.07
CA ARG F 212 57.32 -56.28 -17.57
C ARG F 212 57.40 -56.26 -19.12
N LEU F 213 56.56 -55.50 -19.84
CA LEU F 213 56.70 -55.33 -21.32
C LEU F 213 58.09 -54.77 -21.62
N TYR F 214 58.64 -53.92 -20.75
CA TYR F 214 59.89 -53.15 -21.02
C TYR F 214 61.03 -53.56 -20.06
N ASP F 215 60.76 -54.08 -18.87
CA ASP F 215 61.84 -54.41 -17.90
C ASP F 215 61.42 -55.63 -17.08
N LYS F 216 62.10 -56.77 -17.27
CA LYS F 216 61.92 -58.01 -16.48
C LYS F 216 63.06 -58.19 -15.48
N GLN F 217 63.98 -57.22 -15.38
CA GLN F 217 65.27 -57.38 -14.64
C GLN F 217 65.15 -56.85 -13.21
N HIS F 218 64.20 -55.94 -12.93
CA HIS F 218 64.13 -55.23 -11.62
C HIS F 218 62.92 -55.69 -10.81
N ASP F 219 63.10 -55.66 -9.48
CA ASP F 219 62.09 -56.01 -8.44
C ASP F 219 60.84 -55.11 -8.60
N LEU F 220 59.64 -55.70 -8.52
CA LEU F 220 58.37 -54.95 -8.41
C LEU F 220 57.96 -54.90 -6.92
N HIS F 221 57.60 -53.70 -6.47
CA HIS F 221 57.29 -53.32 -5.08
C HIS F 221 55.98 -52.50 -5.06
N VAL F 222 55.29 -52.49 -3.92
CA VAL F 222 54.06 -51.66 -3.70
C VAL F 222 53.91 -51.40 -2.20
N ASN F 223 53.42 -50.23 -1.76
CA ASN F 223 53.36 -49.87 -0.32
C ASN F 223 51.91 -49.68 0.13
N PRO F 224 51.19 -50.76 0.54
CA PRO F 224 49.89 -50.60 1.20
C PRO F 224 49.99 -49.78 2.50
N HIS F 225 48.90 -49.11 2.89
CA HIS F 225 48.92 -48.06 3.94
C HIS F 225 47.67 -48.10 4.81
N ASN F 226 47.72 -47.40 5.96
CA ASN F 226 46.55 -47.25 6.87
C ASN F 226 45.95 -48.64 7.06
N VAL F 227 46.79 -49.63 7.32
CA VAL F 227 46.45 -51.08 7.18
C VAL F 227 45.42 -51.48 8.23
N PHE F 228 45.38 -50.83 9.38
CA PHE F 228 44.38 -51.18 10.43
C PHE F 228 42.97 -50.74 9.98
N LYS F 229 42.84 -49.92 8.94
CA LYS F 229 41.52 -49.52 8.38
C LYS F 229 41.33 -50.14 6.99
N LEU F 230 42.37 -50.20 6.17
CA LEU F 230 42.27 -50.56 4.72
C LEU F 230 42.55 -52.05 4.44
N SER F 231 42.80 -52.87 5.46
CA SER F 231 43.16 -54.31 5.28
C SER F 231 42.05 -55.05 4.51
N GLY F 232 40.82 -54.56 4.56
CA GLY F 232 39.65 -55.15 3.88
C GLY F 232 39.65 -54.90 2.37
N LEU F 233 40.60 -54.14 1.80
CA LEU F 233 40.67 -54.11 0.31
C LEU F 233 41.98 -54.71 -0.17
N TYR F 234 42.74 -55.35 0.72
CA TYR F 234 44.05 -55.96 0.39
C TYR F 234 43.97 -57.49 0.40
N ASP F 235 44.12 -58.13 -0.76
CA ASP F 235 44.33 -59.60 -0.94
C ASP F 235 45.82 -59.91 -1.13
N PHE F 236 46.61 -59.89 -0.05
CA PHE F 236 48.10 -60.01 -0.13
C PHE F 236 48.52 -61.32 -0.77
N PRO F 237 47.87 -62.49 -0.49
CA PRO F 237 48.22 -63.72 -1.20
C PRO F 237 48.15 -63.56 -2.73
N THR F 238 47.14 -62.91 -3.28
CA THR F 238 47.07 -62.73 -4.76
C THR F 238 48.25 -61.86 -5.21
N TRP F 239 48.63 -60.84 -4.44
CA TRP F 239 49.68 -59.86 -4.83
C TRP F 239 51.05 -60.56 -4.99
N ARG F 240 51.32 -61.59 -4.17
CA ARG F 240 52.59 -62.38 -4.20
C ARG F 240 52.87 -62.93 -5.61
N THR F 241 51.83 -63.18 -6.40
CA THR F 241 51.94 -63.81 -7.75
C THR F 241 52.69 -62.86 -8.69
N PHE F 242 52.66 -61.54 -8.51
CA PHE F 242 53.33 -60.58 -9.43
C PHE F 242 54.34 -59.64 -8.74
N LEU F 243 54.43 -59.56 -7.42
CA LEU F 243 55.45 -58.72 -6.72
C LEU F 243 56.71 -59.54 -6.48
N ASN F 244 57.83 -58.86 -6.23
CA ASN F 244 59.10 -59.45 -5.75
C ASN F 244 59.29 -59.15 -4.27
N SER F 245 58.72 -58.05 -3.80
CA SER F 245 58.73 -57.65 -2.37
C SER F 245 57.45 -56.89 -2.03
N LEU F 246 57.05 -56.94 -0.76
CA LEU F 246 55.88 -56.20 -0.26
C LEU F 246 56.39 -55.07 0.64
N GLY F 247 55.87 -53.87 0.38
CA GLY F 247 56.18 -52.66 1.14
C GLY F 247 55.07 -52.34 2.12
N GLY F 248 55.13 -51.15 2.71
CA GLY F 248 54.10 -50.58 3.58
C GLY F 248 54.45 -49.14 3.90
N SER F 249 53.44 -48.28 4.04
CA SER F 249 53.52 -47.01 4.79
C SER F 249 53.03 -47.27 6.20
N ALA F 250 53.79 -46.85 7.21
CA ALA F 250 53.40 -46.86 8.63
C ALA F 250 53.79 -45.52 9.28
N HIS F 251 52.98 -44.49 9.03
CA HIS F 251 53.19 -43.10 9.52
C HIS F 251 52.50 -42.92 10.86
N ALA F 252 53.26 -42.56 11.90
CA ALA F 252 52.75 -42.25 13.26
C ALA F 252 51.62 -41.19 13.20
N SER F 253 51.70 -40.25 12.25
CA SER F 253 50.78 -39.09 12.18
C SER F 253 49.49 -39.43 11.40
N TRP F 254 49.47 -40.52 10.62
CA TRP F 254 48.30 -40.87 9.74
C TRP F 254 47.60 -42.18 10.14
N HIS F 255 48.33 -43.18 10.64
CA HIS F 255 47.92 -44.61 10.60
C HIS F 255 47.74 -45.24 11.99
N PHE F 256 48.06 -44.55 13.09
CA PHE F 256 48.14 -45.15 14.44
C PHE F 256 47.07 -44.51 15.35
N GLY F 257 46.00 -43.98 14.75
CA GLY F 257 44.89 -43.34 15.49
C GLY F 257 44.29 -44.27 16.54
N TYR F 258 44.33 -45.58 16.36
CA TYR F 258 43.83 -46.55 17.35
C TYR F 258 44.75 -46.63 18.58
N PHE F 259 45.84 -45.87 18.67
CA PHE F 259 46.80 -45.93 19.80
C PHE F 259 47.23 -44.55 20.28
N PRO F 260 47.55 -44.43 21.60
CA PRO F 260 48.29 -43.28 22.10
C PRO F 260 49.75 -43.39 21.63
N ARG F 261 50.46 -42.26 21.68
CA ARG F 261 51.86 -42.13 21.22
C ARG F 261 52.77 -43.10 22.00
N LYS F 262 52.49 -43.35 23.28
CA LYS F 262 53.36 -44.18 24.14
C LYS F 262 53.28 -45.65 23.69
N ALA F 263 52.33 -45.99 22.81
CA ALA F 263 52.13 -47.36 22.29
C ALA F 263 52.35 -47.41 20.78
N TYR F 264 53.03 -46.43 20.19
CA TYR F 264 53.37 -46.48 18.75
C TYR F 264 54.36 -47.64 18.53
N THR F 265 55.07 -48.07 19.58
CA THR F 265 55.90 -49.30 19.57
C THR F 265 55.03 -50.50 19.18
N VAL F 266 53.92 -50.68 19.89
CA VAL F 266 52.95 -51.79 19.68
C VAL F 266 52.33 -51.65 18.28
N ALA F 267 52.00 -50.42 17.89
CA ALA F 267 51.41 -50.10 16.58
C ALA F 267 52.38 -50.53 15.48
N MET F 268 53.65 -50.11 15.60
CA MET F 268 54.66 -50.41 14.57
C MET F 268 54.89 -51.92 14.54
N SER F 269 54.92 -52.56 15.70
CA SER F 269 55.11 -54.03 15.81
C SER F 269 53.98 -54.75 15.07
N ALA F 270 52.72 -54.37 15.34
CA ALA F 270 51.55 -55.02 14.71
C ALA F 270 51.53 -54.72 13.21
N ASN F 271 51.83 -53.50 12.81
CA ASN F 271 51.85 -53.07 11.38
C ASN F 271 52.89 -53.94 10.65
N ALA F 272 54.04 -54.17 11.28
CA ALA F 272 55.13 -55.00 10.70
C ALA F 272 54.69 -56.45 10.59
N GLU F 273 54.07 -56.99 11.64
CA GLU F 273 53.61 -58.40 11.65
C GLU F 273 52.59 -58.59 10.53
N LEU F 274 51.74 -57.59 10.32
CA LEU F 274 50.62 -57.64 9.35
C LEU F 274 51.21 -57.70 7.93
N ILE F 275 52.24 -56.89 7.64
CA ILE F 275 52.87 -56.88 6.29
C ILE F 275 53.68 -58.17 6.08
N ARG F 276 54.43 -58.58 7.10
CA ARG F 276 55.26 -59.81 7.04
C ARG F 276 54.37 -60.99 6.65
N SER F 277 53.22 -61.13 7.32
CA SER F 277 52.20 -62.17 7.05
C SER F 277 51.71 -62.04 5.60
N GLY F 278 51.35 -60.84 5.15
CA GLY F 278 50.91 -60.58 3.76
C GLY F 278 51.96 -61.03 2.77
N ALA F 279 53.22 -60.81 3.11
CA ALA F 279 54.38 -61.05 2.22
C ALA F 279 54.54 -62.56 1.97
N GLY F 280 54.29 -63.40 2.98
CA GLY F 280 54.51 -64.86 2.91
C GLY F 280 55.93 -65.20 2.48
N GLU F 281 56.07 -65.91 1.37
CA GLU F 281 57.38 -66.34 0.80
C GLU F 281 58.18 -65.14 0.25
N LEU F 282 57.57 -63.98 0.02
CA LEU F 282 58.28 -62.75 -0.45
C LEU F 282 58.95 -62.05 0.74
N PRO F 283 60.14 -61.44 0.52
CA PRO F 283 60.68 -60.49 1.49
C PRO F 283 59.87 -59.19 1.52
N TRP F 284 59.92 -58.48 2.65
CA TRP F 284 59.17 -57.21 2.83
C TRP F 284 60.09 -56.14 3.39
N LEU F 285 59.69 -54.88 3.26
CA LEU F 285 60.39 -53.73 3.87
C LEU F 285 59.37 -52.62 4.09
N MET F 286 59.67 -51.67 4.97
CA MET F 286 58.77 -50.53 5.25
C MET F 286 59.21 -49.38 4.35
N THR F 287 58.45 -49.11 3.30
CA THR F 287 58.75 -48.13 2.23
C THR F 287 58.54 -46.69 2.72
N GLU F 288 57.76 -46.50 3.79
CA GLU F 288 57.35 -45.14 4.24
C GLU F 288 57.20 -45.07 5.76
N LEU F 289 58.17 -44.46 6.44
CA LEU F 289 58.16 -44.14 7.89
C LEU F 289 58.24 -42.61 8.04
N GLN F 290 57.74 -42.06 9.15
CA GLN F 290 57.72 -40.60 9.35
C GLN F 290 59.14 -40.14 9.74
N GLY F 291 59.75 -39.28 8.91
CA GLY F 291 61.11 -38.77 9.12
C GLY F 291 61.15 -37.39 9.78
N GLY F 292 60.02 -36.71 9.96
CA GLY F 292 60.05 -35.30 10.36
C GLY F 292 58.72 -34.74 10.81
N ASN F 293 58.66 -33.42 10.85
CA ASN F 293 57.66 -32.64 11.62
C ASN F 293 56.40 -32.46 10.78
N ASN F 294 55.24 -32.62 11.41
CA ASN F 294 53.96 -32.12 10.92
C ASN F 294 53.80 -30.65 11.35
N LEU F 295 53.53 -29.77 10.37
CA LEU F 295 53.15 -28.37 10.62
C LEU F 295 51.63 -28.29 10.52
N TYR F 296 51.08 -28.39 9.30
CA TYR F 296 49.63 -28.32 8.97
C TYR F 296 49.08 -29.71 8.60
N SER F 297 49.94 -30.67 8.27
CA SER F 297 49.55 -32.01 7.77
C SER F 297 49.42 -33.01 8.93
N GLY F 298 48.87 -34.19 8.62
CA GLY F 298 48.69 -35.31 9.56
C GLY F 298 47.39 -35.21 10.33
N ALA F 299 46.84 -36.35 10.76
CA ALA F 299 45.64 -36.44 11.62
C ALA F 299 46.02 -36.35 13.10
N ASN F 300 47.14 -36.97 13.50
CA ASN F 300 47.68 -36.95 14.88
C ASN F 300 49.10 -36.39 14.81
N PRO F 301 49.27 -35.07 14.63
CA PRO F 301 50.57 -34.51 14.29
C PRO F 301 51.66 -34.72 15.35
N LEU F 302 52.90 -34.89 14.93
CA LEU F 302 54.08 -34.96 15.85
C LEU F 302 55.36 -34.65 15.09
N CYS F 303 56.45 -34.51 15.85
CA CYS F 303 57.83 -34.62 15.37
C CYS F 303 58.50 -35.80 16.05
N PRO F 304 58.78 -36.89 15.33
CA PRO F 304 59.40 -38.07 15.94
C PRO F 304 60.63 -37.64 16.74
N THR F 305 60.77 -38.18 17.96
CA THR F 305 62.01 -38.08 18.79
C THR F 305 63.08 -38.96 18.12
N ALA F 306 64.35 -38.70 18.41
CA ALA F 306 65.47 -39.59 18.05
C ALA F 306 65.19 -40.98 18.60
N GLU F 307 64.69 -41.05 19.84
CA GLU F 307 64.41 -42.35 20.51
C GLU F 307 63.38 -43.13 19.68
N GLU F 308 62.38 -42.45 19.11
CA GLU F 308 61.30 -43.07 18.30
C GLU F 308 61.86 -43.57 16.97
N ILE F 309 62.80 -42.87 16.36
CA ILE F 309 63.41 -43.32 15.07
C ILE F 309 64.07 -44.70 15.26
N ILE F 310 64.77 -44.88 16.39
CA ILE F 310 65.55 -46.10 16.70
C ILE F 310 64.59 -47.24 17.00
N GLN F 311 63.58 -46.99 17.84
CA GLN F 311 62.48 -47.93 18.17
C GLN F 311 61.86 -48.47 16.87
N TRP F 312 61.48 -47.60 15.94
CA TRP F 312 60.75 -48.01 14.72
C TRP F 312 61.66 -48.89 13.85
N LEU F 313 62.94 -48.53 13.68
CA LEU F 313 63.86 -49.29 12.80
C LEU F 313 64.10 -50.69 13.41
N TRP F 314 64.37 -50.78 14.71
CA TRP F 314 64.64 -52.08 15.37
C TRP F 314 63.38 -52.93 15.36
N ILE F 315 62.20 -52.37 15.62
CA ILE F 315 60.96 -53.18 15.58
C ILE F 315 60.81 -53.78 14.18
N ASN F 316 61.08 -53.00 13.13
CA ASN F 316 60.87 -53.50 11.75
C ASN F 316 61.90 -54.61 11.46
N PHE F 317 63.18 -54.40 11.77
CA PHE F 317 64.25 -55.38 11.40
C PHE F 317 64.06 -56.68 12.19
N ALA F 318 63.65 -56.58 13.45
CA ALA F 318 63.39 -57.73 14.35
C ALA F 318 62.17 -58.50 13.85
N THR F 319 61.41 -57.89 12.93
CA THR F 319 60.18 -58.48 12.33
C THR F 319 60.47 -58.77 10.85
N GLU F 320 61.75 -59.01 10.52
CA GLU F 320 62.26 -59.52 9.20
C GLU F 320 62.26 -58.43 8.11
N ALA F 321 62.03 -57.15 8.42
CA ALA F 321 62.05 -56.09 7.39
C ALA F 321 63.44 -56.07 6.75
N LYS F 322 63.50 -55.89 5.43
CA LYS F 322 64.78 -55.80 4.66
C LYS F 322 65.18 -54.34 4.41
N GLY F 323 64.44 -53.38 4.96
CA GLY F 323 64.76 -51.96 4.85
C GLY F 323 63.75 -51.10 5.59
N GLY F 324 64.16 -49.87 5.95
CA GLY F 324 63.31 -48.79 6.48
C GLY F 324 63.60 -47.51 5.72
N ILE F 325 62.68 -47.08 4.86
CA ILE F 325 62.79 -45.82 4.06
C ILE F 325 61.91 -44.75 4.75
N PHE F 326 62.52 -43.66 5.19
CA PHE F 326 61.83 -42.51 5.81
C PHE F 326 61.29 -41.55 4.74
N TRP F 327 60.04 -41.10 4.87
CA TRP F 327 59.50 -39.91 4.18
C TRP F 327 59.60 -38.74 5.15
N SER F 328 60.50 -37.77 4.89
CA SER F 328 61.33 -37.70 3.70
C SER F 328 62.72 -37.15 4.09
N PHE F 329 63.72 -37.30 3.22
CA PHE F 329 65.07 -36.77 3.50
C PHE F 329 65.01 -35.24 3.50
N ASN F 330 64.63 -34.67 2.36
CA ASN F 330 64.40 -33.21 2.15
C ASN F 330 62.89 -32.96 2.03
N ALA F 331 62.44 -31.73 2.21
CA ALA F 331 60.99 -31.40 2.18
C ALA F 331 60.52 -30.89 0.81
N ARG F 332 59.21 -31.02 0.55
CA ARG F 332 58.52 -30.29 -0.53
C ARG F 332 58.63 -28.80 -0.19
N SER F 333 58.46 -27.92 -1.17
CA SER F 333 58.72 -26.47 -1.04
C SER F 333 57.43 -25.64 -1.18
N THR F 334 56.38 -26.16 -1.84
CA THR F 334 55.14 -25.40 -2.16
C THR F 334 53.88 -26.12 -1.68
N ALA F 335 53.01 -25.39 -0.98
CA ALA F 335 51.62 -25.79 -0.63
C ALA F 335 51.68 -26.99 0.32
N ALA F 336 50.84 -28.00 0.10
CA ALA F 336 50.68 -29.17 1.00
C ALA F 336 52.07 -29.68 1.39
N GLU F 337 52.35 -29.66 2.70
CA GLU F 337 53.48 -30.39 3.33
C GLU F 337 54.80 -29.65 3.04
N ALA F 338 54.74 -28.36 2.69
CA ALA F 338 55.94 -27.55 2.43
C ALA F 338 56.77 -27.41 3.71
N GLY F 339 58.02 -27.87 3.68
CA GLY F 339 58.95 -27.79 4.83
C GLY F 339 58.53 -28.70 5.97
N GLU F 340 57.67 -29.68 5.69
CA GLU F 340 57.26 -30.76 6.65
C GLU F 340 57.91 -32.10 6.27
N TRP F 341 58.05 -32.99 7.27
CA TRP F 341 58.36 -34.45 7.14
C TRP F 341 59.88 -34.72 7.03
N ALA F 342 60.72 -33.68 6.85
CA ALA F 342 62.15 -33.82 6.48
C ALA F 342 63.01 -34.26 7.68
N MET F 343 64.03 -35.07 7.41
CA MET F 343 65.04 -35.56 8.39
C MET F 343 66.16 -34.53 8.52
N ILE F 344 66.46 -33.81 7.44
CA ILE F 344 67.40 -32.65 7.46
C ILE F 344 66.66 -31.41 7.98
N ASN F 345 67.38 -30.50 8.61
CA ASN F 345 66.86 -29.16 9.03
C ASN F 345 66.85 -28.23 7.80
N PHE F 346 66.54 -26.94 7.97
CA PHE F 346 66.30 -26.01 6.83
C PHE F 346 67.63 -25.47 6.27
N LYS F 347 68.75 -25.80 6.92
CA LYS F 347 70.14 -25.52 6.46
C LYS F 347 70.72 -26.78 5.80
N ASN F 348 69.92 -27.83 5.63
CA ASN F 348 70.31 -29.09 4.93
C ASN F 348 71.31 -29.89 5.75
N LYS F 349 71.36 -29.71 7.07
CA LYS F 349 72.19 -30.53 7.99
C LYS F 349 71.29 -31.50 8.77
N SER F 350 71.92 -32.39 9.55
CA SER F 350 71.25 -33.49 10.27
C SER F 350 70.42 -32.93 11.45
N SER F 351 69.12 -33.24 11.49
CA SER F 351 68.30 -33.24 12.74
C SER F 351 68.79 -34.40 13.62
N ASP F 352 68.39 -34.44 14.89
CA ASP F 352 68.71 -35.56 15.82
C ASP F 352 68.09 -36.86 15.25
N ARG F 353 67.11 -36.74 14.36
CA ARG F 353 66.39 -37.89 13.74
C ARG F 353 67.30 -38.62 12.75
N LEU F 354 68.07 -37.87 11.96
CA LEU F 354 69.03 -38.44 10.97
C LEU F 354 70.26 -38.98 11.69
N ILE F 355 70.75 -38.27 12.72
CA ILE F 355 71.91 -38.73 13.55
C ILE F 355 71.54 -40.09 14.15
N ALA F 356 70.31 -40.26 14.64
CA ALA F 356 69.80 -41.53 15.20
C ALA F 356 69.72 -42.63 14.11
N ALA F 357 69.09 -42.35 12.97
CA ALA F 357 68.96 -43.30 11.85
C ALA F 357 70.36 -43.74 11.41
N ALA F 358 71.34 -42.84 11.43
CA ALA F 358 72.73 -43.15 11.00
C ALA F 358 73.35 -44.19 11.93
N THR F 359 73.04 -44.19 13.24
CA THR F 359 73.63 -45.17 14.20
C THR F 359 73.18 -46.58 13.81
N ILE F 360 72.02 -46.70 13.17
CA ILE F 360 71.44 -48.02 12.77
C ILE F 360 72.10 -48.45 11.44
N GLY F 361 72.22 -47.55 10.46
CA GLY F 361 72.99 -47.85 9.24
C GLY F 361 74.37 -48.38 9.58
N LYS F 362 75.02 -47.77 10.57
CA LYS F 362 76.40 -48.11 11.00
C LYS F 362 76.41 -49.49 11.68
N PHE F 363 75.50 -49.71 12.63
CA PHE F 363 75.36 -51.03 13.30
C PHE F 363 75.25 -52.14 12.25
N ILE F 364 74.46 -51.93 11.20
CA ILE F 364 74.28 -52.94 10.11
C ILE F 364 75.65 -53.24 9.46
N THR F 365 76.40 -52.23 9.02
CA THR F 365 77.65 -52.46 8.23
C THR F 365 78.71 -53.13 9.13
N GLU F 366 78.55 -53.05 10.46
CA GLU F 366 79.46 -53.65 11.48
C GLU F 366 78.95 -55.01 11.99
N ASN F 367 77.78 -55.48 11.56
CA ASN F 367 77.18 -56.77 12.01
C ASN F 367 76.42 -57.42 10.85
N VAL F 368 77.00 -57.43 9.64
CA VAL F 368 76.33 -57.79 8.35
C VAL F 368 75.73 -59.20 8.43
N LYS F 369 76.48 -60.19 8.94
CA LYS F 369 76.05 -61.61 8.97
C LYS F 369 74.76 -61.74 9.78
N MET F 370 74.75 -61.17 10.99
CA MET F 370 73.59 -61.19 11.90
C MET F 370 72.41 -60.47 11.24
N MET F 371 72.56 -59.25 10.77
CA MET F 371 71.41 -58.41 10.33
C MET F 371 70.85 -58.93 9.00
N SER F 372 71.64 -59.69 8.24
CA SER F 372 71.25 -60.15 6.88
C SER F 372 70.33 -61.37 6.98
N ASN F 373 70.26 -62.04 8.14
CA ASN F 373 69.65 -63.39 8.24
C ASN F 373 68.58 -63.44 9.34
N ILE F 374 68.00 -62.30 9.69
CA ILE F 374 67.06 -62.26 10.84
C ILE F 374 65.81 -63.06 10.46
N LYS F 375 65.38 -63.94 11.36
CA LYS F 375 64.08 -64.65 11.26
C LYS F 375 63.33 -64.42 12.57
N THR F 376 62.02 -64.19 12.51
CA THR F 376 61.14 -64.16 13.68
C THR F 376 61.40 -65.38 14.57
N LEU F 377 61.44 -65.21 15.88
CA LEU F 377 61.21 -66.36 16.80
C LEU F 377 59.71 -66.49 17.02
N ASN F 378 59.03 -67.30 16.21
CA ASN F 378 57.59 -67.61 16.35
C ASN F 378 57.32 -68.23 17.73
N SER F 379 56.61 -67.52 18.61
CA SER F 379 56.04 -68.11 19.86
C SER F 379 55.12 -69.27 19.49
N GLY F 380 54.53 -69.22 18.29
CA GLY F 380 53.44 -70.10 17.87
C GLY F 380 52.07 -69.49 18.14
N ILE F 381 52.02 -68.28 18.71
CA ILE F 381 50.75 -67.52 18.90
C ILE F 381 50.47 -66.74 17.60
N SER F 382 49.29 -66.93 17.02
CA SER F 382 48.80 -66.20 15.80
C SER F 382 47.48 -65.49 16.12
N ILE F 383 47.45 -64.16 16.02
CA ILE F 383 46.20 -63.35 16.12
C ILE F 383 45.63 -63.16 14.71
N LEU F 384 44.43 -63.67 14.46
CA LEU F 384 43.84 -63.71 13.10
C LEU F 384 42.73 -62.65 13.00
N TYR F 385 42.71 -61.93 11.88
CA TYR F 385 41.59 -61.07 11.45
C TYR F 385 41.08 -61.56 10.10
N ASN F 386 39.86 -61.21 9.69
CA ASN F 386 39.41 -61.56 8.33
C ASN F 386 38.60 -60.40 7.70
N HIS F 387 38.70 -60.29 6.38
CA HIS F 387 37.98 -59.27 5.58
C HIS F 387 36.51 -59.26 5.98
N GLU F 388 35.92 -60.44 6.09
CA GLU F 388 34.43 -60.59 6.17
C GLU F 388 33.92 -60.00 7.47
N SER F 389 34.65 -60.14 8.59
CA SER F 389 34.28 -59.53 9.89
C SER F 389 34.21 -58.01 9.72
N MET F 390 35.13 -57.43 8.95
CA MET F 390 35.14 -55.95 8.73
C MET F 390 33.93 -55.53 7.88
N TRP F 391 33.62 -56.29 6.82
CA TRP F 391 32.50 -56.05 5.86
C TRP F 391 31.14 -56.13 6.58
N VAL F 392 30.93 -57.20 7.34
CA VAL F 392 29.71 -57.38 8.15
C VAL F 392 29.61 -56.24 9.17
N GLU F 393 30.70 -55.89 9.86
CA GLU F 393 30.66 -54.80 10.87
C GLU F 393 30.22 -53.49 10.20
N ALA F 394 30.78 -53.14 9.05
CA ALA F 394 30.43 -51.92 8.28
C ALA F 394 28.92 -51.88 8.00
N ALA F 395 28.30 -53.02 7.67
CA ALA F 395 26.85 -53.14 7.38
C ALA F 395 26.02 -52.97 8.67
N GLN F 396 26.47 -53.50 9.80
CA GLN F 396 25.66 -53.56 11.05
C GLN F 396 25.72 -52.22 11.78
N THR F 397 26.86 -51.53 11.78
CA THR F 397 27.00 -50.17 12.36
C THR F 397 26.49 -49.18 11.31
N ASN F 404 35.17 -48.51 19.57
CA ASN F 404 33.92 -48.81 20.32
C ASN F 404 33.16 -49.92 19.59
N GLY F 405 32.59 -50.87 20.34
CA GLY F 405 31.95 -52.06 19.77
C GLY F 405 30.94 -51.72 18.70
N ARG F 406 30.20 -50.62 18.88
CA ARG F 406 29.09 -50.22 17.98
C ARG F 406 29.58 -49.29 16.89
N SER F 407 30.84 -49.40 16.47
CA SER F 407 31.44 -48.52 15.45
C SER F 407 32.45 -49.26 14.59
N ILE F 408 32.78 -48.70 13.44
CA ILE F 408 33.78 -49.29 12.50
C ILE F 408 35.13 -49.34 13.23
N GLY F 409 35.82 -50.48 13.23
CA GLY F 409 37.18 -50.61 13.76
C GLY F 409 37.30 -51.48 15.00
N ALA F 410 36.19 -51.86 15.62
CA ALA F 410 36.20 -52.80 16.78
C ALA F 410 36.85 -54.14 16.38
N VAL F 411 36.59 -54.63 15.17
CA VAL F 411 37.09 -55.93 14.64
C VAL F 411 38.61 -55.88 14.49
N MET F 412 39.22 -54.70 14.41
CA MET F 412 40.71 -54.57 14.40
C MET F 412 41.22 -54.15 15.77
N CYS F 413 40.56 -53.21 16.46
CA CYS F 413 41.01 -52.78 17.81
C CYS F 413 41.08 -53.96 18.78
N SER F 414 40.17 -54.94 18.64
CA SER F 414 40.06 -56.10 19.56
C SER F 414 41.31 -56.97 19.43
N PRO F 415 41.67 -57.44 18.21
CA PRO F 415 42.91 -58.20 18.02
C PRO F 415 44.14 -57.39 18.44
N LEU F 416 44.12 -56.08 18.17
CA LEU F 416 45.26 -55.20 18.52
C LEU F 416 45.42 -55.18 20.04
N SER F 417 44.34 -55.35 20.79
CA SER F 417 44.42 -55.35 22.27
C SER F 417 45.09 -56.63 22.78
N TYR F 418 44.75 -57.78 22.23
CA TYR F 418 45.42 -59.05 22.58
C TYR F 418 46.91 -58.84 22.26
N PHE F 419 47.18 -58.27 21.09
CA PHE F 419 48.55 -58.08 20.58
C PHE F 419 49.33 -57.24 21.58
N GLU F 420 48.70 -56.19 22.06
CA GLU F 420 49.34 -55.27 23.03
C GLU F 420 49.60 -56.03 24.33
N ALA F 421 48.63 -56.81 24.78
CA ALA F 421 48.68 -57.53 26.09
C ALA F 421 49.84 -58.52 26.01
N LEU F 422 50.08 -59.12 24.84
CA LEU F 422 51.16 -60.11 24.64
C LEU F 422 52.51 -59.38 24.57
N SER F 423 52.56 -58.21 23.93
CA SER F 423 53.77 -57.34 23.89
C SER F 423 54.20 -56.99 25.31
N GLU F 424 53.26 -56.68 26.22
CA GLU F 424 53.56 -56.25 27.60
C GLU F 424 53.88 -57.48 28.47
N THR F 425 53.84 -58.67 27.87
CA THR F 425 54.32 -59.92 28.50
C THR F 425 55.66 -60.35 27.89
N GLY F 426 56.08 -59.70 26.81
CA GLY F 426 57.37 -59.96 26.14
C GLY F 426 57.32 -61.13 25.17
N LEU F 427 56.12 -61.46 24.65
CA LEU F 427 55.94 -62.56 23.67
C LEU F 427 55.69 -62.02 22.26
N GLN F 428 56.40 -62.53 21.27
CA GLN F 428 56.01 -62.37 19.84
C GLN F 428 54.61 -62.96 19.67
N ALA F 429 53.85 -62.36 18.75
CA ALA F 429 52.63 -62.97 18.18
C ALA F 429 52.56 -62.56 16.70
N ASN F 430 52.10 -63.46 15.85
CA ASN F 430 51.77 -63.12 14.45
C ASN F 430 50.45 -62.34 14.43
N PHE F 431 50.27 -61.54 13.39
CA PHE F 431 49.02 -60.80 13.09
C PHE F 431 48.74 -61.07 11.62
N LYS F 432 47.72 -61.89 11.31
CA LYS F 432 47.52 -62.42 9.93
C LYS F 432 46.05 -62.34 9.57
N GLU F 433 45.78 -62.09 8.29
CA GLU F 433 44.47 -62.40 7.66
C GLU F 433 44.31 -63.93 7.70
N ILE F 434 43.10 -64.41 7.95
CA ILE F 434 42.87 -65.86 8.20
C ILE F 434 43.34 -66.69 7.00
N LYS F 435 43.22 -66.21 5.76
CA LYS F 435 43.69 -66.94 4.54
C LYS F 435 45.22 -67.02 4.46
N GLU F 436 45.99 -66.33 5.31
CA GLU F 436 47.48 -66.34 5.29
C GLU F 436 47.98 -67.38 6.30
N PHE F 437 47.09 -67.90 7.18
CA PHE F 437 47.42 -69.01 8.12
C PHE F 437 47.31 -70.35 7.39
N ASP F 438 48.26 -71.26 7.66
CA ASP F 438 48.38 -72.60 7.01
C ASP F 438 47.61 -73.64 7.85
N PHE F 439 46.45 -74.07 7.33
CA PHE F 439 45.50 -75.01 8.01
C PHE F 439 45.72 -76.44 7.51
N SER F 440 46.80 -76.72 6.75
CA SER F 440 47.00 -78.02 6.05
C SER F 440 47.94 -78.97 6.82
N LEU F 441 48.56 -78.56 7.93
CA LEU F 441 49.51 -79.40 8.72
C LEU F 441 48.76 -80.55 9.43
N ASN F 442 49.49 -81.58 9.88
CA ASN F 442 48.94 -82.77 10.60
C ASN F 442 49.08 -82.60 12.12
N ASP F 443 49.87 -81.62 12.56
CA ASP F 443 50.14 -81.41 14.01
C ASP F 443 50.17 -79.91 14.30
N TYR F 444 49.40 -79.48 15.31
CA TYR F 444 49.34 -78.09 15.82
C TYR F 444 49.50 -78.10 17.35
N THR F 445 50.18 -79.10 17.91
CA THR F 445 50.57 -79.14 19.34
C THR F 445 51.34 -77.85 19.65
N ASP F 446 50.99 -77.18 20.75
CA ASP F 446 51.74 -76.00 21.24
C ASP F 446 51.64 -74.83 20.24
N GLN F 447 50.62 -74.83 19.36
CA GLN F 447 50.23 -73.67 18.50
C GLN F 447 48.96 -73.02 19.09
N VAL F 448 48.84 -71.69 19.01
CA VAL F 448 47.70 -70.92 19.59
C VAL F 448 47.12 -69.99 18.53
N ILE F 449 45.80 -69.99 18.39
CA ILE F 449 45.04 -69.04 17.53
C ILE F 449 44.12 -68.21 18.43
N ILE F 450 44.17 -66.89 18.27
CA ILE F 450 43.30 -65.92 19.00
C ILE F 450 42.36 -65.32 17.95
N LEU F 451 41.05 -65.56 18.08
CA LEU F 451 39.98 -64.88 17.32
C LEU F 451 39.24 -63.93 18.27
N SER F 452 39.61 -62.66 18.23
CA SER F 452 39.08 -61.60 19.12
C SER F 452 38.08 -60.75 18.33
N HIS F 453 36.80 -61.00 18.57
CA HIS F 453 35.67 -60.23 17.98
C HIS F 453 35.72 -60.34 16.46
N GLN F 454 36.11 -61.50 15.93
CA GLN F 454 35.99 -61.77 14.47
C GLN F 454 34.56 -62.25 14.27
N ILE F 455 33.68 -61.30 14.05
CA ILE F 455 32.21 -61.50 14.15
C ILE F 455 31.69 -62.35 13.00
N ALA F 456 32.46 -62.55 11.93
CA ALA F 456 32.02 -63.35 10.76
C ALA F 456 32.98 -64.52 10.49
N LEU F 457 32.46 -65.75 10.61
CA LEU F 457 33.12 -67.03 10.25
C LEU F 457 32.13 -67.91 9.47
N ASP F 458 32.54 -68.48 8.34
CA ASP F 458 31.68 -69.39 7.55
C ASP F 458 31.99 -70.85 7.90
N ASN F 459 31.26 -71.78 7.30
CA ASN F 459 31.36 -73.25 7.56
C ASN F 459 32.77 -73.70 7.17
N LYS F 460 33.27 -73.30 5.99
CA LYS F 460 34.61 -73.70 5.47
C LYS F 460 35.69 -73.44 6.53
N VAL F 461 35.68 -72.27 7.20
CA VAL F 461 36.74 -71.85 8.16
C VAL F 461 36.51 -72.55 9.49
N ILE F 462 35.26 -72.73 9.90
CA ILE F 462 34.94 -73.49 11.14
C ILE F 462 35.52 -74.90 11.03
N LYS F 463 35.44 -75.54 9.86
CA LYS F 463 36.05 -76.88 9.61
C LYS F 463 37.56 -76.78 9.80
N GLN F 464 38.19 -75.73 9.28
CA GLN F 464 39.65 -75.51 9.42
C GLN F 464 40.00 -75.35 10.91
N LEU F 465 39.17 -74.63 11.66
CA LEU F 465 39.39 -74.41 13.11
C LEU F 465 39.21 -75.74 13.88
N GLU F 466 38.20 -76.51 13.50
CA GLU F 466 37.90 -77.85 14.07
C GLU F 466 39.13 -78.74 13.89
N SER F 467 39.69 -78.76 12.68
CA SER F 467 40.92 -79.52 12.31
C SER F 467 42.10 -79.07 13.18
N PHE F 468 42.29 -77.76 13.31
CA PHE F 468 43.43 -77.15 14.04
C PHE F 468 43.40 -77.60 15.50
N VAL F 469 42.24 -77.57 16.15
CA VAL F 469 42.13 -77.87 17.61
C VAL F 469 42.26 -79.39 17.80
N GLU F 470 41.58 -80.16 16.95
CA GLU F 470 41.59 -81.65 16.95
C GLU F 470 43.05 -82.12 17.01
N LYS F 471 43.91 -81.48 16.21
CA LYS F 471 45.33 -81.86 16.05
C LYS F 471 46.22 -81.17 17.08
N GLY F 472 45.68 -80.60 18.17
CA GLY F 472 46.46 -80.11 19.32
C GLY F 472 46.46 -78.60 19.52
N GLY F 473 45.85 -77.82 18.61
CA GLY F 473 45.82 -76.34 18.68
C GLY F 473 45.04 -75.84 19.88
N THR F 474 45.46 -74.73 20.48
CA THR F 474 44.67 -73.94 21.45
C THR F 474 43.96 -72.80 20.69
N LEU F 475 42.64 -72.68 20.85
CA LEU F 475 41.80 -71.60 20.25
C LEU F 475 41.23 -70.73 21.37
N ILE F 476 41.62 -69.45 21.42
CA ILE F 476 41.05 -68.44 22.36
C ILE F 476 40.12 -67.53 21.55
N ALA F 477 38.85 -67.40 21.95
CA ALA F 477 37.87 -66.55 21.22
C ALA F 477 37.11 -65.69 22.23
N ASP F 478 36.97 -64.39 21.96
CA ASP F 478 36.19 -63.48 22.82
C ASP F 478 35.31 -62.58 21.96
N GLY F 479 34.50 -61.75 22.61
CA GLY F 479 33.54 -60.85 21.97
C GLY F 479 32.55 -61.64 21.13
N LEU F 480 32.19 -61.11 19.97
CA LEU F 480 31.08 -61.64 19.13
C LEU F 480 31.68 -62.52 18.04
N THR F 481 32.82 -63.16 18.30
CA THR F 481 33.42 -64.11 17.33
C THR F 481 32.36 -65.13 16.91
N GLY F 482 32.14 -65.28 15.61
CA GLY F 482 31.27 -66.31 15.02
C GLY F 482 29.79 -65.99 15.13
N TYR F 483 29.40 -64.79 15.58
CA TYR F 483 27.98 -64.42 15.70
C TYR F 483 27.31 -64.52 14.33
N TYR F 484 27.99 -64.07 13.27
CA TYR F 484 27.47 -64.12 11.87
C TYR F 484 28.35 -65.05 11.05
N ASP F 485 27.88 -65.34 9.83
CA ASP F 485 28.63 -66.01 8.74
C ASP F 485 29.00 -64.94 7.71
N TYR F 486 29.56 -65.34 6.57
CA TYR F 486 30.11 -64.42 5.54
C TYR F 486 28.95 -63.75 4.79
N GLN F 487 27.71 -64.11 5.07
CA GLN F 487 26.53 -63.51 4.37
C GLN F 487 25.69 -62.71 5.36
N ALA F 488 26.27 -62.45 6.54
CA ALA F 488 25.69 -61.67 7.65
C ALA F 488 24.44 -62.40 8.18
N HIS F 489 24.32 -63.71 7.90
CA HIS F 489 23.32 -64.59 8.54
C HIS F 489 23.92 -65.07 9.87
N SER F 490 23.15 -65.00 10.94
CA SER F 490 23.61 -65.39 12.30
C SER F 490 23.14 -66.81 12.59
N THR F 491 24.08 -67.74 12.68
CA THR F 491 23.79 -69.15 13.07
C THR F 491 23.42 -69.17 14.56
N VAL F 492 23.81 -68.14 15.33
CA VAL F 492 23.41 -68.03 16.78
C VAL F 492 21.87 -68.08 16.86
N VAL F 493 21.20 -67.52 15.87
CA VAL F 493 19.70 -67.48 15.77
C VAL F 493 19.17 -68.81 15.20
N SER F 494 19.74 -69.31 14.08
CA SER F 494 19.18 -70.42 13.26
C SER F 494 19.70 -71.79 13.70
N GLY F 495 20.88 -71.87 14.33
CA GLY F 495 21.56 -73.14 14.68
C GLY F 495 23.08 -72.99 14.70
N PHE F 496 23.67 -72.77 15.88
CA PHE F 496 25.05 -72.29 16.10
C PHE F 496 26.06 -73.24 15.46
N ALA F 497 26.76 -72.75 14.43
CA ALA F 497 27.75 -73.50 13.62
C ALA F 497 29.00 -73.86 14.44
N LEU F 498 29.22 -73.20 15.58
CA LEU F 498 30.42 -73.42 16.44
C LEU F 498 30.02 -74.23 17.69
N GLU F 499 28.80 -74.75 17.79
CA GLU F 499 28.35 -75.51 18.99
C GLU F 499 29.27 -76.72 19.21
N ASN F 500 29.59 -77.43 18.12
CA ASN F 500 30.46 -78.64 18.14
C ASN F 500 31.82 -78.29 18.74
N LEU F 501 32.49 -77.24 18.23
CA LEU F 501 33.88 -76.89 18.64
C LEU F 501 33.91 -76.30 20.06
N PHE F 502 32.94 -75.45 20.39
CA PHE F 502 32.92 -74.69 21.68
C PHE F 502 32.34 -75.56 22.80
N GLY F 503 31.60 -76.61 22.42
CA GLY F 503 30.97 -77.53 23.35
C GLY F 503 29.93 -76.81 24.19
N SER F 504 29.29 -75.80 23.61
CA SER F 504 28.38 -74.86 24.31
C SER F 504 27.59 -74.05 23.27
N TYR F 505 26.58 -73.35 23.75
CA TYR F 505 25.61 -72.60 22.94
C TYR F 505 25.46 -71.24 23.63
N PRO F 506 25.38 -70.12 22.89
CA PRO F 506 25.05 -68.84 23.52
C PRO F 506 23.58 -68.79 23.95
N ILE F 507 23.24 -68.12 25.06
CA ILE F 507 21.82 -67.91 25.45
C ILE F 507 21.42 -66.44 25.22
N GLU F 508 22.08 -65.43 25.83
CA GLU F 508 21.79 -63.99 25.60
C GLU F 508 23.08 -63.15 25.47
N TYR F 509 23.02 -62.05 24.72
CA TYR F 509 23.88 -60.86 24.88
C TYR F 509 23.03 -59.74 25.49
N LYS F 510 23.46 -59.16 26.60
CA LYS F 510 22.79 -57.98 27.19
C LYS F 510 23.76 -56.81 27.14
N ILE F 511 23.37 -55.70 26.51
CA ILE F 511 24.19 -54.46 26.53
C ILE F 511 24.25 -53.95 27.98
N LYS F 512 25.37 -53.34 28.36
CA LYS F 512 25.67 -52.81 29.72
C LYS F 512 26.31 -51.42 29.56
N GLU F 513 27.13 -50.96 30.50
CA GLU F 513 27.89 -49.68 30.33
C GLU F 513 28.96 -49.89 29.23
N ASN F 514 29.60 -48.81 28.78
CA ASN F 514 30.83 -48.83 27.95
C ASN F 514 31.91 -49.75 28.55
N LEU F 515 32.00 -49.76 29.89
CA LEU F 515 33.01 -50.52 30.66
C LEU F 515 32.36 -51.13 31.91
N PHE F 516 32.38 -52.46 32.05
CA PHE F 516 31.82 -53.21 33.20
C PHE F 516 32.84 -54.28 33.60
N SER F 517 32.56 -54.98 34.70
CA SER F 517 33.43 -56.05 35.26
C SER F 517 32.76 -57.43 35.09
N LEU F 518 33.46 -58.42 34.52
CA LEU F 518 33.15 -59.87 34.77
C LEU F 518 33.85 -60.27 36.07
N ASP F 519 33.06 -60.57 37.10
CA ASP F 519 33.56 -61.00 38.44
C ASP F 519 33.41 -62.53 38.54
N PHE F 520 34.50 -63.29 38.41
CA PHE F 520 34.46 -64.77 38.33
C PHE F 520 34.14 -65.34 39.72
N GLU F 521 33.51 -66.52 39.76
CA GLU F 521 33.21 -67.30 40.99
C GLU F 521 34.53 -67.60 41.75
N LYS F 522 35.62 -67.90 41.04
CA LYS F 522 36.98 -68.09 41.59
C LYS F 522 37.65 -66.76 41.96
N LYS F 526 38.63 -60.63 38.34
CA LYS F 526 37.93 -59.40 37.86
C LYS F 526 38.45 -59.06 36.47
N LEU F 527 37.60 -59.18 35.45
CA LEU F 527 37.97 -58.93 34.04
C LEU F 527 37.24 -57.70 33.52
N PRO F 528 37.96 -56.67 33.05
CA PRO F 528 37.31 -55.58 32.30
C PRO F 528 36.68 -56.12 31.00
N ALA F 529 35.47 -55.63 30.67
CA ALA F 529 34.67 -56.00 29.49
C ALA F 529 33.94 -54.78 28.94
N HIS F 530 33.74 -54.76 27.62
CA HIS F 530 33.17 -53.63 26.87
C HIS F 530 31.77 -54.00 26.34
N LEU F 531 30.77 -53.23 26.73
CA LEU F 531 29.49 -53.03 25.99
C LEU F 531 28.53 -54.19 26.22
N TRP F 532 28.89 -55.43 25.91
CA TRP F 532 27.92 -56.57 25.92
C TRP F 532 28.39 -57.68 26.85
N LYS F 533 27.51 -58.21 27.69
CA LYS F 533 27.71 -59.44 28.47
C LYS F 533 27.04 -60.61 27.76
N GLY F 534 27.84 -61.64 27.42
CA GLY F 534 27.35 -62.93 26.86
C GLY F 534 27.19 -63.99 27.95
N THR F 535 26.12 -64.77 27.88
CA THR F 535 25.81 -65.92 28.75
C THR F 535 25.68 -67.15 27.86
N ILE F 536 26.14 -68.31 28.34
CA ILE F 536 26.13 -69.58 27.56
C ILE F 536 25.54 -70.70 28.42
N GLU F 537 25.11 -71.77 27.75
CA GLU F 537 24.75 -73.10 28.31
C GLU F 537 25.80 -74.09 27.78
N THR F 538 26.53 -74.75 28.68
CA THR F 538 27.59 -75.70 28.26
C THR F 538 26.97 -77.07 28.08
N SER F 539 27.35 -77.83 27.04
CA SER F 539 27.01 -79.26 26.87
C SER F 539 28.28 -80.09 27.18
N LYS F 540 29.22 -80.26 26.24
CA LYS F 540 30.48 -81.00 26.52
C LYS F 540 31.51 -80.17 27.33
N ALA F 541 31.50 -78.85 27.23
CA ALA F 541 32.59 -77.98 27.77
C ALA F 541 32.37 -77.76 29.27
N THR F 542 33.44 -77.40 29.98
CA THR F 542 33.42 -77.15 31.45
C THR F 542 32.99 -75.70 31.65
N PRO F 543 31.85 -75.43 32.34
CA PRO F 543 31.45 -74.05 32.54
C PRO F 543 32.35 -73.29 33.53
N ILE F 544 32.47 -71.97 33.35
CA ILE F 544 33.04 -71.03 34.35
C ILE F 544 31.96 -69.95 34.64
N MET F 545 31.65 -69.75 35.92
CA MET F 545 30.49 -68.95 36.38
C MET F 545 31.00 -67.63 36.97
N ASP F 546 30.13 -66.61 37.01
CA ASP F 546 30.40 -65.30 37.65
C ASP F 546 29.68 -65.29 39.01
N LYS F 547 29.90 -64.27 39.84
CA LYS F 547 29.35 -64.20 41.22
C LYS F 547 27.81 -64.14 41.14
N GLU F 548 27.23 -63.70 40.02
CA GLU F 548 25.76 -63.57 39.83
C GLU F 548 25.14 -64.93 39.45
N GLY F 549 25.94 -65.99 39.37
CA GLY F 549 25.49 -67.37 39.08
C GLY F 549 25.26 -67.63 37.58
N GLU F 550 25.66 -66.70 36.70
CA GLU F 550 25.47 -66.85 35.23
C GLU F 550 26.73 -67.50 34.63
N CYS F 551 26.57 -68.31 33.59
CA CYS F 551 27.71 -68.97 32.91
C CYS F 551 28.23 -68.04 31.81
N ILE F 552 29.48 -67.58 31.93
CA ILE F 552 30.03 -66.46 31.13
C ILE F 552 31.23 -66.89 30.27
N ALA F 553 31.70 -68.12 30.42
CA ALA F 553 32.87 -68.66 29.66
C ALA F 553 32.93 -70.19 29.85
N CYS F 554 33.74 -70.85 29.05
CA CYS F 554 33.93 -72.31 29.16
C CYS F 554 35.28 -72.72 28.58
N ILE F 555 35.78 -73.88 28.98
CA ILE F 555 36.91 -74.62 28.33
C ILE F 555 36.37 -75.94 27.80
N ASN F 556 36.53 -76.19 26.50
CA ASN F 556 36.15 -77.44 25.80
C ASN F 556 37.44 -78.18 25.47
N GLN F 557 37.58 -79.45 25.87
CA GLN F 557 38.67 -80.33 25.33
C GLN F 557 38.10 -80.94 24.04
N TYR F 558 38.79 -80.73 22.91
CA TYR F 558 38.36 -81.19 21.56
C TYR F 558 39.57 -81.86 20.88
N GLY F 559 39.54 -83.17 20.75
CA GLY F 559 40.70 -84.02 20.38
C GLY F 559 41.89 -83.75 21.29
N LYS F 560 43.05 -83.51 20.71
CA LYS F 560 44.31 -83.28 21.46
C LYS F 560 44.40 -81.82 21.95
N GLY F 561 43.57 -80.90 21.45
CA GLY F 561 43.67 -79.45 21.74
C GLY F 561 42.53 -78.92 22.59
N LYS F 562 42.51 -77.63 22.87
CA LYS F 562 41.49 -77.03 23.79
C LYS F 562 40.99 -75.70 23.23
N VAL F 563 39.78 -75.31 23.65
CA VAL F 563 39.10 -74.04 23.25
C VAL F 563 38.72 -73.29 24.52
N PHE F 564 39.07 -72.02 24.61
CA PHE F 564 38.56 -71.08 25.64
C PHE F 564 37.68 -70.05 24.93
N TRP F 565 36.42 -69.99 25.33
CA TRP F 565 35.40 -69.08 24.76
C TRP F 565 34.84 -68.23 25.88
N ILE F 566 34.88 -66.91 25.70
CA ILE F 566 34.31 -65.91 26.64
C ILE F 566 33.63 -64.83 25.80
N PRO F 567 32.31 -64.96 25.53
CA PRO F 567 31.64 -64.11 24.53
C PRO F 567 31.32 -62.68 24.95
N SER F 568 31.88 -62.19 26.05
CA SER F 568 32.00 -60.74 26.36
C SER F 568 33.29 -60.21 25.73
N PRO F 569 33.33 -58.97 25.22
CA PRO F 569 34.58 -58.39 24.72
C PRO F 569 35.54 -57.95 25.85
N ILE F 570 36.43 -58.87 26.24
CA ILE F 570 37.44 -58.64 27.31
C ILE F 570 38.67 -57.92 26.73
N ALA F 571 38.96 -58.08 25.44
CA ALA F 571 40.04 -57.35 24.74
C ALA F 571 39.67 -55.86 24.59
N LEU F 572 38.52 -55.55 24.02
CA LEU F 572 38.04 -54.13 23.95
C LEU F 572 37.87 -53.60 25.38
N GLY F 573 37.55 -54.48 26.33
CA GLY F 573 37.46 -54.15 27.78
C GLY F 573 38.77 -53.62 28.33
N ALA F 574 39.86 -54.33 28.10
CA ALA F 574 41.24 -53.86 28.47
C ALA F 574 41.55 -52.55 27.74
N ARG F 575 41.23 -52.43 26.45
CA ARG F 575 41.58 -51.22 25.67
C ARG F 575 40.84 -50.02 26.30
N GLU F 576 39.56 -50.15 26.59
CA GLU F 576 38.71 -49.05 27.12
C GLU F 576 39.16 -48.70 28.54
N SER F 577 39.66 -49.66 29.32
CA SER F 577 40.10 -49.42 30.72
C SER F 577 41.56 -48.99 30.76
N LYS F 578 42.26 -49.05 29.63
CA LYS F 578 43.71 -48.73 29.48
C LYS F 578 44.56 -49.58 30.45
N ASP F 579 44.14 -50.82 30.71
CA ASP F 579 44.89 -51.79 31.55
C ASP F 579 44.78 -53.16 30.89
N PHE F 580 45.89 -53.70 30.37
CA PHE F 580 45.96 -55.02 29.70
C PHE F 580 46.51 -56.08 30.66
N SER F 581 46.70 -55.74 31.94
CA SER F 581 47.36 -56.63 32.93
C SER F 581 46.52 -57.92 33.11
N GLU F 582 45.20 -57.82 33.26
CA GLU F 582 44.37 -59.01 33.54
C GLU F 582 44.25 -59.86 32.28
N LEU F 583 44.12 -59.24 31.11
CA LEU F 583 44.10 -59.97 29.81
C LEU F 583 45.43 -60.71 29.61
N SER F 584 46.56 -60.09 29.98
CA SER F 584 47.89 -60.75 29.94
C SER F 584 47.89 -61.97 30.85
N LYS F 585 47.49 -61.85 32.13
CA LYS F 585 47.56 -62.98 33.11
C LYS F 585 46.68 -64.16 32.62
N LEU F 586 45.44 -63.88 32.20
CA LEU F 586 44.48 -64.91 31.72
C LEU F 586 45.11 -65.67 30.53
N THR F 587 45.61 -64.94 29.53
CA THR F 587 46.10 -65.49 28.24
C THR F 587 47.31 -66.40 28.51
N VAL F 588 48.25 -65.95 29.35
CA VAL F 588 49.43 -66.73 29.83
C VAL F 588 48.94 -68.04 30.44
N SER F 589 47.93 -67.98 31.32
CA SER F 589 47.38 -69.17 32.02
C SER F 589 46.82 -70.17 31.02
N LEU F 590 46.41 -69.75 29.81
CA LEU F 590 45.84 -70.65 28.78
C LEU F 590 46.94 -71.22 27.86
N LEU F 591 48.16 -70.67 27.89
CA LEU F 591 49.20 -70.99 26.87
C LEU F 591 49.77 -72.37 27.15
N PRO F 592 50.07 -73.17 26.10
CA PRO F 592 50.89 -74.38 26.29
C PRO F 592 52.21 -74.09 27.01
N ASN F 593 52.56 -74.89 28.02
CA ASN F 593 53.79 -74.80 28.86
C ASN F 593 55.03 -74.67 27.94
N LYS F 594 55.05 -75.34 26.77
CA LYS F 594 56.21 -75.38 25.85
C LYS F 594 56.55 -73.97 25.33
N ILE F 595 55.56 -73.12 25.10
CA ILE F 595 55.78 -71.75 24.55
C ILE F 595 56.56 -70.95 25.60
N LEU F 596 56.17 -71.06 26.88
CA LEU F 596 56.77 -70.31 28.00
C LEU F 596 58.16 -70.84 28.35
N ASN F 597 58.47 -72.11 28.06
CA ASN F 597 59.81 -72.70 28.37
C ASN F 597 60.80 -72.30 27.27
N ASP F 598 60.39 -72.32 26.00
CA ASP F 598 61.29 -72.16 24.81
C ASP F 598 61.47 -70.70 24.38
N ASN F 599 60.54 -69.80 24.72
CA ASN F 599 60.58 -68.38 24.26
C ASN F 599 60.88 -67.46 25.45
N PRO F 600 61.87 -66.56 25.36
CA PRO F 600 62.06 -65.56 26.39
C PRO F 600 60.83 -64.63 26.49
N HIS F 601 60.40 -64.36 27.72
CA HIS F 601 59.24 -63.52 28.06
C HIS F 601 59.50 -62.85 29.43
N PHE F 602 58.58 -62.02 29.90
CA PHE F 602 58.71 -61.31 31.20
C PHE F 602 58.14 -62.21 32.32
N ASP F 603 58.77 -62.17 33.50
CA ASP F 603 58.35 -62.93 34.71
C ASP F 603 56.89 -62.58 35.03
N LYS F 604 56.44 -61.39 34.64
CA LYS F 604 55.03 -60.93 34.81
C LYS F 604 54.71 -59.82 33.81
N HIS F 605 53.49 -59.29 33.86
CA HIS F 605 53.06 -58.12 33.04
C HIS F 605 53.85 -56.87 33.45
N TYR F 606 54.35 -56.13 32.47
CA TYR F 606 55.00 -54.80 32.64
C TYR F 606 54.26 -53.80 31.76
N LYS F 607 53.55 -52.86 32.39
CA LYS F 607 52.85 -51.77 31.69
C LYS F 607 53.88 -50.97 30.88
N ASP F 608 53.62 -50.80 29.58
CA ASP F 608 54.32 -49.88 28.65
C ASP F 608 55.76 -50.36 28.40
N VAL F 609 56.02 -51.65 28.52
CA VAL F 609 57.32 -52.27 28.12
C VAL F 609 57.00 -53.32 27.06
N MET F 610 57.86 -53.45 26.06
CA MET F 610 57.66 -54.42 24.97
C MET F 610 58.95 -55.27 24.86
N MET F 611 58.80 -56.56 24.56
CA MET F 611 59.90 -57.42 24.09
C MET F 611 59.38 -58.31 22.97
N LYS F 612 60.27 -58.62 22.03
CA LYS F 612 60.02 -59.46 20.83
C LYS F 612 61.36 -60.12 20.48
N SER F 613 61.40 -61.45 20.30
CA SER F 613 62.68 -62.16 20.06
C SER F 613 62.80 -62.56 18.58
N PHE F 614 64.02 -62.81 18.12
CA PHE F 614 64.36 -63.21 16.73
C PHE F 614 65.65 -64.05 16.71
N LYS F 615 65.90 -64.79 15.62
CA LYS F 615 67.10 -65.63 15.44
C LYS F 615 67.90 -65.13 14.23
N SER F 616 69.21 -65.37 14.21
CA SER F 616 70.05 -65.22 13.01
C SER F 616 71.23 -66.21 13.09
N ASN F 617 71.33 -67.08 12.09
CA ASN F 617 72.33 -68.18 11.99
C ASN F 617 72.51 -68.90 13.33
N GLY F 618 71.42 -69.47 13.88
CA GLY F 618 71.45 -70.33 15.08
C GLY F 618 71.59 -69.57 16.40
N THR F 619 71.75 -68.25 16.40
CA THR F 619 71.79 -67.43 17.65
C THR F 619 70.43 -66.77 17.87
N MET F 620 69.97 -66.70 19.12
CA MET F 620 68.73 -66.02 19.53
C MET F 620 69.05 -64.63 20.10
N TYR F 621 68.18 -63.65 19.79
CA TYR F 621 68.25 -62.25 20.24
C TYR F 621 66.88 -61.83 20.80
N SER F 622 66.85 -60.74 21.55
CA SER F 622 65.61 -60.12 22.07
C SER F 622 65.68 -58.60 21.92
N LEU F 623 64.61 -57.99 21.39
CA LEU F 623 64.40 -56.52 21.35
C LEU F 623 63.58 -56.15 22.58
N ILE F 624 64.02 -55.17 23.35
CA ILE F 624 63.29 -54.62 24.54
C ILE F 624 63.22 -53.09 24.41
N ILE F 625 62.05 -52.51 24.63
CA ILE F 625 61.80 -51.05 24.52
C ILE F 625 60.96 -50.65 25.73
N ASN F 626 61.43 -49.66 26.49
CA ASN F 626 60.76 -49.13 27.70
C ASN F 626 60.02 -47.86 27.30
N LYS F 627 58.69 -47.86 27.30
CA LYS F 627 57.86 -46.68 26.94
C LYS F 627 57.23 -46.07 28.19
N SER F 628 57.63 -46.53 29.38
CA SER F 628 57.11 -46.03 30.68
C SER F 628 57.87 -44.75 31.06
N ALA F 629 57.47 -44.12 32.17
CA ALA F 629 58.00 -42.83 32.65
C ALA F 629 59.27 -43.07 33.48
N SER F 630 59.51 -44.30 33.89
CA SER F 630 60.54 -44.65 34.90
C SER F 630 61.46 -45.78 34.41
N VAL F 631 62.68 -45.82 34.95
CA VAL F 631 63.63 -46.95 34.81
C VAL F 631 62.90 -48.21 35.30
N GLN F 632 62.89 -49.26 34.47
CA GLN F 632 62.26 -50.57 34.79
C GLN F 632 63.38 -51.60 34.89
N THR F 633 63.24 -52.56 35.80
CA THR F 633 64.06 -53.80 35.88
C THR F 633 63.17 -54.97 35.47
N VAL F 634 63.33 -55.49 34.25
CA VAL F 634 62.52 -56.64 33.74
C VAL F 634 63.29 -57.94 33.99
N ASP F 635 62.65 -58.90 34.66
CA ASP F 635 63.16 -60.29 34.81
C ASP F 635 62.75 -61.04 33.56
N ILE F 636 63.72 -61.40 32.72
CA ILE F 636 63.48 -62.22 31.51
C ILE F 636 63.66 -63.69 31.90
N VAL F 637 62.64 -64.52 31.68
CA VAL F 637 62.67 -65.99 31.95
C VAL F 637 62.37 -66.69 30.61
N GLY F 638 62.61 -68.00 30.53
CA GLY F 638 62.49 -68.75 29.27
C GLY F 638 63.69 -68.49 28.39
N GLY F 639 63.81 -69.24 27.29
CA GLY F 639 65.02 -69.29 26.46
C GLY F 639 66.15 -70.01 27.20
N LYS F 640 67.39 -69.73 26.79
CA LYS F 640 68.61 -70.41 27.29
C LYS F 640 69.76 -69.39 27.23
N GLY F 641 70.56 -69.35 28.28
CA GLY F 641 71.88 -68.71 28.25
C GLY F 641 71.89 -67.37 28.95
N LYS F 642 72.99 -66.64 28.75
CA LYS F 642 73.29 -65.37 29.43
C LYS F 642 72.93 -64.24 28.47
N ALA F 643 72.06 -63.33 28.93
CA ALA F 643 71.76 -62.05 28.29
C ALA F 643 73.06 -61.24 28.20
N PHE F 644 73.51 -60.94 26.98
CA PHE F 644 74.61 -59.97 26.69
C PHE F 644 74.02 -58.81 25.88
N ILE F 645 74.32 -57.58 26.29
CA ILE F 645 73.80 -56.34 25.63
C ILE F 645 74.62 -56.04 24.38
N LEU F 646 74.04 -56.27 23.19
CA LEU F 646 74.65 -56.02 21.87
C LEU F 646 74.44 -54.57 21.44
N PHE F 647 73.29 -53.97 21.80
CA PHE F 647 72.87 -52.61 21.38
C PHE F 647 72.04 -51.96 22.50
N ALA F 648 72.30 -50.69 22.81
CA ALA F 648 71.61 -49.90 23.84
C ALA F 648 71.92 -48.40 23.64
N ASN F 649 70.90 -47.56 23.39
CA ASN F 649 71.11 -46.12 23.09
C ASN F 649 71.07 -45.29 24.39
N LYS F 650 70.98 -45.91 25.57
CA LYS F 650 71.05 -45.20 26.87
C LYS F 650 71.68 -46.07 27.98
N ASN F 651 72.72 -46.84 27.68
CA ASN F 651 73.57 -47.51 28.72
C ASN F 651 72.72 -48.35 29.70
N ALA F 652 71.80 -49.15 29.17
CA ALA F 652 71.18 -50.26 29.92
C ALA F 652 72.31 -51.22 30.33
N HIS F 653 72.11 -51.91 31.45
CA HIS F 653 73.00 -52.99 31.97
C HIS F 653 72.09 -54.16 32.35
N SER F 654 72.63 -55.39 32.36
CA SER F 654 71.92 -56.63 32.80
C SER F 654 72.79 -57.40 33.80
N THR F 655 72.25 -57.71 34.98
CA THR F 655 72.85 -58.61 35.98
C THR F 655 72.07 -59.94 35.93
N ALA F 656 72.70 -61.01 35.46
CA ALA F 656 72.06 -62.30 35.13
C ALA F 656 71.00 -62.02 34.05
N ASN F 657 69.73 -62.37 34.30
CA ASN F 657 68.64 -62.17 33.32
C ASN F 657 67.70 -61.03 33.77
N LYS F 658 68.18 -60.07 34.56
CA LYS F 658 67.46 -58.84 34.99
C LYS F 658 68.02 -57.64 34.22
N LEU F 659 67.26 -57.10 33.25
CA LEU F 659 67.67 -55.96 32.40
C LEU F 659 67.17 -54.65 33.01
N THR F 660 68.07 -53.71 33.29
CA THR F 660 67.72 -52.35 33.77
C THR F 660 67.80 -51.43 32.56
N ILE F 661 66.65 -50.90 32.13
CA ILE F 661 66.45 -50.18 30.83
C ILE F 661 65.74 -48.86 31.14
N SER F 662 66.27 -47.76 30.60
CA SER F 662 65.81 -46.38 30.86
C SER F 662 64.60 -46.03 29.99
N PRO F 663 63.80 -45.01 30.38
CA PRO F 663 62.67 -44.56 29.56
C PRO F 663 63.14 -44.24 28.13
N GLU F 664 62.40 -44.72 27.13
CA GLU F 664 62.55 -44.46 25.69
C GLU F 664 63.75 -45.22 25.09
N GLU F 665 64.46 -46.00 25.91
CA GLU F 665 65.62 -46.81 25.45
C GLU F 665 65.18 -48.04 24.66
N THR F 666 65.94 -48.35 23.61
CA THR F 666 65.86 -49.60 22.78
C THR F 666 67.09 -50.45 23.10
N VAL F 667 66.89 -51.72 23.48
CA VAL F 667 67.96 -52.69 23.86
C VAL F 667 67.83 -53.91 22.92
N ILE F 668 68.95 -54.34 22.33
CA ILE F 668 69.05 -55.69 21.70
C ILE F 668 69.91 -56.54 22.65
N ILE F 669 69.37 -57.70 23.06
CA ILE F 669 70.11 -58.72 23.84
C ILE F 669 70.53 -59.85 22.88
N LYS F 670 71.77 -60.30 22.99
CA LYS F 670 72.29 -61.52 22.35
C LYS F 670 72.32 -62.60 23.42
N TRP F 671 71.64 -63.72 23.20
CA TRP F 671 71.66 -64.87 24.15
C TRP F 671 72.87 -65.74 23.81
N LYS F 672 73.78 -65.96 24.78
CA LYS F 672 75.04 -66.75 24.61
C LYS F 672 74.87 -68.18 25.12
C1 MAF G . -23.31 59.40 -14.31
C2 MAF G . -24.14 60.16 -15.40
F2 MAF G . -24.07 59.31 -16.45
C3 MAF G . -25.63 60.33 -15.22
O3 MAF G . -26.26 60.35 -16.51
C4 MAF G . -26.24 59.27 -14.31
O4 MAF G . -27.50 59.64 -13.78
C5 MAF G . -25.32 59.19 -13.13
O5 MAF G . -24.18 58.53 -13.58
C6 MAF G . -25.80 58.47 -11.92
O6 MAF G . -26.39 57.29 -12.42
H1 MAF G . -22.58 58.78 -14.82
H2 MAF G . -23.66 61.12 -15.64
H3 MAF G . -25.79 61.31 -14.74
HO3 MAF G . -27.21 60.47 -16.40
H4 MAF G . -26.27 58.31 -14.82
HO4 MAF G . -27.82 58.93 -13.22
H5 MAF G . -25.07 60.22 -12.81
H61 MAF G . -26.52 59.06 -11.37
H62 MAF G . -24.96 58.22 -11.27
HO6 MAF G . -26.73 56.77 -11.66
CL CL H . -23.55 65.82 -17.72
C1 MAF I . 22.25 -6.55 9.59
C2 MAF I . 21.29 -6.51 8.40
F2 MAF I . 21.92 -7.34 7.48
C3 MAF I . 19.88 -7.06 8.67
O3 MAF I . 19.40 -7.82 7.55
C4 MAF I . 19.83 -8.04 9.82
O4 MAF I . 18.51 -8.33 10.20
C5 MAF I . 20.58 -7.53 11.01
O5 MAF I . 21.90 -7.54 10.57
C6 MAF I . 20.50 -8.43 12.24
O6 MAF I . 20.50 -9.81 11.87
H1 MAF I . 23.23 -6.84 9.19
H2 MAF I . 21.21 -5.49 8.01
H3 MAF I . 19.21 -6.21 8.89
HO3 MAF I . 18.53 -8.14 7.70
H4 MAF I . 20.32 -8.97 9.48
HO4 MAF I . 18.52 -8.98 10.91
H5 MAF I . 20.24 -6.52 11.25
H61 MAF I . 19.59 -8.20 12.80
H62 MAF I . 21.36 -8.23 12.89
HO6 MAF I . 20.46 -10.37 12.66
CL CL J . 19.14 -1.96 5.25
C1 MAF K . -57.08 26.74 -17.08
C2 MAF K . -57.27 26.67 -18.62
F2 MAF K . -56.26 27.45 -19.25
C3 MAF K . -56.97 25.34 -19.29
O3 MAF K . -56.64 25.52 -20.71
C4 MAF K . -55.71 24.77 -18.65
O4 MAF K . -55.56 23.46 -19.12
C5 MAF K . -55.80 24.64 -17.17
O5 MAF K . -56.02 25.91 -16.61
C6 MAF K . -54.55 24.00 -16.51
O6 MAF K . -53.26 24.33 -17.06
H1 MAF K . -56.79 27.76 -16.85
H2 MAF K . -58.27 27.03 -18.90
H3 MAF K . -57.82 24.65 -19.15
HO3 MAF K . -56.48 24.65 -21.12
H4 MAF K . -54.84 25.39 -18.92
HO4 MAF K . -54.76 23.07 -18.74
H5 MAF K . -56.67 24.00 -16.95
H61 MAF K . -54.67 22.92 -16.54
H62 MAF K . -54.55 24.28 -15.46
HO6 MAF K . -52.55 23.86 -16.58
CL CL L . -62.82 26.12 -21.38
C1 MAF M . -13.01 16.14 -29.83
C2 MAF M . -12.79 16.88 -31.19
F2 MAF M . -13.85 17.74 -31.61
C3 MAF M . -11.64 17.86 -31.18
O3 MAF M . -11.94 18.81 -32.24
C4 MAF M . -11.63 18.61 -29.85
O4 MAF M . -10.52 19.45 -29.82
C5 MAF M . -11.65 17.73 -28.61
O5 MAF M . -12.84 16.94 -28.66
C6 MAF M . -11.63 18.50 -27.26
O6 MAF M . -12.43 19.68 -27.26
H1 MAF M . -14.04 15.78 -29.82
H2 MAF M . -12.59 16.14 -31.98
H3 MAF M . -10.70 17.34 -31.34
HO3 MAF M . -11.22 19.47 -32.27
H4 MAF M . -12.54 19.23 -29.83
HO4 MAF M . -10.50 19.93 -28.96
H5 MAF M . -10.76 17.07 -28.64
H61 MAF M . -10.59 18.77 -27.02
H62 MAF M . -11.97 17.83 -26.46
HO6 MAF M . -12.39 20.12 -26.41
CL CL N . -10.11 14.64 -36.20
C1 MAF O . 9.29 -51.66 14.82
C2 MAF O . 9.27 -52.16 13.32
F2 MAF O . 10.02 -51.43 12.34
C3 MAF O . 10.04 -53.40 13.07
O3 MAF O . 10.06 -53.53 11.66
C4 MAF O . 11.45 -53.06 13.53
O4 MAF O . 12.45 -53.97 13.05
C5 MAF O . 11.37 -52.95 15.05
O5 MAF O . 10.57 -51.84 15.40
C6 MAF O . 12.72 -52.71 15.70
O6 MAF O . 13.27 -51.42 15.36
H1 MAF O . 9.09 -50.58 14.81
H2 MAF O . 8.23 -52.30 12.99
H3 MAF O . 9.60 -54.26 13.59
HO3 MAF O . 10.52 -54.33 11.41
H4 MAF O . 11.72 -52.06 13.17
HO4 MAF O . 13.30 -53.73 13.38
H5 MAF O . 10.93 -53.88 15.46
H61 MAF O . 13.41 -53.51 15.43
H62 MAF O . 12.60 -52.76 16.79
HO6 MAF O . 14.14 -51.30 15.78
CL CL P . 4.94 -55.84 11.19
C1 MAF Q . 53.34 -41.02 2.00
C2 MAF Q . 53.47 -40.61 0.52
F2 MAF Q . 52.42 -41.13 -0.20
C3 MAF Q . 53.49 -39.13 0.17
O3 MAF Q . 52.67 -38.98 -1.02
C4 MAF Q . 53.07 -38.20 1.34
O4 MAF Q . 53.72 -36.95 1.08
C5 MAF Q . 53.44 -38.70 2.74
O5 MAF Q . 52.91 -39.98 2.91
C6 MAF Q . 52.81 -37.92 3.91
O6 MAF Q . 51.36 -37.74 3.78
H1 MAF Q . 52.58 -41.80 2.05
H2 MAF Q . 54.40 -41.03 0.14
H3 MAF Q . 54.52 -38.87 -0.08
HO3 MAF Q . 52.68 -38.05 -1.27
H4 MAF Q . 51.98 -38.06 1.28
HO4 MAF Q . 53.45 -36.33 1.78
H5 MAF Q . 54.53 -38.71 2.86
H61 MAF Q . 53.28 -36.95 3.99
H62 MAF Q . 53.00 -38.46 4.84
HO6 MAF Q . 51.04 -37.24 4.55
CL CL R . 56.69 -41.97 -4.00
#